data_2LF2
#
_entry.id   2LF2
#
_entity_poly.entity_id   1
_entity_poly.type   'polypeptide(L)'
_entity_poly.pdbx_seq_one_letter_code
;MRTDLALDFSVNKENKTITIKREFAAVRAIVWEAFTRAEILDQWWAPKPWKAKTKSMDFKEGGTWLYAMVGPNGEEHWSI
CEYAIIKPIERFTGKDGFTDASGKLNTEMPRSNWDMRFIDKGEITEVQYHISYDDVAQLEATIQMGFKEGITMAMENLDE
LLVSGKKLEHHHHHH
;
_entity_poly.pdbx_strand_id   A
#
# COMPACT_ATOMS: atom_id res chain seq x y z
N MET A 1 -9.04 14.14 19.09
CA MET A 1 -10.27 13.42 19.53
C MET A 1 -10.99 12.86 18.31
N ARG A 2 -10.28 12.68 17.23
CA ARG A 2 -10.92 12.16 15.99
C ARG A 2 -11.02 10.63 16.06
N THR A 3 -12.13 10.09 15.64
CA THR A 3 -12.32 8.61 15.66
C THR A 3 -11.93 8.03 14.31
N ASP A 4 -12.70 8.31 13.29
CA ASP A 4 -12.40 7.76 11.94
C ASP A 4 -11.16 8.43 11.35
N LEU A 5 -10.59 7.82 10.35
CA LEU A 5 -9.36 8.40 9.71
C LEU A 5 -8.26 8.49 10.76
N ALA A 6 -8.16 7.50 11.61
CA ALA A 6 -7.11 7.53 12.66
C ALA A 6 -5.75 7.19 12.05
N LEU A 7 -4.70 7.79 12.54
CA LEU A 7 -3.33 7.50 11.99
C LEU A 7 -2.38 7.18 13.14
N ASP A 8 -1.82 6.00 13.14
CA ASP A 8 -0.87 5.60 14.22
C ASP A 8 0.19 4.67 13.65
N PHE A 9 1.44 4.91 13.95
CA PHE A 9 2.53 4.04 13.40
C PHE A 9 3.65 3.89 14.44
N SER A 10 4.32 2.77 14.44
CA SER A 10 5.43 2.56 15.41
C SER A 10 6.60 1.88 14.69
N VAL A 11 7.82 2.27 14.97
CA VAL A 11 9.00 1.65 14.29
C VAL A 11 9.99 1.16 15.35
N ASN A 12 10.51 -0.03 15.15
CA ASN A 12 11.50 -0.60 16.09
C ASN A 12 12.85 -0.70 15.39
N LYS A 13 13.70 0.27 15.60
CA LYS A 13 15.05 0.28 14.95
C LYS A 13 15.86 -0.93 15.44
N GLU A 14 15.78 -1.24 16.70
CA GLU A 14 16.56 -2.38 17.24
C GLU A 14 16.14 -3.67 16.53
N ASN A 15 14.85 -3.85 16.36
CA ASN A 15 14.35 -5.08 15.69
C ASN A 15 14.30 -4.85 14.18
N LYS A 16 14.57 -3.64 13.75
CA LYS A 16 14.55 -3.33 12.29
C LYS A 16 13.20 -3.72 11.69
N THR A 17 12.12 -3.20 12.22
CA THR A 17 10.78 -3.53 11.68
C THR A 17 9.93 -2.27 11.61
N ILE A 18 8.93 -2.27 10.76
CA ILE A 18 8.04 -1.07 10.62
C ILE A 18 6.59 -1.50 10.79
N THR A 19 5.88 -0.84 11.66
CA THR A 19 4.44 -1.17 11.90
C THR A 19 3.59 0.07 11.66
N ILE A 20 2.64 -0.01 10.76
CA ILE A 20 1.75 1.17 10.48
C ILE A 20 0.29 0.75 10.65
N LYS A 21 -0.46 1.48 11.43
CA LYS A 21 -1.90 1.14 11.65
C LYS A 21 -2.77 2.29 11.17
N ARG A 22 -3.84 2.01 10.49
CA ARG A 22 -4.73 3.10 10.00
C ARG A 22 -6.18 2.68 10.16
N GLU A 23 -7.06 3.63 10.41
CA GLU A 23 -8.51 3.30 10.59
C GLU A 23 -9.32 4.14 9.61
N PHE A 24 -10.21 3.51 8.87
CA PHE A 24 -11.05 4.26 7.89
C PHE A 24 -12.52 3.90 8.09
N ALA A 25 -13.40 4.81 7.77
CA ALA A 25 -14.85 4.53 7.95
C ALA A 25 -15.40 3.85 6.68
N ALA A 26 -15.09 2.59 6.49
CA ALA A 26 -15.59 1.87 5.28
C ALA A 26 -15.62 0.37 5.56
N VAL A 27 -16.40 -0.35 4.81
CA VAL A 27 -16.49 -1.83 5.03
C VAL A 27 -15.29 -2.54 4.41
N ARG A 28 -15.01 -3.73 4.88
CA ARG A 28 -13.87 -4.52 4.35
C ARG A 28 -14.09 -4.78 2.86
N ALA A 29 -15.32 -4.92 2.45
CA ALA A 29 -15.60 -5.19 1.01
C ALA A 29 -15.01 -4.08 0.14
N ILE A 30 -15.33 -2.84 0.45
CA ILE A 30 -14.79 -1.71 -0.35
C ILE A 30 -13.28 -1.61 -0.18
N VAL A 31 -12.80 -1.74 1.01
CA VAL A 31 -11.34 -1.64 1.26
C VAL A 31 -10.62 -2.76 0.52
N TRP A 32 -11.12 -3.97 0.62
CA TRP A 32 -10.46 -5.11 -0.07
C TRP A 32 -10.42 -4.85 -1.59
N GLU A 33 -11.47 -4.33 -2.14
CA GLU A 33 -11.49 -4.06 -3.60
C GLU A 33 -10.41 -3.03 -3.94
N ALA A 34 -10.17 -2.11 -3.05
CA ALA A 34 -9.14 -1.07 -3.30
C ALA A 34 -7.76 -1.71 -3.38
N PHE A 35 -7.52 -2.72 -2.59
CA PHE A 35 -6.19 -3.39 -2.61
C PHE A 35 -6.22 -4.54 -3.62
N THR A 36 -7.35 -4.77 -4.23
CA THR A 36 -7.45 -5.87 -5.22
C THR A 36 -7.14 -5.33 -6.62
N ARG A 37 -6.90 -4.04 -6.74
CA ARG A 37 -6.60 -3.45 -8.08
C ARG A 37 -5.49 -2.40 -7.97
N ALA A 38 -4.45 -2.55 -8.74
CA ALA A 38 -3.32 -1.58 -8.71
C ALA A 38 -3.80 -0.22 -9.22
N GLU A 39 -4.77 -0.21 -10.10
CA GLU A 39 -5.27 1.09 -10.63
C GLU A 39 -5.81 1.94 -9.48
N ILE A 40 -6.62 1.36 -8.64
CA ILE A 40 -7.18 2.12 -7.49
C ILE A 40 -6.04 2.54 -6.57
N LEU A 41 -5.12 1.66 -6.33
CA LEU A 41 -3.96 1.98 -5.44
C LEU A 41 -3.16 3.13 -6.05
N ASP A 42 -3.02 3.14 -7.34
CA ASP A 42 -2.24 4.21 -8.01
C ASP A 42 -2.91 5.57 -7.73
N GLN A 43 -4.21 5.59 -7.66
CA GLN A 43 -4.92 6.88 -7.41
C GLN A 43 -4.39 7.55 -6.13
N TRP A 44 -4.18 6.78 -5.08
CA TRP A 44 -3.68 7.38 -3.80
C TRP A 44 -2.34 6.75 -3.41
N TRP A 45 -2.31 5.46 -3.22
CA TRP A 45 -1.04 4.80 -2.83
C TRP A 45 0.09 5.18 -3.77
N ALA A 46 1.26 4.62 -3.55
CA ALA A 46 2.43 4.93 -4.43
C ALA A 46 2.77 6.43 -4.33
N PRO A 47 3.49 6.82 -3.32
CA PRO A 47 3.90 8.25 -3.10
C PRO A 47 4.49 8.89 -4.35
N LYS A 48 5.08 10.06 -4.21
CA LYS A 48 5.67 10.76 -5.38
C LYS A 48 4.58 11.01 -6.42
N PRO A 49 3.67 11.91 -6.15
CA PRO A 49 2.56 12.23 -7.10
C PRO A 49 3.07 12.60 -8.49
N TRP A 50 2.95 11.71 -9.43
CA TRP A 50 3.43 11.99 -10.81
C TRP A 50 2.74 11.05 -11.78
N LYS A 51 3.40 9.99 -12.16
CA LYS A 51 2.80 9.02 -13.12
C LYS A 51 3.15 7.60 -12.73
N ALA A 52 2.16 6.82 -12.36
CA ALA A 52 2.42 5.40 -11.97
C ALA A 52 1.90 4.49 -13.08
N LYS A 53 2.66 3.49 -13.46
CA LYS A 53 2.19 2.58 -14.56
C LYS A 53 2.45 1.13 -14.16
N THR A 54 1.41 0.34 -14.08
CA THR A 54 1.58 -1.08 -13.72
C THR A 54 1.95 -1.87 -14.97
N LYS A 55 3.11 -2.46 -14.99
CA LYS A 55 3.53 -3.23 -16.19
C LYS A 55 2.60 -4.44 -16.36
N SER A 56 2.34 -5.16 -15.30
CA SER A 56 1.44 -6.33 -15.41
C SER A 56 0.94 -6.73 -14.03
N MET A 57 -0.13 -7.47 -13.97
CA MET A 57 -0.69 -7.91 -12.67
C MET A 57 -1.45 -9.22 -12.88
N ASP A 58 -0.90 -10.32 -12.44
CA ASP A 58 -1.58 -11.63 -12.61
C ASP A 58 -2.25 -12.02 -11.29
N PHE A 59 -3.55 -12.01 -11.23
CA PHE A 59 -4.25 -12.36 -9.97
C PHE A 59 -4.19 -13.88 -9.75
N LYS A 60 -3.13 -14.37 -9.18
CA LYS A 60 -3.03 -15.84 -8.92
C LYS A 60 -2.15 -16.09 -7.69
N GLU A 61 -2.35 -17.20 -7.03
CA GLU A 61 -1.55 -17.52 -5.82
C GLU A 61 -0.06 -17.40 -6.14
N GLY A 62 0.37 -17.95 -7.25
CA GLY A 62 1.82 -17.85 -7.63
C GLY A 62 2.01 -16.66 -8.56
N GLY A 63 0.99 -15.86 -8.73
CA GLY A 63 1.09 -14.68 -9.65
C GLY A 63 2.00 -13.61 -9.04
N THR A 64 2.37 -12.63 -9.83
CA THR A 64 3.26 -11.54 -9.34
C THR A 64 2.73 -10.20 -9.82
N TRP A 65 3.10 -9.12 -9.16
CA TRP A 65 2.63 -7.76 -9.56
C TRP A 65 3.86 -6.88 -9.84
N LEU A 66 4.03 -6.46 -11.06
CA LEU A 66 5.20 -5.61 -11.43
C LEU A 66 4.72 -4.19 -11.75
N TYR A 67 5.29 -3.21 -11.11
CA TYR A 67 4.87 -1.80 -11.36
C TYR A 67 6.07 -0.87 -11.17
N ALA A 68 6.02 0.30 -11.77
CA ALA A 68 7.15 1.25 -11.62
C ALA A 68 6.61 2.69 -11.55
N MET A 69 7.11 3.48 -10.65
CA MET A 69 6.63 4.89 -10.52
C MET A 69 7.54 5.81 -11.34
N VAL A 70 6.97 6.76 -12.04
CA VAL A 70 7.80 7.71 -12.86
C VAL A 70 7.67 9.11 -12.27
N GLY A 71 8.78 9.76 -12.05
CA GLY A 71 8.78 11.13 -11.48
C GLY A 71 9.14 12.16 -12.56
N PRO A 72 9.46 13.36 -12.15
CA PRO A 72 9.81 14.46 -13.09
C PRO A 72 11.24 14.34 -13.67
N ASN A 73 11.45 14.88 -14.84
CA ASN A 73 12.79 14.83 -15.47
C ASN A 73 13.41 13.43 -15.34
N GLY A 74 14.59 13.35 -14.77
CA GLY A 74 15.27 12.03 -14.62
C GLY A 74 14.98 11.46 -13.24
N GLU A 75 14.05 10.56 -13.13
CA GLU A 75 13.75 9.94 -11.82
C GLU A 75 12.76 8.80 -12.03
N GLU A 76 13.18 7.59 -11.79
CA GLU A 76 12.28 6.42 -11.97
C GLU A 76 12.51 5.41 -10.86
N HIS A 77 11.49 4.69 -10.47
CA HIS A 77 11.64 3.68 -9.39
C HIS A 77 10.89 2.42 -9.80
N TRP A 78 11.53 1.29 -9.76
CA TRP A 78 10.87 0.00 -10.16
C TRP A 78 10.69 -0.87 -8.93
N SER A 79 9.62 -1.62 -8.88
CA SER A 79 9.38 -2.50 -7.70
C SER A 79 8.60 -3.74 -8.15
N ILE A 80 8.77 -4.84 -7.47
CA ILE A 80 8.03 -6.09 -7.86
C ILE A 80 7.58 -6.82 -6.60
N CYS A 81 6.41 -7.40 -6.64
CA CYS A 81 5.88 -8.14 -5.45
C CYS A 81 5.43 -9.54 -5.89
N GLU A 82 5.63 -10.53 -5.06
CA GLU A 82 5.24 -11.93 -5.41
C GLU A 82 4.20 -12.44 -4.42
N TYR A 83 3.05 -12.81 -4.90
CA TYR A 83 1.99 -13.33 -3.99
C TYR A 83 2.22 -14.81 -3.70
N ALA A 84 2.04 -15.21 -2.48
CA ALA A 84 2.26 -16.64 -2.08
C ALA A 84 0.92 -17.26 -1.67
N ILE A 85 0.15 -16.55 -0.88
CA ILE A 85 -1.16 -17.09 -0.41
C ILE A 85 -2.24 -16.01 -0.51
N ILE A 86 -3.37 -16.35 -1.06
CA ILE A 86 -4.47 -15.36 -1.20
C ILE A 86 -5.39 -15.47 0.02
N LYS A 87 -5.96 -16.62 0.23
CA LYS A 87 -6.86 -16.84 1.40
C LYS A 87 -8.00 -15.80 1.38
N PRO A 88 -9.14 -16.12 1.97
CA PRO A 88 -10.30 -15.19 2.02
C PRO A 88 -9.89 -13.74 2.38
N ILE A 89 -10.78 -12.82 2.18
CA ILE A 89 -10.50 -11.39 2.49
C ILE A 89 -9.96 -11.26 3.92
N GLU A 90 -10.14 -12.27 4.74
CA GLU A 90 -9.64 -12.21 6.14
C GLU A 90 -8.24 -11.61 6.19
N ARG A 91 -7.23 -12.45 6.06
CA ARG A 91 -5.83 -11.91 6.11
C ARG A 91 -4.91 -12.81 5.28
N PHE A 92 -3.82 -12.27 4.79
CA PHE A 92 -2.87 -13.07 3.98
C PHE A 92 -1.51 -12.37 3.95
N THR A 93 -0.50 -13.02 3.46
CA THR A 93 0.86 -12.39 3.40
C THR A 93 1.43 -12.54 2.00
N GLY A 94 2.49 -11.83 1.71
CA GLY A 94 3.12 -11.91 0.36
C GLY A 94 4.59 -11.54 0.49
N LYS A 95 5.23 -11.20 -0.59
CA LYS A 95 6.68 -10.82 -0.53
C LYS A 95 6.91 -9.56 -1.37
N ASP A 96 7.73 -8.66 -0.88
CA ASP A 96 8.01 -7.40 -1.62
C ASP A 96 9.49 -7.40 -2.05
N GLY A 97 9.74 -7.35 -3.33
CA GLY A 97 11.15 -7.36 -3.83
C GLY A 97 11.46 -6.04 -4.52
N PHE A 98 12.63 -5.51 -4.31
CA PHE A 98 13.00 -4.22 -4.94
C PHE A 98 13.48 -4.46 -6.37
N THR A 99 13.20 -3.55 -7.27
CA THR A 99 13.64 -3.73 -8.69
C THR A 99 14.24 -2.42 -9.19
N ASP A 100 15.25 -2.49 -10.02
CA ASP A 100 15.89 -1.25 -10.56
C ASP A 100 15.44 -1.04 -12.01
N ALA A 101 14.86 -2.05 -12.61
CA ALA A 101 14.39 -1.91 -14.02
C ALA A 101 13.91 -3.27 -14.54
N SER A 102 12.74 -3.31 -15.12
CA SER A 102 12.19 -4.59 -15.66
C SER A 102 12.19 -5.67 -14.58
N GLY A 103 13.32 -6.27 -14.33
CA GLY A 103 13.39 -7.34 -13.30
C GLY A 103 14.84 -7.74 -13.09
N LYS A 104 15.75 -6.82 -13.25
CA LYS A 104 17.19 -7.12 -13.07
C LYS A 104 17.45 -7.55 -11.62
N LEU A 105 16.83 -6.87 -10.69
CA LEU A 105 17.02 -7.20 -9.24
C LEU A 105 18.52 -7.41 -8.94
N ASN A 106 19.17 -6.40 -8.45
CA ASN A 106 20.63 -6.52 -8.14
C ASN A 106 20.82 -7.28 -6.82
N THR A 107 21.96 -7.90 -6.66
CA THR A 107 22.25 -8.66 -5.40
C THR A 107 22.33 -7.68 -4.23
N GLU A 108 22.78 -6.49 -4.47
CA GLU A 108 22.91 -5.49 -3.38
C GLU A 108 21.52 -5.06 -2.91
N MET A 109 20.48 -5.65 -3.46
CA MET A 109 19.09 -5.28 -3.05
C MET A 109 18.35 -6.51 -2.50
N PRO A 110 18.51 -6.79 -1.23
CA PRO A 110 17.85 -7.97 -0.58
C PRO A 110 16.31 -7.89 -0.64
N ARG A 111 15.65 -9.03 -0.73
CA ARG A 111 14.16 -9.03 -0.79
C ARG A 111 13.61 -8.51 0.54
N SER A 112 12.34 -8.15 0.58
CA SER A 112 11.74 -7.62 1.85
C SER A 112 10.42 -8.33 2.13
N ASN A 113 10.09 -8.47 3.39
CA ASN A 113 8.82 -9.16 3.77
C ASN A 113 7.74 -8.12 4.07
N TRP A 114 6.54 -8.36 3.59
CA TRP A 114 5.44 -7.39 3.85
C TRP A 114 4.14 -8.18 4.03
N ASP A 115 3.70 -8.36 5.24
CA ASP A 115 2.44 -9.11 5.48
C ASP A 115 1.27 -8.14 5.55
N MET A 116 0.15 -8.49 4.96
CA MET A 116 -1.05 -7.58 4.98
C MET A 116 -2.16 -8.22 5.80
N ARG A 117 -2.73 -7.48 6.72
CA ARG A 117 -3.83 -8.04 7.56
C ARG A 117 -5.03 -7.09 7.50
N PHE A 118 -6.21 -7.63 7.32
CA PHE A 118 -7.43 -6.77 7.27
C PHE A 118 -8.34 -7.12 8.44
N ILE A 119 -8.62 -6.17 9.29
CA ILE A 119 -9.51 -6.44 10.47
C ILE A 119 -10.77 -5.60 10.34
N ASP A 120 -11.92 -6.23 10.41
CA ASP A 120 -13.20 -5.47 10.28
C ASP A 120 -13.79 -5.20 11.66
N LYS A 121 -13.91 -3.94 12.02
CA LYS A 121 -14.47 -3.58 13.35
C LYS A 121 -15.86 -2.95 13.15
N GLY A 122 -16.83 -3.77 12.85
CA GLY A 122 -18.20 -3.25 12.64
C GLY A 122 -18.25 -2.33 11.42
N GLU A 123 -18.74 -1.13 11.61
CA GLU A 123 -18.84 -0.16 10.48
C GLU A 123 -17.48 0.46 10.19
N ILE A 124 -16.48 0.15 10.99
CA ILE A 124 -15.12 0.73 10.77
C ILE A 124 -14.14 -0.39 10.44
N THR A 125 -13.39 -0.21 9.37
CA THR A 125 -12.41 -1.26 8.95
C THR A 125 -10.99 -0.81 9.36
N GLU A 126 -10.23 -1.70 9.95
CA GLU A 126 -8.85 -1.35 10.37
C GLU A 126 -7.85 -2.22 9.60
N VAL A 127 -6.78 -1.65 9.14
CA VAL A 127 -5.75 -2.42 8.37
C VAL A 127 -4.40 -2.30 9.06
N GLN A 128 -3.70 -3.40 9.21
CA GLN A 128 -2.35 -3.37 9.87
C GLN A 128 -1.29 -3.80 8.87
N TYR A 129 -0.24 -3.02 8.74
CA TYR A 129 0.84 -3.35 7.77
C TYR A 129 2.12 -3.73 8.53
N HIS A 130 2.78 -4.79 8.11
CA HIS A 130 4.05 -5.21 8.80
C HIS A 130 5.17 -5.31 7.76
N ILE A 131 6.06 -4.35 7.73
CA ILE A 131 7.18 -4.37 6.73
C ILE A 131 8.53 -4.35 7.46
N SER A 132 9.42 -5.22 7.09
CA SER A 132 10.77 -5.24 7.74
C SER A 132 11.82 -5.71 6.73
N TYR A 133 12.95 -5.06 6.69
CA TYR A 133 14.02 -5.48 5.73
C TYR A 133 15.35 -4.86 6.15
N ASP A 134 16.44 -5.36 5.61
CA ASP A 134 17.79 -4.83 5.98
C ASP A 134 17.95 -3.39 5.46
N ASP A 135 19.17 -2.93 5.33
CA ASP A 135 19.44 -1.55 4.84
C ASP A 135 18.76 -0.54 5.76
N VAL A 136 19.30 -0.37 6.93
CA VAL A 136 18.71 0.61 7.90
C VAL A 136 18.85 2.03 7.34
N ALA A 137 19.98 2.35 6.79
CA ALA A 137 20.19 3.72 6.24
C ALA A 137 19.08 4.05 5.25
N GLN A 138 18.83 3.18 4.32
CA GLN A 138 17.76 3.43 3.31
C GLN A 138 16.41 3.44 4.02
N LEU A 139 16.25 2.60 5.01
CA LEU A 139 14.96 2.54 5.75
C LEU A 139 14.70 3.89 6.44
N GLU A 140 15.70 4.45 7.05
CA GLU A 140 15.52 5.75 7.77
C GLU A 140 15.18 6.86 6.77
N ALA A 141 15.82 6.86 5.63
CA ALA A 141 15.53 7.92 4.63
C ALA A 141 14.20 7.66 3.93
N THR A 142 13.92 6.42 3.61
CA THR A 142 12.64 6.10 2.91
C THR A 142 11.46 6.22 3.88
N ILE A 143 11.62 5.80 5.10
CA ILE A 143 10.49 5.88 6.07
C ILE A 143 10.22 7.34 6.45
N GLN A 144 11.25 8.11 6.68
CA GLN A 144 11.05 9.53 7.08
C GLN A 144 10.38 10.30 5.95
N MET A 145 10.95 10.24 4.77
CA MET A 145 10.35 10.97 3.62
C MET A 145 9.11 10.24 3.12
N GLY A 146 9.14 8.93 3.12
CA GLY A 146 7.96 8.16 2.64
C GLY A 146 6.80 8.36 3.60
N PHE A 147 7.06 8.36 4.88
CA PHE A 147 5.97 8.57 5.87
C PHE A 147 5.40 9.98 5.74
N LYS A 148 6.26 10.96 5.68
CA LYS A 148 5.77 12.37 5.57
C LYS A 148 5.04 12.57 4.23
N GLU A 149 5.66 12.18 3.16
CA GLU A 149 5.02 12.34 1.82
C GLU A 149 3.88 11.33 1.66
N GLY A 150 4.07 10.14 2.16
CA GLY A 150 3.03 9.09 2.01
C GLY A 150 1.74 9.46 2.74
N ILE A 151 1.83 9.83 4.00
CA ILE A 151 0.59 10.18 4.75
C ILE A 151 -0.03 11.48 4.21
N THR A 152 0.77 12.46 3.90
CA THR A 152 0.20 13.73 3.38
C THR A 152 -0.51 13.47 2.04
N MET A 153 0.17 12.85 1.11
CA MET A 153 -0.44 12.56 -0.21
C MET A 153 -1.56 11.53 -0.05
N ALA A 154 -1.33 10.52 0.75
CA ALA A 154 -2.38 9.47 0.94
C ALA A 154 -3.61 10.07 1.61
N MET A 155 -3.40 10.85 2.64
CA MET A 155 -4.56 11.45 3.36
C MET A 155 -5.36 12.34 2.42
N GLU A 156 -4.70 13.16 1.65
CA GLU A 156 -5.43 14.07 0.72
C GLU A 156 -6.03 13.28 -0.45
N ASN A 157 -5.22 12.48 -1.10
CA ASN A 157 -5.73 11.69 -2.26
C ASN A 157 -6.79 10.69 -1.80
N LEU A 158 -6.57 10.02 -0.69
CA LEU A 158 -7.55 9.02 -0.21
C LEU A 158 -8.87 9.71 0.15
N ASP A 159 -8.80 10.86 0.77
CA ASP A 159 -10.04 11.57 1.16
C ASP A 159 -10.89 11.83 -0.08
N GLU A 160 -10.29 12.37 -1.11
CA GLU A 160 -11.07 12.66 -2.34
C GLU A 160 -11.48 11.35 -3.01
N LEU A 161 -10.61 10.36 -2.98
CA LEU A 161 -10.93 9.05 -3.63
C LEU A 161 -12.12 8.41 -2.92
N LEU A 162 -12.15 8.43 -1.61
CA LEU A 162 -13.29 7.79 -0.88
C LEU A 162 -14.58 8.52 -1.24
N VAL A 163 -14.54 9.81 -1.32
CA VAL A 163 -15.77 10.58 -1.66
C VAL A 163 -16.25 10.18 -3.06
N SER A 164 -15.35 10.09 -4.00
CA SER A 164 -15.75 9.70 -5.38
C SER A 164 -16.33 8.28 -5.38
N GLY A 165 -15.70 7.38 -4.67
CA GLY A 165 -16.22 5.97 -4.64
C GLY A 165 -17.59 5.93 -3.97
N LYS A 166 -17.72 6.55 -2.83
CA LYS A 166 -19.03 6.55 -2.11
C LYS A 166 -20.05 7.41 -2.86
N LYS A 167 -19.98 8.70 -2.68
CA LYS A 167 -20.95 9.60 -3.37
C LYS A 167 -20.73 9.54 -4.88
N LEU A 168 -21.62 8.89 -5.58
CA LEU A 168 -21.48 8.78 -7.06
C LEU A 168 -21.99 10.05 -7.74
N GLU A 169 -21.32 10.49 -8.75
CA GLU A 169 -21.73 11.73 -9.47
C GLU A 169 -23.02 11.48 -10.25
N HIS A 170 -23.96 12.38 -10.17
CA HIS A 170 -25.26 12.22 -10.92
C HIS A 170 -25.57 13.52 -11.65
N HIS A 171 -25.91 14.55 -10.93
CA HIS A 171 -26.25 15.84 -11.60
C HIS A 171 -26.04 17.00 -10.62
N HIS A 172 -26.11 18.21 -11.11
CA HIS A 172 -25.92 19.39 -10.22
C HIS A 172 -27.14 19.57 -9.32
N HIS A 173 -26.92 19.92 -8.08
CA HIS A 173 -28.05 20.11 -7.13
C HIS A 173 -28.54 21.55 -7.19
N HIS A 174 -29.74 21.76 -7.67
CA HIS A 174 -30.28 23.16 -7.75
C HIS A 174 -31.81 23.11 -7.71
N HIS A 175 -32.42 24.12 -7.15
CA HIS A 175 -33.91 24.15 -7.07
C HIS A 175 -34.42 22.86 -6.42
N MET A 1 -19.68 14.07 18.09
CA MET A 1 -18.41 14.26 17.34
C MET A 1 -18.29 13.18 16.26
N ARG A 2 -17.93 13.57 15.07
CA ARG A 2 -17.80 12.59 13.95
C ARG A 2 -16.57 11.70 14.15
N THR A 3 -16.64 10.48 13.68
CA THR A 3 -15.49 9.56 13.82
C THR A 3 -14.36 9.98 12.87
N ASP A 4 -13.38 10.67 13.39
CA ASP A 4 -12.24 11.13 12.54
C ASP A 4 -11.28 9.97 12.28
N LEU A 5 -10.57 10.02 11.18
CA LEU A 5 -9.62 8.93 10.83
C LEU A 5 -8.53 8.84 11.91
N ALA A 6 -8.21 7.64 12.33
CA ALA A 6 -7.16 7.48 13.39
C ALA A 6 -5.82 7.14 12.74
N LEU A 7 -4.77 7.78 13.19
CA LEU A 7 -3.42 7.53 12.63
C LEU A 7 -2.51 6.98 13.74
N ASP A 8 -1.84 5.89 13.48
CA ASP A 8 -0.94 5.30 14.52
C ASP A 8 0.24 4.63 13.82
N PHE A 9 1.44 4.91 14.28
CA PHE A 9 2.65 4.29 13.65
C PHE A 9 3.66 3.91 14.73
N SER A 10 4.38 2.85 14.51
CA SER A 10 5.40 2.41 15.51
C SER A 10 6.56 1.76 14.77
N VAL A 11 7.77 1.98 15.23
CA VAL A 11 8.96 1.39 14.56
C VAL A 11 9.76 0.59 15.58
N ASN A 12 10.10 -0.63 15.25
CA ASN A 12 10.88 -1.50 16.18
C ASN A 12 12.29 -1.69 15.62
N LYS A 13 13.20 -0.85 16.03
CA LYS A 13 14.61 -0.96 15.54
C LYS A 13 15.25 -2.26 16.03
N GLU A 14 14.96 -2.63 17.25
CA GLU A 14 15.55 -3.89 17.81
C GLU A 14 15.02 -5.11 17.04
N ASN A 15 13.79 -5.08 16.67
CA ASN A 15 13.19 -6.23 15.93
C ASN A 15 13.51 -6.09 14.44
N LYS A 16 14.11 -5.00 14.06
CA LYS A 16 14.45 -4.78 12.62
C LYS A 16 13.19 -4.95 11.77
N THR A 17 12.12 -4.30 12.16
CA THR A 17 10.86 -4.39 11.40
C THR A 17 10.06 -3.10 11.57
N ILE A 18 9.14 -2.85 10.67
CA ILE A 18 8.29 -1.61 10.76
C ILE A 18 6.82 -2.01 10.85
N THR A 19 6.12 -1.48 11.83
CA THR A 19 4.67 -1.81 11.98
C THR A 19 3.86 -0.52 12.02
N ILE A 20 2.89 -0.40 11.16
CA ILE A 20 2.03 0.84 11.13
C ILE A 20 0.57 0.44 11.22
N LYS A 21 -0.16 1.06 12.13
CA LYS A 21 -1.61 0.74 12.30
C LYS A 21 -2.45 1.95 11.93
N ARG A 22 -3.50 1.75 11.18
CA ARG A 22 -4.38 2.88 10.79
C ARG A 22 -5.82 2.40 10.72
N GLU A 23 -6.74 3.26 11.08
CA GLU A 23 -8.18 2.87 11.05
C GLU A 23 -8.95 3.86 10.16
N PHE A 24 -9.80 3.33 9.31
CA PHE A 24 -10.59 4.20 8.40
C PHE A 24 -12.06 3.81 8.48
N ALA A 25 -12.93 4.77 8.34
CA ALA A 25 -14.39 4.48 8.42
C ALA A 25 -14.89 3.99 7.06
N ALA A 26 -14.70 2.73 6.77
CA ALA A 26 -15.15 2.17 5.47
C ALA A 26 -15.44 0.69 5.60
N VAL A 27 -16.25 0.17 4.72
CA VAL A 27 -16.61 -1.28 4.76
C VAL A 27 -15.47 -2.12 4.16
N ARG A 28 -15.48 -3.39 4.41
CA ARG A 28 -14.43 -4.29 3.87
C ARG A 28 -14.52 -4.35 2.34
N ALA A 29 -15.71 -4.29 1.83
CA ALA A 29 -15.88 -4.35 0.34
C ALA A 29 -15.08 -3.24 -0.33
N ILE A 30 -15.23 -2.03 0.14
CA ILE A 30 -14.47 -0.90 -0.47
C ILE A 30 -12.96 -1.06 -0.21
N VAL A 31 -12.60 -1.42 0.99
CA VAL A 31 -11.15 -1.58 1.31
C VAL A 31 -10.55 -2.72 0.47
N TRP A 32 -11.22 -3.83 0.43
CA TRP A 32 -10.70 -4.99 -0.36
C TRP A 32 -10.59 -4.59 -1.84
N GLU A 33 -11.56 -3.87 -2.31
CA GLU A 33 -11.55 -3.44 -3.75
C GLU A 33 -10.28 -2.63 -4.02
N ALA A 34 -9.87 -1.83 -3.09
CA ALA A 34 -8.65 -0.99 -3.28
C ALA A 34 -7.39 -1.86 -3.33
N PHE A 35 -7.35 -2.91 -2.55
CA PHE A 35 -6.15 -3.80 -2.54
C PHE A 35 -6.23 -4.82 -3.67
N THR A 36 -7.32 -4.84 -4.39
CA THR A 36 -7.45 -5.82 -5.52
C THR A 36 -7.06 -5.16 -6.83
N ARG A 37 -6.74 -3.88 -6.81
CA ARG A 37 -6.33 -3.17 -8.07
C ARG A 37 -5.06 -2.34 -7.81
N ALA A 38 -4.07 -2.55 -8.62
CA ALA A 38 -2.80 -1.77 -8.47
C ALA A 38 -3.07 -0.30 -8.77
N GLU A 39 -3.96 -0.05 -9.69
CA GLU A 39 -4.29 1.36 -10.08
C GLU A 39 -4.76 2.15 -8.85
N ILE A 40 -5.70 1.62 -8.11
CA ILE A 40 -6.20 2.34 -6.91
C ILE A 40 -5.08 2.50 -5.89
N LEU A 41 -4.30 1.47 -5.71
CA LEU A 41 -3.18 1.54 -4.73
C LEU A 41 -2.21 2.66 -5.13
N ASP A 42 -1.95 2.78 -6.40
CA ASP A 42 -1.02 3.84 -6.88
C ASP A 42 -1.57 5.23 -6.55
N GLN A 43 -2.87 5.39 -6.62
CA GLN A 43 -3.47 6.72 -6.33
C GLN A 43 -3.02 7.21 -4.94
N TRP A 44 -2.99 6.32 -3.98
CA TRP A 44 -2.56 6.72 -2.60
C TRP A 44 -1.40 5.83 -2.14
N TRP A 45 -0.29 5.93 -2.81
CA TRP A 45 0.89 5.12 -2.41
C TRP A 45 2.13 5.60 -3.16
N ALA A 46 3.21 5.81 -2.45
CA ALA A 46 4.46 6.29 -3.09
C ALA A 46 4.20 7.60 -3.84
N PRO A 47 4.16 8.70 -3.15
CA PRO A 47 3.91 10.04 -3.77
C PRO A 47 5.18 10.62 -4.41
N LYS A 48 5.15 10.77 -5.71
CA LYS A 48 6.33 11.32 -6.44
C LYS A 48 6.07 11.29 -7.96
N PRO A 49 5.64 10.16 -8.47
CA PRO A 49 5.36 10.01 -9.93
C PRO A 49 4.01 10.61 -10.34
N TRP A 50 3.67 10.50 -11.59
CA TRP A 50 2.36 11.03 -12.08
C TRP A 50 1.75 10.04 -13.05
N LYS A 51 2.51 9.08 -13.49
CA LYS A 51 1.97 8.07 -14.46
C LYS A 51 2.29 6.66 -13.95
N ALA A 52 1.37 5.74 -14.14
CA ALA A 52 1.58 4.34 -13.68
C ALA A 52 1.32 3.38 -14.84
N LYS A 53 2.15 2.39 -14.98
CA LYS A 53 1.98 1.40 -16.10
C LYS A 53 1.86 -0.01 -15.52
N THR A 54 0.68 -0.56 -15.54
CA THR A 54 0.46 -1.93 -14.99
C THR A 54 0.96 -2.96 -16.01
N LYS A 55 1.81 -3.85 -15.57
CA LYS A 55 2.34 -4.90 -16.50
C LYS A 55 1.66 -6.23 -16.18
N SER A 56 1.35 -6.46 -14.93
CA SER A 56 0.67 -7.74 -14.57
C SER A 56 0.17 -7.65 -13.13
N MET A 57 -0.95 -8.30 -12.85
CA MET A 57 -1.52 -8.27 -11.47
C MET A 57 -1.46 -9.67 -10.86
N ASP A 58 -0.99 -9.76 -9.65
CA ASP A 58 -0.90 -11.08 -8.96
C ASP A 58 -2.30 -11.68 -8.78
N PHE A 59 -3.02 -11.23 -7.80
CA PHE A 59 -4.39 -11.76 -7.54
C PHE A 59 -4.33 -13.30 -7.56
N LYS A 60 -3.15 -13.86 -7.46
CA LYS A 60 -3.03 -15.34 -7.46
C LYS A 60 -1.88 -15.76 -6.53
N GLU A 61 -1.96 -16.96 -6.00
CA GLU A 61 -0.90 -17.46 -5.07
C GLU A 61 0.49 -17.12 -5.63
N GLY A 62 0.88 -17.77 -6.69
CA GLY A 62 2.22 -17.50 -7.29
C GLY A 62 2.15 -16.24 -8.16
N GLY A 63 1.05 -15.54 -8.09
CA GLY A 63 0.88 -14.31 -8.92
C GLY A 63 1.88 -13.24 -8.48
N THR A 64 2.14 -12.29 -9.34
CA THR A 64 3.10 -11.19 -9.00
C THR A 64 2.55 -9.86 -9.45
N TRP A 65 3.04 -8.78 -8.91
CA TRP A 65 2.56 -7.42 -9.31
C TRP A 65 3.74 -6.61 -9.82
N LEU A 66 3.85 -6.47 -11.11
CA LEU A 66 4.96 -5.69 -11.71
C LEU A 66 4.41 -4.39 -12.30
N TYR A 67 4.97 -3.28 -11.91
CA TYR A 67 4.48 -1.98 -12.43
C TYR A 67 5.64 -0.98 -12.47
N ALA A 68 5.56 -0.01 -13.35
CA ALA A 68 6.64 1.01 -13.46
C ALA A 68 6.02 2.41 -13.42
N MET A 69 6.46 3.21 -12.49
CA MET A 69 5.91 4.59 -12.38
C MET A 69 6.88 5.58 -13.02
N VAL A 70 6.36 6.53 -13.75
CA VAL A 70 7.24 7.54 -14.43
C VAL A 70 6.91 8.93 -13.91
N GLY A 71 7.93 9.66 -13.52
CA GLY A 71 7.70 11.04 -12.97
C GLY A 71 8.21 12.08 -13.97
N PRO A 72 7.85 13.32 -13.78
CA PRO A 72 8.30 14.45 -14.66
C PRO A 72 9.83 14.47 -14.84
N ASN A 73 10.55 14.22 -13.78
CA ASN A 73 12.04 14.21 -13.86
C ASN A 73 12.57 13.08 -12.95
N GLY A 74 11.69 12.27 -12.44
CA GLY A 74 12.12 11.15 -11.55
C GLY A 74 12.55 9.97 -12.43
N GLU A 75 12.44 10.12 -13.72
CA GLU A 75 12.83 9.04 -14.67
C GLU A 75 11.84 7.88 -14.58
N GLU A 76 12.35 6.67 -14.52
CA GLU A 76 11.45 5.47 -14.45
C GLU A 76 11.70 4.71 -13.16
N HIS A 77 10.64 4.45 -12.43
CA HIS A 77 10.76 3.70 -11.15
C HIS A 77 10.09 2.33 -11.33
N TRP A 78 10.87 1.29 -11.30
CA TRP A 78 10.31 -0.09 -11.49
C TRP A 78 10.32 -0.84 -10.17
N SER A 79 9.32 -1.64 -9.95
CA SER A 79 9.24 -2.44 -8.69
C SER A 79 8.43 -3.71 -8.95
N ILE A 80 8.66 -4.72 -8.16
CA ILE A 80 7.91 -6.00 -8.33
C ILE A 80 7.58 -6.60 -6.96
N CYS A 81 6.42 -7.19 -6.84
CA CYS A 81 6.00 -7.80 -5.55
C CYS A 81 5.47 -9.21 -5.82
N GLU A 82 5.89 -10.18 -5.02
CA GLU A 82 5.44 -11.59 -5.23
C GLU A 82 4.57 -12.03 -4.05
N TYR A 83 3.36 -12.46 -4.34
CA TYR A 83 2.44 -12.91 -3.26
C TYR A 83 2.75 -14.34 -2.86
N ALA A 84 2.77 -14.61 -1.59
CA ALA A 84 3.05 -16.00 -1.10
C ALA A 84 1.74 -16.74 -0.89
N ILE A 85 1.03 -16.39 0.15
CA ILE A 85 -0.28 -17.06 0.44
C ILE A 85 -1.40 -16.04 0.41
N ILE A 86 -2.48 -16.36 -0.27
CA ILE A 86 -3.63 -15.42 -0.37
C ILE A 86 -4.87 -16.07 0.21
N LYS A 87 -5.55 -15.38 1.08
CA LYS A 87 -6.79 -15.92 1.70
C LYS A 87 -7.89 -14.84 1.64
N PRO A 88 -9.14 -15.22 1.61
CA PRO A 88 -10.28 -14.26 1.55
C PRO A 88 -10.09 -13.06 2.48
N ILE A 89 -10.90 -12.04 2.28
CA ILE A 89 -10.81 -10.80 3.12
C ILE A 89 -10.51 -11.16 4.58
N GLU A 90 -9.26 -11.07 4.96
CA GLU A 90 -8.88 -11.38 6.37
C GLU A 90 -7.38 -11.08 6.55
N ARG A 91 -6.53 -11.76 5.82
CA ARG A 91 -5.06 -11.52 5.95
C ARG A 91 -4.39 -11.79 4.61
N PHE A 92 -3.42 -10.98 4.25
CA PHE A 92 -2.70 -11.18 2.95
C PHE A 92 -1.19 -11.21 3.19
N THR A 93 -0.48 -12.00 2.42
CA THR A 93 1.00 -12.11 2.59
C THR A 93 1.69 -11.98 1.23
N GLY A 94 2.95 -11.62 1.25
CA GLY A 94 3.71 -11.47 -0.03
C GLY A 94 5.08 -10.86 0.25
N LYS A 95 5.85 -10.58 -0.78
CA LYS A 95 7.20 -9.98 -0.57
C LYS A 95 7.40 -8.79 -1.52
N ASP A 96 7.98 -7.73 -1.03
CA ASP A 96 8.22 -6.52 -1.87
C ASP A 96 9.71 -6.42 -2.21
N GLY A 97 10.05 -6.61 -3.46
CA GLY A 97 11.48 -6.55 -3.91
C GLY A 97 11.65 -5.43 -4.93
N PHE A 98 12.74 -4.72 -4.84
CA PHE A 98 12.99 -3.60 -5.80
C PHE A 98 13.74 -4.13 -7.02
N THR A 99 13.21 -3.89 -8.20
CA THR A 99 13.86 -4.37 -9.45
C THR A 99 14.01 -3.20 -10.43
N ASP A 100 15.12 -3.16 -11.12
CA ASP A 100 15.38 -2.06 -12.10
C ASP A 100 15.01 -2.55 -13.51
N ALA A 101 13.95 -2.00 -14.06
CA ALA A 101 13.50 -2.41 -15.42
C ALA A 101 13.62 -3.92 -15.60
N SER A 102 14.46 -4.34 -16.52
CA SER A 102 14.66 -5.80 -16.78
C SER A 102 13.33 -6.55 -16.63
N GLY A 103 13.04 -7.00 -15.44
CA GLY A 103 11.77 -7.71 -15.19
C GLY A 103 11.98 -8.70 -14.04
N LYS A 104 13.10 -9.36 -14.02
CA LYS A 104 13.37 -10.35 -12.95
C LYS A 104 13.93 -9.65 -11.71
N LEU A 105 13.62 -10.20 -10.56
CA LEU A 105 14.12 -9.60 -9.29
C LEU A 105 15.64 -9.64 -9.27
N ASN A 106 16.20 -10.70 -9.78
CA ASN A 106 17.69 -10.85 -9.80
C ASN A 106 18.24 -10.88 -8.37
N THR A 107 19.30 -11.62 -8.18
CA THR A 107 19.92 -11.71 -6.82
C THR A 107 20.84 -10.51 -6.58
N GLU A 108 21.19 -10.31 -5.35
CA GLU A 108 22.08 -9.19 -4.97
C GLU A 108 21.28 -7.89 -4.99
N MET A 109 19.98 -8.01 -5.11
CA MET A 109 19.10 -6.80 -5.14
C MET A 109 18.34 -6.70 -3.82
N PRO A 110 17.89 -5.52 -3.45
CA PRO A 110 17.11 -5.30 -2.19
C PRO A 110 15.93 -6.26 -2.07
N ARG A 111 15.69 -6.78 -0.90
CA ARG A 111 14.55 -7.71 -0.70
C ARG A 111 13.90 -7.47 0.66
N SER A 112 12.61 -7.36 0.70
CA SER A 112 11.89 -7.13 1.98
C SER A 112 10.60 -7.95 1.98
N ASN A 113 10.19 -8.42 3.12
CA ASN A 113 8.94 -9.24 3.19
C ASN A 113 7.77 -8.35 3.58
N TRP A 114 6.68 -8.45 2.85
CA TRP A 114 5.48 -7.62 3.14
C TRP A 114 4.40 -8.51 3.76
N ASP A 115 3.77 -8.03 4.81
CA ASP A 115 2.71 -8.83 5.47
C ASP A 115 1.60 -7.88 5.93
N MET A 116 0.48 -7.92 5.24
CA MET A 116 -0.67 -7.03 5.59
C MET A 116 -1.73 -7.85 6.33
N ARG A 117 -2.31 -7.29 7.36
CA ARG A 117 -3.36 -8.01 8.14
C ARG A 117 -4.64 -7.17 8.15
N PHE A 118 -5.74 -7.75 7.76
CA PHE A 118 -7.03 -7.01 7.72
C PHE A 118 -7.94 -7.50 8.85
N ILE A 119 -8.39 -6.60 9.68
CA ILE A 119 -9.29 -6.98 10.81
C ILE A 119 -10.62 -6.22 10.68
N ASP A 120 -11.70 -6.94 10.72
CA ASP A 120 -13.04 -6.29 10.59
C ASP A 120 -13.57 -5.89 11.96
N LYS A 121 -13.96 -4.65 12.11
CA LYS A 121 -14.48 -4.18 13.42
C LYS A 121 -15.73 -3.33 13.19
N GLY A 122 -16.86 -3.98 13.12
CA GLY A 122 -18.14 -3.25 12.90
C GLY A 122 -18.11 -2.44 11.61
N GLU A 123 -18.60 -1.23 11.67
CA GLU A 123 -18.63 -0.36 10.47
C GLU A 123 -17.25 0.27 10.27
N ILE A 124 -16.29 -0.06 11.10
CA ILE A 124 -14.92 0.51 10.98
C ILE A 124 -13.95 -0.60 10.61
N THR A 125 -13.13 -0.38 9.61
CA THR A 125 -12.16 -1.43 9.18
C THR A 125 -10.77 -1.06 9.70
N GLU A 126 -10.08 -2.03 10.27
CA GLU A 126 -8.73 -1.78 10.83
C GLU A 126 -7.69 -2.55 10.01
N VAL A 127 -6.68 -1.87 9.53
CA VAL A 127 -5.63 -2.55 8.71
C VAL A 127 -4.26 -2.33 9.35
N GLN A 128 -3.50 -3.39 9.46
CA GLN A 128 -2.14 -3.29 10.08
C GLN A 128 -1.09 -3.62 9.00
N TYR A 129 -0.08 -2.80 8.88
CA TYR A 129 0.98 -3.05 7.86
C TYR A 129 2.27 -3.51 8.54
N HIS A 130 2.90 -4.52 7.99
CA HIS A 130 4.17 -5.04 8.57
C HIS A 130 5.18 -5.24 7.45
N ILE A 131 6.13 -4.34 7.34
CA ILE A 131 7.18 -4.45 6.26
C ILE A 131 8.57 -4.48 6.91
N SER A 132 9.35 -5.46 6.57
CA SER A 132 10.72 -5.57 7.15
C SER A 132 11.71 -4.77 6.32
N TYR A 133 12.92 -4.63 6.81
CA TYR A 133 13.95 -3.87 6.05
C TYR A 133 15.34 -4.43 6.39
N ASP A 134 16.30 -4.20 5.54
CA ASP A 134 17.70 -4.70 5.78
C ASP A 134 18.66 -3.51 5.88
N ASP A 135 18.16 -2.30 5.66
CA ASP A 135 19.03 -1.09 5.73
C ASP A 135 18.50 -0.13 6.80
N VAL A 136 19.22 0.01 7.88
CA VAL A 136 18.78 0.93 8.98
C VAL A 136 18.86 2.38 8.50
N ALA A 137 19.91 2.72 7.81
CA ALA A 137 20.06 4.12 7.32
C ALA A 137 18.88 4.51 6.43
N GLN A 138 18.51 3.65 5.52
CA GLN A 138 17.38 3.95 4.61
C GLN A 138 16.07 4.01 5.41
N LEU A 139 16.00 3.26 6.47
CA LEU A 139 14.75 3.27 7.29
C LEU A 139 14.52 4.66 7.86
N GLU A 140 15.56 5.28 8.37
CA GLU A 140 15.41 6.64 8.96
C GLU A 140 15.02 7.64 7.86
N ALA A 141 15.76 7.67 6.79
CA ALA A 141 15.45 8.62 5.68
C ALA A 141 14.10 8.28 5.03
N THR A 142 13.86 7.02 4.81
CA THR A 142 12.58 6.60 4.16
C THR A 142 11.38 6.90 5.06
N ILE A 143 11.49 6.62 6.33
CA ILE A 143 10.33 6.87 7.25
C ILE A 143 10.05 8.38 7.35
N GLN A 144 11.07 9.17 7.49
CA GLN A 144 10.85 10.64 7.63
C GLN A 144 10.18 11.21 6.36
N MET A 145 10.72 10.93 5.22
CA MET A 145 10.12 11.46 3.97
C MET A 145 8.88 10.65 3.58
N GLY A 146 8.94 9.36 3.74
CA GLY A 146 7.78 8.49 3.37
C GLY A 146 6.60 8.75 4.31
N PHE A 147 6.83 8.76 5.59
CA PHE A 147 5.72 8.99 6.56
C PHE A 147 5.14 10.40 6.37
N LYS A 148 6.00 11.38 6.27
CA LYS A 148 5.50 12.78 6.12
C LYS A 148 4.77 12.98 4.78
N GLU A 149 5.41 12.64 3.70
CA GLU A 149 4.77 12.81 2.36
C GLU A 149 3.70 11.76 2.14
N GLY A 150 3.91 10.57 2.63
CA GLY A 150 2.92 9.47 2.44
C GLY A 150 1.60 9.80 3.15
N ILE A 151 1.65 10.15 4.40
CA ILE A 151 0.40 10.45 5.14
C ILE A 151 -0.28 11.71 4.59
N THR A 152 0.48 12.74 4.33
CA THR A 152 -0.14 14.00 3.82
C THR A 152 -0.75 13.78 2.44
N MET A 153 -0.03 13.20 1.53
CA MET A 153 -0.57 12.97 0.16
C MET A 153 -1.63 11.86 0.18
N ALA A 154 -1.38 10.80 0.90
CA ALA A 154 -2.36 9.68 0.95
C ALA A 154 -3.66 10.13 1.63
N MET A 155 -3.54 10.89 2.69
CA MET A 155 -4.77 11.37 3.39
C MET A 155 -5.60 12.26 2.47
N GLU A 156 -4.97 13.18 1.79
CA GLU A 156 -5.72 14.09 0.89
C GLU A 156 -6.16 13.34 -0.38
N ASN A 157 -5.27 12.60 -0.97
CA ASN A 157 -5.63 11.85 -2.21
C ASN A 157 -6.67 10.77 -1.90
N LEU A 158 -6.51 10.09 -0.80
CA LEU A 158 -7.48 9.01 -0.45
C LEU A 158 -8.87 9.61 -0.23
N ASP A 159 -8.95 10.72 0.44
CA ASP A 159 -10.27 11.36 0.70
C ASP A 159 -10.94 11.72 -0.63
N GLU A 160 -10.21 12.37 -1.48
CA GLU A 160 -10.77 12.78 -2.80
C GLU A 160 -11.00 11.54 -3.67
N LEU A 161 -10.15 10.56 -3.56
CA LEU A 161 -10.33 9.33 -4.39
C LEU A 161 -11.64 8.64 -4.01
N LEU A 162 -11.92 8.55 -2.74
CA LEU A 162 -13.17 7.88 -2.29
C LEU A 162 -14.39 8.66 -2.81
N VAL A 163 -14.33 9.95 -2.76
CA VAL A 163 -15.47 10.77 -3.25
C VAL A 163 -15.70 10.51 -4.74
N SER A 164 -14.65 10.51 -5.52
CA SER A 164 -14.80 10.25 -6.98
C SER A 164 -14.96 8.76 -7.23
N GLY A 165 -14.59 7.95 -6.27
CA GLY A 165 -14.72 6.47 -6.43
C GLY A 165 -16.20 6.08 -6.52
N LYS A 166 -17.01 6.73 -5.73
CA LYS A 166 -18.47 6.39 -5.74
C LYS A 166 -19.07 6.70 -7.12
N LYS A 167 -19.77 5.74 -7.66
CA LYS A 167 -20.39 5.93 -9.00
C LYS A 167 -21.85 6.38 -8.86
N LEU A 168 -22.37 6.99 -9.88
CA LEU A 168 -23.77 7.47 -9.84
C LEU A 168 -24.71 6.27 -9.70
N GLU A 169 -24.42 5.20 -10.37
CA GLU A 169 -25.30 4.00 -10.29
C GLU A 169 -25.32 3.46 -8.87
N HIS A 170 -26.41 2.86 -8.48
CA HIS A 170 -26.53 2.32 -7.09
C HIS A 170 -25.60 1.11 -6.92
N HIS A 171 -24.64 1.22 -6.04
CA HIS A 171 -23.69 0.09 -5.80
C HIS A 171 -24.23 -0.82 -4.70
N HIS A 172 -24.26 -2.10 -4.93
CA HIS A 172 -24.78 -3.05 -3.90
C HIS A 172 -23.77 -3.16 -2.74
N HIS A 173 -24.19 -2.80 -1.56
CA HIS A 173 -23.29 -2.88 -0.37
C HIS A 173 -23.63 -4.17 0.40
N HIS A 174 -24.41 -5.03 -0.19
CA HIS A 174 -24.78 -6.30 0.51
C HIS A 174 -25.06 -7.39 -0.54
N HIS A 175 -24.83 -8.63 -0.16
CA HIS A 175 -25.06 -9.77 -1.10
C HIS A 175 -24.59 -9.42 -2.51
N MET A 1 -13.68 19.78 13.05
CA MET A 1 -12.83 19.64 11.83
C MET A 1 -11.90 18.44 12.00
N ARG A 2 -11.92 17.85 13.17
CA ARG A 2 -11.03 16.68 13.43
C ARG A 2 -11.47 15.48 12.58
N THR A 3 -10.55 14.80 11.96
CA THR A 3 -10.90 13.64 11.10
C THR A 3 -11.24 12.42 11.98
N ASP A 4 -12.19 11.64 11.55
CA ASP A 4 -12.58 10.43 12.33
C ASP A 4 -11.64 9.28 11.95
N LEU A 5 -10.67 9.53 11.10
CA LEU A 5 -9.74 8.43 10.69
C LEU A 5 -8.62 8.30 11.73
N ALA A 6 -8.32 7.10 12.15
CA ALA A 6 -7.24 6.92 13.17
C ALA A 6 -5.89 6.75 12.48
N LEU A 7 -4.92 7.57 12.83
CA LEU A 7 -3.57 7.46 12.21
C LEU A 7 -2.56 7.10 13.31
N ASP A 8 -1.80 6.06 13.12
CA ASP A 8 -0.79 5.66 14.15
C ASP A 8 0.48 5.20 13.44
N PHE A 9 1.59 5.82 13.73
CA PHE A 9 2.88 5.44 13.08
C PHE A 9 3.84 4.94 14.16
N SER A 10 4.43 3.79 13.96
CA SER A 10 5.37 3.25 14.98
C SER A 10 6.45 2.45 14.26
N VAL A 11 7.68 2.54 14.72
CA VAL A 11 8.80 1.79 14.07
C VAL A 11 9.53 0.94 15.12
N ASN A 12 9.75 -0.30 14.84
CA ASN A 12 10.46 -1.18 15.82
C ASN A 12 11.94 -1.29 15.43
N LYS A 13 12.76 -0.46 16.00
CA LYS A 13 14.22 -0.50 15.70
C LYS A 13 14.81 -1.83 16.20
N GLU A 14 14.36 -2.28 17.34
CA GLU A 14 14.90 -3.54 17.91
C GLU A 14 14.76 -4.68 16.89
N ASN A 15 13.61 -4.80 16.28
CA ASN A 15 13.41 -5.89 15.28
C ASN A 15 13.67 -5.33 13.87
N LYS A 16 14.01 -4.07 13.79
CA LYS A 16 14.28 -3.44 12.46
C LYS A 16 13.07 -3.61 11.53
N THR A 17 11.89 -3.30 12.00
CA THR A 17 10.67 -3.43 11.14
C THR A 17 9.80 -2.18 11.29
N ILE A 18 8.91 -1.97 10.36
CA ILE A 18 8.02 -0.77 10.43
C ILE A 18 6.59 -1.24 10.68
N THR A 19 5.98 -0.74 11.73
CA THR A 19 4.58 -1.13 12.06
C THR A 19 3.67 0.09 11.94
N ILE A 20 2.71 0.04 11.06
CA ILE A 20 1.77 1.20 10.87
C ILE A 20 0.35 0.71 11.01
N LYS A 21 -0.46 1.39 11.79
CA LYS A 21 -1.88 0.98 11.98
C LYS A 21 -2.80 2.14 11.58
N ARG A 22 -3.85 1.84 10.86
CA ARG A 22 -4.80 2.92 10.45
C ARG A 22 -6.22 2.38 10.50
N GLU A 23 -7.17 3.20 10.90
CA GLU A 23 -8.59 2.75 10.98
C GLU A 23 -9.44 3.59 10.04
N PHE A 24 -10.33 2.97 9.29
CA PHE A 24 -11.19 3.74 8.34
C PHE A 24 -12.66 3.36 8.59
N ALA A 25 -13.51 4.34 8.62
CA ALA A 25 -14.96 4.07 8.86
C ALA A 25 -15.62 3.65 7.55
N ALA A 26 -15.49 2.40 7.17
CA ALA A 26 -16.12 1.93 5.90
C ALA A 26 -16.42 0.44 6.00
N VAL A 27 -17.33 -0.05 5.20
CA VAL A 27 -17.69 -1.48 5.24
C VAL A 27 -16.60 -2.34 4.57
N ARG A 28 -16.62 -3.62 4.84
CA ARG A 28 -15.60 -4.54 4.25
C ARG A 28 -15.74 -4.58 2.72
N ALA A 29 -16.95 -4.57 2.23
CA ALA A 29 -17.15 -4.63 0.75
C ALA A 29 -16.40 -3.49 0.05
N ILE A 30 -16.58 -2.27 0.50
CA ILE A 30 -15.89 -1.13 -0.15
C ILE A 30 -14.37 -1.26 0.03
N VAL A 31 -13.93 -1.60 1.21
CA VAL A 31 -12.46 -1.72 1.44
C VAL A 31 -11.88 -2.87 0.63
N TRP A 32 -12.55 -4.00 0.62
CA TRP A 32 -12.05 -5.16 -0.16
C TRP A 32 -11.96 -4.81 -1.64
N GLU A 33 -12.93 -4.12 -2.16
CA GLU A 33 -12.90 -3.76 -3.61
C GLU A 33 -11.67 -2.88 -3.90
N ALA A 34 -11.36 -1.99 -3.00
CA ALA A 34 -10.17 -1.11 -3.22
C ALA A 34 -8.89 -1.97 -3.26
N PHE A 35 -8.87 -3.04 -2.53
CA PHE A 35 -7.66 -3.91 -2.51
C PHE A 35 -7.78 -4.95 -3.62
N THR A 36 -8.89 -5.01 -4.28
CA THR A 36 -9.06 -5.99 -5.37
C THR A 36 -8.41 -5.46 -6.66
N ARG A 37 -7.89 -4.25 -6.60
CA ARG A 37 -7.23 -3.67 -7.82
C ARG A 37 -5.96 -2.93 -7.40
N ALA A 38 -4.85 -3.29 -8.00
CA ALA A 38 -3.56 -2.61 -7.66
C ALA A 38 -3.63 -1.14 -8.08
N GLU A 39 -4.36 -0.84 -9.11
CA GLU A 39 -4.46 0.57 -9.58
C GLU A 39 -5.01 1.44 -8.45
N ILE A 40 -6.05 0.99 -7.81
CA ILE A 40 -6.63 1.79 -6.69
C ILE A 40 -5.60 1.86 -5.56
N LEU A 41 -4.96 0.77 -5.25
CA LEU A 41 -3.96 0.78 -4.15
C LEU A 41 -2.82 1.74 -4.49
N ASP A 42 -2.28 1.65 -5.66
CA ASP A 42 -1.16 2.56 -6.04
C ASP A 42 -1.61 4.01 -5.92
N GLN A 43 -2.88 4.26 -6.10
CA GLN A 43 -3.38 5.66 -5.99
C GLN A 43 -3.13 6.18 -4.57
N TRP A 44 -3.02 5.29 -3.62
CA TRP A 44 -2.76 5.72 -2.20
C TRP A 44 -1.94 4.64 -1.51
N TRP A 45 -0.95 4.11 -2.19
CA TRP A 45 -0.06 3.06 -1.61
C TRP A 45 1.37 3.32 -2.07
N ALA A 46 1.54 3.79 -3.26
CA ALA A 46 2.92 4.07 -3.78
C ALA A 46 2.86 5.24 -4.76
N PRO A 47 2.77 6.44 -4.26
CA PRO A 47 2.69 7.67 -5.11
C PRO A 47 3.86 7.78 -6.10
N LYS A 48 3.60 8.18 -7.31
CA LYS A 48 4.69 8.29 -8.31
C LYS A 48 5.40 9.65 -8.19
N PRO A 49 6.70 9.70 -8.40
CA PRO A 49 7.48 10.98 -8.32
C PRO A 49 7.13 11.91 -9.49
N TRP A 50 6.59 11.38 -10.54
CA TRP A 50 6.22 12.22 -11.71
C TRP A 50 5.40 11.40 -12.69
N LYS A 51 5.92 10.29 -13.14
CA LYS A 51 5.16 9.43 -14.09
C LYS A 51 5.40 7.95 -13.77
N ALA A 52 4.34 7.20 -13.62
CA ALA A 52 4.48 5.74 -13.30
C ALA A 52 3.68 4.92 -14.32
N LYS A 53 4.11 3.70 -14.57
CA LYS A 53 3.38 2.84 -15.56
C LYS A 53 3.25 1.42 -15.03
N THR A 54 2.06 0.90 -14.97
CA THR A 54 1.85 -0.49 -14.46
C THR A 54 2.12 -1.48 -15.60
N LYS A 55 3.14 -2.29 -15.49
CA LYS A 55 3.44 -3.25 -16.58
C LYS A 55 2.33 -4.32 -16.64
N SER A 56 2.01 -4.91 -15.52
CA SER A 56 0.95 -5.95 -15.53
C SER A 56 0.42 -6.19 -14.12
N MET A 57 -0.73 -6.79 -14.00
CA MET A 57 -1.31 -7.07 -12.65
C MET A 57 -2.06 -8.41 -12.69
N ASP A 58 -1.53 -9.42 -12.04
CA ASP A 58 -2.21 -10.76 -12.04
C ASP A 58 -2.92 -10.97 -10.70
N PHE A 59 -4.23 -10.97 -10.71
CA PHE A 59 -4.99 -11.18 -9.44
C PHE A 59 -5.33 -12.67 -9.27
N LYS A 60 -4.32 -13.51 -9.20
CA LYS A 60 -4.57 -14.99 -9.03
C LYS A 60 -3.48 -15.60 -8.15
N GLU A 61 -3.76 -16.70 -7.53
CA GLU A 61 -2.75 -17.35 -6.64
C GLU A 61 -1.40 -17.50 -7.37
N GLY A 62 -0.34 -17.03 -6.77
CA GLY A 62 1.00 -17.15 -7.41
C GLY A 62 1.17 -16.02 -8.42
N GLY A 63 0.29 -15.07 -8.42
CA GLY A 63 0.38 -13.94 -9.39
C GLY A 63 1.43 -12.93 -8.94
N THR A 64 1.75 -11.98 -9.78
CA THR A 64 2.78 -10.96 -9.41
C THR A 64 2.31 -9.58 -9.87
N TRP A 65 2.85 -8.55 -9.29
CA TRP A 65 2.47 -7.15 -9.68
C TRP A 65 3.73 -6.36 -9.97
N LEU A 66 3.84 -5.78 -11.13
CA LEU A 66 5.05 -4.97 -11.47
C LEU A 66 4.62 -3.52 -11.69
N TYR A 67 5.20 -2.61 -10.93
CA TYR A 67 4.82 -1.16 -11.06
C TYR A 67 6.07 -0.36 -11.44
N ALA A 68 5.92 0.63 -12.27
CA ALA A 68 7.08 1.47 -12.70
C ALA A 68 6.96 2.87 -12.09
N MET A 69 8.07 3.45 -11.71
CA MET A 69 8.05 4.83 -11.12
C MET A 69 9.16 5.64 -11.77
N VAL A 70 8.80 6.56 -12.64
CA VAL A 70 9.83 7.40 -13.34
C VAL A 70 9.73 8.85 -12.85
N GLY A 71 10.84 9.47 -12.59
CA GLY A 71 10.80 10.87 -12.11
C GLY A 71 12.22 11.44 -12.14
N PRO A 72 12.34 12.74 -12.01
CA PRO A 72 13.65 13.43 -12.01
C PRO A 72 14.46 13.09 -10.75
N ASN A 73 13.81 12.51 -9.78
CA ASN A 73 14.51 12.16 -8.52
C ASN A 73 15.28 10.84 -8.71
N GLY A 74 16.58 10.92 -8.82
CA GLY A 74 17.38 9.68 -9.00
C GLY A 74 17.33 9.24 -10.46
N GLU A 75 16.29 8.56 -10.85
CA GLU A 75 16.18 8.09 -12.27
C GLU A 75 14.88 7.30 -12.44
N GLU A 76 15.00 6.01 -12.69
CA GLU A 76 13.79 5.14 -12.86
C GLU A 76 13.78 4.08 -11.76
N HIS A 77 12.77 4.08 -10.93
CA HIS A 77 12.67 3.08 -9.83
C HIS A 77 11.59 2.05 -10.16
N TRP A 78 11.94 0.79 -10.17
CA TRP A 78 10.94 -0.28 -10.49
C TRP A 78 10.74 -1.15 -9.26
N SER A 79 9.52 -1.49 -8.95
CA SER A 79 9.24 -2.35 -7.76
C SER A 79 8.34 -3.51 -8.17
N ILE A 80 8.45 -4.63 -7.52
CA ILE A 80 7.59 -5.80 -7.88
C ILE A 80 7.09 -6.48 -6.60
N CYS A 81 5.86 -6.96 -6.62
CA CYS A 81 5.28 -7.65 -5.43
C CYS A 81 4.78 -9.03 -5.86
N GLU A 82 5.22 -10.06 -5.19
CA GLU A 82 4.78 -11.45 -5.55
C GLU A 82 3.84 -11.98 -4.47
N TYR A 83 2.64 -12.31 -4.83
CA TYR A 83 1.66 -12.81 -3.82
C TYR A 83 1.89 -14.31 -3.60
N ALA A 84 1.94 -14.73 -2.35
CA ALA A 84 2.16 -16.17 -2.04
C ALA A 84 0.83 -16.85 -1.75
N ILE A 85 0.16 -16.44 -0.69
CA ILE A 85 -1.14 -17.06 -0.33
C ILE A 85 -2.24 -15.99 -0.33
N ILE A 86 -3.34 -16.26 -1.00
CA ILE A 86 -4.46 -15.27 -1.06
C ILE A 86 -5.66 -15.80 -0.29
N LYS A 87 -6.21 -15.02 0.59
CA LYS A 87 -7.39 -15.46 1.38
C LYS A 87 -8.38 -14.29 1.45
N PRO A 88 -9.65 -14.58 1.62
CA PRO A 88 -10.71 -13.51 1.72
C PRO A 88 -10.58 -12.66 2.98
N ILE A 89 -11.48 -11.71 3.15
CA ILE A 89 -11.45 -10.81 4.34
C ILE A 89 -10.93 -11.56 5.59
N GLU A 90 -9.65 -11.58 5.77
CA GLU A 90 -9.06 -12.29 6.94
C GLU A 90 -7.60 -11.88 7.09
N ARG A 91 -6.74 -12.39 6.25
CA ARG A 91 -5.29 -12.03 6.34
C ARG A 91 -4.65 -12.12 4.95
N PHE A 92 -3.69 -11.27 4.68
CA PHE A 92 -3.01 -11.29 3.34
C PHE A 92 -1.49 -11.27 3.54
N THR A 93 -0.77 -11.95 2.68
CA THR A 93 0.72 -11.97 2.82
C THR A 93 1.35 -12.10 1.43
N GLY A 94 2.59 -11.70 1.29
CA GLY A 94 3.26 -11.81 -0.03
C GLY A 94 4.70 -11.32 0.10
N LYS A 95 5.38 -11.09 -1.00
CA LYS A 95 6.80 -10.61 -0.95
C LYS A 95 6.96 -9.34 -1.77
N ASP A 96 7.92 -8.52 -1.44
CA ASP A 96 8.13 -7.26 -2.21
C ASP A 96 9.64 -7.03 -2.38
N GLY A 97 10.02 -6.28 -3.37
CA GLY A 97 11.47 -6.03 -3.58
C GLY A 97 11.66 -5.06 -4.75
N PHE A 98 12.83 -4.50 -4.88
CA PHE A 98 13.08 -3.53 -5.99
C PHE A 98 13.67 -4.26 -7.20
N THR A 99 13.44 -3.76 -8.39
CA THR A 99 13.98 -4.41 -9.62
C THR A 99 14.73 -3.36 -10.44
N ASP A 100 15.59 -3.80 -11.31
CA ASP A 100 16.37 -2.85 -12.16
C ASP A 100 15.72 -2.76 -13.55
N ALA A 101 14.42 -2.55 -13.58
CA ALA A 101 13.69 -2.46 -14.88
C ALA A 101 13.52 -3.86 -15.47
N SER A 102 14.30 -4.80 -15.04
CA SER A 102 14.17 -6.17 -15.58
C SER A 102 12.78 -6.73 -15.24
N GLY A 103 12.31 -6.49 -14.04
CA GLY A 103 10.96 -6.98 -13.66
C GLY A 103 11.06 -8.47 -13.30
N LYS A 104 12.24 -8.94 -13.00
CA LYS A 104 12.42 -10.38 -12.63
C LYS A 104 13.15 -10.47 -11.28
N LEU A 105 12.65 -9.77 -10.30
CA LEU A 105 13.30 -9.78 -8.95
C LEU A 105 14.82 -9.68 -9.09
N ASN A 106 15.34 -8.48 -8.98
CA ASN A 106 16.80 -8.27 -9.10
C ASN A 106 17.52 -8.77 -7.85
N THR A 107 18.44 -9.67 -8.02
CA THR A 107 19.19 -10.21 -6.84
C THR A 107 20.23 -9.17 -6.39
N GLU A 108 20.49 -8.20 -7.23
CA GLU A 108 21.48 -7.16 -6.87
C GLU A 108 20.81 -6.13 -5.95
N MET A 109 19.51 -6.24 -5.79
CA MET A 109 18.78 -5.27 -4.91
C MET A 109 18.40 -5.97 -3.60
N PRO A 110 18.31 -5.22 -2.52
CA PRO A 110 17.94 -5.79 -1.19
C PRO A 110 16.50 -6.36 -1.18
N ARG A 111 16.30 -7.43 -0.46
CA ARG A 111 14.94 -8.03 -0.40
C ARG A 111 14.10 -7.29 0.64
N SER A 112 12.80 -7.21 0.44
CA SER A 112 11.93 -6.51 1.43
C SER A 112 10.67 -7.34 1.67
N ASN A 113 10.13 -7.27 2.85
CA ASN A 113 8.90 -8.06 3.18
C ASN A 113 7.71 -7.12 3.31
N TRP A 114 6.56 -7.56 2.86
CA TRP A 114 5.34 -6.72 2.96
C TRP A 114 4.15 -7.63 3.29
N ASP A 115 3.74 -7.65 4.53
CA ASP A 115 2.59 -8.52 4.95
C ASP A 115 1.45 -7.64 5.44
N MET A 116 0.26 -7.85 4.94
CA MET A 116 -0.91 -7.02 5.38
C MET A 116 -1.84 -7.87 6.24
N ARG A 117 -2.37 -7.28 7.29
CA ARG A 117 -3.29 -8.03 8.19
C ARG A 117 -4.64 -7.33 8.20
N PHE A 118 -5.70 -8.06 8.02
CA PHE A 118 -7.06 -7.44 8.00
C PHE A 118 -7.77 -7.71 9.33
N ILE A 119 -8.30 -6.67 9.94
CA ILE A 119 -9.02 -6.84 11.24
C ILE A 119 -10.42 -6.25 11.12
N ASP A 120 -11.42 -6.99 11.48
CA ASP A 120 -12.81 -6.48 11.40
C ASP A 120 -13.16 -5.79 12.72
N LYS A 121 -13.27 -4.48 12.71
CA LYS A 121 -13.60 -3.74 13.96
C LYS A 121 -15.07 -3.33 13.95
N GLY A 122 -15.95 -4.29 13.87
CA GLY A 122 -17.42 -3.99 13.87
C GLY A 122 -17.72 -2.82 12.94
N GLU A 123 -18.16 -3.10 11.74
CA GLU A 123 -18.51 -2.01 10.76
C GLU A 123 -17.24 -1.23 10.38
N ILE A 124 -16.39 -0.94 11.33
CA ILE A 124 -15.15 -0.18 11.02
C ILE A 124 -14.03 -1.18 10.70
N THR A 125 -13.31 -0.93 9.64
CA THR A 125 -12.21 -1.86 9.23
C THR A 125 -10.86 -1.24 9.57
N GLU A 126 -9.96 -2.04 10.08
CA GLU A 126 -8.59 -1.54 10.43
C GLU A 126 -7.55 -2.33 9.63
N VAL A 127 -6.64 -1.65 9.00
CA VAL A 127 -5.59 -2.35 8.19
C VAL A 127 -4.21 -2.09 8.79
N GLN A 128 -3.41 -3.11 8.92
CA GLN A 128 -2.04 -2.93 9.50
C GLN A 128 -1.00 -3.27 8.43
N TYR A 129 -0.05 -2.39 8.21
CA TYR A 129 0.99 -2.65 7.17
C TYR A 129 2.30 -3.01 7.86
N HIS A 130 2.95 -4.05 7.40
CA HIS A 130 4.26 -4.46 8.01
C HIS A 130 5.33 -4.46 6.93
N ILE A 131 6.24 -3.51 6.98
CA ILE A 131 7.34 -3.44 5.97
C ILE A 131 8.67 -3.65 6.65
N SER A 132 9.51 -4.48 6.09
CA SER A 132 10.84 -4.73 6.71
C SER A 132 11.88 -5.06 5.64
N TYR A 133 13.01 -4.41 5.67
CA TYR A 133 14.08 -4.69 4.68
C TYR A 133 15.42 -4.33 5.32
N ASP A 134 15.51 -4.45 6.61
CA ASP A 134 16.78 -4.13 7.34
C ASP A 134 17.36 -2.81 6.84
N ASP A 135 18.61 -2.55 7.17
CA ASP A 135 19.30 -1.30 6.74
C ASP A 135 18.75 -0.10 7.52
N VAL A 136 19.29 0.17 8.67
CA VAL A 136 18.82 1.32 9.49
C VAL A 136 19.06 2.63 8.72
N ALA A 137 20.21 2.78 8.14
CA ALA A 137 20.52 4.04 7.39
C ALA A 137 19.44 4.29 6.32
N GLN A 138 19.18 3.32 5.50
CA GLN A 138 18.14 3.49 4.44
C GLN A 138 16.77 3.61 5.12
N LEU A 139 16.59 2.93 6.22
CA LEU A 139 15.28 3.00 6.92
C LEU A 139 15.00 4.43 7.41
N GLU A 140 15.99 5.06 7.97
CA GLU A 140 15.79 6.46 8.48
C GLU A 140 15.42 7.40 7.32
N ALA A 141 16.17 7.36 6.26
CA ALA A 141 15.87 8.26 5.10
C ALA A 141 14.56 7.83 4.43
N THR A 142 14.33 6.55 4.31
CA THR A 142 13.08 6.06 3.66
C THR A 142 11.86 6.49 4.46
N ILE A 143 11.92 6.36 5.76
CA ILE A 143 10.75 6.76 6.61
C ILE A 143 10.50 8.26 6.49
N GLN A 144 11.53 9.07 6.53
CA GLN A 144 11.30 10.54 6.45
C GLN A 144 10.63 10.91 5.12
N MET A 145 11.16 10.48 4.02
CA MET A 145 10.54 10.82 2.70
C MET A 145 9.26 9.98 2.52
N GLY A 146 9.30 8.73 2.89
CA GLY A 146 8.11 7.86 2.72
C GLY A 146 6.99 8.34 3.63
N PHE A 147 7.29 8.68 4.85
CA PHE A 147 6.25 9.19 5.77
C PHE A 147 5.71 10.53 5.25
N LYS A 148 6.60 11.41 4.86
CA LYS A 148 6.15 12.74 4.35
C LYS A 148 5.30 12.57 3.09
N GLU A 149 5.81 11.88 2.12
CA GLU A 149 5.05 11.68 0.86
C GLU A 149 3.91 10.68 1.07
N GLY A 150 4.15 9.70 1.90
CA GLY A 150 3.11 8.66 2.14
C GLY A 150 1.91 9.25 2.89
N ILE A 151 2.14 9.95 3.96
CA ILE A 151 1.01 10.52 4.75
C ILE A 151 0.28 11.61 3.93
N THR A 152 1.00 12.46 3.27
CA THR A 152 0.34 13.54 2.49
C THR A 152 -0.46 12.94 1.33
N MET A 153 0.15 12.06 0.58
CA MET A 153 -0.56 11.45 -0.58
C MET A 153 -1.62 10.45 -0.09
N ALA A 154 -1.32 9.68 0.91
CA ALA A 154 -2.29 8.67 1.41
C ALA A 154 -3.60 9.34 1.86
N MET A 155 -3.50 10.32 2.70
CA MET A 155 -4.74 11.02 3.20
C MET A 155 -5.42 11.76 2.04
N GLU A 156 -4.65 12.40 1.21
CA GLU A 156 -5.26 13.16 0.08
C GLU A 156 -5.85 12.21 -0.96
N ASN A 157 -5.09 11.24 -1.39
CA ASN A 157 -5.62 10.29 -2.42
C ASN A 157 -6.78 9.47 -1.84
N LEU A 158 -6.64 9.02 -0.62
CA LEU A 158 -7.73 8.20 0.00
C LEU A 158 -9.00 9.05 0.15
N ASP A 159 -8.86 10.27 0.55
CA ASP A 159 -10.06 11.13 0.73
C ASP A 159 -10.79 11.30 -0.61
N GLU A 160 -10.06 11.46 -1.67
CA GLU A 160 -10.70 11.63 -3.00
C GLU A 160 -11.43 10.34 -3.39
N LEU A 161 -10.83 9.21 -3.15
CA LEU A 161 -11.49 7.93 -3.51
C LEU A 161 -12.78 7.74 -2.70
N LEU A 162 -12.73 7.99 -1.43
CA LEU A 162 -13.96 7.81 -0.59
C LEU A 162 -15.02 8.84 -1.00
N VAL A 163 -14.62 10.06 -1.22
CA VAL A 163 -15.59 11.11 -1.62
C VAL A 163 -16.18 10.77 -3.00
N SER A 164 -15.34 10.37 -3.92
CA SER A 164 -15.82 10.03 -5.28
C SER A 164 -16.41 8.61 -5.27
N GLY A 165 -16.26 7.91 -4.19
CA GLY A 165 -16.80 6.51 -4.10
C GLY A 165 -17.29 6.25 -2.68
N LYS A 166 -18.01 7.17 -2.10
CA LYS A 166 -18.52 6.99 -0.71
C LYS A 166 -19.29 5.67 -0.59
N LYS A 167 -20.59 5.74 -0.55
CA LYS A 167 -21.43 4.51 -0.42
C LYS A 167 -22.21 4.31 -1.74
N LEU A 168 -21.81 4.99 -2.78
CA LEU A 168 -22.49 4.86 -4.10
C LEU A 168 -23.98 5.23 -3.97
N GLU A 169 -24.33 6.38 -4.48
CA GLU A 169 -25.74 6.84 -4.40
C GLU A 169 -26.59 6.18 -5.49
N HIS A 170 -27.77 5.77 -5.16
CA HIS A 170 -28.67 5.13 -6.16
C HIS A 170 -29.11 6.18 -7.18
N HIS A 171 -29.35 7.39 -6.73
CA HIS A 171 -29.80 8.45 -7.67
C HIS A 171 -28.65 8.87 -8.59
N HIS A 172 -28.87 8.81 -9.88
CA HIS A 172 -27.82 9.22 -10.86
C HIS A 172 -28.05 10.67 -11.28
N HIS A 173 -29.03 11.31 -10.69
CA HIS A 173 -29.32 12.73 -11.04
C HIS A 173 -28.10 13.59 -10.70
N HIS A 174 -27.46 13.31 -9.61
CA HIS A 174 -26.27 14.14 -9.21
C HIS A 174 -25.09 13.81 -10.13
N HIS A 175 -24.46 14.81 -10.69
CA HIS A 175 -23.30 14.57 -11.58
C HIS A 175 -22.57 15.89 -11.80
N MET A 1 -13.79 18.97 9.17
CA MET A 1 -13.22 19.48 10.45
C MET A 1 -12.61 18.32 11.23
N ARG A 2 -13.38 17.66 12.05
CA ARG A 2 -12.85 16.54 12.85
C ARG A 2 -12.45 15.39 11.92
N THR A 3 -11.29 14.81 12.17
CA THR A 3 -10.81 13.68 11.31
C THR A 3 -11.12 12.34 11.99
N ASP A 4 -11.82 11.48 11.32
CA ASP A 4 -12.15 10.15 11.91
C ASP A 4 -11.07 9.15 11.52
N LEU A 5 -10.05 9.61 10.86
CA LEU A 5 -8.95 8.69 10.43
C LEU A 5 -7.90 8.58 11.54
N ALA A 6 -7.54 7.37 11.91
CA ALA A 6 -6.52 7.19 12.99
C ALA A 6 -5.13 7.07 12.36
N LEU A 7 -4.16 7.78 12.90
CA LEU A 7 -2.77 7.72 12.35
C LEU A 7 -1.80 7.40 13.50
N ASP A 8 -1.05 6.33 13.37
CA ASP A 8 -0.07 5.97 14.44
C ASP A 8 1.19 5.38 13.79
N PHE A 9 2.36 5.84 14.22
CA PHE A 9 3.64 5.30 13.65
C PHE A 9 4.40 4.56 14.75
N SER A 10 4.92 3.40 14.41
CA SER A 10 5.69 2.60 15.39
C SER A 10 6.77 1.82 14.65
N VAL A 11 8.01 2.24 14.76
CA VAL A 11 9.13 1.55 14.06
C VAL A 11 10.06 0.91 15.09
N ASN A 12 10.33 -0.36 14.95
CA ASN A 12 11.23 -1.05 15.93
C ASN A 12 12.61 -1.28 15.29
N LYS A 13 13.55 -0.42 15.59
CA LYS A 13 14.91 -0.58 15.02
C LYS A 13 15.54 -1.86 15.55
N GLU A 14 15.32 -2.15 16.80
CA GLU A 14 15.92 -3.37 17.42
C GLU A 14 15.47 -4.61 16.64
N ASN A 15 14.23 -4.68 16.25
CA ASN A 15 13.74 -5.87 15.51
C ASN A 15 13.86 -5.62 14.00
N LYS A 16 14.34 -4.46 13.62
CA LYS A 16 14.49 -4.15 12.17
C LYS A 16 13.15 -4.41 11.45
N THR A 17 12.07 -3.95 12.01
CA THR A 17 10.73 -4.15 11.38
C THR A 17 9.95 -2.85 11.40
N ILE A 18 8.97 -2.71 10.54
CA ILE A 18 8.16 -1.45 10.49
C ILE A 18 6.72 -1.78 10.88
N THR A 19 6.20 -1.12 11.88
CA THR A 19 4.79 -1.37 12.32
C THR A 19 4.00 -0.07 12.24
N ILE A 20 3.04 -0.01 11.34
CA ILE A 20 2.21 1.24 11.19
C ILE A 20 0.74 0.85 11.27
N LYS A 21 -0.02 1.58 12.06
CA LYS A 21 -1.47 1.26 12.22
C LYS A 21 -2.31 2.46 11.75
N ARG A 22 -3.33 2.20 10.99
CA ARG A 22 -4.21 3.31 10.50
C ARG A 22 -5.66 2.81 10.46
N GLU A 23 -6.61 3.68 10.65
CA GLU A 23 -8.05 3.27 10.64
C GLU A 23 -8.82 4.13 9.64
N PHE A 24 -9.68 3.52 8.86
CA PHE A 24 -10.47 4.29 7.84
C PHE A 24 -11.94 3.94 7.98
N ALA A 25 -12.80 4.90 7.81
CA ALA A 25 -14.26 4.65 7.93
C ALA A 25 -14.79 4.06 6.61
N ALA A 26 -14.53 2.81 6.38
CA ALA A 26 -15.01 2.16 5.12
C ALA A 26 -15.19 0.67 5.36
N VAL A 27 -16.01 0.03 4.59
CA VAL A 27 -16.25 -1.43 4.78
C VAL A 27 -15.09 -2.23 4.18
N ARG A 28 -14.92 -3.45 4.61
CA ARG A 28 -13.82 -4.30 4.08
C ARG A 28 -14.00 -4.50 2.57
N ALA A 29 -15.21 -4.55 2.11
CA ALA A 29 -15.45 -4.75 0.65
C ALA A 29 -14.77 -3.64 -0.14
N ILE A 30 -14.98 -2.40 0.22
CA ILE A 30 -14.35 -1.28 -0.52
C ILE A 30 -12.83 -1.34 -0.37
N VAL A 31 -12.35 -1.58 0.82
CA VAL A 31 -10.87 -1.65 1.02
C VAL A 31 -10.29 -2.79 0.19
N TRP A 32 -10.89 -3.95 0.26
CA TRP A 32 -10.38 -5.11 -0.52
C TRP A 32 -10.56 -4.86 -2.02
N GLU A 33 -11.71 -4.38 -2.42
CA GLU A 33 -11.95 -4.13 -3.86
C GLU A 33 -10.98 -3.06 -4.36
N ALA A 34 -10.78 -2.03 -3.58
CA ALA A 34 -9.84 -0.95 -4.01
C ALA A 34 -8.42 -1.51 -4.09
N PHE A 35 -8.08 -2.37 -3.17
CA PHE A 35 -6.71 -2.95 -3.17
C PHE A 35 -6.65 -4.13 -4.16
N THR A 36 -7.77 -4.49 -4.73
CA THR A 36 -7.79 -5.63 -5.69
C THR A 36 -7.83 -5.10 -7.13
N ARG A 37 -8.25 -3.87 -7.33
CA ARG A 37 -8.32 -3.29 -8.71
C ARG A 37 -7.17 -2.30 -8.93
N ALA A 38 -6.41 -2.52 -9.95
CA ALA A 38 -5.28 -1.59 -10.26
C ALA A 38 -5.86 -0.24 -10.70
N GLU A 39 -6.97 -0.26 -11.38
CA GLU A 39 -7.58 1.02 -11.85
C GLU A 39 -7.79 1.96 -10.67
N ILE A 40 -8.40 1.49 -9.61
CA ILE A 40 -8.63 2.37 -8.44
C ILE A 40 -7.28 2.77 -7.84
N LEU A 41 -6.38 1.84 -7.72
CA LEU A 41 -5.05 2.16 -7.14
C LEU A 41 -4.34 3.19 -8.01
N ASP A 42 -4.41 3.04 -9.31
CA ASP A 42 -3.74 4.01 -10.21
C ASP A 42 -4.48 5.34 -10.19
N GLN A 43 -5.71 5.35 -9.76
CA GLN A 43 -6.49 6.61 -9.72
C GLN A 43 -5.84 7.60 -8.74
N TRP A 44 -5.44 7.13 -7.58
CA TRP A 44 -4.79 8.03 -6.57
C TRP A 44 -3.34 7.59 -6.36
N TRP A 45 -2.46 8.05 -7.21
CA TRP A 45 -1.01 7.68 -7.08
C TRP A 45 -0.28 8.78 -6.30
N ALA A 46 -1.00 9.65 -5.66
CA ALA A 46 -0.36 10.75 -4.87
C ALA A 46 0.58 11.58 -5.77
N PRO A 47 0.18 12.76 -6.19
CA PRO A 47 1.03 13.67 -7.05
C PRO A 47 2.45 13.87 -6.49
N LYS A 48 2.90 15.10 -6.42
CA LYS A 48 4.27 15.41 -5.89
C LYS A 48 5.32 14.72 -6.77
N PRO A 49 6.57 15.17 -6.67
CA PRO A 49 7.68 14.57 -7.44
C PRO A 49 7.63 13.04 -7.41
N TRP A 50 7.25 12.48 -6.28
CA TRP A 50 7.17 10.99 -6.19
C TRP A 50 5.85 10.52 -6.80
N LYS A 51 5.92 9.58 -7.71
CA LYS A 51 4.68 9.06 -8.36
C LYS A 51 4.79 7.55 -8.56
N ALA A 52 3.69 6.84 -8.43
CA ALA A 52 3.71 5.35 -8.62
C ALA A 52 2.89 5.00 -9.85
N LYS A 53 3.39 4.12 -10.69
CA LYS A 53 2.63 3.73 -11.92
C LYS A 53 2.63 2.21 -12.04
N THR A 54 1.51 1.59 -11.77
CA THR A 54 1.43 0.10 -11.86
C THR A 54 1.61 -0.35 -13.31
N LYS A 55 2.47 -1.32 -13.54
CA LYS A 55 2.68 -1.83 -14.93
C LYS A 55 1.80 -3.06 -15.14
N SER A 56 1.50 -3.77 -14.08
CA SER A 56 0.63 -4.98 -14.22
C SER A 56 0.10 -5.38 -12.83
N MET A 57 -0.97 -6.13 -12.78
CA MET A 57 -1.52 -6.55 -11.46
C MET A 57 -2.41 -7.79 -11.65
N ASP A 58 -2.22 -8.78 -10.82
CA ASP A 58 -3.05 -10.02 -10.92
C ASP A 58 -3.43 -10.48 -9.51
N PHE A 59 -4.59 -10.14 -9.06
CA PHE A 59 -5.02 -10.55 -7.69
C PHE A 59 -5.37 -12.04 -7.69
N LYS A 60 -4.39 -12.89 -7.52
CA LYS A 60 -4.67 -14.36 -7.50
C LYS A 60 -3.65 -15.07 -6.60
N GLU A 61 -4.03 -16.18 -6.04
CA GLU A 61 -3.10 -16.93 -5.15
C GLU A 61 -1.78 -17.17 -5.87
N GLY A 62 -0.68 -16.75 -5.29
CA GLY A 62 0.64 -16.95 -5.95
C GLY A 62 0.78 -15.92 -7.07
N GLY A 63 -0.05 -14.91 -7.07
CA GLY A 63 0.01 -13.87 -8.13
C GLY A 63 1.23 -12.96 -7.90
N THR A 64 1.45 -12.03 -8.79
CA THR A 64 2.61 -11.10 -8.65
C THR A 64 2.16 -9.66 -8.92
N TRP A 65 2.89 -8.69 -8.42
CA TRP A 65 2.53 -7.26 -8.64
C TRP A 65 3.77 -6.50 -9.08
N LEU A 66 3.80 -6.06 -10.31
CA LEU A 66 4.98 -5.30 -10.84
C LEU A 66 4.59 -3.84 -11.01
N TYR A 67 5.37 -2.94 -10.48
CA TYR A 67 5.05 -1.48 -10.61
C TYR A 67 6.33 -0.68 -10.68
N ALA A 68 6.26 0.49 -11.26
CA ALA A 68 7.48 1.37 -11.39
C ALA A 68 7.27 2.64 -10.56
N MET A 69 8.23 2.99 -9.74
CA MET A 69 8.10 4.22 -8.91
C MET A 69 8.99 5.31 -9.50
N VAL A 70 8.58 6.55 -9.38
CA VAL A 70 9.41 7.68 -9.94
C VAL A 70 9.92 8.54 -8.78
N GLY A 71 11.20 8.84 -8.78
CA GLY A 71 11.77 9.66 -7.67
C GLY A 71 11.79 11.14 -8.06
N PRO A 72 12.47 11.96 -7.29
CA PRO A 72 12.58 13.42 -7.55
C PRO A 72 13.24 13.74 -8.91
N ASN A 73 12.77 14.76 -9.57
CA ASN A 73 13.36 15.14 -10.89
C ASN A 73 13.18 13.99 -11.91
N GLY A 74 13.86 12.89 -11.70
CA GLY A 74 13.73 11.75 -12.65
C GLY A 74 14.03 10.44 -11.92
N GLU A 75 14.88 9.63 -12.48
CA GLU A 75 15.25 8.32 -11.86
C GLU A 75 13.98 7.47 -11.67
N GLU A 76 13.95 6.31 -12.27
CA GLU A 76 12.76 5.42 -12.15
C GLU A 76 13.18 4.15 -11.40
N HIS A 77 12.47 3.79 -10.36
CA HIS A 77 12.82 2.57 -9.58
C HIS A 77 11.80 1.47 -9.85
N TRP A 78 12.26 0.27 -10.08
CA TRP A 78 11.33 -0.87 -10.36
C TRP A 78 11.28 -1.80 -9.16
N SER A 79 10.13 -2.39 -8.91
CA SER A 79 10.02 -3.32 -7.74
C SER A 79 8.91 -4.33 -8.01
N ILE A 80 8.98 -5.49 -7.42
CA ILE A 80 7.93 -6.53 -7.64
C ILE A 80 7.62 -7.24 -6.32
N CYS A 81 6.37 -7.61 -6.13
CA CYS A 81 5.95 -8.32 -4.89
C CYS A 81 5.19 -9.59 -5.27
N GLU A 82 5.35 -10.65 -4.51
CA GLU A 82 4.64 -11.93 -4.83
C GLU A 82 3.76 -12.34 -3.66
N TYR A 83 2.53 -12.67 -3.93
CA TYR A 83 1.60 -13.09 -2.85
C TYR A 83 1.86 -14.55 -2.46
N ALA A 84 1.86 -14.84 -1.19
CA ALA A 84 2.11 -16.24 -0.75
C ALA A 84 0.78 -16.99 -0.67
N ILE A 85 0.00 -16.73 0.36
CA ILE A 85 -1.31 -17.42 0.52
C ILE A 85 -2.41 -16.37 0.75
N ILE A 86 -3.49 -16.47 0.01
CA ILE A 86 -4.61 -15.48 0.15
C ILE A 86 -5.90 -16.21 0.53
N LYS A 87 -6.56 -15.75 1.56
CA LYS A 87 -7.84 -16.40 2.01
C LYS A 87 -8.99 -15.41 1.76
N PRO A 88 -10.20 -15.89 1.61
CA PRO A 88 -11.38 -15.01 1.37
C PRO A 88 -11.30 -13.69 2.14
N ILE A 89 -10.62 -12.72 1.60
CA ILE A 89 -10.47 -11.40 2.27
C ILE A 89 -10.19 -11.60 3.77
N GLU A 90 -8.95 -11.87 4.12
CA GLU A 90 -8.60 -12.05 5.56
C GLU A 90 -7.17 -11.55 5.80
N ARG A 91 -6.21 -12.45 5.85
CA ARG A 91 -4.80 -12.05 6.10
C ARG A 91 -3.88 -12.77 5.10
N PHE A 92 -2.83 -12.13 4.68
CA PHE A 92 -1.92 -12.79 3.69
C PHE A 92 -0.53 -12.15 3.76
N THR A 93 0.47 -12.85 3.28
CA THR A 93 1.86 -12.31 3.32
C THR A 93 2.53 -12.56 1.96
N GLY A 94 3.66 -11.95 1.75
CA GLY A 94 4.37 -12.15 0.45
C GLY A 94 5.82 -11.64 0.58
N LYS A 95 6.55 -11.66 -0.49
CA LYS A 95 7.97 -11.19 -0.45
C LYS A 95 8.17 -10.09 -1.49
N ASP A 96 8.87 -9.04 -1.14
CA ASP A 96 9.10 -7.91 -2.09
C ASP A 96 10.60 -7.68 -2.27
N GLY A 97 10.97 -7.00 -3.32
CA GLY A 97 12.42 -6.73 -3.56
C GLY A 97 12.57 -5.84 -4.79
N PHE A 98 13.65 -5.13 -4.89
CA PHE A 98 13.85 -4.22 -6.06
C PHE A 98 14.22 -5.05 -7.28
N THR A 99 13.73 -4.68 -8.44
CA THR A 99 14.04 -5.42 -9.70
C THR A 99 15.02 -4.61 -10.54
N ASP A 100 15.66 -5.24 -11.50
CA ASP A 100 16.63 -4.53 -12.38
C ASP A 100 15.95 -4.19 -13.71
N ALA A 101 14.65 -4.00 -13.68
CA ALA A 101 13.91 -3.66 -14.94
C ALA A 101 13.69 -4.94 -15.75
N SER A 102 14.49 -5.95 -15.51
CA SER A 102 14.32 -7.22 -16.28
C SER A 102 13.30 -8.11 -15.57
N GLY A 103 12.85 -7.70 -14.41
CA GLY A 103 11.85 -8.52 -13.65
C GLY A 103 12.58 -9.40 -12.62
N LYS A 104 13.87 -9.58 -12.79
CA LYS A 104 14.63 -10.41 -11.82
C LYS A 104 15.18 -9.53 -10.70
N LEU A 105 14.98 -9.94 -9.46
CA LEU A 105 15.46 -9.11 -8.30
C LEU A 105 16.71 -9.75 -7.67
N ASN A 106 17.07 -9.30 -6.50
CA ASN A 106 18.26 -9.85 -5.81
C ASN A 106 19.49 -9.68 -6.71
N THR A 107 19.40 -8.87 -7.71
CA THR A 107 20.57 -8.65 -8.62
C THR A 107 21.70 -8.02 -7.81
N GLU A 108 21.39 -7.01 -7.05
CA GLU A 108 22.43 -6.33 -6.22
C GLU A 108 21.79 -5.80 -4.93
N MET A 109 20.54 -5.43 -4.99
CA MET A 109 19.85 -4.92 -3.77
C MET A 109 19.34 -6.11 -2.94
N PRO A 110 19.28 -5.97 -1.64
CA PRO A 110 18.79 -7.06 -0.74
C PRO A 110 17.27 -7.27 -0.86
N ARG A 111 16.80 -8.43 -0.53
CA ARG A 111 15.33 -8.69 -0.61
C ARG A 111 14.62 -8.06 0.59
N SER A 112 13.35 -7.80 0.45
CA SER A 112 12.57 -7.18 1.58
C SER A 112 11.30 -7.99 1.82
N ASN A 113 10.81 -8.01 3.04
CA ASN A 113 9.58 -8.79 3.36
C ASN A 113 8.41 -7.82 3.57
N TRP A 114 7.22 -8.22 3.17
CA TRP A 114 6.03 -7.33 3.35
C TRP A 114 4.82 -8.18 3.74
N ASP A 115 4.50 -8.22 5.01
CA ASP A 115 3.33 -9.02 5.48
C ASP A 115 2.14 -8.08 5.69
N MET A 116 1.03 -8.33 5.03
CA MET A 116 -0.16 -7.45 5.17
C MET A 116 -1.19 -8.12 6.08
N ARG A 117 -1.72 -7.40 7.03
CA ARG A 117 -2.74 -7.96 7.96
C ARG A 117 -3.95 -7.04 7.97
N PHE A 118 -5.13 -7.57 7.73
CA PHE A 118 -6.37 -6.73 7.70
C PHE A 118 -7.29 -7.14 8.86
N ILE A 119 -7.87 -6.18 9.54
CA ILE A 119 -8.80 -6.48 10.67
C ILE A 119 -10.14 -5.81 10.41
N ASP A 120 -11.22 -6.53 10.51
CA ASP A 120 -12.56 -5.93 10.27
C ASP A 120 -13.13 -5.43 11.60
N LYS A 121 -13.23 -4.14 11.76
CA LYS A 121 -13.78 -3.57 13.04
C LYS A 121 -15.23 -3.14 12.83
N GLY A 122 -16.09 -4.08 12.50
CA GLY A 122 -17.52 -3.73 12.29
C GLY A 122 -17.68 -2.89 11.02
N GLU A 123 -18.43 -1.81 11.11
CA GLU A 123 -18.64 -0.94 9.93
C GLU A 123 -17.34 -0.20 9.60
N ILE A 124 -16.39 -0.25 10.50
CA ILE A 124 -15.09 0.46 10.26
C ILE A 124 -14.01 -0.59 9.96
N THR A 125 -13.12 -0.30 9.03
CA THR A 125 -12.05 -1.28 8.66
C THR A 125 -10.69 -0.73 9.07
N GLU A 126 -9.87 -1.54 9.70
CA GLU A 126 -8.52 -1.08 10.13
C GLU A 126 -7.46 -1.84 9.33
N VAL A 127 -6.41 -1.17 8.93
CA VAL A 127 -5.34 -1.84 8.12
C VAL A 127 -4.00 -1.75 8.86
N GLN A 128 -3.28 -2.84 8.93
CA GLN A 128 -1.96 -2.86 9.63
C GLN A 128 -0.88 -3.25 8.61
N TYR A 129 0.15 -2.44 8.49
CA TYR A 129 1.24 -2.75 7.52
C TYR A 129 2.49 -3.22 8.26
N HIS A 130 3.06 -4.32 7.83
CA HIS A 130 4.29 -4.86 8.47
C HIS A 130 5.36 -5.03 7.38
N ILE A 131 6.38 -4.20 7.41
CA ILE A 131 7.46 -4.31 6.36
C ILE A 131 8.83 -4.26 7.03
N SER A 132 9.80 -4.96 6.49
CA SER A 132 11.18 -4.96 7.07
C SER A 132 12.21 -4.80 5.95
N TYR A 133 13.26 -4.06 6.20
CA TYR A 133 14.32 -3.83 5.16
C TYR A 133 15.69 -4.15 5.76
N ASP A 134 16.57 -4.70 4.96
CA ASP A 134 17.94 -5.04 5.47
C ASP A 134 18.74 -3.76 5.68
N ASP A 135 18.32 -2.66 5.11
CA ASP A 135 19.06 -1.37 5.28
C ASP A 135 18.41 -0.54 6.37
N VAL A 136 19.00 -0.48 7.53
CA VAL A 136 18.43 0.31 8.64
C VAL A 136 18.48 1.80 8.29
N ALA A 137 19.58 2.26 7.78
CA ALA A 137 19.70 3.71 7.42
C ALA A 137 18.70 4.07 6.32
N GLN A 138 18.66 3.30 5.27
CA GLN A 138 17.72 3.60 4.16
C GLN A 138 16.28 3.37 4.65
N LEU A 139 16.10 2.49 5.58
CA LEU A 139 14.72 2.22 6.11
C LEU A 139 14.16 3.49 6.76
N GLU A 140 14.95 4.17 7.53
CA GLU A 140 14.45 5.40 8.21
C GLU A 140 14.22 6.51 7.19
N ALA A 141 15.12 6.71 6.28
CA ALA A 141 14.94 7.79 5.27
C ALA A 141 13.79 7.44 4.31
N THR A 142 13.69 6.22 3.90
CA THR A 142 12.59 5.83 2.97
C THR A 142 11.23 5.89 3.66
N ILE A 143 11.11 5.33 4.83
CA ILE A 143 9.80 5.35 5.54
C ILE A 143 9.45 6.77 5.99
N GLN A 144 10.39 7.51 6.48
CA GLN A 144 10.08 8.89 6.95
C GLN A 144 9.61 9.77 5.78
N MET A 145 10.37 9.83 4.73
CA MET A 145 9.97 10.68 3.57
C MET A 145 8.92 9.96 2.71
N GLY A 146 9.03 8.67 2.57
CA GLY A 146 8.05 7.92 1.72
C GLY A 146 6.64 8.07 2.27
N PHE A 147 6.41 7.66 3.50
CA PHE A 147 5.04 7.77 4.09
C PHE A 147 4.64 9.24 4.24
N LYS A 148 5.52 10.08 4.71
CA LYS A 148 5.16 11.52 4.90
C LYS A 148 4.59 12.11 3.61
N GLU A 149 5.37 12.14 2.56
CA GLU A 149 4.87 12.73 1.29
C GLU A 149 3.76 11.84 0.67
N GLY A 150 3.99 10.57 0.56
CA GLY A 150 2.98 9.67 -0.07
C GLY A 150 1.66 9.64 0.71
N ILE A 151 1.69 9.61 2.01
CA ILE A 151 0.40 9.52 2.79
C ILE A 151 -0.43 10.81 2.72
N THR A 152 0.21 11.93 2.87
CA THR A 152 -0.54 13.21 2.86
C THR A 152 -1.33 13.38 1.57
N MET A 153 -0.68 13.15 0.47
CA MET A 153 -1.33 13.35 -0.83
C MET A 153 -2.14 12.12 -1.22
N ALA A 154 -1.75 10.96 -0.81
CA ALA A 154 -2.61 9.81 -1.12
C ALA A 154 -3.89 10.09 -0.33
N MET A 155 -3.74 10.65 0.86
CA MET A 155 -4.91 10.97 1.72
C MET A 155 -5.82 12.02 1.06
N GLU A 156 -5.26 13.04 0.47
CA GLU A 156 -6.12 14.07 -0.16
C GLU A 156 -6.95 13.43 -1.27
N ASN A 157 -6.31 12.82 -2.23
CA ASN A 157 -7.06 12.18 -3.35
C ASN A 157 -7.89 11.01 -2.81
N LEU A 158 -7.33 10.23 -1.93
CA LEU A 158 -8.08 9.06 -1.37
C LEU A 158 -9.30 9.54 -0.58
N ASP A 159 -9.15 10.58 0.20
CA ASP A 159 -10.29 11.09 0.99
C ASP A 159 -11.45 11.48 0.07
N GLU A 160 -11.17 12.20 -0.98
CA GLU A 160 -12.25 12.61 -1.92
C GLU A 160 -12.82 11.36 -2.61
N LEU A 161 -11.97 10.42 -2.94
CA LEU A 161 -12.46 9.18 -3.62
C LEU A 161 -13.44 8.45 -2.71
N LEU A 162 -13.14 8.36 -1.44
CA LEU A 162 -14.04 7.65 -0.49
C LEU A 162 -15.39 8.37 -0.45
N VAL A 163 -15.38 9.67 -0.42
CA VAL A 163 -16.67 10.42 -0.39
C VAL A 163 -17.45 10.16 -1.68
N SER A 164 -16.78 10.23 -2.81
CA SER A 164 -17.47 10.00 -4.11
C SER A 164 -17.88 8.53 -4.23
N GLY A 165 -17.09 7.64 -3.69
CA GLY A 165 -17.43 6.19 -3.78
C GLY A 165 -18.76 5.90 -3.07
N LYS A 166 -18.99 6.52 -1.95
CA LYS A 166 -20.27 6.27 -1.22
C LYS A 166 -21.40 7.07 -1.86
N LYS A 167 -22.57 6.48 -1.94
CA LYS A 167 -23.73 7.19 -2.56
C LYS A 167 -25.03 6.66 -1.97
N LEU A 168 -26.13 6.93 -2.61
CA LEU A 168 -27.45 6.43 -2.11
C LEU A 168 -27.67 5.00 -2.62
N GLU A 169 -26.71 4.48 -3.34
CA GLU A 169 -26.85 3.09 -3.88
C GLU A 169 -27.42 2.16 -2.80
N HIS A 170 -26.62 1.81 -1.83
CA HIS A 170 -27.11 0.90 -0.75
C HIS A 170 -27.73 1.72 0.38
N HIS A 171 -29.02 1.61 0.56
CA HIS A 171 -29.70 2.38 1.64
C HIS A 171 -29.62 1.59 2.95
N HIS A 172 -30.62 0.80 3.25
CA HIS A 172 -30.62 0.00 4.51
C HIS A 172 -30.10 0.85 5.67
N HIS A 173 -28.87 0.63 6.07
CA HIS A 173 -28.28 1.41 7.19
C HIS A 173 -29.17 1.31 8.43
N HIS A 174 -28.71 0.62 9.44
CA HIS A 174 -29.53 0.47 10.69
C HIS A 174 -28.61 0.42 11.91
N HIS A 175 -29.09 0.85 13.04
CA HIS A 175 -28.25 0.83 14.27
C HIS A 175 -29.15 0.99 15.50
N MET A 1 -18.19 17.54 9.20
CA MET A 1 -18.10 17.37 7.72
C MET A 1 -17.06 16.30 7.40
N ARG A 2 -15.87 16.44 7.91
CA ARG A 2 -14.81 15.44 7.64
C ARG A 2 -15.05 14.16 8.44
N THR A 3 -14.66 13.03 7.90
CA THR A 3 -14.88 11.73 8.62
C THR A 3 -13.85 11.56 9.73
N ASP A 4 -14.09 10.65 10.63
CA ASP A 4 -13.13 10.41 11.75
C ASP A 4 -12.03 9.45 11.31
N LEU A 5 -10.94 9.97 10.79
CA LEU A 5 -9.81 9.10 10.35
C LEU A 5 -8.72 9.12 11.41
N ALA A 6 -8.29 7.96 11.88
CA ALA A 6 -7.23 7.92 12.93
C ALA A 6 -5.90 7.53 12.31
N LEU A 7 -4.88 8.32 12.51
CA LEU A 7 -3.54 8.00 11.95
C LEU A 7 -2.62 7.52 13.07
N ASP A 8 -1.93 6.43 12.85
CA ASP A 8 -1.01 5.89 13.88
C ASP A 8 0.26 5.41 13.20
N PHE A 9 1.40 5.77 13.74
CA PHE A 9 2.69 5.34 13.12
C PHE A 9 3.59 4.79 14.23
N SER A 10 4.14 3.62 14.02
CA SER A 10 5.03 3.01 15.05
C SER A 10 6.21 2.33 14.35
N VAL A 11 7.40 2.50 14.86
CA VAL A 11 8.60 1.88 14.23
C VAL A 11 9.31 1.00 15.27
N ASN A 12 9.63 -0.21 14.92
CA ASN A 12 10.34 -1.12 15.86
C ASN A 12 11.77 -1.34 15.36
N LYS A 13 12.68 -0.53 15.81
CA LYS A 13 14.10 -0.67 15.37
C LYS A 13 14.67 -2.01 15.86
N GLU A 14 14.32 -2.42 17.04
CA GLU A 14 14.85 -3.70 17.57
C GLU A 14 14.44 -4.86 16.66
N ASN A 15 13.23 -4.86 16.19
CA ASN A 15 12.78 -5.97 15.29
C ASN A 15 13.06 -5.57 13.84
N LYS A 16 13.58 -4.38 13.65
CA LYS A 16 13.89 -3.90 12.27
C LYS A 16 12.66 -4.07 11.38
N THR A 17 11.51 -3.66 11.85
CA THR A 17 10.26 -3.77 11.04
C THR A 17 9.47 -2.47 11.13
N ILE A 18 8.59 -2.23 10.19
CA ILE A 18 7.77 -0.99 10.20
C ILE A 18 6.32 -1.35 10.48
N THR A 19 5.72 -0.73 11.47
CA THR A 19 4.30 -1.02 11.83
C THR A 19 3.48 0.26 11.65
N ILE A 20 2.49 0.23 10.80
CA ILE A 20 1.63 1.42 10.57
C ILE A 20 0.17 1.01 10.66
N LYS A 21 -0.63 1.79 11.35
CA LYS A 21 -2.08 1.45 11.50
C LYS A 21 -2.92 2.70 11.18
N ARG A 22 -4.04 2.50 10.53
CA ARG A 22 -4.95 3.65 10.21
C ARG A 22 -6.40 3.17 10.38
N GLU A 23 -7.30 4.06 10.71
CA GLU A 23 -8.74 3.66 10.85
C GLU A 23 -9.56 4.43 9.83
N PHE A 24 -10.41 3.74 9.09
CA PHE A 24 -11.25 4.42 8.06
C PHE A 24 -12.71 4.03 8.26
N ALA A 25 -13.62 4.91 7.94
CA ALA A 25 -15.07 4.59 8.11
C ALA A 25 -15.56 3.78 6.92
N ALA A 26 -15.21 2.53 6.84
CA ALA A 26 -15.66 1.69 5.70
C ALA A 26 -15.61 0.21 6.10
N VAL A 27 -16.35 -0.62 5.43
CA VAL A 27 -16.38 -2.07 5.77
C VAL A 27 -15.34 -2.83 4.93
N ARG A 28 -15.25 -4.11 5.14
CA ARG A 28 -14.28 -4.94 4.36
C ARG A 28 -14.65 -4.92 2.88
N ALA A 29 -15.91 -4.94 2.56
CA ALA A 29 -16.34 -4.95 1.14
C ALA A 29 -15.73 -3.74 0.40
N ILE A 30 -15.92 -2.55 0.93
CA ILE A 30 -15.37 -1.34 0.26
C ILE A 30 -13.84 -1.38 0.28
N VAL A 31 -13.26 -1.75 1.39
CA VAL A 31 -11.78 -1.79 1.49
C VAL A 31 -11.22 -2.83 0.51
N TRP A 32 -11.81 -3.98 0.46
CA TRP A 32 -11.34 -5.04 -0.46
C TRP A 32 -11.48 -4.58 -1.91
N GLU A 33 -12.56 -3.91 -2.22
CA GLU A 33 -12.79 -3.44 -3.61
C GLU A 33 -11.65 -2.50 -4.03
N ALA A 34 -11.18 -1.68 -3.13
CA ALA A 34 -10.08 -0.75 -3.48
C ALA A 34 -8.77 -1.52 -3.62
N PHE A 35 -8.76 -2.78 -3.24
CA PHE A 35 -7.52 -3.60 -3.37
C PHE A 35 -7.61 -4.49 -4.61
N THR A 36 -8.79 -4.69 -5.12
CA THR A 36 -8.93 -5.55 -6.33
C THR A 36 -8.30 -4.86 -7.53
N ARG A 37 -8.40 -3.55 -7.60
CA ARG A 37 -7.81 -2.81 -8.75
C ARG A 37 -6.46 -2.20 -8.36
N ALA A 38 -5.44 -2.45 -9.14
CA ALA A 38 -4.10 -1.90 -8.85
C ALA A 38 -4.13 -0.38 -9.00
N GLU A 39 -4.90 0.11 -9.93
CA GLU A 39 -4.97 1.58 -10.14
C GLU A 39 -5.33 2.27 -8.82
N ILE A 40 -6.32 1.77 -8.13
CA ILE A 40 -6.71 2.37 -6.83
C ILE A 40 -5.55 2.22 -5.83
N LEU A 41 -4.94 1.07 -5.79
CA LEU A 41 -3.82 0.86 -4.84
C LEU A 41 -2.68 1.83 -5.17
N ASP A 42 -2.38 2.01 -6.42
CA ASP A 42 -1.28 2.93 -6.82
C ASP A 42 -1.69 4.38 -6.54
N GLN A 43 -2.97 4.64 -6.52
CA GLN A 43 -3.43 6.04 -6.26
C GLN A 43 -3.15 6.41 -4.81
N TRP A 44 -3.30 5.48 -3.90
CA TRP A 44 -3.02 5.77 -2.46
C TRP A 44 -2.33 4.57 -1.82
N TRP A 45 -1.07 4.71 -1.52
CA TRP A 45 -0.31 3.59 -0.88
C TRP A 45 1.11 4.06 -0.60
N ALA A 46 1.92 4.17 -1.63
CA ALA A 46 3.34 4.62 -1.45
C ALA A 46 3.51 6.05 -1.99
N PRO A 47 4.58 6.71 -1.61
CA PRO A 47 4.87 8.10 -2.07
C PRO A 47 5.16 8.14 -3.58
N LYS A 48 4.12 8.24 -4.39
CA LYS A 48 4.32 8.28 -5.87
C LYS A 48 3.14 9.00 -6.52
N PRO A 49 2.89 10.22 -6.12
CA PRO A 49 1.77 11.03 -6.69
C PRO A 49 2.04 11.42 -8.15
N TRP A 50 3.26 11.25 -8.59
CA TRP A 50 3.62 11.61 -9.98
C TRP A 50 2.82 10.76 -10.96
N LYS A 51 3.44 9.77 -11.57
CA LYS A 51 2.73 8.90 -12.55
C LYS A 51 3.08 7.44 -12.29
N ALA A 52 2.12 6.56 -12.44
CA ALA A 52 2.38 5.11 -12.21
C ALA A 52 1.85 4.31 -13.40
N LYS A 53 2.60 3.34 -13.87
CA LYS A 53 2.13 2.52 -15.03
C LYS A 53 2.31 1.05 -14.68
N THR A 54 1.22 0.35 -14.47
CA THR A 54 1.31 -1.09 -14.11
C THR A 54 1.68 -1.92 -15.33
N LYS A 55 2.75 -2.66 -15.25
CA LYS A 55 3.16 -3.51 -16.39
C LYS A 55 2.14 -4.62 -16.60
N SER A 56 1.76 -5.28 -15.54
CA SER A 56 0.78 -6.39 -15.66
C SER A 56 0.40 -6.86 -14.25
N MET A 57 -0.71 -7.53 -14.12
CA MET A 57 -1.15 -8.02 -12.78
C MET A 57 -1.64 -9.47 -12.89
N ASP A 58 -1.33 -10.27 -11.90
CA ASP A 58 -1.77 -11.70 -11.93
C ASP A 58 -2.17 -12.12 -10.51
N PHE A 59 -3.44 -12.26 -10.25
CA PHE A 59 -3.89 -12.66 -8.90
C PHE A 59 -3.79 -14.18 -8.75
N LYS A 60 -2.65 -14.74 -9.06
CA LYS A 60 -2.46 -16.22 -8.95
C LYS A 60 -1.41 -16.52 -7.89
N GLU A 61 -1.35 -17.73 -7.43
CA GLU A 61 -0.35 -18.10 -6.38
C GLU A 61 1.06 -17.81 -6.88
N GLY A 62 1.37 -18.18 -8.09
CA GLY A 62 2.73 -17.93 -8.65
C GLY A 62 2.70 -16.60 -9.41
N GLY A 63 1.61 -15.88 -9.31
CA GLY A 63 1.49 -14.59 -10.04
C GLY A 63 2.42 -13.53 -9.42
N THR A 64 2.75 -12.53 -10.20
CA THR A 64 3.64 -11.43 -9.68
C THR A 64 3.09 -10.09 -10.15
N TRP A 65 3.43 -9.03 -9.45
CA TRP A 65 2.94 -7.67 -9.83
C TRP A 65 4.14 -6.79 -10.16
N LEU A 66 4.30 -6.42 -11.41
CA LEU A 66 5.45 -5.56 -11.83
C LEU A 66 4.92 -4.17 -12.16
N TYR A 67 5.48 -3.15 -11.56
CA TYR A 67 5.01 -1.76 -11.85
C TYR A 67 6.21 -0.81 -11.90
N ALA A 68 6.09 0.26 -12.64
CA ALA A 68 7.20 1.24 -12.76
C ALA A 68 6.75 2.61 -12.25
N MET A 69 7.54 3.23 -11.42
CA MET A 69 7.20 4.57 -10.89
C MET A 69 7.93 5.64 -11.71
N VAL A 70 7.21 6.63 -12.20
CA VAL A 70 7.86 7.70 -13.01
C VAL A 70 7.73 9.04 -12.29
N GLY A 71 8.81 9.77 -12.19
CA GLY A 71 8.77 11.08 -11.49
C GLY A 71 8.40 12.19 -12.49
N PRO A 72 8.67 13.43 -12.14
CA PRO A 72 8.35 14.60 -13.02
C PRO A 72 9.36 14.76 -14.16
N ASN A 73 9.06 14.18 -15.30
CA ASN A 73 9.99 14.28 -16.45
C ASN A 73 11.36 13.75 -16.07
N GLY A 74 11.39 12.74 -15.23
CA GLY A 74 12.70 12.17 -14.82
C GLY A 74 12.53 11.32 -13.56
N GLU A 75 13.60 10.74 -13.08
CA GLU A 75 13.54 9.89 -11.86
C GLU A 75 12.58 8.72 -12.08
N GLU A 76 13.12 7.53 -12.23
CA GLU A 76 12.26 6.32 -12.43
C GLU A 76 12.69 5.21 -11.49
N HIS A 77 11.75 4.47 -10.96
CA HIS A 77 12.09 3.36 -10.03
C HIS A 77 11.15 2.18 -10.32
N TRP A 78 11.69 1.01 -10.45
CA TRP A 78 10.85 -0.20 -10.73
C TRP A 78 10.86 -1.14 -9.54
N SER A 79 9.80 -1.88 -9.35
CA SER A 79 9.74 -2.82 -8.20
C SER A 79 8.82 -3.99 -8.58
N ILE A 80 9.01 -5.13 -7.98
CA ILE A 80 8.15 -6.31 -8.31
C ILE A 80 7.79 -7.05 -7.02
N CYS A 81 6.57 -7.53 -6.94
CA CYS A 81 6.12 -8.26 -5.73
C CYS A 81 5.86 -9.73 -6.11
N GLU A 82 6.17 -10.65 -5.23
CA GLU A 82 5.96 -12.10 -5.55
C GLU A 82 4.89 -12.66 -4.61
N TYR A 83 3.81 -13.14 -5.16
CA TYR A 83 2.73 -13.70 -4.31
C TYR A 83 3.08 -15.12 -3.89
N ALA A 84 3.04 -15.39 -2.61
CA ALA A 84 3.38 -16.75 -2.10
C ALA A 84 2.11 -17.58 -2.00
N ILE A 85 1.24 -17.25 -1.07
CA ILE A 85 -0.04 -18.01 -0.89
C ILE A 85 -1.21 -17.03 -0.88
N ILE A 86 -2.24 -17.32 -1.64
CA ILE A 86 -3.41 -16.40 -1.67
C ILE A 86 -4.39 -16.79 -0.58
N LYS A 87 -4.76 -15.85 0.26
CA LYS A 87 -5.72 -16.14 1.36
C LYS A 87 -6.89 -15.16 1.29
N PRO A 88 -8.07 -15.55 1.74
CA PRO A 88 -9.29 -14.68 1.73
C PRO A 88 -9.02 -13.23 2.18
N ILE A 89 -10.07 -12.45 2.28
CA ILE A 89 -9.92 -11.03 2.71
C ILE A 89 -9.18 -10.96 4.05
N GLU A 90 -9.18 -12.03 4.79
CA GLU A 90 -8.49 -12.03 6.13
C GLU A 90 -7.13 -11.33 6.02
N ARG A 91 -6.08 -12.09 5.78
CA ARG A 91 -4.74 -11.46 5.67
C ARG A 91 -3.85 -12.31 4.74
N PHE A 92 -2.79 -11.75 4.23
CA PHE A 92 -1.89 -12.53 3.33
C PHE A 92 -0.48 -11.96 3.41
N THR A 93 0.48 -12.70 2.92
CA THR A 93 1.91 -12.24 2.97
C THR A 93 2.63 -12.66 1.70
N GLY A 94 3.71 -12.01 1.38
CA GLY A 94 4.47 -12.38 0.15
C GLY A 94 5.90 -11.86 0.25
N LYS A 95 6.55 -11.68 -0.87
CA LYS A 95 7.96 -11.17 -0.86
C LYS A 95 8.09 -10.04 -1.87
N ASP A 96 8.95 -9.09 -1.58
CA ASP A 96 9.16 -7.93 -2.51
C ASP A 96 10.59 -7.94 -3.01
N GLY A 97 10.79 -7.87 -4.31
CA GLY A 97 12.17 -7.91 -4.88
C GLY A 97 12.50 -6.59 -5.57
N PHE A 98 13.73 -6.15 -5.46
CA PHE A 98 14.12 -4.87 -6.11
C PHE A 98 14.31 -5.11 -7.61
N THR A 99 13.89 -4.16 -8.43
CA THR A 99 14.05 -4.33 -9.90
C THR A 99 14.34 -2.96 -10.54
N ASP A 100 15.09 -2.94 -11.59
CA ASP A 100 15.42 -1.64 -12.27
C ASP A 100 14.54 -1.46 -13.51
N ALA A 101 14.84 -0.48 -14.32
CA ALA A 101 14.04 -0.25 -15.55
C ALA A 101 14.13 -1.48 -16.46
N SER A 102 15.28 -2.08 -16.52
CA SER A 102 15.44 -3.30 -17.38
C SER A 102 15.14 -4.54 -16.54
N GLY A 103 14.87 -4.36 -15.27
CA GLY A 103 14.56 -5.52 -14.39
C GLY A 103 15.79 -6.42 -14.26
N LYS A 104 15.62 -7.71 -14.48
CA LYS A 104 16.76 -8.66 -14.36
C LYS A 104 17.36 -8.55 -12.95
N LEU A 105 16.65 -7.94 -12.04
CA LEU A 105 17.16 -7.80 -10.65
C LEU A 105 18.56 -7.18 -10.65
N ASN A 106 18.62 -5.87 -10.66
CA ASN A 106 19.94 -5.15 -10.67
C ASN A 106 20.06 -4.30 -9.40
N THR A 107 19.25 -3.29 -9.29
CA THR A 107 19.32 -2.40 -8.11
C THR A 107 19.11 -3.22 -6.83
N GLU A 108 20.01 -3.07 -5.89
CA GLU A 108 19.91 -3.80 -4.59
C GLU A 108 19.86 -5.31 -4.84
N MET A 109 19.35 -6.05 -3.87
CA MET A 109 19.27 -7.53 -4.00
C MET A 109 18.63 -8.13 -2.74
N PRO A 110 19.06 -7.69 -1.57
CA PRO A 110 18.51 -8.22 -0.28
C PRO A 110 16.98 -8.15 -0.22
N ARG A 111 16.31 -9.11 -0.80
CA ARG A 111 14.81 -9.09 -0.81
C ARG A 111 14.28 -8.69 0.57
N SER A 112 13.01 -8.35 0.64
CA SER A 112 12.40 -7.92 1.94
C SER A 112 11.01 -8.54 2.07
N ASN A 113 10.48 -8.57 3.27
CA ASN A 113 9.14 -9.17 3.49
C ASN A 113 8.10 -8.07 3.70
N TRP A 114 6.88 -8.31 3.27
CA TRP A 114 5.80 -7.31 3.44
C TRP A 114 4.48 -8.05 3.70
N ASP A 115 4.07 -8.11 4.94
CA ASP A 115 2.82 -8.84 5.30
C ASP A 115 1.68 -7.84 5.54
N MET A 116 0.57 -8.02 4.88
CA MET A 116 -0.59 -7.10 5.06
C MET A 116 -1.66 -7.77 5.90
N ARG A 117 -2.16 -7.10 6.91
CA ARG A 117 -3.21 -7.69 7.79
C ARG A 117 -4.40 -6.74 7.88
N PHE A 118 -5.60 -7.26 7.95
CA PHE A 118 -6.81 -6.39 8.04
C PHE A 118 -7.56 -6.69 9.33
N ILE A 119 -7.88 -5.67 10.10
CA ILE A 119 -8.61 -5.87 11.38
C ILE A 119 -9.96 -5.14 11.30
N ASP A 120 -11.03 -5.83 11.60
CA ASP A 120 -12.38 -5.18 11.55
C ASP A 120 -12.82 -4.79 12.96
N LYS A 121 -13.06 -3.51 13.17
CA LYS A 121 -13.50 -3.04 14.52
C LYS A 121 -14.92 -2.46 14.41
N GLY A 122 -15.89 -3.32 14.35
CA GLY A 122 -17.31 -2.85 14.26
C GLY A 122 -17.56 -2.10 12.94
N GLU A 123 -18.19 -0.96 13.03
CA GLU A 123 -18.50 -0.17 11.82
C GLU A 123 -17.24 0.53 11.32
N ILE A 124 -16.15 0.36 12.04
CA ILE A 124 -14.87 1.02 11.63
C ILE A 124 -13.84 -0.06 11.30
N THR A 125 -13.20 0.06 10.17
CA THR A 125 -12.19 -0.96 9.75
C THR A 125 -10.78 -0.39 9.92
N GLU A 126 -9.88 -1.17 10.46
CA GLU A 126 -8.48 -0.70 10.67
C GLU A 126 -7.55 -1.54 9.79
N VAL A 127 -6.55 -0.92 9.22
CA VAL A 127 -5.59 -1.66 8.33
C VAL A 127 -4.19 -1.56 8.93
N GLN A 128 -3.51 -2.68 9.01
CA GLN A 128 -2.13 -2.69 9.58
C GLN A 128 -1.13 -3.09 8.47
N TYR A 129 -0.16 -2.26 8.21
CA TYR A 129 0.84 -2.58 7.15
C TYR A 129 2.16 -2.96 7.82
N HIS A 130 2.73 -4.08 7.44
CA HIS A 130 4.03 -4.53 8.02
C HIS A 130 5.06 -4.62 6.91
N ILE A 131 6.03 -3.72 6.89
CA ILE A 131 7.07 -3.74 5.83
C ILE A 131 8.46 -3.68 6.46
N SER A 132 9.41 -4.37 5.88
CA SER A 132 10.80 -4.37 6.44
C SER A 132 11.78 -4.07 5.31
N TYR A 133 12.98 -3.63 5.66
CA TYR A 133 14.01 -3.32 4.62
C TYR A 133 15.35 -3.89 5.08
N ASP A 134 15.34 -4.63 6.15
CA ASP A 134 16.61 -5.24 6.67
C ASP A 134 17.71 -4.19 6.69
N ASP A 135 17.37 -2.93 6.66
CA ASP A 135 18.40 -1.85 6.69
C ASP A 135 17.92 -0.67 7.53
N VAL A 136 18.50 -0.48 8.67
CA VAL A 136 18.09 0.66 9.55
C VAL A 136 18.40 1.99 8.86
N ALA A 137 19.56 2.09 8.26
CA ALA A 137 19.95 3.36 7.58
C ALA A 137 18.89 3.71 6.53
N GLN A 138 18.56 2.78 5.68
CA GLN A 138 17.53 3.04 4.64
C GLN A 138 16.18 3.23 5.31
N LEU A 139 15.95 2.54 6.39
CA LEU A 139 14.64 2.66 7.09
C LEU A 139 14.46 4.09 7.61
N GLU A 140 15.50 4.67 8.15
CA GLU A 140 15.40 6.05 8.69
C GLU A 140 15.18 7.05 7.55
N ALA A 141 15.85 6.87 6.44
CA ALA A 141 15.70 7.82 5.31
C ALA A 141 14.33 7.65 4.64
N THR A 142 13.96 6.44 4.33
CA THR A 142 12.65 6.20 3.64
C THR A 142 11.49 6.54 4.60
N ILE A 143 11.62 6.23 5.85
CA ILE A 143 10.53 6.52 6.81
C ILE A 143 10.34 8.04 6.93
N GLN A 144 11.39 8.78 7.00
CA GLN A 144 11.25 10.26 7.14
C GLN A 144 10.51 10.84 5.92
N MET A 145 10.98 10.54 4.74
CA MET A 145 10.32 11.07 3.51
C MET A 145 9.01 10.32 3.25
N GLY A 146 9.02 9.03 3.45
CA GLY A 146 7.80 8.21 3.20
C GLY A 146 6.72 8.58 4.22
N PHE A 147 7.10 8.84 5.44
CA PHE A 147 6.09 9.20 6.47
C PHE A 147 5.43 10.53 6.10
N LYS A 148 6.21 11.52 5.79
CA LYS A 148 5.63 12.84 5.45
C LYS A 148 4.88 12.76 4.12
N GLU A 149 5.48 12.19 3.13
CA GLU A 149 4.81 12.10 1.80
C GLU A 149 3.72 11.04 1.83
N GLY A 150 3.98 9.93 2.43
CA GLY A 150 2.97 8.83 2.48
C GLY A 150 1.71 9.28 3.23
N ILE A 151 1.87 9.85 4.39
CA ILE A 151 0.66 10.29 5.16
C ILE A 151 -0.06 11.42 4.41
N THR A 152 0.68 12.35 3.89
CA THR A 152 0.03 13.49 3.16
C THR A 152 -0.64 12.99 1.87
N MET A 153 0.08 12.26 1.06
CA MET A 153 -0.51 11.77 -0.22
C MET A 153 -1.60 10.74 0.06
N ALA A 154 -1.39 9.85 0.99
CA ALA A 154 -2.41 8.81 1.28
C ALA A 154 -3.68 9.46 1.84
N MET A 155 -3.56 10.37 2.75
CA MET A 155 -4.76 11.02 3.33
C MET A 155 -5.52 11.78 2.23
N GLU A 156 -4.81 12.51 1.43
CA GLU A 156 -5.48 13.29 0.35
C GLU A 156 -5.98 12.35 -0.75
N ASN A 157 -5.14 11.46 -1.20
CA ASN A 157 -5.55 10.51 -2.27
C ASN A 157 -6.68 9.60 -1.77
N LEU A 158 -6.56 9.08 -0.58
CA LEU A 158 -7.61 8.17 -0.05
C LEU A 158 -8.92 8.95 0.12
N ASP A 159 -8.84 10.14 0.64
CA ASP A 159 -10.07 10.95 0.86
C ASP A 159 -10.73 11.25 -0.49
N GLU A 160 -9.94 11.53 -1.49
CA GLU A 160 -10.51 11.85 -2.83
C GLU A 160 -11.31 10.65 -3.35
N LEU A 161 -10.76 9.47 -3.23
CA LEU A 161 -11.47 8.26 -3.73
C LEU A 161 -12.75 8.06 -2.92
N LEU A 162 -12.69 8.23 -1.63
CA LEU A 162 -13.90 8.03 -0.80
C LEU A 162 -14.97 9.06 -1.17
N VAL A 163 -14.58 10.28 -1.38
CA VAL A 163 -15.57 11.33 -1.75
C VAL A 163 -16.13 11.03 -3.15
N SER A 164 -15.28 10.69 -4.06
CA SER A 164 -15.74 10.39 -5.44
C SER A 164 -16.74 9.22 -5.42
N GLY A 165 -16.44 8.21 -4.66
CA GLY A 165 -17.35 7.03 -4.59
C GLY A 165 -18.42 7.25 -3.52
N LYS A 166 -18.03 7.18 -2.28
CA LYS A 166 -19.01 7.36 -1.18
C LYS A 166 -19.71 8.72 -1.29
N LYS A 167 -20.79 8.88 -0.56
CA LYS A 167 -21.54 10.17 -0.58
C LYS A 167 -21.95 10.53 -2.01
N LEU A 168 -22.64 11.62 -2.17
CA LEU A 168 -23.09 12.04 -3.52
C LEU A 168 -21.92 12.63 -4.30
N GLU A 169 -21.85 12.33 -5.57
CA GLU A 169 -20.74 12.84 -6.42
C GLU A 169 -20.59 14.36 -6.26
N HIS A 170 -19.56 14.91 -6.83
CA HIS A 170 -19.33 16.38 -6.74
C HIS A 170 -20.45 17.11 -7.51
N HIS A 171 -20.90 16.54 -8.59
CA HIS A 171 -21.96 17.21 -9.40
C HIS A 171 -23.27 17.33 -8.60
N HIS A 172 -24.02 18.38 -8.84
CA HIS A 172 -25.31 18.58 -8.11
C HIS A 172 -25.08 18.44 -6.61
N HIS A 173 -24.66 19.50 -5.96
CA HIS A 173 -24.40 19.44 -4.50
C HIS A 173 -25.71 19.65 -3.72
N HIS A 174 -25.71 19.34 -2.46
CA HIS A 174 -26.94 19.52 -1.64
C HIS A 174 -27.32 21.00 -1.57
N HIS A 175 -26.36 21.86 -1.35
CA HIS A 175 -26.67 23.31 -1.26
C HIS A 175 -27.53 23.75 -2.45
N MET A 1 -9.41 13.93 20.13
CA MET A 1 -9.14 13.35 18.79
C MET A 1 -10.23 13.77 17.81
N ARG A 2 -10.41 15.05 17.65
CA ARG A 2 -11.45 15.57 16.72
C ARG A 2 -10.93 15.45 15.28
N THR A 3 -9.70 15.07 15.13
CA THR A 3 -9.11 14.95 13.76
C THR A 3 -9.70 13.73 13.04
N ASP A 4 -10.02 13.89 11.78
CA ASP A 4 -10.60 12.76 11.01
C ASP A 4 -9.56 11.67 10.77
N LEU A 5 -9.99 10.44 10.75
CA LEU A 5 -9.06 9.28 10.51
C LEU A 5 -8.03 9.20 11.63
N ALA A 6 -7.67 8.00 12.03
CA ALA A 6 -6.66 7.85 13.13
C ALA A 6 -5.31 7.49 12.53
N LEU A 7 -4.27 8.16 12.98
CA LEU A 7 -2.90 7.87 12.46
C LEU A 7 -2.01 7.37 13.59
N ASP A 8 -1.38 6.24 13.41
CA ASP A 8 -0.47 5.71 14.48
C ASP A 8 0.72 5.02 13.82
N PHE A 9 1.91 5.30 14.31
CA PHE A 9 3.13 4.66 13.72
C PHE A 9 4.05 4.20 14.84
N SER A 10 4.77 3.13 14.62
CA SER A 10 5.70 2.62 15.67
C SER A 10 6.92 1.99 14.99
N VAL A 11 8.08 2.16 15.56
CA VAL A 11 9.32 1.57 14.95
C VAL A 11 9.90 0.53 15.89
N ASN A 12 10.20 -0.64 15.38
CA ASN A 12 10.77 -1.72 16.23
C ASN A 12 12.22 -1.96 15.83
N LYS A 13 13.12 -1.25 16.46
CA LYS A 13 14.57 -1.40 16.14
C LYS A 13 15.03 -2.81 16.51
N GLU A 14 14.55 -3.32 17.62
CA GLU A 14 14.97 -4.68 18.06
C GLU A 14 14.73 -5.69 16.92
N ASN A 15 13.58 -5.65 16.32
CA ASN A 15 13.28 -6.59 15.21
C ASN A 15 13.55 -5.89 13.88
N LYS A 16 13.84 -4.62 13.92
CA LYS A 16 14.12 -3.84 12.68
C LYS A 16 12.96 -3.99 11.71
N THR A 17 11.78 -3.58 12.12
CA THR A 17 10.59 -3.67 11.22
C THR A 17 9.74 -2.41 11.35
N ILE A 18 8.83 -2.21 10.43
CA ILE A 18 7.95 -1.00 10.47
C ILE A 18 6.53 -1.43 10.82
N THR A 19 5.97 -0.84 11.85
CA THR A 19 4.57 -1.18 12.26
C THR A 19 3.73 0.09 12.17
N ILE A 20 2.70 0.08 11.37
CA ILE A 20 1.83 1.28 11.23
C ILE A 20 0.36 0.86 11.29
N LYS A 21 -0.41 1.53 12.11
CA LYS A 21 -1.86 1.20 12.24
C LYS A 21 -2.68 2.45 11.94
N ARG A 22 -3.75 2.30 11.20
CA ARG A 22 -4.60 3.49 10.87
C ARG A 22 -6.07 3.08 10.90
N GLU A 23 -6.94 4.02 11.16
CA GLU A 23 -8.40 3.74 11.22
C GLU A 23 -9.09 4.49 10.09
N PHE A 24 -9.94 3.83 9.34
CA PHE A 24 -10.65 4.49 8.21
C PHE A 24 -12.15 4.25 8.32
N ALA A 25 -12.93 5.22 7.96
CA ALA A 25 -14.41 5.07 8.03
C ALA A 25 -14.92 4.49 6.72
N ALA A 26 -14.67 3.22 6.47
CA ALA A 26 -15.15 2.60 5.20
C ALA A 26 -15.32 1.09 5.42
N VAL A 27 -16.15 0.48 4.62
CA VAL A 27 -16.38 -0.98 4.77
C VAL A 27 -15.20 -1.78 4.20
N ARG A 28 -15.07 -3.01 4.60
CA ARG A 28 -13.94 -3.86 4.11
C ARG A 28 -14.08 -4.06 2.59
N ALA A 29 -15.28 -4.19 2.11
CA ALA A 29 -15.49 -4.40 0.65
C ALA A 29 -14.78 -3.30 -0.15
N ILE A 30 -15.01 -2.06 0.18
CA ILE A 30 -14.35 -0.95 -0.56
C ILE A 30 -12.84 -1.01 -0.36
N VAL A 31 -12.40 -1.23 0.85
CA VAL A 31 -10.94 -1.27 1.13
C VAL A 31 -10.31 -2.44 0.39
N TRP A 32 -10.92 -3.60 0.44
CA TRP A 32 -10.35 -4.79 -0.25
C TRP A 32 -10.26 -4.51 -1.75
N GLU A 33 -11.26 -3.88 -2.31
CA GLU A 33 -11.24 -3.58 -3.76
C GLU A 33 -10.06 -2.66 -4.08
N ALA A 34 -9.73 -1.78 -3.17
CA ALA A 34 -8.60 -0.86 -3.42
C ALA A 34 -7.27 -1.60 -3.35
N PHE A 35 -7.28 -2.81 -2.83
CA PHE A 35 -6.02 -3.62 -2.73
C PHE A 35 -6.01 -4.71 -3.80
N THR A 36 -7.13 -4.91 -4.46
CA THR A 36 -7.17 -5.97 -5.52
C THR A 36 -7.02 -5.32 -6.89
N ARG A 37 -7.17 -4.01 -6.96
CA ARG A 37 -7.03 -3.30 -8.28
C ARG A 37 -5.78 -2.43 -8.27
N ALA A 38 -4.92 -2.63 -9.22
CA ALA A 38 -3.68 -1.82 -9.31
C ALA A 38 -4.02 -0.37 -9.66
N GLU A 39 -5.04 -0.17 -10.45
CA GLU A 39 -5.42 1.21 -10.85
C GLU A 39 -5.73 2.05 -9.61
N ILE A 40 -6.51 1.52 -8.70
CA ILE A 40 -6.83 2.30 -7.47
C ILE A 40 -5.54 2.52 -6.67
N LEU A 41 -4.74 1.51 -6.54
CA LEU A 41 -3.46 1.64 -5.78
C LEU A 41 -2.58 2.69 -6.46
N ASP A 42 -2.58 2.70 -7.76
CA ASP A 42 -1.75 3.68 -8.52
C ASP A 42 -2.18 5.11 -8.17
N GLN A 43 -3.45 5.33 -7.98
CA GLN A 43 -3.94 6.70 -7.65
C GLN A 43 -3.25 7.19 -6.38
N TRP A 44 -2.86 6.29 -5.50
CA TRP A 44 -2.18 6.71 -4.24
C TRP A 44 -1.13 5.67 -3.87
N TRP A 45 -1.17 5.19 -2.66
CA TRP A 45 -0.18 4.18 -2.18
C TRP A 45 1.19 4.82 -2.12
N ALA A 46 1.70 5.28 -3.23
CA ALA A 46 3.05 5.91 -3.25
C ALA A 46 2.88 7.44 -3.34
N PRO A 47 3.82 8.19 -2.82
CA PRO A 47 3.76 9.68 -2.86
C PRO A 47 3.91 10.26 -4.27
N LYS A 48 3.43 11.46 -4.47
CA LYS A 48 3.52 12.11 -5.80
C LYS A 48 3.21 11.12 -6.91
N PRO A 49 1.97 10.70 -7.00
CA PRO A 49 1.53 9.74 -8.04
C PRO A 49 1.26 10.45 -9.37
N TRP A 50 2.11 10.25 -10.35
CA TRP A 50 1.93 10.91 -11.67
C TRP A 50 1.33 9.91 -12.67
N LYS A 51 2.12 8.97 -13.12
CA LYS A 51 1.60 7.97 -14.10
C LYS A 51 2.09 6.58 -13.71
N ALA A 52 1.19 5.62 -13.68
CA ALA A 52 1.55 4.22 -13.32
C ALA A 52 1.22 3.31 -14.50
N LYS A 53 2.03 2.31 -14.73
CA LYS A 53 1.77 1.37 -15.88
C LYS A 53 2.00 -0.07 -15.41
N THR A 54 0.95 -0.81 -15.27
CA THR A 54 1.07 -2.23 -14.83
C THR A 54 1.58 -3.09 -15.99
N LYS A 55 2.64 -3.83 -15.77
CA LYS A 55 3.19 -4.69 -16.85
C LYS A 55 2.63 -6.10 -16.73
N SER A 56 2.05 -6.43 -15.59
CA SER A 56 1.47 -7.79 -15.43
C SER A 56 0.71 -7.90 -14.11
N MET A 57 -0.35 -8.66 -14.08
CA MET A 57 -1.12 -8.83 -12.82
C MET A 57 -1.92 -10.14 -12.89
N ASP A 58 -1.63 -11.05 -12.00
CA ASP A 58 -2.37 -12.36 -12.00
C ASP A 58 -2.25 -12.99 -10.62
N PHE A 59 -3.25 -12.86 -9.80
CA PHE A 59 -3.19 -13.45 -8.43
C PHE A 59 -3.36 -14.96 -8.49
N LYS A 60 -2.31 -15.70 -8.23
CA LYS A 60 -2.41 -17.18 -8.25
C LYS A 60 -1.16 -17.76 -7.57
N GLU A 61 -0.94 -17.41 -6.33
CA GLU A 61 0.24 -17.92 -5.57
C GLU A 61 1.54 -17.66 -6.34
N GLY A 62 1.87 -18.50 -7.28
CA GLY A 62 3.12 -18.29 -8.06
C GLY A 62 2.97 -17.05 -8.94
N GLY A 63 1.86 -16.38 -8.81
CA GLY A 63 1.62 -15.17 -9.63
C GLY A 63 2.69 -14.11 -9.36
N THR A 64 2.78 -13.13 -10.23
CA THR A 64 3.80 -12.05 -10.06
C THR A 64 3.12 -10.69 -10.18
N TRP A 65 3.77 -9.67 -9.68
CA TRP A 65 3.18 -8.30 -9.77
C TRP A 65 4.28 -7.35 -10.25
N LEU A 66 4.24 -6.97 -11.49
CA LEU A 66 5.27 -6.04 -12.05
C LEU A 66 4.62 -4.70 -12.42
N TYR A 67 5.15 -3.62 -11.92
CA TYR A 67 4.55 -2.29 -12.25
C TYR A 67 5.66 -1.24 -12.26
N ALA A 68 5.45 -0.15 -12.96
CA ALA A 68 6.49 0.92 -13.02
C ALA A 68 5.80 2.29 -12.92
N MET A 69 6.31 3.15 -12.09
CA MET A 69 5.71 4.52 -11.95
C MET A 69 6.63 5.55 -12.59
N VAL A 70 6.05 6.45 -13.35
CA VAL A 70 6.87 7.51 -14.03
C VAL A 70 6.52 8.87 -13.44
N GLY A 71 7.50 9.63 -13.05
CA GLY A 71 7.23 10.97 -12.46
C GLY A 71 8.43 11.42 -11.63
N PRO A 72 8.25 12.44 -10.84
CA PRO A 72 9.34 13.01 -9.96
C PRO A 72 9.96 11.93 -9.05
N ASN A 73 9.18 10.98 -8.63
CA ASN A 73 9.73 9.93 -7.72
C ASN A 73 10.82 9.12 -8.43
N GLY A 74 11.99 9.69 -8.56
CA GLY A 74 13.11 8.97 -9.23
C GLY A 74 12.80 8.78 -10.71
N GLU A 75 12.32 9.81 -11.37
CA GLU A 75 12.00 9.70 -12.83
C GLU A 75 11.26 8.39 -13.11
N GLU A 76 11.97 7.34 -13.40
CA GLU A 76 11.33 6.02 -13.68
C GLU A 76 11.59 5.08 -12.51
N HIS A 77 10.54 4.59 -11.90
CA HIS A 77 10.71 3.66 -10.73
C HIS A 77 10.13 2.30 -11.09
N TRP A 78 10.97 1.29 -11.09
CA TRP A 78 10.50 -0.09 -11.43
C TRP A 78 10.53 -0.96 -10.17
N SER A 79 9.53 -1.77 -9.98
CA SER A 79 9.51 -2.65 -8.77
C SER A 79 8.70 -3.91 -9.09
N ILE A 80 8.98 -4.99 -8.38
CA ILE A 80 8.24 -6.26 -8.64
C ILE A 80 7.93 -6.95 -7.31
N CYS A 81 6.72 -7.44 -7.17
CA CYS A 81 6.32 -8.13 -5.91
C CYS A 81 5.66 -9.46 -6.29
N GLU A 82 6.04 -10.53 -5.66
CA GLU A 82 5.45 -11.87 -5.99
C GLU A 82 4.47 -12.31 -4.90
N TYR A 83 3.44 -13.00 -5.28
CA TYR A 83 2.43 -13.47 -4.29
C TYR A 83 2.93 -14.74 -3.60
N ALA A 84 2.77 -14.82 -2.31
CA ALA A 84 3.23 -16.02 -1.55
C ALA A 84 2.02 -16.87 -1.17
N ILE A 85 1.20 -16.38 -0.28
CA ILE A 85 -0.01 -17.15 0.16
C ILE A 85 -1.26 -16.29 0.02
N ILE A 86 -2.31 -16.83 -0.56
CA ILE A 86 -3.57 -16.05 -0.74
C ILE A 86 -4.60 -16.52 0.29
N LYS A 87 -5.17 -15.59 1.02
CA LYS A 87 -6.19 -15.95 2.05
C LYS A 87 -7.33 -14.93 1.97
N PRO A 88 -8.49 -15.29 2.45
CA PRO A 88 -9.69 -14.39 2.42
C PRO A 88 -9.38 -13.01 3.04
N ILE A 89 -10.40 -12.25 3.32
CA ILE A 89 -10.20 -10.90 3.93
C ILE A 89 -9.69 -11.04 5.36
N GLU A 90 -8.85 -12.01 5.61
CA GLU A 90 -8.30 -12.22 6.98
C GLU A 90 -6.89 -11.65 7.04
N ARG A 91 -5.97 -12.24 6.30
CA ARG A 91 -4.57 -11.72 6.29
C ARG A 91 -3.92 -12.05 4.95
N PHE A 92 -3.00 -11.21 4.51
CA PHE A 92 -2.32 -11.44 3.19
C PHE A 92 -0.81 -11.37 3.39
N THR A 93 -0.07 -12.10 2.59
CA THR A 93 1.43 -12.09 2.71
C THR A 93 2.03 -11.95 1.31
N GLY A 94 3.26 -11.52 1.23
CA GLY A 94 3.89 -11.36 -0.10
C GLY A 94 5.33 -10.86 0.06
N LYS A 95 6.02 -10.64 -1.03
CA LYS A 95 7.43 -10.15 -0.94
C LYS A 95 7.64 -9.05 -1.98
N ASP A 96 8.40 -8.04 -1.64
CA ASP A 96 8.66 -6.91 -2.58
C ASP A 96 10.14 -6.93 -2.99
N GLY A 97 10.42 -7.03 -4.26
CA GLY A 97 11.83 -7.05 -4.74
C GLY A 97 12.13 -5.81 -5.57
N PHE A 98 13.29 -5.23 -5.40
CA PHE A 98 13.64 -4.02 -6.17
C PHE A 98 14.09 -4.40 -7.58
N THR A 99 13.78 -3.59 -8.56
CA THR A 99 14.18 -3.89 -9.96
C THR A 99 14.80 -2.64 -10.59
N ASP A 100 15.61 -2.83 -11.60
CA ASP A 100 16.27 -1.67 -12.29
C ASP A 100 15.84 -1.67 -13.76
N ALA A 101 14.56 -1.81 -14.01
CA ALA A 101 14.06 -1.83 -15.42
C ALA A 101 14.49 -3.14 -16.10
N SER A 102 15.37 -3.86 -15.48
CA SER A 102 15.83 -5.16 -16.07
C SER A 102 14.90 -6.27 -15.60
N GLY A 103 13.99 -5.96 -14.72
CA GLY A 103 13.03 -6.99 -14.24
C GLY A 103 13.66 -7.85 -13.15
N LYS A 104 12.85 -8.59 -12.44
CA LYS A 104 13.35 -9.49 -11.36
C LYS A 104 14.34 -8.75 -10.45
N LEU A 105 14.84 -9.42 -9.46
CA LEU A 105 15.79 -8.79 -8.52
C LEU A 105 17.19 -8.73 -9.14
N ASN A 106 17.80 -7.57 -9.11
CA ASN A 106 19.17 -7.42 -9.70
C ASN A 106 20.21 -7.50 -8.57
N THR A 107 20.33 -8.65 -7.96
CA THR A 107 21.33 -8.82 -6.86
C THR A 107 21.34 -7.60 -5.93
N GLU A 108 22.13 -6.61 -6.24
CA GLU A 108 22.22 -5.41 -5.37
C GLU A 108 20.83 -4.97 -4.91
N MET A 109 20.76 -4.44 -3.73
CA MET A 109 19.46 -3.97 -3.17
C MET A 109 18.57 -5.18 -2.89
N PRO A 110 18.82 -5.88 -1.80
CA PRO A 110 18.03 -7.08 -1.39
C PRO A 110 16.54 -6.79 -1.25
N ARG A 111 15.73 -7.75 -1.60
CA ARG A 111 14.25 -7.58 -1.52
C ARG A 111 13.81 -7.28 -0.09
N SER A 112 12.52 -7.29 0.14
CA SER A 112 11.99 -7.00 1.49
C SER A 112 10.63 -7.68 1.65
N ASN A 113 10.18 -7.82 2.88
CA ASN A 113 8.86 -8.48 3.13
C ASN A 113 7.80 -7.43 3.45
N TRP A 114 6.60 -7.66 3.02
CA TRP A 114 5.48 -6.71 3.30
C TRP A 114 4.23 -7.50 3.64
N ASP A 115 3.93 -7.63 4.91
CA ASP A 115 2.74 -8.41 5.33
C ASP A 115 1.58 -7.47 5.64
N MET A 116 0.45 -7.68 5.02
CA MET A 116 -0.73 -6.80 5.25
C MET A 116 -1.72 -7.50 6.18
N ARG A 117 -2.30 -6.77 7.10
CA ARG A 117 -3.28 -7.37 8.05
C ARG A 117 -4.57 -6.57 8.03
N PHE A 118 -5.70 -7.24 8.11
CA PHE A 118 -7.02 -6.53 8.08
C PHE A 118 -7.83 -6.96 9.30
N ILE A 119 -8.36 -6.01 10.04
CA ILE A 119 -9.19 -6.35 11.24
C ILE A 119 -10.56 -5.69 11.10
N ASP A 120 -11.60 -6.46 11.23
CA ASP A 120 -12.97 -5.89 11.10
C ASP A 120 -13.34 -5.14 12.38
N LYS A 121 -14.04 -4.04 12.24
CA LYS A 121 -14.45 -3.26 13.44
C LYS A 121 -15.82 -2.64 13.17
N GLY A 122 -16.81 -3.46 12.92
CA GLY A 122 -18.18 -2.94 12.67
C GLY A 122 -18.22 -2.10 11.38
N GLU A 123 -18.85 -0.96 11.45
CA GLU A 123 -18.93 -0.08 10.25
C GLU A 123 -17.59 0.60 10.03
N ILE A 124 -16.59 0.22 10.80
CA ILE A 124 -15.23 0.82 10.66
C ILE A 124 -14.24 -0.28 10.33
N THR A 125 -13.29 0.01 9.46
CA THR A 125 -12.27 -1.00 9.07
C THR A 125 -10.89 -0.50 9.46
N GLU A 126 -10.09 -1.34 10.06
CA GLU A 126 -8.72 -0.94 10.49
C GLU A 126 -7.70 -1.67 9.63
N VAL A 127 -6.71 -0.97 9.13
CA VAL A 127 -5.67 -1.62 8.28
C VAL A 127 -4.30 -1.37 8.88
N GLN A 128 -3.49 -2.40 8.97
CA GLN A 128 -2.12 -2.26 9.55
C GLN A 128 -1.09 -2.66 8.51
N TYR A 129 -0.07 -1.86 8.33
CA TYR A 129 0.98 -2.18 7.33
C TYR A 129 2.23 -2.67 8.04
N HIS A 130 2.77 -3.78 7.62
CA HIS A 130 4.01 -4.33 8.26
C HIS A 130 5.08 -4.53 7.20
N ILE A 131 6.10 -3.71 7.21
CA ILE A 131 7.19 -3.82 6.20
C ILE A 131 8.53 -3.81 6.93
N SER A 132 9.44 -4.67 6.55
CA SER A 132 10.77 -4.72 7.22
C SER A 132 11.87 -4.58 6.18
N TYR A 133 12.98 -4.00 6.57
CA TYR A 133 14.13 -3.82 5.63
C TYR A 133 15.42 -4.27 6.31
N ASP A 134 16.32 -4.85 5.55
CA ASP A 134 17.60 -5.32 6.14
C ASP A 134 18.51 -4.14 6.46
N ASP A 135 18.13 -2.95 6.04
CA ASP A 135 18.97 -1.73 6.31
C ASP A 135 18.24 -0.82 7.31
N VAL A 136 18.81 -0.64 8.47
CA VAL A 136 18.19 0.24 9.49
C VAL A 136 18.20 1.69 9.00
N ALA A 137 19.29 2.12 8.42
CA ALA A 137 19.38 3.52 7.93
C ALA A 137 18.25 3.77 6.92
N GLN A 138 18.05 2.86 6.00
CA GLN A 138 16.98 3.04 5.00
C GLN A 138 15.63 2.97 5.72
N LEU A 139 15.51 2.12 6.69
CA LEU A 139 14.23 1.99 7.43
C LEU A 139 13.90 3.30 8.15
N GLU A 140 14.87 3.90 8.78
CA GLU A 140 14.61 5.17 9.51
C GLU A 140 14.37 6.32 8.52
N ALA A 141 15.14 6.39 7.48
CA ALA A 141 14.96 7.50 6.49
C ALA A 141 13.63 7.34 5.76
N THR A 142 13.28 6.14 5.40
CA THR A 142 12.00 5.92 4.67
C THR A 142 10.80 6.32 5.54
N ILE A 143 10.80 5.95 6.79
CA ILE A 143 9.65 6.31 7.67
C ILE A 143 9.56 7.83 7.83
N GLN A 144 10.66 8.50 8.03
CA GLN A 144 10.63 9.98 8.21
C GLN A 144 10.11 10.67 6.94
N MET A 145 10.70 10.36 5.81
CA MET A 145 10.25 11.00 4.54
C MET A 145 8.90 10.41 4.12
N GLY A 146 8.73 9.13 4.29
CA GLY A 146 7.44 8.49 3.90
C GLY A 146 6.32 9.02 4.79
N PHE A 147 6.60 9.28 6.03
CA PHE A 147 5.55 9.81 6.94
C PHE A 147 5.09 11.20 6.49
N LYS A 148 6.03 12.09 6.26
CA LYS A 148 5.66 13.48 5.84
C LYS A 148 5.06 13.44 4.43
N GLU A 149 5.68 12.75 3.53
CA GLU A 149 5.17 12.69 2.14
C GLU A 149 3.93 11.79 2.08
N GLY A 150 3.95 10.72 2.81
CA GLY A 150 2.80 9.77 2.80
C GLY A 150 1.57 10.41 3.46
N ILE A 151 1.71 10.98 4.62
CA ILE A 151 0.52 11.58 5.30
C ILE A 151 -0.07 12.71 4.44
N THR A 152 0.75 13.57 3.89
CA THR A 152 0.20 14.68 3.07
C THR A 152 -0.49 14.13 1.82
N MET A 153 0.17 13.29 1.08
CA MET A 153 -0.42 12.73 -0.17
C MET A 153 -1.47 11.68 0.17
N ALA A 154 -1.06 10.61 0.80
CA ALA A 154 -2.01 9.52 1.14
C ALA A 154 -3.32 10.08 1.69
N MET A 155 -3.24 10.91 2.69
CA MET A 155 -4.49 11.47 3.29
C MET A 155 -5.27 12.26 2.24
N GLU A 156 -4.61 13.03 1.42
CA GLU A 156 -5.35 13.84 0.39
C GLU A 156 -5.96 12.92 -0.66
N ASN A 157 -5.16 12.12 -1.31
CA ASN A 157 -5.70 11.22 -2.37
C ASN A 157 -6.67 10.20 -1.76
N LEU A 158 -6.32 9.62 -0.65
CA LEU A 158 -7.20 8.61 -0.02
C LEU A 158 -8.55 9.23 0.33
N ASP A 159 -8.56 10.43 0.82
CA ASP A 159 -9.84 11.08 1.20
C ASP A 159 -10.73 11.19 -0.04
N GLU A 160 -10.17 11.55 -1.16
CA GLU A 160 -10.99 11.68 -2.40
C GLU A 160 -11.50 10.31 -2.83
N LEU A 161 -10.67 9.30 -2.77
CA LEU A 161 -11.10 7.94 -3.17
C LEU A 161 -12.21 7.43 -2.24
N LEU A 162 -12.09 7.69 -0.97
CA LEU A 162 -13.12 7.21 -0.02
C LEU A 162 -14.46 7.90 -0.34
N VAL A 163 -14.44 9.16 -0.65
CA VAL A 163 -15.71 9.87 -0.97
C VAL A 163 -16.34 9.22 -2.21
N SER A 164 -15.56 8.98 -3.24
CA SER A 164 -16.11 8.36 -4.46
C SER A 164 -16.37 6.87 -4.21
N GLY A 165 -15.72 6.30 -3.23
CA GLY A 165 -15.92 4.86 -2.93
C GLY A 165 -17.34 4.63 -2.40
N LYS A 166 -17.84 5.54 -1.62
CA LYS A 166 -19.22 5.36 -1.06
C LYS A 166 -20.24 5.35 -2.20
N LYS A 167 -20.79 4.20 -2.50
CA LYS A 167 -21.79 4.10 -3.59
C LYS A 167 -23.17 4.42 -3.04
N LEU A 168 -24.08 4.82 -3.92
CA LEU A 168 -25.47 5.18 -3.50
C LEU A 168 -25.44 6.37 -2.55
N GLU A 169 -24.79 6.24 -1.43
CA GLU A 169 -24.73 7.37 -0.46
C GLU A 169 -23.85 8.49 -1.04
N HIS A 170 -23.95 8.73 -2.32
CA HIS A 170 -23.13 9.80 -2.95
C HIS A 170 -23.51 11.15 -2.34
N HIS A 171 -24.77 11.39 -2.14
CA HIS A 171 -25.20 12.69 -1.55
C HIS A 171 -25.13 12.59 -0.02
N HIS A 172 -24.01 12.16 0.49
CA HIS A 172 -23.85 12.03 1.96
C HIS A 172 -23.96 13.42 2.61
N HIS A 173 -23.36 14.40 2.00
CA HIS A 173 -23.41 15.77 2.57
C HIS A 173 -24.77 16.42 2.29
N HIS A 174 -25.26 17.18 3.21
CA HIS A 174 -26.58 17.86 3.03
C HIS A 174 -26.51 18.81 1.83
N HIS A 175 -25.45 19.57 1.72
CA HIS A 175 -25.33 20.51 0.59
C HIS A 175 -25.00 19.75 -0.69
N MET A 1 -18.32 12.61 7.45
CA MET A 1 -17.62 11.67 8.36
C MET A 1 -16.12 11.80 8.14
N ARG A 2 -15.71 12.83 7.46
CA ARG A 2 -14.26 13.04 7.19
C ARG A 2 -13.56 13.57 8.43
N THR A 3 -12.25 13.58 8.40
CA THR A 3 -11.45 14.07 9.56
C THR A 3 -11.59 13.10 10.73
N ASP A 4 -12.46 12.12 10.59
CA ASP A 4 -12.63 11.12 11.68
C ASP A 4 -11.61 10.00 11.48
N LEU A 5 -10.81 10.10 10.45
CA LEU A 5 -9.79 9.03 10.17
C LEU A 5 -8.68 9.07 11.21
N ALA A 6 -8.23 7.92 11.65
CA ALA A 6 -7.14 7.87 12.69
C ALA A 6 -5.85 7.32 12.07
N LEU A 7 -4.84 8.14 12.00
CA LEU A 7 -3.54 7.70 11.41
C LEU A 7 -2.54 7.45 12.54
N ASP A 8 -1.82 6.37 12.45
CA ASP A 8 -0.83 6.03 13.49
C ASP A 8 0.31 5.23 12.88
N PHE A 9 1.54 5.57 13.22
CA PHE A 9 2.71 4.84 12.65
C PHE A 9 3.63 4.42 13.80
N SER A 10 4.30 3.30 13.65
CA SER A 10 5.21 2.83 14.74
C SER A 10 6.45 2.21 14.10
N VAL A 11 7.59 2.44 14.68
CA VAL A 11 8.86 1.88 14.14
C VAL A 11 9.54 1.04 15.22
N ASN A 12 9.96 -0.15 14.87
CA ASN A 12 10.64 -1.04 15.86
C ASN A 12 12.04 -1.41 15.33
N LYS A 13 13.01 -0.61 15.66
CA LYS A 13 14.41 -0.89 15.21
C LYS A 13 14.89 -2.19 15.84
N GLU A 14 14.53 -2.42 17.06
CA GLU A 14 14.97 -3.67 17.77
C GLU A 14 14.48 -4.89 16.99
N ASN A 15 13.28 -4.85 16.48
CA ASN A 15 12.74 -6.00 15.70
C ASN A 15 13.03 -5.77 14.21
N LYS A 16 13.80 -4.76 13.91
CA LYS A 16 14.14 -4.46 12.49
C LYS A 16 12.88 -4.53 11.61
N THR A 17 11.76 -4.15 12.16
CA THR A 17 10.48 -4.17 11.39
C THR A 17 9.71 -2.87 11.62
N ILE A 18 8.80 -2.57 10.73
CA ILE A 18 7.98 -1.32 10.86
C ILE A 18 6.50 -1.71 10.90
N THR A 19 5.78 -1.19 11.87
CA THR A 19 4.33 -1.50 11.99
C THR A 19 3.53 -0.21 11.89
N ILE A 20 2.59 -0.15 10.98
CA ILE A 20 1.74 1.07 10.80
C ILE A 20 0.27 0.70 10.94
N LYS A 21 -0.47 1.48 11.70
CA LYS A 21 -1.93 1.17 11.90
C LYS A 21 -2.78 2.31 11.34
N ARG A 22 -3.88 1.98 10.72
CA ARG A 22 -4.76 3.03 10.14
C ARG A 22 -6.22 2.62 10.34
N GLU A 23 -7.08 3.58 10.59
CA GLU A 23 -8.53 3.25 10.80
C GLU A 23 -9.37 4.07 9.82
N PHE A 24 -10.22 3.39 9.08
CA PHE A 24 -11.10 4.09 8.09
C PHE A 24 -12.55 3.65 8.32
N ALA A 25 -13.48 4.54 8.09
CA ALA A 25 -14.92 4.20 8.29
C ALA A 25 -15.49 3.63 6.98
N ALA A 26 -15.14 2.42 6.66
CA ALA A 26 -15.64 1.80 5.40
C ALA A 26 -15.71 0.28 5.57
N VAL A 27 -16.54 -0.36 4.78
CA VAL A 27 -16.69 -1.84 4.89
C VAL A 27 -15.49 -2.55 4.26
N ARG A 28 -15.26 -3.77 4.66
CA ARG A 28 -14.11 -4.56 4.10
C ARG A 28 -14.30 -4.78 2.60
N ALA A 29 -15.50 -5.01 2.18
CA ALA A 29 -15.76 -5.26 0.74
C ALA A 29 -15.15 -4.13 -0.12
N ILE A 30 -15.44 -2.91 0.23
CA ILE A 30 -14.88 -1.76 -0.55
C ILE A 30 -13.35 -1.73 -0.41
N VAL A 31 -12.85 -1.95 0.77
CA VAL A 31 -11.37 -1.91 0.99
C VAL A 31 -10.71 -3.04 0.17
N TRP A 32 -11.26 -4.21 0.22
CA TRP A 32 -10.68 -5.36 -0.54
C TRP A 32 -10.62 -5.02 -2.03
N GLU A 33 -11.62 -4.38 -2.54
CA GLU A 33 -11.63 -4.02 -4.00
C GLU A 33 -10.52 -3.00 -4.27
N ALA A 34 -10.31 -2.09 -3.37
CA ALA A 34 -9.24 -1.07 -3.57
C ALA A 34 -7.86 -1.70 -3.38
N PHE A 35 -7.82 -2.86 -2.79
CA PHE A 35 -6.50 -3.55 -2.57
C PHE A 35 -6.34 -4.68 -3.58
N THR A 36 -7.36 -4.94 -4.35
CA THR A 36 -7.27 -6.03 -5.37
C THR A 36 -7.03 -5.43 -6.75
N ARG A 37 -7.31 -4.15 -6.91
CA ARG A 37 -7.11 -3.49 -8.24
C ARG A 37 -5.85 -2.61 -8.21
N ALA A 38 -5.00 -2.79 -9.19
CA ALA A 38 -3.76 -1.98 -9.26
C ALA A 38 -4.11 -0.53 -9.61
N GLU A 39 -5.12 -0.34 -10.42
CA GLU A 39 -5.52 1.04 -10.81
C GLU A 39 -5.84 1.88 -9.56
N ILE A 40 -6.66 1.37 -8.70
CA ILE A 40 -7.00 2.12 -7.46
C ILE A 40 -5.75 2.29 -6.60
N LEU A 41 -4.96 1.25 -6.49
CA LEU A 41 -3.71 1.34 -5.68
C LEU A 41 -2.78 2.39 -6.28
N ASP A 42 -2.74 2.47 -7.58
CA ASP A 42 -1.84 3.46 -8.23
C ASP A 42 -2.26 4.88 -7.81
N GLN A 43 -3.53 5.12 -7.68
CA GLN A 43 -4.01 6.47 -7.27
C GLN A 43 -3.33 6.89 -5.96
N TRP A 44 -3.03 5.95 -5.11
CA TRP A 44 -2.35 6.31 -3.82
C TRP A 44 -1.46 5.14 -3.38
N TRP A 45 -0.17 5.34 -3.40
CA TRP A 45 0.77 4.26 -2.98
C TRP A 45 2.14 4.86 -2.74
N ALA A 46 2.81 5.25 -3.80
CA ALA A 46 4.17 5.86 -3.64
C ALA A 46 4.04 7.39 -3.61
N PRO A 47 5.03 8.06 -3.10
CA PRO A 47 5.04 9.54 -3.02
C PRO A 47 5.05 10.22 -4.39
N LYS A 48 4.46 11.38 -4.47
CA LYS A 48 4.38 12.13 -5.76
C LYS A 48 3.87 11.23 -6.88
N PRO A 49 2.67 10.70 -6.72
CA PRO A 49 2.04 9.80 -7.73
C PRO A 49 1.57 10.59 -8.97
N TRP A 50 2.44 11.37 -9.54
CA TRP A 50 2.06 12.17 -10.73
C TRP A 50 1.64 11.24 -11.88
N LYS A 51 2.39 10.20 -12.14
CA LYS A 51 2.02 9.29 -13.26
C LYS A 51 2.36 7.84 -12.89
N ALA A 52 1.38 6.98 -12.89
CA ALA A 52 1.61 5.55 -12.56
C ALA A 52 1.60 4.74 -13.84
N LYS A 53 2.35 3.65 -13.88
CA LYS A 53 2.39 2.81 -15.11
C LYS A 53 2.29 1.33 -14.72
N THR A 54 1.16 0.73 -14.98
CA THR A 54 0.97 -0.71 -14.65
C THR A 54 1.58 -1.58 -15.75
N LYS A 55 2.46 -2.46 -15.39
CA LYS A 55 3.11 -3.33 -16.40
C LYS A 55 2.32 -4.63 -16.55
N SER A 56 2.36 -5.47 -15.55
CA SER A 56 1.63 -6.78 -15.63
C SER A 56 0.88 -7.05 -14.33
N MET A 57 -0.23 -7.75 -14.43
CA MET A 57 -1.02 -8.08 -13.22
C MET A 57 -1.32 -9.58 -13.21
N ASP A 58 -0.88 -10.26 -12.19
CA ASP A 58 -1.13 -11.73 -12.09
C ASP A 58 -2.27 -11.96 -11.10
N PHE A 59 -2.03 -11.63 -9.85
CA PHE A 59 -3.07 -11.83 -8.80
C PHE A 59 -3.50 -13.30 -8.77
N LYS A 60 -2.61 -14.15 -8.34
CA LYS A 60 -2.93 -15.60 -8.27
C LYS A 60 -1.83 -16.32 -7.47
N GLU A 61 -2.08 -16.55 -6.20
CA GLU A 61 -1.09 -17.26 -5.34
C GLU A 61 0.35 -16.81 -5.67
N GLY A 62 1.08 -17.63 -6.38
CA GLY A 62 2.48 -17.28 -6.74
C GLY A 62 2.47 -16.11 -7.72
N GLY A 63 1.33 -15.51 -7.92
CA GLY A 63 1.22 -14.38 -8.88
C GLY A 63 2.02 -13.18 -8.37
N THR A 64 2.40 -12.30 -9.26
CA THR A 64 3.19 -11.09 -8.85
C THR A 64 2.60 -9.86 -9.54
N TRP A 65 2.87 -8.71 -8.99
CA TRP A 65 2.35 -7.45 -9.57
C TRP A 65 3.53 -6.52 -9.87
N LEU A 66 3.66 -6.11 -11.10
CA LEU A 66 4.79 -5.21 -11.49
C LEU A 66 4.23 -3.83 -11.82
N TYR A 67 4.77 -2.81 -11.20
CA TYR A 67 4.28 -1.43 -11.47
C TYR A 67 5.43 -0.44 -11.33
N ALA A 68 5.32 0.70 -11.95
CA ALA A 68 6.40 1.74 -11.86
C ALA A 68 5.77 3.10 -11.61
N MET A 69 6.15 3.75 -10.54
CA MET A 69 5.59 5.08 -10.22
C MET A 69 6.54 6.16 -10.73
N VAL A 70 6.02 7.14 -11.42
CA VAL A 70 6.88 8.23 -11.96
C VAL A 70 6.49 9.56 -11.32
N GLY A 71 7.46 10.28 -10.83
CA GLY A 71 7.20 11.59 -10.19
C GLY A 71 7.60 12.71 -11.14
N PRO A 72 7.39 13.94 -10.75
CA PRO A 72 7.74 15.12 -11.57
C PRO A 72 9.26 15.23 -11.83
N ASN A 73 9.62 15.77 -12.95
CA ASN A 73 11.07 15.92 -13.30
C ASN A 73 11.78 14.58 -13.22
N GLY A 74 13.08 14.60 -13.26
CA GLY A 74 13.87 13.34 -13.21
C GLY A 74 13.52 12.54 -11.96
N GLU A 75 12.63 11.61 -12.07
CA GLU A 75 12.25 10.79 -10.89
C GLU A 75 11.57 9.51 -11.37
N GLU A 76 12.20 8.39 -11.16
CA GLU A 76 11.62 7.08 -11.60
C GLU A 76 11.64 6.11 -10.42
N HIS A 77 10.61 5.31 -10.29
CA HIS A 77 10.55 4.33 -9.17
C HIS A 77 9.94 3.02 -9.68
N TRP A 78 10.71 1.97 -9.66
CA TRP A 78 10.21 0.64 -10.14
C TRP A 78 10.17 -0.33 -8.96
N SER A 79 9.15 -1.14 -8.88
CA SER A 79 9.06 -2.11 -7.76
C SER A 79 8.14 -3.27 -8.16
N ILE A 80 8.24 -4.37 -7.46
CA ILE A 80 7.38 -5.55 -7.79
C ILE A 80 6.90 -6.20 -6.50
N CYS A 81 5.64 -6.53 -6.42
CA CYS A 81 5.08 -7.17 -5.19
C CYS A 81 4.82 -8.65 -5.47
N GLU A 82 5.01 -9.48 -4.47
CA GLU A 82 4.78 -10.94 -4.64
C GLU A 82 3.72 -11.41 -3.64
N TYR A 83 2.67 -11.99 -4.13
CA TYR A 83 1.58 -12.48 -3.23
C TYR A 83 1.94 -13.86 -2.68
N ALA A 84 1.63 -14.09 -1.42
CA ALA A 84 1.94 -15.41 -0.81
C ALA A 84 0.76 -15.86 0.07
N ILE A 85 0.31 -17.06 -0.12
CA ILE A 85 -0.83 -17.58 0.68
C ILE A 85 -1.98 -16.58 0.68
N ILE A 86 -2.97 -16.81 -0.14
CA ILE A 86 -4.13 -15.87 -0.21
C ILE A 86 -5.36 -16.51 0.43
N LYS A 87 -5.97 -15.79 1.34
CA LYS A 87 -7.18 -16.32 2.02
C LYS A 87 -8.18 -15.17 2.20
N PRO A 88 -9.46 -15.47 2.29
CA PRO A 88 -10.53 -14.45 2.47
C PRO A 88 -10.14 -13.32 3.43
N ILE A 89 -10.93 -12.26 3.43
CA ILE A 89 -10.65 -11.08 4.32
C ILE A 89 -10.23 -11.53 5.73
N GLU A 90 -8.98 -11.87 5.89
CA GLU A 90 -8.46 -12.32 7.21
C GLU A 90 -7.00 -11.91 7.33
N ARG A 91 -6.13 -12.63 6.67
CA ARG A 91 -4.67 -12.31 6.73
C ARG A 91 -4.02 -12.59 5.38
N PHE A 92 -3.07 -11.78 4.99
CA PHE A 92 -2.38 -11.99 3.68
C PHE A 92 -0.87 -11.89 3.87
N THR A 93 -0.12 -12.60 3.07
CA THR A 93 1.38 -12.57 3.19
C THR A 93 2.00 -12.40 1.81
N GLY A 94 3.21 -11.90 1.77
CA GLY A 94 3.89 -11.69 0.46
C GLY A 94 5.29 -11.11 0.69
N LYS A 95 6.01 -10.85 -0.37
CA LYS A 95 7.39 -10.28 -0.23
C LYS A 95 7.55 -9.12 -1.21
N ASP A 96 8.19 -8.06 -0.80
CA ASP A 96 8.39 -6.88 -1.68
C ASP A 96 9.86 -6.78 -2.10
N GLY A 97 10.10 -6.82 -3.39
CA GLY A 97 11.51 -6.74 -3.91
C GLY A 97 11.67 -5.47 -4.74
N PHE A 98 12.80 -4.82 -4.61
CA PHE A 98 13.04 -3.57 -5.37
C PHE A 98 13.48 -3.91 -6.79
N THR A 99 13.13 -3.10 -7.75
CA THR A 99 13.50 -3.37 -9.17
C THR A 99 14.09 -2.11 -9.80
N ASP A 100 14.85 -2.30 -10.85
CA ASP A 100 15.49 -1.14 -11.55
C ASP A 100 14.57 -0.63 -12.66
N ALA A 101 15.11 0.17 -13.54
CA ALA A 101 14.29 0.70 -14.67
C ALA A 101 14.04 -0.41 -15.69
N SER A 102 14.70 -1.52 -15.52
CA SER A 102 14.51 -2.65 -16.46
C SER A 102 13.26 -3.43 -16.06
N GLY A 103 12.65 -3.04 -14.96
CA GLY A 103 11.42 -3.73 -14.49
C GLY A 103 11.77 -5.10 -13.91
N LYS A 104 12.79 -5.73 -14.43
CA LYS A 104 13.18 -7.07 -13.92
C LYS A 104 14.04 -6.93 -12.65
N LEU A 105 13.87 -7.83 -11.73
CA LEU A 105 14.64 -7.77 -10.48
C LEU A 105 16.06 -8.31 -10.71
N ASN A 106 17.03 -7.42 -10.77
CA ASN A 106 18.45 -7.83 -11.00
C ASN A 106 19.32 -7.22 -9.88
N THR A 107 18.77 -6.30 -9.12
CA THR A 107 19.56 -5.66 -8.03
C THR A 107 19.87 -6.67 -6.92
N GLU A 108 21.12 -6.75 -6.54
CA GLU A 108 21.54 -7.70 -5.47
C GLU A 108 21.14 -7.11 -4.10
N MET A 109 20.02 -6.42 -4.04
CA MET A 109 19.58 -5.82 -2.75
C MET A 109 18.78 -6.85 -1.95
N PRO A 110 18.79 -6.75 -0.65
CA PRO A 110 18.05 -7.69 0.25
C PRO A 110 16.53 -7.62 0.03
N ARG A 111 15.87 -8.73 0.20
CA ARG A 111 14.39 -8.76 0.00
C ARG A 111 13.67 -8.38 1.30
N SER A 112 12.43 -7.98 1.19
CA SER A 112 11.64 -7.58 2.38
C SER A 112 10.36 -8.42 2.44
N ASN A 113 9.85 -8.65 3.63
CA ASN A 113 8.60 -9.47 3.78
C ASN A 113 7.40 -8.55 3.95
N TRP A 114 6.50 -8.56 3.00
CA TRP A 114 5.30 -7.68 3.09
C TRP A 114 4.14 -8.49 3.70
N ASP A 115 3.85 -8.25 4.95
CA ASP A 115 2.74 -8.99 5.63
C ASP A 115 1.70 -7.99 6.11
N MET A 116 0.46 -8.20 5.73
CA MET A 116 -0.64 -7.27 6.14
C MET A 116 -1.68 -8.03 6.95
N ARG A 117 -2.29 -7.37 7.90
CA ARG A 117 -3.34 -8.02 8.75
C ARG A 117 -4.59 -7.15 8.71
N PHE A 118 -5.72 -7.78 8.48
CA PHE A 118 -7.01 -7.02 8.42
C PHE A 118 -7.86 -7.35 9.64
N ILE A 119 -8.19 -6.36 10.42
CA ILE A 119 -9.02 -6.59 11.65
C ILE A 119 -10.44 -6.06 11.41
N ASP A 120 -11.42 -6.90 11.64
CA ASP A 120 -12.84 -6.48 11.43
C ASP A 120 -13.41 -5.90 12.73
N LYS A 121 -14.07 -4.77 12.64
CA LYS A 121 -14.66 -4.13 13.85
C LYS A 121 -15.98 -3.47 13.47
N GLY A 122 -16.98 -4.27 13.13
CA GLY A 122 -18.32 -3.73 12.77
C GLY A 122 -18.29 -2.88 11.49
N GLU A 123 -18.92 -1.72 11.53
CA GLU A 123 -18.95 -0.84 10.34
C GLU A 123 -17.65 -0.06 10.25
N ILE A 124 -16.65 -0.50 10.98
CA ILE A 124 -15.32 0.17 10.96
C ILE A 124 -14.26 -0.89 10.64
N THR A 125 -13.37 -0.57 9.73
CA THR A 125 -12.31 -1.56 9.34
C THR A 125 -10.94 -0.98 9.64
N GLU A 126 -10.10 -1.75 10.28
CA GLU A 126 -8.72 -1.27 10.62
C GLU A 126 -7.71 -2.15 9.90
N VAL A 127 -6.72 -1.53 9.30
CA VAL A 127 -5.68 -2.31 8.56
C VAL A 127 -4.32 -2.08 9.20
N GLN A 128 -3.59 -3.14 9.42
CA GLN A 128 -2.24 -3.05 10.04
C GLN A 128 -1.20 -3.54 9.03
N TYR A 129 -0.15 -2.79 8.83
CA TYR A 129 0.91 -3.18 7.85
C TYR A 129 2.15 -3.65 8.59
N HIS A 130 2.77 -4.69 8.10
CA HIS A 130 4.02 -5.21 8.74
C HIS A 130 5.04 -5.49 7.64
N ILE A 131 6.05 -4.65 7.53
CA ILE A 131 7.08 -4.83 6.48
C ILE A 131 8.47 -4.91 7.12
N SER A 132 9.23 -5.92 6.77
CA SER A 132 10.59 -6.08 7.34
C SER A 132 11.61 -5.33 6.48
N TYR A 133 12.76 -5.05 7.03
CA TYR A 133 13.81 -4.33 6.24
C TYR A 133 15.21 -4.78 6.68
N ASP A 134 16.09 -4.94 5.74
CA ASP A 134 17.49 -5.37 6.04
C ASP A 134 18.39 -4.14 6.14
N ASP A 135 18.07 -3.08 5.45
CA ASP A 135 18.93 -1.85 5.48
C ASP A 135 18.36 -0.83 6.48
N VAL A 136 18.99 -0.72 7.62
CA VAL A 136 18.54 0.27 8.65
C VAL A 136 18.79 1.70 8.17
N ALA A 137 19.94 1.95 7.60
CA ALA A 137 20.27 3.32 7.11
C ALA A 137 19.23 3.78 6.09
N GLN A 138 18.95 2.96 5.12
CA GLN A 138 17.94 3.34 4.09
C GLN A 138 16.56 3.38 4.73
N LEU A 139 16.33 2.55 5.70
CA LEU A 139 15.01 2.53 6.38
C LEU A 139 14.73 3.88 7.05
N GLU A 140 15.71 4.44 7.70
CA GLU A 140 15.51 5.75 8.39
C GLU A 140 15.32 6.87 7.36
N ALA A 141 16.22 6.98 6.42
CA ALA A 141 16.11 8.07 5.39
C ALA A 141 14.87 7.87 4.52
N THR A 142 14.63 6.66 4.09
CA THR A 142 13.45 6.38 3.23
C THR A 142 12.15 6.67 4.00
N ILE A 143 12.07 6.24 5.21
CA ILE A 143 10.84 6.47 6.03
C ILE A 143 10.65 7.96 6.29
N GLN A 144 11.70 8.65 6.61
CA GLN A 144 11.55 10.11 6.92
C GLN A 144 10.93 10.83 5.72
N MET A 145 11.47 10.65 4.56
CA MET A 145 10.92 11.32 3.34
C MET A 145 9.69 10.56 2.85
N GLY A 146 9.74 9.27 2.88
CA GLY A 146 8.60 8.44 2.41
C GLY A 146 7.38 8.67 3.31
N PHE A 147 7.61 8.76 4.59
CA PHE A 147 6.47 8.99 5.53
C PHE A 147 5.88 10.38 5.29
N LYS A 148 6.72 11.38 5.22
CA LYS A 148 6.20 12.76 5.01
C LYS A 148 5.54 12.89 3.62
N GLU A 149 6.20 12.43 2.60
CA GLU A 149 5.62 12.53 1.23
C GLU A 149 4.52 11.47 1.05
N GLY A 150 4.73 10.30 1.57
CA GLY A 150 3.72 9.21 1.42
C GLY A 150 2.43 9.56 2.16
N ILE A 151 2.52 9.98 3.38
CA ILE A 151 1.29 10.31 4.16
C ILE A 151 0.58 11.52 3.55
N THR A 152 1.31 12.51 3.13
CA THR A 152 0.67 13.71 2.52
C THR A 152 -0.08 13.32 1.24
N MET A 153 0.58 12.64 0.35
CA MET A 153 -0.09 12.23 -0.93
C MET A 153 -1.12 11.13 -0.65
N ALA A 154 -0.78 10.21 0.20
CA ALA A 154 -1.74 9.09 0.52
C ALA A 154 -2.98 9.65 1.21
N MET A 155 -2.80 10.50 2.18
CA MET A 155 -3.97 11.07 2.90
C MET A 155 -4.82 11.91 1.94
N GLU A 156 -4.19 12.73 1.16
CA GLU A 156 -4.94 13.59 0.20
C GLU A 156 -5.55 12.74 -0.93
N ASN A 157 -4.76 11.88 -1.52
CA ASN A 157 -5.28 11.02 -2.63
C ASN A 157 -6.35 10.07 -2.10
N LEU A 158 -6.13 9.49 -0.95
CA LEU A 158 -7.15 8.54 -0.39
C LEU A 158 -8.43 9.29 -0.07
N ASP A 159 -8.31 10.47 0.48
CA ASP A 159 -9.52 11.27 0.82
C ASP A 159 -10.32 11.53 -0.47
N GLU A 160 -9.65 11.93 -1.51
CA GLU A 160 -10.35 12.18 -2.80
C GLU A 160 -10.88 10.86 -3.37
N LEU A 161 -10.14 9.80 -3.19
CA LEU A 161 -10.59 8.48 -3.71
C LEU A 161 -11.89 8.07 -3.02
N LEU A 162 -11.96 8.23 -1.73
CA LEU A 162 -13.19 7.85 -0.98
C LEU A 162 -14.37 8.72 -1.44
N VAL A 163 -14.13 9.98 -1.63
CA VAL A 163 -15.21 10.91 -2.08
C VAL A 163 -15.69 10.50 -3.47
N SER A 164 -14.77 10.23 -4.35
CA SER A 164 -15.14 9.82 -5.74
C SER A 164 -15.52 8.33 -5.75
N GLY A 165 -15.32 7.67 -4.65
CA GLY A 165 -15.64 6.22 -4.57
C GLY A 165 -17.11 6.01 -4.17
N LYS A 166 -17.44 6.35 -2.94
CA LYS A 166 -18.85 6.17 -2.48
C LYS A 166 -19.81 7.05 -3.29
N LYS A 167 -20.89 6.48 -3.75
CA LYS A 167 -21.88 7.25 -4.56
C LYS A 167 -22.97 7.83 -3.67
N LEU A 168 -23.47 8.99 -4.04
CA LEU A 168 -24.53 9.66 -3.25
C LEU A 168 -25.88 8.97 -3.47
N GLU A 169 -26.50 9.23 -4.59
CA GLU A 169 -27.83 8.62 -4.90
C GLU A 169 -27.84 8.01 -6.30
N HIS A 170 -28.68 8.51 -7.17
CA HIS A 170 -28.74 7.98 -8.56
C HIS A 170 -29.24 9.08 -9.50
N HIS A 171 -30.31 9.75 -9.12
CA HIS A 171 -30.88 10.84 -9.97
C HIS A 171 -31.29 10.28 -11.34
N HIS A 172 -30.32 9.92 -12.14
CA HIS A 172 -30.64 9.38 -13.50
C HIS A 172 -29.59 8.34 -13.92
N HIS A 173 -29.89 7.57 -14.93
CA HIS A 173 -28.93 6.52 -15.40
C HIS A 173 -27.73 7.16 -16.10
N HIS A 174 -26.55 6.67 -15.83
CA HIS A 174 -25.32 7.22 -16.45
C HIS A 174 -25.10 6.63 -17.84
N HIS A 175 -24.55 7.40 -18.73
CA HIS A 175 -24.29 6.90 -20.12
C HIS A 175 -23.09 5.96 -20.13
N MET A 1 -14.47 13.62 20.74
CA MET A 1 -15.45 12.78 20.01
C MET A 1 -14.97 12.60 18.57
N ARG A 2 -14.30 13.60 18.05
CA ARG A 2 -13.79 13.52 16.66
C ARG A 2 -12.69 12.47 16.55
N THR A 3 -12.78 11.65 15.55
CA THR A 3 -11.77 10.59 15.35
C THR A 3 -11.68 10.26 13.85
N ASP A 4 -12.80 10.01 13.23
CA ASP A 4 -12.81 9.69 11.77
C ASP A 4 -11.65 8.76 11.43
N LEU A 5 -10.58 9.32 10.94
CA LEU A 5 -9.39 8.49 10.56
C LEU A 5 -8.34 8.57 11.67
N ALA A 6 -7.91 7.43 12.14
CA ALA A 6 -6.89 7.39 13.24
C ALA A 6 -5.51 7.08 12.66
N LEU A 7 -4.59 7.96 12.88
CA LEU A 7 -3.20 7.77 12.38
C LEU A 7 -2.30 7.30 13.52
N ASP A 8 -1.62 6.20 13.32
CA ASP A 8 -0.71 5.67 14.39
C ASP A 8 0.44 4.89 13.74
N PHE A 9 1.63 5.43 13.83
CA PHE A 9 2.83 4.76 13.23
C PHE A 9 3.82 4.36 14.33
N SER A 10 4.40 3.22 14.19
CA SER A 10 5.39 2.73 15.20
C SER A 10 6.51 1.98 14.48
N VAL A 11 7.73 2.18 14.91
CA VAL A 11 8.90 1.51 14.27
C VAL A 11 9.67 0.68 15.30
N ASN A 12 9.96 -0.54 14.94
CA ASN A 12 10.72 -1.45 15.86
C ASN A 12 12.14 -1.64 15.32
N LYS A 13 13.06 -0.85 15.80
CA LYS A 13 14.48 -0.95 15.35
C LYS A 13 15.06 -2.29 15.80
N GLU A 14 14.73 -2.71 16.98
CA GLU A 14 15.25 -4.00 17.52
C GLU A 14 14.83 -5.15 16.62
N ASN A 15 13.62 -5.09 16.12
CA ASN A 15 13.12 -6.17 15.22
C ASN A 15 13.35 -5.76 13.77
N LYS A 16 14.04 -4.66 13.56
CA LYS A 16 14.32 -4.18 12.19
C LYS A 16 13.06 -4.31 11.32
N THR A 17 11.94 -3.98 11.89
CA THR A 17 10.65 -4.08 11.16
C THR A 17 9.83 -2.82 11.35
N ILE A 18 8.81 -2.65 10.56
CA ILE A 18 7.94 -1.44 10.66
C ILE A 18 6.52 -1.85 10.99
N THR A 19 5.97 -1.24 12.01
CA THR A 19 4.57 -1.55 12.43
C THR A 19 3.76 -0.27 12.38
N ILE A 20 2.82 -0.21 11.46
CA ILE A 20 1.96 1.00 11.32
C ILE A 20 0.49 0.62 11.44
N LYS A 21 -0.22 1.31 12.27
CA LYS A 21 -1.68 1.01 12.47
C LYS A 21 -2.50 2.22 12.03
N ARG A 22 -3.58 1.98 11.34
CA ARG A 22 -4.45 3.10 10.88
C ARG A 22 -5.91 2.65 10.89
N GLU A 23 -6.80 3.56 11.15
CA GLU A 23 -8.26 3.23 11.20
C GLU A 23 -8.98 3.95 10.08
N PHE A 24 -9.87 3.24 9.42
CA PHE A 24 -10.66 3.83 8.30
C PHE A 24 -12.15 3.64 8.57
N ALA A 25 -12.95 4.53 8.06
CA ALA A 25 -14.44 4.44 8.26
C ALA A 25 -15.08 3.84 7.02
N ALA A 26 -14.77 2.60 6.72
CA ALA A 26 -15.36 1.93 5.53
C ALA A 26 -15.33 0.41 5.73
N VAL A 27 -16.19 -0.28 5.03
CA VAL A 27 -16.25 -1.77 5.14
C VAL A 27 -15.09 -2.40 4.38
N ARG A 28 -14.82 -3.64 4.66
CA ARG A 28 -13.71 -4.36 3.98
C ARG A 28 -13.99 -4.43 2.48
N ALA A 29 -15.21 -4.68 2.10
CA ALA A 29 -15.55 -4.79 0.65
C ALA A 29 -15.02 -3.60 -0.13
N ILE A 30 -15.31 -2.41 0.32
CA ILE A 30 -14.83 -1.19 -0.41
C ILE A 30 -13.30 -1.12 -0.35
N VAL A 31 -12.74 -1.38 0.80
CA VAL A 31 -11.25 -1.31 0.94
C VAL A 31 -10.59 -2.37 0.04
N TRP A 32 -11.11 -3.56 0.05
CA TRP A 32 -10.55 -4.65 -0.79
C TRP A 32 -10.62 -4.26 -2.27
N GLU A 33 -11.71 -3.64 -2.66
CA GLU A 33 -11.89 -3.23 -4.07
C GLU A 33 -10.82 -2.20 -4.45
N ALA A 34 -10.47 -1.35 -3.53
CA ALA A 34 -9.43 -0.31 -3.82
C ALA A 34 -8.05 -0.92 -3.65
N PHE A 35 -7.98 -2.08 -3.08
CA PHE A 35 -6.67 -2.76 -2.86
C PHE A 35 -6.52 -3.90 -3.86
N THR A 36 -7.57 -4.27 -4.52
CA THR A 36 -7.50 -5.40 -5.51
C THR A 36 -7.32 -4.81 -6.92
N ARG A 37 -7.36 -3.51 -7.04
CA ARG A 37 -7.19 -2.87 -8.37
C ARG A 37 -5.94 -1.99 -8.35
N ALA A 38 -4.95 -2.38 -9.09
CA ALA A 38 -3.67 -1.61 -9.15
C ALA A 38 -3.97 -0.18 -9.60
N GLU A 39 -4.94 -0.01 -10.44
CA GLU A 39 -5.31 1.35 -10.93
C GLU A 39 -5.69 2.23 -9.74
N ILE A 40 -6.69 1.83 -9.02
CA ILE A 40 -7.14 2.62 -7.84
C ILE A 40 -6.06 2.62 -6.76
N LEU A 41 -5.44 1.49 -6.54
CA LEU A 41 -4.38 1.41 -5.48
C LEU A 41 -3.22 2.35 -5.81
N ASP A 42 -2.78 2.34 -7.04
CA ASP A 42 -1.64 3.22 -7.44
C ASP A 42 -2.12 4.67 -7.56
N GLN A 43 -3.40 4.86 -7.70
CA GLN A 43 -3.96 6.24 -7.85
C GLN A 43 -3.63 7.07 -6.61
N TRP A 44 -3.71 6.49 -5.45
CA TRP A 44 -3.39 7.25 -4.19
C TRP A 44 -2.04 6.76 -3.64
N TRP A 45 -1.67 5.55 -3.96
CA TRP A 45 -0.36 5.02 -3.47
C TRP A 45 0.75 5.46 -4.42
N ALA A 46 1.51 6.43 -4.03
CA ALA A 46 2.63 6.92 -4.89
C ALA A 46 3.10 8.28 -4.34
N PRO A 47 3.89 8.27 -3.30
CA PRO A 47 4.41 9.52 -2.67
C PRO A 47 5.58 10.10 -3.47
N LYS A 48 6.75 9.54 -3.31
CA LYS A 48 7.93 10.03 -4.05
C LYS A 48 7.59 10.18 -5.54
N PRO A 49 7.11 9.13 -6.17
CA PRO A 49 6.76 9.16 -7.62
C PRO A 49 5.47 9.96 -7.89
N TRP A 50 5.45 10.71 -8.96
CA TRP A 50 4.24 11.51 -9.32
C TRP A 50 3.44 10.75 -10.37
N LYS A 51 4.05 9.79 -11.01
CA LYS A 51 3.32 9.00 -12.06
C LYS A 51 3.60 7.51 -11.89
N ALA A 52 2.56 6.73 -11.87
CA ALA A 52 2.71 5.24 -11.70
C ALA A 52 2.16 4.53 -12.93
N LYS A 53 2.84 3.52 -13.38
CA LYS A 53 2.37 2.75 -14.57
C LYS A 53 2.48 1.25 -14.31
N THR A 54 1.36 0.59 -14.24
CA THR A 54 1.33 -0.87 -13.99
C THR A 54 1.64 -1.62 -15.29
N LYS A 55 2.57 -2.53 -15.24
CA LYS A 55 2.94 -3.32 -16.45
C LYS A 55 2.18 -4.65 -16.39
N SER A 56 1.91 -5.13 -15.20
CA SER A 56 1.17 -6.42 -15.06
C SER A 56 0.54 -6.50 -13.67
N MET A 57 -0.57 -7.17 -13.57
CA MET A 57 -1.25 -7.33 -12.25
C MET A 57 -2.14 -8.57 -12.30
N ASP A 58 -1.95 -9.46 -11.36
CA ASP A 58 -2.77 -10.70 -11.31
C ASP A 58 -2.97 -11.13 -9.85
N PHE A 59 -4.13 -10.90 -9.33
CA PHE A 59 -4.43 -11.28 -7.91
C PHE A 59 -4.83 -12.74 -7.86
N LYS A 60 -3.86 -13.62 -7.98
CA LYS A 60 -4.15 -15.09 -7.95
C LYS A 60 -3.04 -15.81 -7.19
N GLU A 61 -3.37 -16.94 -6.62
CA GLU A 61 -2.37 -17.72 -5.84
C GLU A 61 -1.05 -17.81 -6.59
N GLY A 62 0.01 -17.36 -5.96
CA GLY A 62 1.35 -17.40 -6.59
C GLY A 62 1.48 -16.26 -7.60
N GLY A 63 0.55 -15.36 -7.60
CA GLY A 63 0.57 -14.21 -8.55
C GLY A 63 1.62 -13.18 -8.14
N THR A 64 1.93 -12.28 -9.02
CA THR A 64 2.94 -11.22 -8.72
C THR A 64 2.45 -9.87 -9.23
N TRP A 65 3.01 -8.80 -8.72
CA TRP A 65 2.59 -7.44 -9.17
C TRP A 65 3.81 -6.65 -9.63
N LEU A 66 3.86 -6.37 -10.90
CA LEU A 66 4.99 -5.58 -11.48
C LEU A 66 4.50 -4.18 -11.82
N TYR A 67 5.18 -3.19 -11.30
CA TYR A 67 4.80 -1.78 -11.59
C TYR A 67 6.05 -0.92 -11.60
N ALA A 68 5.99 0.20 -12.28
CA ALA A 68 7.17 1.11 -12.38
C ALA A 68 6.84 2.44 -11.71
N MET A 69 7.71 2.89 -10.85
CA MET A 69 7.50 4.18 -10.13
C MET A 69 8.34 5.26 -10.80
N VAL A 70 7.73 6.38 -11.10
CA VAL A 70 8.45 7.50 -11.76
C VAL A 70 8.31 8.77 -10.91
N GLY A 71 9.41 9.42 -10.68
CA GLY A 71 9.40 10.69 -9.87
C GLY A 71 10.46 11.64 -10.42
N PRO A 72 10.32 12.91 -10.12
CA PRO A 72 11.28 13.97 -10.58
C PRO A 72 12.64 13.84 -9.89
N ASN A 73 12.68 13.18 -8.77
CA ASN A 73 13.97 13.01 -8.01
C ASN A 73 14.41 11.54 -8.09
N GLY A 74 13.48 10.63 -8.26
CA GLY A 74 13.85 9.17 -8.34
C GLY A 74 13.79 8.73 -9.80
N GLU A 75 13.68 9.67 -10.70
CA GLU A 75 13.62 9.34 -12.16
C GLU A 75 12.68 8.15 -12.39
N GLU A 76 13.22 6.96 -12.49
CA GLU A 76 12.38 5.76 -12.74
C GLU A 76 12.94 4.58 -11.96
N HIS A 77 12.07 3.83 -11.34
CA HIS A 77 12.50 2.64 -10.55
C HIS A 77 11.49 1.52 -10.75
N TRP A 78 11.95 0.31 -10.85
CA TRP A 78 11.04 -0.86 -11.05
C TRP A 78 10.96 -1.69 -9.77
N SER A 79 9.82 -2.25 -9.51
CA SER A 79 9.64 -3.08 -8.29
C SER A 79 8.66 -4.22 -8.57
N ILE A 80 8.87 -5.34 -7.94
CA ILE A 80 7.97 -6.51 -8.15
C ILE A 80 7.70 -7.19 -6.81
N CYS A 81 6.45 -7.48 -6.56
CA CYS A 81 6.05 -8.16 -5.28
C CYS A 81 5.53 -9.55 -5.59
N GLU A 82 5.83 -10.49 -4.72
CA GLU A 82 5.38 -11.90 -4.94
C GLU A 82 4.47 -12.34 -3.80
N TYR A 83 3.24 -12.62 -4.12
CA TYR A 83 2.26 -13.05 -3.09
C TYR A 83 2.35 -14.57 -2.89
N ALA A 84 2.43 -14.99 -1.67
CA ALA A 84 2.51 -16.45 -1.36
C ALA A 84 1.08 -16.99 -1.22
N ILE A 85 0.42 -16.61 -0.16
CA ILE A 85 -0.99 -17.07 0.09
C ILE A 85 -1.92 -15.86 0.06
N ILE A 86 -2.97 -15.95 -0.72
CA ILE A 86 -3.94 -14.82 -0.81
C ILE A 86 -5.17 -15.16 0.02
N LYS A 87 -5.76 -16.29 -0.25
CA LYS A 87 -6.97 -16.72 0.49
C LYS A 87 -8.08 -15.67 0.31
N PRO A 88 -9.33 -16.08 0.31
CA PRO A 88 -10.45 -15.12 0.15
C PRO A 88 -10.27 -13.89 1.03
N ILE A 89 -10.18 -12.73 0.41
CA ILE A 89 -9.99 -11.44 1.16
C ILE A 89 -9.24 -11.67 2.47
N GLU A 90 -9.92 -11.46 3.56
CA GLU A 90 -9.31 -11.65 4.90
C GLU A 90 -7.90 -11.05 4.93
N ARG A 91 -6.94 -11.85 5.34
CA ARG A 91 -5.53 -11.37 5.42
C ARG A 91 -4.62 -12.26 4.59
N PHE A 92 -3.49 -11.73 4.22
CA PHE A 92 -2.52 -12.50 3.40
C PHE A 92 -1.11 -11.92 3.58
N THR A 93 -0.12 -12.67 3.19
CA THR A 93 1.30 -12.19 3.30
C THR A 93 2.00 -12.38 1.96
N GLY A 94 3.12 -11.72 1.80
CA GLY A 94 3.88 -11.84 0.52
C GLY A 94 5.31 -11.36 0.70
N LYS A 95 6.02 -11.21 -0.38
CA LYS A 95 7.45 -10.75 -0.31
C LYS A 95 7.66 -9.60 -1.28
N ASP A 96 8.44 -8.64 -0.88
CA ASP A 96 8.72 -7.45 -1.74
C ASP A 96 10.09 -7.60 -2.40
N GLY A 97 10.10 -7.75 -3.69
CA GLY A 97 11.39 -7.92 -4.43
C GLY A 97 11.63 -6.75 -5.38
N PHE A 98 12.88 -6.37 -5.51
CA PHE A 98 13.25 -5.22 -6.39
C PHE A 98 13.50 -5.74 -7.81
N THR A 99 13.20 -4.93 -8.79
CA THR A 99 13.39 -5.35 -10.22
C THR A 99 14.28 -4.34 -10.94
N ASP A 100 15.06 -4.82 -11.86
CA ASP A 100 15.97 -3.95 -12.65
C ASP A 100 15.19 -3.33 -13.82
N ALA A 101 15.81 -2.43 -14.53
CA ALA A 101 15.14 -1.78 -15.69
C ALA A 101 14.82 -2.83 -16.75
N SER A 102 15.53 -3.92 -16.73
CA SER A 102 15.28 -4.99 -17.74
C SER A 102 14.04 -5.80 -17.33
N GLY A 103 13.48 -5.47 -16.20
CA GLY A 103 12.26 -6.19 -15.72
C GLY A 103 12.67 -7.49 -15.02
N LYS A 104 13.94 -7.74 -14.93
CA LYS A 104 14.44 -8.99 -14.29
C LYS A 104 14.54 -8.81 -12.77
N LEU A 105 14.20 -9.83 -12.04
CA LEU A 105 14.27 -9.76 -10.55
C LEU A 105 15.62 -10.30 -10.07
N ASN A 106 16.39 -9.45 -9.45
CA ASN A 106 17.74 -9.87 -8.94
C ASN A 106 17.61 -10.38 -7.51
N THR A 107 17.78 -11.67 -7.35
CA THR A 107 17.69 -12.29 -5.99
C THR A 107 18.97 -11.99 -5.22
N GLU A 108 20.00 -11.54 -5.90
CA GLU A 108 21.29 -11.22 -5.21
C GLU A 108 21.13 -9.91 -4.47
N MET A 109 19.94 -9.35 -4.49
CA MET A 109 19.70 -8.06 -3.79
C MET A 109 19.20 -8.34 -2.36
N PRO A 110 19.40 -7.40 -1.46
CA PRO A 110 18.94 -7.53 -0.05
C PRO A 110 17.48 -7.97 0.05
N ARG A 111 16.69 -7.61 -0.92
CA ARG A 111 15.25 -7.97 -0.93
C ARG A 111 14.58 -7.49 0.36
N SER A 112 13.27 -7.57 0.38
CA SER A 112 12.51 -7.12 1.57
C SER A 112 11.18 -7.87 1.64
N ASN A 113 10.70 -8.11 2.82
CA ASN A 113 9.40 -8.82 3.00
C ASN A 113 8.35 -7.85 3.53
N TRP A 114 7.13 -8.06 3.13
CA TRP A 114 6.02 -7.16 3.58
C TRP A 114 4.74 -7.98 3.74
N ASP A 115 4.26 -8.09 4.95
CA ASP A 115 3.01 -8.87 5.21
C ASP A 115 1.85 -7.89 5.38
N MET A 116 0.72 -8.21 4.79
CA MET A 116 -0.47 -7.32 4.90
C MET A 116 -1.53 -8.00 5.75
N ARG A 117 -2.04 -7.29 6.72
CA ARG A 117 -3.10 -7.85 7.62
C ARG A 117 -4.27 -6.89 7.70
N PHE A 118 -5.47 -7.42 7.71
CA PHE A 118 -6.69 -6.57 7.79
C PHE A 118 -7.54 -7.00 8.98
N ILE A 119 -7.96 -6.05 9.78
CA ILE A 119 -8.82 -6.36 10.96
C ILE A 119 -10.11 -5.55 10.87
N ASP A 120 -11.23 -6.23 10.88
CA ASP A 120 -12.55 -5.55 10.80
C ASP A 120 -13.17 -5.42 12.18
N LYS A 121 -13.71 -4.28 12.47
CA LYS A 121 -14.36 -4.05 13.80
C LYS A 121 -15.70 -3.34 13.59
N GLY A 122 -16.70 -4.09 13.21
CA GLY A 122 -18.07 -3.50 13.01
C GLY A 122 -18.11 -2.60 11.76
N GLU A 123 -18.62 -1.41 11.94
CA GLU A 123 -18.72 -0.45 10.80
C GLU A 123 -17.37 0.22 10.57
N ILE A 124 -16.39 -0.14 11.35
CA ILE A 124 -15.03 0.49 11.22
C ILE A 124 -14.01 -0.60 10.87
N THR A 125 -13.17 -0.31 9.91
CA THR A 125 -12.12 -1.30 9.48
C THR A 125 -10.74 -0.75 9.82
N GLU A 126 -9.91 -1.60 10.37
CA GLU A 126 -8.53 -1.20 10.75
C GLU A 126 -7.53 -1.97 9.89
N VAL A 127 -6.48 -1.32 9.47
CA VAL A 127 -5.46 -1.98 8.61
C VAL A 127 -4.09 -1.92 9.27
N GLN A 128 -3.39 -3.03 9.25
CA GLN A 128 -2.03 -3.10 9.87
C GLN A 128 -1.02 -3.42 8.77
N TYR A 129 -0.02 -2.60 8.65
CA TYR A 129 1.03 -2.81 7.61
C TYR A 129 2.33 -3.24 8.27
N HIS A 130 2.91 -4.29 7.76
CA HIS A 130 4.21 -4.81 8.31
C HIS A 130 5.26 -4.80 7.20
N ILE A 131 6.26 -3.99 7.36
CA ILE A 131 7.34 -3.89 6.33
C ILE A 131 8.71 -3.92 7.01
N SER A 132 9.63 -4.67 6.45
CA SER A 132 11.00 -4.76 7.04
C SER A 132 12.06 -4.44 5.98
N TYR A 133 13.14 -3.84 6.39
CA TYR A 133 14.24 -3.48 5.45
C TYR A 133 15.59 -3.91 6.02
N ASP A 134 16.44 -4.39 5.17
CA ASP A 134 17.80 -4.84 5.61
C ASP A 134 18.68 -3.62 5.83
N ASP A 135 18.36 -2.52 5.21
CA ASP A 135 19.17 -1.27 5.38
C ASP A 135 18.47 -0.33 6.36
N VAL A 136 19.06 -0.12 7.50
CA VAL A 136 18.46 0.79 8.52
C VAL A 136 18.46 2.22 7.99
N ALA A 137 19.54 2.63 7.37
CA ALA A 137 19.62 4.03 6.85
C ALA A 137 18.47 4.28 5.88
N GLN A 138 18.18 3.33 5.03
CA GLN A 138 17.08 3.50 4.06
C GLN A 138 15.74 3.56 4.81
N LEU A 139 15.63 2.82 5.87
CA LEU A 139 14.36 2.82 6.66
C LEU A 139 14.12 4.22 7.23
N GLU A 140 15.15 4.84 7.75
CA GLU A 140 14.99 6.20 8.35
C GLU A 140 14.66 7.23 7.27
N ALA A 141 15.38 7.22 6.18
CA ALA A 141 15.13 8.20 5.09
C ALA A 141 13.79 7.92 4.41
N THR A 142 13.52 6.67 4.12
CA THR A 142 12.24 6.31 3.44
C THR A 142 11.05 6.61 4.34
N ILE A 143 11.15 6.29 5.60
CA ILE A 143 10.01 6.55 6.53
C ILE A 143 9.80 8.06 6.69
N GLN A 144 10.85 8.80 6.82
CA GLN A 144 10.71 10.27 7.00
C GLN A 144 10.00 10.88 5.79
N MET A 145 10.45 10.56 4.61
CA MET A 145 9.81 11.11 3.38
C MET A 145 8.52 10.34 3.09
N GLY A 146 8.49 9.09 3.44
CA GLY A 146 7.28 8.26 3.19
C GLY A 146 6.22 8.57 4.25
N PHE A 147 6.61 9.18 5.32
CA PHE A 147 5.64 9.54 6.39
C PHE A 147 4.95 10.85 6.02
N LYS A 148 5.73 11.88 5.78
CA LYS A 148 5.15 13.19 5.42
C LYS A 148 4.46 13.12 4.06
N GLU A 149 5.09 12.52 3.09
CA GLU A 149 4.48 12.45 1.74
C GLU A 149 3.41 11.35 1.68
N GLY A 150 3.66 10.23 2.31
CA GLY A 150 2.68 9.11 2.28
C GLY A 150 1.34 9.55 2.85
N ILE A 151 1.33 10.01 4.07
CA ILE A 151 0.04 10.44 4.70
C ILE A 151 -0.52 11.65 3.98
N THR A 152 0.32 12.61 3.68
CA THR A 152 -0.17 13.84 2.99
C THR A 152 -0.71 13.50 1.60
N MET A 153 0.03 12.74 0.84
CA MET A 153 -0.43 12.39 -0.54
C MET A 153 -1.53 11.33 -0.48
N ALA A 154 -1.38 10.34 0.35
CA ALA A 154 -2.40 9.26 0.43
C ALA A 154 -3.70 9.80 1.02
N MET A 155 -3.61 10.61 2.04
CA MET A 155 -4.83 11.18 2.68
C MET A 155 -5.57 12.05 1.67
N GLU A 156 -4.85 12.85 0.93
CA GLU A 156 -5.51 13.75 -0.07
C GLU A 156 -6.12 12.92 -1.21
N ASN A 157 -5.33 12.07 -1.83
CA ASN A 157 -5.86 11.24 -2.95
C ASN A 157 -6.92 10.26 -2.43
N LEU A 158 -6.67 9.66 -1.30
CA LEU A 158 -7.64 8.68 -0.73
C LEU A 158 -8.94 9.40 -0.35
N ASP A 159 -8.82 10.58 0.19
CA ASP A 159 -10.03 11.34 0.61
C ASP A 159 -10.94 11.54 -0.60
N GLU A 160 -10.37 11.86 -1.73
CA GLU A 160 -11.18 12.08 -2.96
C GLU A 160 -11.82 10.75 -3.39
N LEU A 161 -11.07 9.68 -3.31
CA LEU A 161 -11.63 8.36 -3.71
C LEU A 161 -12.77 7.98 -2.78
N LEU A 162 -12.61 8.23 -1.51
CA LEU A 162 -13.67 7.91 -0.52
C LEU A 162 -14.92 8.72 -0.81
N VAL A 163 -14.75 9.98 -1.13
CA VAL A 163 -15.93 10.84 -1.43
C VAL A 163 -16.67 10.28 -2.65
N SER A 164 -15.94 9.93 -3.67
CA SER A 164 -16.56 9.36 -4.90
C SER A 164 -17.10 7.97 -4.58
N GLY A 165 -16.65 7.39 -3.50
CA GLY A 165 -17.12 6.04 -3.10
C GLY A 165 -18.47 6.13 -2.40
N LYS A 166 -18.47 6.63 -1.19
CA LYS A 166 -19.75 6.74 -0.42
C LYS A 166 -20.69 7.75 -1.07
N LYS A 167 -21.94 7.38 -1.17
CA LYS A 167 -22.96 8.28 -1.80
C LYS A 167 -23.48 9.27 -0.77
N LEU A 168 -23.80 10.45 -1.23
CA LEU A 168 -24.30 11.52 -0.32
C LEU A 168 -25.71 11.19 0.16
N GLU A 169 -26.01 11.56 1.37
CA GLU A 169 -27.35 11.29 1.98
C GLU A 169 -27.76 9.85 1.70
N HIS A 170 -27.46 8.97 2.61
CA HIS A 170 -27.82 7.53 2.44
C HIS A 170 -29.30 7.31 2.74
N HIS A 171 -29.91 6.43 2.00
CA HIS A 171 -31.36 6.13 2.20
C HIS A 171 -31.52 5.03 3.25
N HIS A 172 -32.05 5.40 4.39
CA HIS A 172 -32.24 4.42 5.50
C HIS A 172 -33.74 4.19 5.72
N HIS A 173 -34.21 3.02 5.39
CA HIS A 173 -35.66 2.70 5.57
C HIS A 173 -35.89 2.18 6.99
N HIS A 174 -34.81 1.93 7.71
CA HIS A 174 -34.94 1.43 9.12
C HIS A 174 -36.05 0.40 9.24
N HIS A 175 -36.46 0.12 10.44
CA HIS A 175 -37.54 -0.89 10.67
C HIS A 175 -38.78 -0.51 9.84
N MET A 1 -6.72 18.77 17.01
CA MET A 1 -6.90 17.32 17.35
C MET A 1 -7.49 16.58 16.16
N ARG A 2 -6.94 15.43 15.87
CA ARG A 2 -7.45 14.62 14.71
C ARG A 2 -8.77 13.94 15.07
N THR A 3 -9.60 13.69 14.08
CA THR A 3 -10.91 13.02 14.33
C THR A 3 -11.15 11.95 13.27
N ASP A 4 -11.45 12.37 12.06
CA ASP A 4 -11.71 11.39 10.97
C ASP A 4 -10.42 10.66 10.58
N LEU A 5 -10.54 9.40 10.25
CA LEU A 5 -9.35 8.59 9.85
C LEU A 5 -8.34 8.58 10.99
N ALA A 6 -8.19 7.47 11.65
CA ALA A 6 -7.23 7.39 12.79
C ALA A 6 -5.80 7.29 12.24
N LEU A 7 -4.88 8.05 12.81
CA LEU A 7 -3.46 7.99 12.35
C LEU A 7 -2.56 7.62 13.53
N ASP A 8 -1.82 6.56 13.40
CA ASP A 8 -0.91 6.14 14.51
C ASP A 8 0.40 5.64 13.90
N PHE A 9 1.51 6.06 14.45
CA PHE A 9 2.84 5.63 13.92
C PHE A 9 3.66 5.06 15.08
N SER A 10 4.17 3.87 14.91
CA SER A 10 4.99 3.24 15.99
C SER A 10 6.13 2.46 15.35
N VAL A 11 7.29 2.48 15.95
CA VAL A 11 8.47 1.75 15.38
C VAL A 11 9.05 0.81 16.43
N ASN A 12 9.29 -0.42 16.06
CA ASN A 12 9.87 -1.41 17.02
C ASN A 12 11.34 -1.66 16.66
N LYS A 13 12.23 -0.90 17.23
CA LYS A 13 13.67 -1.09 16.94
C LYS A 13 14.12 -2.45 17.46
N GLU A 14 13.55 -2.87 18.57
CA GLU A 14 13.93 -4.19 19.17
C GLU A 14 14.07 -5.24 18.07
N ASN A 15 13.04 -5.42 17.27
CA ASN A 15 13.10 -6.43 16.18
C ASN A 15 13.46 -5.72 14.87
N LYS A 16 13.77 -4.44 14.95
CA LYS A 16 14.14 -3.67 13.73
C LYS A 16 13.05 -3.78 12.68
N THR A 17 11.83 -3.42 13.02
CA THR A 17 10.70 -3.49 12.04
C THR A 17 9.85 -2.23 12.17
N ILE A 18 9.01 -1.98 11.19
CA ILE A 18 8.13 -0.76 11.24
C ILE A 18 6.69 -1.21 11.48
N THR A 19 6.06 -0.64 12.47
CA THR A 19 4.64 -1.00 12.77
C THR A 19 3.75 0.20 12.45
N ILE A 20 2.84 0.05 11.54
CA ILE A 20 1.94 1.19 11.16
C ILE A 20 0.50 0.82 11.47
N LYS A 21 -0.21 1.70 12.13
CA LYS A 21 -1.63 1.43 12.49
C LYS A 21 -2.50 2.58 11.98
N ARG A 22 -3.45 2.27 11.12
CA ARG A 22 -4.35 3.33 10.58
C ARG A 22 -5.76 2.77 10.48
N GLU A 23 -6.77 3.61 10.61
CA GLU A 23 -8.18 3.12 10.53
C GLU A 23 -8.97 4.00 9.57
N PHE A 24 -9.86 3.39 8.81
CA PHE A 24 -10.68 4.16 7.83
C PHE A 24 -12.15 3.83 8.03
N ALA A 25 -13.01 4.80 7.83
CA ALA A 25 -14.46 4.57 7.99
C ALA A 25 -15.06 4.00 6.70
N ALA A 26 -14.90 2.73 6.47
CA ALA A 26 -15.46 2.12 5.24
C ALA A 26 -15.75 0.63 5.49
N VAL A 27 -16.65 0.07 4.74
CA VAL A 27 -16.99 -1.37 4.95
C VAL A 27 -15.90 -2.27 4.39
N ARG A 28 -15.86 -3.50 4.85
CA ARG A 28 -14.83 -4.47 4.37
C ARG A 28 -14.97 -4.68 2.87
N ALA A 29 -16.17 -4.79 2.38
CA ALA A 29 -16.38 -5.01 0.92
C ALA A 29 -15.64 -3.94 0.11
N ILE A 30 -15.87 -2.69 0.39
CA ILE A 30 -15.18 -1.62 -0.37
C ILE A 30 -13.67 -1.66 -0.11
N VAL A 31 -13.27 -1.84 1.12
CA VAL A 31 -11.81 -1.88 1.43
C VAL A 31 -11.18 -3.05 0.67
N TRP A 32 -11.79 -4.20 0.73
CA TRP A 32 -11.23 -5.38 0.01
C TRP A 32 -11.21 -5.09 -1.49
N GLU A 33 -12.27 -4.55 -2.00
CA GLU A 33 -12.32 -4.22 -3.46
C GLU A 33 -11.20 -3.24 -3.79
N ALA A 34 -10.90 -2.35 -2.88
CA ALA A 34 -9.82 -1.35 -3.13
C ALA A 34 -8.47 -2.06 -3.30
N PHE A 35 -8.25 -3.11 -2.56
CA PHE A 35 -6.96 -3.85 -2.68
C PHE A 35 -7.11 -4.97 -3.70
N THR A 36 -8.27 -5.14 -4.24
CA THR A 36 -8.48 -6.21 -5.26
C THR A 36 -8.34 -5.62 -6.65
N ARG A 37 -8.45 -4.31 -6.76
CA ARG A 37 -8.33 -3.64 -8.09
C ARG A 37 -7.00 -2.90 -8.18
N ALA A 38 -6.22 -3.22 -9.17
CA ALA A 38 -4.91 -2.54 -9.35
C ALA A 38 -5.15 -1.07 -9.71
N GLU A 39 -6.17 -0.80 -10.48
CA GLU A 39 -6.46 0.60 -10.89
C GLU A 39 -6.65 1.46 -9.64
N ILE A 40 -7.47 1.03 -8.73
CA ILE A 40 -7.72 1.80 -7.49
C ILE A 40 -6.43 1.92 -6.68
N LEU A 41 -5.68 0.86 -6.59
CA LEU A 41 -4.41 0.91 -5.81
C LEU A 41 -3.48 1.97 -6.42
N ASP A 42 -3.42 2.04 -7.73
CA ASP A 42 -2.53 3.05 -8.37
C ASP A 42 -2.96 4.45 -7.98
N GLN A 43 -4.25 4.70 -7.89
CA GLN A 43 -4.72 6.05 -7.52
C GLN A 43 -4.05 6.48 -6.22
N TRP A 44 -3.68 5.54 -5.38
CA TRP A 44 -3.01 5.90 -4.10
C TRP A 44 -2.12 4.74 -3.64
N TRP A 45 -0.87 4.73 -4.04
CA TRP A 45 0.05 3.63 -3.62
C TRP A 45 1.47 3.91 -4.11
N ALA A 46 2.44 3.17 -3.62
CA ALA A 46 3.85 3.38 -4.04
C ALA A 46 4.20 4.87 -4.01
N PRO A 47 4.17 5.46 -2.83
CA PRO A 47 4.49 6.91 -2.66
C PRO A 47 6.01 7.15 -2.64
N LYS A 48 6.51 7.83 -3.64
CA LYS A 48 7.97 8.13 -3.71
C LYS A 48 8.27 8.80 -5.06
N PRO A 49 7.85 8.20 -6.16
CA PRO A 49 8.07 8.78 -7.51
C PRO A 49 7.03 9.84 -7.86
N TRP A 50 5.96 9.44 -8.51
CA TRP A 50 4.89 10.41 -8.87
C TRP A 50 3.66 9.63 -9.31
N LYS A 51 3.80 8.80 -10.31
CA LYS A 51 2.65 8.00 -10.81
C LYS A 51 3.09 6.56 -11.10
N ALA A 52 2.27 5.60 -10.75
CA ALA A 52 2.61 4.17 -11.00
C ALA A 52 1.80 3.67 -12.19
N LYS A 53 2.37 2.78 -12.98
CA LYS A 53 1.64 2.24 -14.17
C LYS A 53 1.52 0.73 -14.03
N THR A 54 0.34 0.25 -13.77
CA THR A 54 0.14 -1.21 -13.61
C THR A 54 0.40 -1.91 -14.95
N LYS A 55 1.25 -2.90 -14.95
CA LYS A 55 1.55 -3.64 -16.22
C LYS A 55 0.73 -4.93 -16.25
N SER A 56 0.90 -5.79 -15.28
CA SER A 56 0.14 -7.06 -15.25
C SER A 56 -0.16 -7.46 -13.80
N MET A 57 -1.36 -7.95 -13.55
CA MET A 57 -1.74 -8.37 -12.17
C MET A 57 -2.30 -9.79 -12.22
N ASP A 58 -2.03 -10.58 -11.20
CA ASP A 58 -2.55 -11.97 -11.17
C ASP A 58 -2.77 -12.39 -9.71
N PHE A 59 -3.92 -12.09 -9.18
CA PHE A 59 -4.20 -12.46 -7.77
C PHE A 59 -4.07 -13.96 -7.58
N LYS A 60 -2.87 -14.45 -7.35
CA LYS A 60 -2.66 -15.90 -7.15
C LYS A 60 -1.45 -16.12 -6.23
N GLU A 61 -1.45 -17.20 -5.49
CA GLU A 61 -0.32 -17.50 -4.57
C GLU A 61 1.03 -17.16 -5.21
N GLY A 62 1.37 -17.82 -6.29
CA GLY A 62 2.67 -17.54 -6.97
C GLY A 62 2.49 -16.39 -7.97
N GLY A 63 1.35 -15.75 -7.95
CA GLY A 63 1.12 -14.63 -8.90
C GLY A 63 2.03 -13.45 -8.57
N THR A 64 2.23 -12.57 -9.52
CA THR A 64 3.12 -11.38 -9.29
C THR A 64 2.43 -10.13 -9.82
N TRP A 65 2.91 -8.98 -9.43
CA TRP A 65 2.32 -7.70 -9.92
C TRP A 65 3.43 -6.83 -10.49
N LEU A 66 3.43 -6.66 -11.79
CA LEU A 66 4.49 -5.83 -12.44
C LEU A 66 3.96 -4.42 -12.68
N TYR A 67 4.69 -3.44 -12.24
CA TYR A 67 4.25 -2.02 -12.45
C TYR A 67 5.49 -1.15 -12.65
N ALA A 68 5.32 -0.01 -13.27
CA ALA A 68 6.50 0.88 -13.52
C ALA A 68 6.39 2.14 -12.68
N MET A 69 7.45 2.53 -12.04
CA MET A 69 7.44 3.76 -11.19
C MET A 69 7.84 4.94 -12.07
N VAL A 70 6.96 5.91 -12.21
CA VAL A 70 7.27 7.10 -13.07
C VAL A 70 7.24 8.39 -12.24
N GLY A 71 8.24 9.21 -12.40
CA GLY A 71 8.29 10.49 -11.64
C GLY A 71 9.59 11.21 -11.99
N PRO A 72 9.74 12.42 -11.54
CA PRO A 72 10.98 13.22 -11.82
C PRO A 72 12.17 12.67 -11.04
N ASN A 73 11.91 11.86 -10.04
CA ASN A 73 13.02 11.29 -9.23
C ASN A 73 13.47 9.96 -9.84
N GLY A 74 14.62 9.94 -10.47
CA GLY A 74 15.12 8.67 -11.08
C GLY A 74 14.45 8.47 -12.45
N GLU A 75 13.87 9.50 -12.99
CA GLU A 75 13.21 9.38 -14.32
C GLU A 75 12.17 8.25 -14.30
N GLU A 76 12.53 7.08 -14.77
CA GLU A 76 11.56 5.93 -14.78
C GLU A 76 12.25 4.68 -14.24
N HIS A 77 11.57 3.92 -13.43
CA HIS A 77 12.17 2.68 -12.86
C HIS A 77 11.11 1.59 -12.83
N TRP A 78 11.51 0.35 -12.98
CA TRP A 78 10.55 -0.79 -12.97
C TRP A 78 10.73 -1.63 -11.70
N SER A 79 9.67 -2.21 -11.22
CA SER A 79 9.77 -3.07 -10.00
C SER A 79 8.65 -4.09 -10.03
N ILE A 80 8.77 -5.15 -9.27
CA ILE A 80 7.70 -6.20 -9.27
C ILE A 80 7.48 -6.74 -7.87
N CYS A 81 6.25 -7.05 -7.54
CA CYS A 81 5.93 -7.60 -6.18
C CYS A 81 5.56 -9.06 -6.34
N GLU A 82 6.22 -9.94 -5.63
CA GLU A 82 5.92 -11.40 -5.73
C GLU A 82 5.12 -11.85 -4.51
N TYR A 83 3.92 -12.31 -4.72
CA TYR A 83 3.09 -12.77 -3.57
C TYR A 83 3.48 -14.19 -3.18
N ALA A 84 3.63 -14.44 -1.92
CA ALA A 84 4.01 -15.81 -1.46
C ALA A 84 2.75 -16.58 -1.05
N ILE A 85 2.05 -16.08 -0.06
CA ILE A 85 0.80 -16.75 0.41
C ILE A 85 -0.33 -15.73 0.36
N ILE A 86 -1.45 -16.10 -0.21
CA ILE A 86 -2.61 -15.16 -0.31
C ILE A 86 -3.82 -15.75 0.38
N LYS A 87 -4.47 -14.98 1.22
CA LYS A 87 -5.68 -15.49 1.95
C LYS A 87 -6.84 -14.53 1.69
N PRO A 88 -8.06 -15.03 1.71
CA PRO A 88 -9.27 -14.18 1.46
C PRO A 88 -9.56 -13.25 2.65
N ILE A 89 -9.63 -11.96 2.39
CA ILE A 89 -9.90 -10.95 3.47
C ILE A 89 -9.33 -11.42 4.82
N GLU A 90 -8.03 -11.44 4.94
CA GLU A 90 -7.41 -11.88 6.22
C GLU A 90 -5.98 -11.34 6.31
N ARG A 91 -5.02 -12.05 5.78
CA ARG A 91 -3.61 -11.58 5.86
C ARG A 91 -2.78 -12.20 4.73
N PHE A 92 -1.92 -11.43 4.11
CA PHE A 92 -1.07 -11.97 3.02
C PHE A 92 0.21 -11.14 2.90
N THR A 93 1.27 -11.71 2.39
CA THR A 93 2.55 -10.96 2.25
C THR A 93 3.17 -11.22 0.87
N GLY A 94 4.17 -10.47 0.51
CA GLY A 94 4.82 -10.67 -0.82
C GLY A 94 6.26 -10.16 -0.76
N LYS A 95 6.89 -9.98 -1.89
CA LYS A 95 8.30 -9.49 -1.90
C LYS A 95 8.50 -8.48 -3.03
N ASP A 96 9.00 -7.32 -2.70
CA ASP A 96 9.23 -6.26 -3.74
C ASP A 96 10.72 -6.25 -4.11
N GLY A 97 11.04 -6.54 -5.35
CA GLY A 97 12.47 -6.56 -5.79
C GLY A 97 12.69 -5.61 -6.97
N PHE A 98 13.92 -5.29 -7.24
CA PHE A 98 14.25 -4.38 -8.38
C PHE A 98 14.10 -5.12 -9.71
N THR A 99 13.74 -4.42 -10.75
CA THR A 99 13.58 -5.06 -12.09
C THR A 99 14.14 -4.16 -13.17
N ASP A 100 14.35 -4.69 -14.35
CA ASP A 100 14.89 -3.87 -15.47
C ASP A 100 13.73 -3.41 -16.36
N ALA A 101 12.92 -4.33 -16.80
CA ALA A 101 11.75 -3.98 -17.67
C ALA A 101 10.95 -5.23 -17.97
N SER A 102 11.62 -6.35 -18.10
CA SER A 102 10.91 -7.62 -18.40
C SER A 102 10.48 -8.31 -17.09
N GLY A 103 10.88 -7.75 -15.97
CA GLY A 103 10.50 -8.37 -14.67
C GLY A 103 11.43 -9.55 -14.37
N LYS A 104 12.72 -9.29 -14.27
CA LYS A 104 13.69 -10.39 -14.00
C LYS A 104 13.80 -10.60 -12.49
N LEU A 105 14.48 -9.72 -11.81
CA LEU A 105 14.66 -9.85 -10.33
C LEU A 105 15.31 -11.18 -9.99
N ASN A 106 16.53 -11.15 -9.51
CA ASN A 106 17.25 -12.41 -9.12
C ASN A 106 17.29 -12.52 -7.60
N THR A 107 16.44 -11.77 -6.93
CA THR A 107 16.40 -11.80 -5.44
C THR A 107 17.72 -11.26 -4.86
N GLU A 108 18.25 -11.94 -3.88
CA GLU A 108 19.52 -11.51 -3.23
C GLU A 108 19.33 -10.13 -2.60
N MET A 109 19.23 -9.10 -3.42
CA MET A 109 19.06 -7.71 -2.88
C MET A 109 17.76 -7.10 -3.42
N PRO A 110 16.63 -7.46 -2.85
CA PRO A 110 15.31 -6.92 -3.28
C PRO A 110 15.07 -5.50 -2.76
N ARG A 111 13.88 -4.99 -2.94
CA ARG A 111 13.57 -3.61 -2.45
C ARG A 111 13.16 -3.65 -0.99
N SER A 112 11.96 -4.09 -0.71
CA SER A 112 11.50 -4.14 0.71
C SER A 112 10.33 -5.11 0.83
N ASN A 113 10.03 -5.53 2.04
CA ASN A 113 8.89 -6.48 2.27
C ASN A 113 7.85 -5.82 3.18
N TRP A 114 6.60 -5.85 2.78
CA TRP A 114 5.52 -5.23 3.60
C TRP A 114 4.36 -6.23 3.72
N ASP A 115 4.13 -6.73 4.90
CA ASP A 115 3.03 -7.71 5.10
C ASP A 115 1.71 -6.96 5.28
N MET A 116 0.73 -7.26 4.44
CA MET A 116 -0.58 -6.55 4.54
C MET A 116 -1.47 -7.28 5.54
N ARG A 117 -2.06 -6.56 6.46
CA ARG A 117 -2.95 -7.20 7.47
C ARG A 117 -4.26 -6.40 7.56
N PHE A 118 -5.38 -7.07 7.45
CA PHE A 118 -6.71 -6.37 7.51
C PHE A 118 -7.48 -6.87 8.73
N ILE A 119 -8.03 -5.97 9.51
CA ILE A 119 -8.82 -6.38 10.72
C ILE A 119 -10.20 -5.76 10.66
N ASP A 120 -11.23 -6.56 10.83
CA ASP A 120 -12.62 -6.03 10.79
C ASP A 120 -12.95 -5.38 12.13
N LYS A 121 -13.56 -4.23 12.11
CA LYS A 121 -13.93 -3.53 13.38
C LYS A 121 -15.34 -2.95 13.25
N GLY A 122 -16.33 -3.80 13.24
CA GLY A 122 -17.74 -3.32 13.13
C GLY A 122 -17.96 -2.55 11.84
N GLU A 123 -18.61 -1.41 11.93
CA GLU A 123 -18.88 -0.60 10.72
C GLU A 123 -17.59 0.06 10.26
N ILE A 124 -16.53 -0.10 11.02
CA ILE A 124 -15.22 0.53 10.65
C ILE A 124 -14.20 -0.57 10.39
N THR A 125 -13.31 -0.35 9.46
CA THR A 125 -12.27 -1.38 9.12
C THR A 125 -10.89 -0.84 9.44
N GLU A 126 -10.06 -1.63 10.08
CA GLU A 126 -8.68 -1.19 10.45
C GLU A 126 -7.65 -1.96 9.65
N VAL A 127 -6.66 -1.29 9.12
CA VAL A 127 -5.60 -1.96 8.32
C VAL A 127 -4.24 -1.69 8.98
N GLN A 128 -3.44 -2.72 9.12
CA GLN A 128 -2.09 -2.56 9.75
C GLN A 128 -1.03 -3.03 8.78
N TYR A 129 0.01 -2.23 8.58
CA TYR A 129 1.09 -2.61 7.62
C TYR A 129 2.39 -2.84 8.39
N HIS A 130 3.07 -3.93 8.10
CA HIS A 130 4.35 -4.24 8.80
C HIS A 130 5.48 -4.22 7.76
N ILE A 131 6.33 -3.22 7.79
CA ILE A 131 7.43 -3.13 6.78
C ILE A 131 8.79 -3.27 7.48
N SER A 132 9.62 -4.16 6.99
CA SER A 132 10.97 -4.36 7.60
C SER A 132 11.98 -4.69 6.51
N TYR A 133 13.00 -3.89 6.36
CA TYR A 133 14.02 -4.16 5.31
C TYR A 133 15.24 -3.27 5.50
N ASP A 134 16.19 -3.38 4.61
CA ASP A 134 17.42 -2.54 4.68
C ASP A 134 17.99 -2.47 6.10
N ASP A 135 19.01 -1.68 6.28
CA ASP A 135 19.65 -1.56 7.62
C ASP A 135 18.90 -0.56 8.50
N VAL A 136 19.33 -0.43 9.72
CA VAL A 136 18.66 0.51 10.67
C VAL A 136 18.83 1.95 10.17
N ALA A 137 20.02 2.33 9.78
CA ALA A 137 20.23 3.72 9.29
C ALA A 137 19.32 4.02 8.11
N GLN A 138 19.32 3.16 7.13
CA GLN A 138 18.45 3.39 5.95
C GLN A 138 16.99 3.29 6.38
N LEU A 139 16.72 2.44 7.33
CA LEU A 139 15.31 2.27 7.80
C LEU A 139 14.81 3.57 8.42
N GLU A 140 15.62 4.23 9.21
CA GLU A 140 15.19 5.50 9.86
C GLU A 140 14.95 6.57 8.79
N ALA A 141 15.77 6.60 7.77
CA ALA A 141 15.59 7.63 6.71
C ALA A 141 14.34 7.30 5.87
N THR A 142 14.11 6.04 5.59
CA THR A 142 12.94 5.67 4.76
C THR A 142 11.63 6.02 5.47
N ILE A 143 11.53 5.73 6.74
CA ILE A 143 10.28 6.05 7.49
C ILE A 143 10.10 7.56 7.61
N GLN A 144 11.15 8.29 7.84
CA GLN A 144 11.00 9.76 8.00
C GLN A 144 10.43 10.37 6.71
N MET A 145 11.04 10.11 5.59
CA MET A 145 10.53 10.69 4.32
C MET A 145 9.29 9.91 3.86
N GLY A 146 9.31 8.61 4.01
CA GLY A 146 8.14 7.79 3.58
C GLY A 146 6.93 8.12 4.43
N PHE A 147 7.11 8.30 5.71
CA PHE A 147 5.96 8.63 6.59
C PHE A 147 5.38 9.99 6.19
N LYS A 148 6.23 10.97 6.03
CA LYS A 148 5.74 12.32 5.66
C LYS A 148 5.16 12.31 4.25
N GLU A 149 5.87 11.76 3.31
CA GLU A 149 5.38 11.72 1.90
C GLU A 149 4.25 10.71 1.74
N GLY A 150 4.39 9.55 2.33
CA GLY A 150 3.35 8.50 2.18
C GLY A 150 2.00 8.92 2.79
N ILE A 151 2.00 9.27 4.05
CA ILE A 151 0.71 9.65 4.70
C ILE A 151 0.19 10.96 4.09
N THR A 152 1.04 11.92 3.88
CA THR A 152 0.57 13.22 3.31
C THR A 152 -0.04 12.99 1.92
N MET A 153 0.63 12.27 1.07
CA MET A 153 0.09 12.03 -0.28
C MET A 153 -1.02 10.98 -0.25
N ALA A 154 -0.78 9.88 0.41
CA ALA A 154 -1.81 8.80 0.48
C ALA A 154 -3.10 9.32 1.10
N MET A 155 -3.01 9.99 2.22
CA MET A 155 -4.25 10.51 2.86
C MET A 155 -4.93 11.51 1.94
N GLU A 156 -4.16 12.33 1.27
CA GLU A 156 -4.75 13.35 0.35
C GLU A 156 -5.47 12.66 -0.81
N ASN A 157 -4.77 11.86 -1.58
CA ASN A 157 -5.41 11.19 -2.72
C ASN A 157 -6.46 10.19 -2.21
N LEU A 158 -6.18 9.50 -1.15
CA LEU A 158 -7.16 8.52 -0.62
C LEU A 158 -8.41 9.26 -0.15
N ASP A 159 -8.25 10.36 0.55
CA ASP A 159 -9.42 11.13 1.03
C ASP A 159 -10.24 11.62 -0.15
N GLU A 160 -9.60 12.19 -1.14
CA GLU A 160 -10.34 12.70 -2.32
C GLU A 160 -10.91 11.52 -3.11
N LEU A 161 -10.17 10.45 -3.21
CA LEU A 161 -10.66 9.27 -3.96
C LEU A 161 -11.88 8.69 -3.25
N LEU A 162 -11.84 8.63 -1.95
CA LEU A 162 -12.99 8.06 -1.19
C LEU A 162 -14.24 8.91 -1.45
N VAL A 163 -14.08 10.21 -1.48
CA VAL A 163 -15.25 11.09 -1.71
C VAL A 163 -15.87 10.78 -3.08
N SER A 164 -15.05 10.62 -4.09
CA SER A 164 -15.60 10.31 -5.44
C SER A 164 -15.85 8.81 -5.56
N GLY A 165 -15.39 8.04 -4.60
CA GLY A 165 -15.59 6.56 -4.66
C GLY A 165 -16.85 6.19 -3.86
N LYS A 166 -17.26 7.00 -2.93
CA LYS A 166 -18.47 6.68 -2.12
C LYS A 166 -19.73 6.98 -2.95
N LYS A 167 -20.70 6.11 -2.88
CA LYS A 167 -21.96 6.32 -3.66
C LYS A 167 -22.92 7.23 -2.88
N LEU A 168 -23.76 7.94 -3.58
CA LEU A 168 -24.73 8.85 -2.90
C LEU A 168 -25.96 8.04 -2.51
N GLU A 169 -25.99 6.79 -2.87
CA GLU A 169 -27.16 5.93 -2.52
C GLU A 169 -26.92 5.27 -1.17
N HIS A 170 -27.79 5.52 -0.21
CA HIS A 170 -27.64 4.92 1.15
C HIS A 170 -28.61 3.75 1.30
N HIS A 171 -28.17 2.57 0.95
CA HIS A 171 -29.05 1.37 1.06
C HIS A 171 -29.33 1.07 2.53
N HIS A 172 -28.32 1.15 3.35
CA HIS A 172 -28.52 0.88 4.81
C HIS A 172 -27.33 1.45 5.58
N HIS A 173 -27.31 2.75 5.74
CA HIS A 173 -26.20 3.40 6.49
C HIS A 173 -26.28 2.98 7.96
N HIS A 174 -27.47 2.91 8.51
CA HIS A 174 -27.61 2.52 9.92
C HIS A 174 -29.07 2.17 10.22
N HIS A 175 -29.32 0.94 10.61
CA HIS A 175 -30.72 0.51 10.93
C HIS A 175 -31.70 1.08 9.90
N MET A 1 -19.25 13.49 10.46
CA MET A 1 -18.33 12.82 9.50
C MET A 1 -17.02 13.62 9.44
N ARG A 2 -16.79 14.46 10.42
CA ARG A 2 -15.55 15.28 10.44
C ARG A 2 -14.31 14.38 10.51
N THR A 3 -13.83 14.13 11.70
CA THR A 3 -12.61 13.29 11.85
C THR A 3 -13.00 11.83 12.15
N ASP A 4 -12.58 10.92 11.32
CA ASP A 4 -12.90 9.48 11.52
C ASP A 4 -11.64 8.65 11.25
N LEU A 5 -10.77 9.12 10.38
CA LEU A 5 -9.54 8.35 10.07
C LEU A 5 -8.54 8.52 11.21
N ALA A 6 -8.02 7.42 11.72
CA ALA A 6 -7.04 7.49 12.84
C ALA A 6 -5.63 7.15 12.32
N LEU A 7 -4.65 7.96 12.65
CA LEU A 7 -3.26 7.69 12.19
C LEU A 7 -2.41 7.30 13.39
N ASP A 8 -1.77 6.15 13.33
CA ASP A 8 -0.91 5.70 14.46
C ASP A 8 0.16 4.77 13.91
N PHE A 9 1.41 5.09 14.12
CA PHE A 9 2.52 4.22 13.61
C PHE A 9 3.63 4.15 14.65
N SER A 10 4.31 3.04 14.74
CA SER A 10 5.42 2.89 15.73
C SER A 10 6.63 2.27 15.06
N VAL A 11 7.82 2.66 15.48
CA VAL A 11 9.06 2.10 14.86
C VAL A 11 9.71 1.12 15.84
N ASN A 12 10.02 -0.07 15.38
CA ASN A 12 10.68 -1.08 16.27
C ASN A 12 12.13 -1.27 15.82
N LYS A 13 13.00 -0.41 16.29
CA LYS A 13 14.44 -0.51 15.90
C LYS A 13 15.02 -1.83 16.44
N GLU A 14 14.65 -2.20 17.63
CA GLU A 14 15.19 -3.45 18.24
C GLU A 14 14.85 -4.63 17.34
N ASN A 15 13.65 -4.70 16.84
CA ASN A 15 13.26 -5.83 15.96
C ASN A 15 13.56 -5.45 14.52
N LYS A 16 14.12 -4.28 14.30
CA LYS A 16 14.46 -3.83 12.92
C LYS A 16 13.25 -4.01 12.01
N THR A 17 12.07 -3.69 12.48
CA THR A 17 10.83 -3.82 11.65
C THR A 17 9.99 -2.57 11.77
N ILE A 18 9.06 -2.39 10.86
CA ILE A 18 8.18 -1.18 10.89
C ILE A 18 6.74 -1.61 11.17
N THR A 19 6.10 -0.97 12.12
CA THR A 19 4.69 -1.31 12.45
C THR A 19 3.81 -0.10 12.19
N ILE A 20 2.78 -0.26 11.39
CA ILE A 20 1.88 0.89 11.08
C ILE A 20 0.43 0.50 11.33
N LYS A 21 -0.30 1.33 12.01
CA LYS A 21 -1.73 1.05 12.33
C LYS A 21 -2.58 2.23 11.85
N ARG A 22 -3.63 1.97 11.11
CA ARG A 22 -4.49 3.08 10.63
C ARG A 22 -5.95 2.62 10.63
N GLU A 23 -6.86 3.51 10.94
CA GLU A 23 -8.31 3.15 10.98
C GLU A 23 -9.04 3.84 9.84
N PHE A 24 -9.97 3.13 9.22
CA PHE A 24 -10.76 3.71 8.09
C PHE A 24 -12.25 3.54 8.36
N ALA A 25 -13.04 4.46 7.89
CA ALA A 25 -14.51 4.38 8.10
C ALA A 25 -15.17 3.86 6.82
N ALA A 26 -15.00 2.61 6.51
CA ALA A 26 -15.61 2.03 5.28
C ALA A 26 -15.76 0.52 5.45
N VAL A 27 -16.63 -0.08 4.68
CA VAL A 27 -16.84 -1.55 4.82
C VAL A 27 -15.66 -2.33 4.20
N ARG A 28 -15.51 -3.56 4.59
CA ARG A 28 -14.40 -4.41 4.06
C ARG A 28 -14.54 -4.59 2.55
N ALA A 29 -15.75 -4.62 2.06
CA ALA A 29 -15.95 -4.80 0.59
C ALA A 29 -15.23 -3.70 -0.18
N ILE A 30 -15.41 -2.47 0.21
CA ILE A 30 -14.73 -1.36 -0.51
C ILE A 30 -13.21 -1.46 -0.33
N VAL A 31 -12.77 -1.73 0.87
CA VAL A 31 -11.30 -1.84 1.12
C VAL A 31 -10.71 -3.01 0.32
N TRP A 32 -11.37 -4.14 0.35
CA TRP A 32 -10.86 -5.33 -0.38
C TRP A 32 -10.79 -5.04 -1.88
N GLU A 33 -11.80 -4.41 -2.42
CA GLU A 33 -11.80 -4.11 -3.87
C GLU A 33 -10.71 -3.08 -4.20
N ALA A 34 -10.52 -2.12 -3.34
CA ALA A 34 -9.48 -1.08 -3.61
C ALA A 34 -8.08 -1.67 -3.39
N PHE A 35 -7.99 -2.84 -2.83
CA PHE A 35 -6.65 -3.47 -2.59
C PHE A 35 -6.37 -4.51 -3.66
N THR A 36 -7.38 -4.98 -4.35
CA THR A 36 -7.17 -6.01 -5.41
C THR A 36 -7.14 -5.34 -6.79
N ARG A 37 -7.51 -4.08 -6.86
CA ARG A 37 -7.51 -3.36 -8.17
C ARG A 37 -6.32 -2.40 -8.22
N ALA A 38 -5.48 -2.57 -9.20
CA ALA A 38 -4.30 -1.69 -9.35
C ALA A 38 -4.78 -0.29 -9.77
N GLU A 39 -5.89 -0.22 -10.45
CA GLU A 39 -6.41 1.09 -10.90
C GLU A 39 -6.70 1.99 -9.70
N ILE A 40 -7.46 1.48 -8.76
CA ILE A 40 -7.78 2.28 -7.54
C ILE A 40 -6.49 2.57 -6.77
N LEU A 41 -5.64 1.59 -6.63
CA LEU A 41 -4.37 1.80 -5.89
C LEU A 41 -3.52 2.85 -6.61
N ASP A 42 -3.51 2.83 -7.91
CA ASP A 42 -2.72 3.82 -8.67
C ASP A 42 -3.20 5.24 -8.35
N GLN A 43 -4.48 5.41 -8.17
CA GLN A 43 -5.01 6.76 -7.84
C GLN A 43 -4.46 7.21 -6.48
N TRP A 44 -4.24 6.29 -5.58
CA TRP A 44 -3.69 6.66 -4.24
C TRP A 44 -2.84 5.50 -3.72
N TRP A 45 -1.55 5.67 -3.77
CA TRP A 45 -0.63 4.60 -3.28
C TRP A 45 0.81 5.11 -3.34
N ALA A 46 1.15 5.78 -4.42
CA ALA A 46 2.55 6.29 -4.56
C ALA A 46 2.58 7.81 -4.33
N PRO A 47 3.72 8.34 -3.99
CA PRO A 47 3.90 9.81 -3.74
C PRO A 47 3.68 10.65 -5.00
N LYS A 48 3.10 11.82 -4.86
CA LYS A 48 2.84 12.70 -6.04
C LYS A 48 2.42 11.88 -7.26
N PRO A 49 1.27 11.25 -7.19
CA PRO A 49 0.75 10.41 -8.30
C PRO A 49 0.79 11.17 -9.64
N TRP A 50 1.92 11.17 -10.27
CA TRP A 50 2.06 11.88 -11.57
C TRP A 50 1.68 10.92 -12.70
N LYS A 51 2.51 9.96 -13.00
CA LYS A 51 2.19 8.99 -14.09
C LYS A 51 2.68 7.60 -13.68
N ALA A 52 1.77 6.69 -13.48
CA ALA A 52 2.13 5.29 -13.09
C ALA A 52 1.84 4.34 -14.25
N LYS A 53 2.57 3.27 -14.36
CA LYS A 53 2.34 2.30 -15.47
C LYS A 53 2.45 0.87 -14.93
N THR A 54 1.34 0.18 -14.83
CA THR A 54 1.38 -1.21 -14.33
C THR A 54 1.76 -2.16 -15.45
N LYS A 55 2.87 -2.83 -15.33
CA LYS A 55 3.30 -3.77 -16.40
C LYS A 55 2.32 -4.95 -16.47
N SER A 56 1.97 -5.50 -15.35
CA SER A 56 1.05 -6.66 -15.34
C SER A 56 0.49 -6.87 -13.94
N MET A 57 -0.59 -7.59 -13.81
CA MET A 57 -1.17 -7.84 -12.47
C MET A 57 -1.88 -9.19 -12.47
N ASP A 58 -1.48 -10.08 -11.60
CA ASP A 58 -2.12 -11.43 -11.53
C ASP A 58 -2.26 -11.82 -10.06
N PHE A 59 -3.42 -11.62 -9.49
CA PHE A 59 -3.62 -11.96 -8.06
C PHE A 59 -3.87 -13.47 -7.91
N LYS A 60 -2.93 -14.17 -7.34
CA LYS A 60 -3.10 -15.65 -7.14
C LYS A 60 -1.92 -16.21 -6.36
N GLU A 61 -1.91 -17.50 -6.13
CA GLU A 61 -0.81 -18.14 -5.35
C GLU A 61 0.55 -17.62 -5.86
N GLY A 62 1.07 -18.21 -6.91
CA GLY A 62 2.38 -17.75 -7.45
C GLY A 62 2.18 -16.50 -8.29
N GLY A 63 1.17 -15.73 -7.97
CA GLY A 63 0.90 -14.49 -8.76
C GLY A 63 1.93 -13.42 -8.43
N THR A 64 2.13 -12.49 -9.34
CA THR A 64 3.13 -11.39 -9.09
C THR A 64 2.52 -10.06 -9.50
N TRP A 65 3.05 -8.98 -8.98
CA TRP A 65 2.51 -7.63 -9.32
C TRP A 65 3.69 -6.71 -9.62
N LEU A 66 3.84 -6.29 -10.85
CA LEU A 66 4.96 -5.38 -11.22
C LEU A 66 4.40 -3.98 -11.44
N TYR A 67 4.84 -3.03 -10.65
CA TYR A 67 4.33 -1.63 -10.78
C TYR A 67 5.48 -0.71 -11.18
N ALA A 68 5.20 0.25 -12.02
CA ALA A 68 6.26 1.20 -12.48
C ALA A 68 5.78 2.63 -12.20
N MET A 69 6.52 3.38 -11.44
CA MET A 69 6.12 4.79 -11.13
C MET A 69 6.99 5.74 -11.93
N VAL A 70 6.37 6.68 -12.62
CA VAL A 70 7.15 7.67 -13.42
C VAL A 70 6.79 9.07 -12.92
N GLY A 71 7.78 9.85 -12.57
CA GLY A 71 7.52 11.23 -12.07
C GLY A 71 7.91 12.26 -13.15
N PRO A 72 7.85 13.52 -12.82
CA PRO A 72 8.21 14.63 -13.77
C PRO A 72 9.66 14.57 -14.25
N ASN A 73 9.89 14.95 -15.47
CA ASN A 73 11.28 14.96 -16.03
C ASN A 73 11.91 13.58 -15.86
N GLY A 74 11.16 12.55 -16.08
CA GLY A 74 11.71 11.17 -15.95
C GLY A 74 11.65 10.70 -14.49
N GLU A 75 12.79 10.50 -13.88
CA GLU A 75 12.84 10.02 -12.46
C GLU A 75 11.73 9.00 -12.22
N GLU A 76 12.00 7.76 -12.55
CA GLU A 76 10.99 6.67 -12.35
C GLU A 76 11.57 5.61 -11.41
N HIS A 77 10.72 4.86 -10.77
CA HIS A 77 11.20 3.80 -9.83
C HIS A 77 10.42 2.52 -10.08
N TRP A 78 11.10 1.40 -10.21
CA TRP A 78 10.40 0.11 -10.48
C TRP A 78 10.41 -0.75 -9.23
N SER A 79 9.37 -1.51 -9.01
CA SER A 79 9.31 -2.39 -7.81
C SER A 79 8.43 -3.60 -8.14
N ILE A 80 8.70 -4.73 -7.54
CA ILE A 80 7.88 -5.95 -7.83
C ILE A 80 7.49 -6.64 -6.53
N CYS A 81 6.28 -7.13 -6.47
CA CYS A 81 5.80 -7.83 -5.23
C CYS A 81 5.37 -9.25 -5.62
N GLU A 82 5.91 -10.24 -4.95
CA GLU A 82 5.55 -11.65 -5.27
C GLU A 82 4.72 -12.24 -4.13
N TYR A 83 3.51 -12.63 -4.43
CA TYR A 83 2.63 -13.19 -3.37
C TYR A 83 2.91 -14.69 -3.22
N ALA A 84 3.11 -15.14 -2.00
CA ALA A 84 3.38 -16.59 -1.77
C ALA A 84 2.11 -17.25 -1.26
N ILE A 85 1.61 -16.78 -0.14
CA ILE A 85 0.36 -17.36 0.45
C ILE A 85 -0.72 -16.28 0.49
N ILE A 86 -1.88 -16.58 -0.01
CA ILE A 86 -3.00 -15.59 0.00
C ILE A 86 -4.20 -16.20 0.70
N LYS A 87 -4.76 -15.50 1.65
CA LYS A 87 -5.94 -16.03 2.40
C LYS A 87 -7.09 -15.01 2.31
N PRO A 88 -8.34 -15.47 2.29
CA PRO A 88 -9.53 -14.57 2.21
C PRO A 88 -9.42 -13.33 3.14
N ILE A 89 -10.44 -12.52 3.17
CA ILE A 89 -10.43 -11.30 4.03
C ILE A 89 -10.00 -11.67 5.46
N GLU A 90 -8.72 -11.73 5.70
CA GLU A 90 -8.22 -12.08 7.07
C GLU A 90 -6.77 -11.58 7.20
N ARG A 91 -5.87 -12.20 6.49
CA ARG A 91 -4.44 -11.77 6.56
C ARG A 91 -3.77 -12.00 5.20
N PHE A 92 -2.84 -11.14 4.84
CA PHE A 92 -2.13 -11.29 3.52
C PHE A 92 -0.62 -11.18 3.73
N THR A 93 0.14 -11.98 3.04
CA THR A 93 1.64 -11.94 3.19
C THR A 93 2.29 -11.95 1.80
N GLY A 94 3.51 -11.50 1.71
CA GLY A 94 4.20 -11.51 0.40
C GLY A 94 5.57 -10.87 0.56
N LYS A 95 6.31 -10.72 -0.51
CA LYS A 95 7.68 -10.12 -0.41
C LYS A 95 7.83 -9.04 -1.49
N ASP A 96 8.51 -7.97 -1.17
CA ASP A 96 8.73 -6.88 -2.16
C ASP A 96 10.22 -6.75 -2.46
N GLY A 97 10.58 -6.81 -3.73
CA GLY A 97 12.02 -6.72 -4.13
C GLY A 97 12.24 -5.46 -4.95
N PHE A 98 13.33 -4.78 -4.74
CA PHE A 98 13.61 -3.53 -5.49
C PHE A 98 14.03 -3.88 -6.92
N THR A 99 13.62 -3.09 -7.89
CA THR A 99 13.99 -3.37 -9.31
C THR A 99 14.40 -2.07 -10.00
N ASP A 100 15.08 -2.17 -11.11
CA ASP A 100 15.51 -0.95 -11.85
C ASP A 100 15.30 -1.17 -13.36
N ALA A 101 14.21 -0.66 -13.88
CA ALA A 101 13.90 -0.80 -15.33
C ALA A 101 13.40 -2.21 -15.65
N SER A 102 12.64 -2.33 -16.70
CA SER A 102 12.09 -3.65 -17.12
C SER A 102 11.33 -4.29 -15.95
N GLY A 103 12.02 -4.92 -15.05
CA GLY A 103 11.35 -5.58 -13.90
C GLY A 103 12.25 -6.70 -13.40
N LYS A 104 13.48 -6.72 -13.84
CA LYS A 104 14.42 -7.79 -13.40
C LYS A 104 14.76 -7.63 -11.92
N LEU A 105 14.88 -8.72 -11.21
CA LEU A 105 15.20 -8.63 -9.76
C LEU A 105 16.69 -8.29 -9.60
N ASN A 106 17.00 -7.02 -9.48
CA ASN A 106 18.41 -6.59 -9.30
C ASN A 106 18.67 -6.24 -7.84
N THR A 107 19.89 -6.35 -7.41
CA THR A 107 20.20 -6.02 -5.99
C THR A 107 19.78 -4.58 -5.70
N GLU A 108 20.13 -3.66 -6.57
CA GLU A 108 19.76 -2.23 -6.37
C GLU A 108 19.78 -1.87 -4.88
N MET A 109 18.66 -2.00 -4.22
CA MET A 109 18.59 -1.68 -2.75
C MET A 109 18.22 -2.95 -1.97
N PRO A 110 18.45 -2.96 -0.69
CA PRO A 110 18.13 -4.14 0.19
C PRO A 110 16.69 -4.63 0.01
N ARG A 111 16.50 -5.92 0.10
CA ARG A 111 15.13 -6.51 -0.07
C ARG A 111 14.30 -6.24 1.19
N SER A 112 13.00 -6.22 1.05
CA SER A 112 12.11 -5.96 2.22
C SER A 112 10.86 -6.82 2.09
N ASN A 113 10.23 -7.12 3.20
CA ASN A 113 8.99 -7.97 3.17
C ASN A 113 7.79 -7.12 3.60
N TRP A 114 6.72 -7.17 2.85
CA TRP A 114 5.49 -6.38 3.19
C TRP A 114 4.40 -7.33 3.68
N ASP A 115 4.23 -7.41 4.98
CA ASP A 115 3.17 -8.30 5.55
C ASP A 115 1.96 -7.45 5.92
N MET A 116 0.88 -7.59 5.21
CA MET A 116 -0.33 -6.76 5.51
C MET A 116 -1.28 -7.54 6.41
N ARG A 117 -1.97 -6.86 7.29
CA ARG A 117 -2.95 -7.53 8.20
C ARG A 117 -4.31 -6.86 8.05
N PHE A 118 -5.35 -7.64 7.96
CA PHE A 118 -6.73 -7.08 7.82
C PHE A 118 -7.53 -7.42 9.07
N ILE A 119 -7.98 -6.42 9.79
CA ILE A 119 -8.78 -6.68 11.04
C ILE A 119 -10.19 -6.14 10.84
N ASP A 120 -11.17 -6.96 11.09
CA ASP A 120 -12.58 -6.51 10.92
C ASP A 120 -13.13 -5.97 12.24
N LYS A 121 -13.58 -4.74 12.23
CA LYS A 121 -14.13 -4.11 13.48
C LYS A 121 -15.55 -3.60 13.18
N GLY A 122 -16.45 -4.50 12.92
CA GLY A 122 -17.86 -4.10 12.64
C GLY A 122 -17.93 -3.22 11.40
N GLU A 123 -18.66 -2.13 11.50
CA GLU A 123 -18.79 -1.20 10.34
C GLU A 123 -17.49 -0.44 10.14
N ILE A 124 -16.49 -0.74 10.94
CA ILE A 124 -15.17 -0.03 10.82
C ILE A 124 -14.09 -1.03 10.41
N THR A 125 -13.24 -0.65 9.49
CA THR A 125 -12.16 -1.56 9.01
C THR A 125 -10.81 -0.97 9.39
N GLU A 126 -9.94 -1.77 9.94
CA GLU A 126 -8.58 -1.29 10.36
C GLU A 126 -7.51 -2.03 9.56
N VAL A 127 -6.64 -1.31 8.91
CA VAL A 127 -5.56 -1.95 8.09
C VAL A 127 -4.21 -1.60 8.70
N GLN A 128 -3.36 -2.58 8.88
CA GLN A 128 -2.01 -2.33 9.47
C GLN A 128 -0.95 -2.79 8.47
N TYR A 129 0.02 -1.96 8.19
CA TYR A 129 1.09 -2.35 7.21
C TYR A 129 2.38 -2.63 7.97
N HIS A 130 3.01 -3.74 7.68
CA HIS A 130 4.29 -4.11 8.37
C HIS A 130 5.38 -4.22 7.31
N ILE A 131 6.42 -3.42 7.42
CA ILE A 131 7.54 -3.46 6.42
C ILE A 131 8.85 -3.72 7.15
N SER A 132 9.64 -4.65 6.66
CA SER A 132 10.94 -4.97 7.32
C SER A 132 12.10 -4.65 6.38
N TYR A 133 13.19 -4.15 6.92
CA TYR A 133 14.38 -3.80 6.07
C TYR A 133 15.64 -4.47 6.64
N ASP A 134 16.48 -4.97 5.78
CA ASP A 134 17.73 -5.63 6.25
C ASP A 134 18.75 -4.58 6.68
N ASP A 135 18.58 -3.35 6.23
CA ASP A 135 19.55 -2.26 6.59
C ASP A 135 18.85 -1.22 7.48
N VAL A 136 19.43 -0.92 8.61
CA VAL A 136 18.85 0.07 9.54
C VAL A 136 18.87 1.46 8.89
N ALA A 137 19.95 1.81 8.27
CA ALA A 137 20.05 3.16 7.63
C ALA A 137 18.94 3.34 6.59
N GLN A 138 18.66 2.33 5.83
CA GLN A 138 17.59 2.44 4.80
C GLN A 138 16.24 2.61 5.48
N LEU A 139 16.05 1.95 6.59
CA LEU A 139 14.75 2.06 7.32
C LEU A 139 14.50 3.50 7.78
N GLU A 140 15.51 4.14 8.31
CA GLU A 140 15.31 5.53 8.81
C GLU A 140 15.04 6.50 7.65
N ALA A 141 15.82 6.45 6.61
CA ALA A 141 15.60 7.39 5.47
C ALA A 141 14.34 7.02 4.66
N THR A 142 14.15 5.76 4.39
CA THR A 142 12.95 5.34 3.60
C THR A 142 11.65 5.59 4.37
N ILE A 143 11.59 5.25 5.62
CA ILE A 143 10.34 5.43 6.39
C ILE A 143 10.00 6.92 6.56
N GLN A 144 10.98 7.74 6.85
CA GLN A 144 10.71 9.19 7.05
C GLN A 144 10.19 9.82 5.76
N MET A 145 10.89 9.64 4.66
CA MET A 145 10.44 10.24 3.38
C MET A 145 9.21 9.49 2.85
N GLY A 146 9.21 8.18 2.97
CA GLY A 146 8.06 7.39 2.46
C GLY A 146 6.82 7.63 3.31
N PHE A 147 6.97 7.62 4.60
CA PHE A 147 5.78 7.84 5.49
C PHE A 147 5.26 9.28 5.33
N LYS A 148 6.14 10.25 5.34
CA LYS A 148 5.70 11.66 5.22
C LYS A 148 5.06 11.91 3.86
N GLU A 149 5.69 11.46 2.81
CA GLU A 149 5.14 11.68 1.45
C GLU A 149 4.05 10.65 1.14
N GLY A 150 4.29 9.41 1.48
CA GLY A 150 3.29 8.34 1.20
C GLY A 150 1.98 8.64 1.92
N ILE A 151 2.02 8.81 3.22
CA ILE A 151 0.76 9.09 3.97
C ILE A 151 0.19 10.46 3.58
N THR A 152 1.01 11.46 3.47
CA THR A 152 0.47 12.81 3.10
C THR A 152 -0.17 12.74 1.72
N MET A 153 0.53 12.21 0.75
CA MET A 153 -0.03 12.12 -0.62
C MET A 153 -1.17 11.09 -0.66
N ALA A 154 -0.99 9.97 -0.01
CA ALA A 154 -2.04 8.91 -0.01
C ALA A 154 -3.27 9.38 0.77
N MET A 155 -3.07 10.01 1.89
CA MET A 155 -4.22 10.49 2.71
C MET A 155 -5.01 11.54 1.92
N GLU A 156 -4.32 12.45 1.30
CA GLU A 156 -5.03 13.51 0.53
C GLU A 156 -5.74 12.91 -0.68
N ASN A 157 -5.03 12.14 -1.47
CA ASN A 157 -5.67 11.52 -2.66
C ASN A 157 -6.76 10.53 -2.23
N LEU A 158 -6.49 9.75 -1.23
CA LEU A 158 -7.48 8.75 -0.75
C LEU A 158 -8.72 9.47 -0.21
N ASP A 159 -8.53 10.51 0.55
CA ASP A 159 -9.70 11.25 1.11
C ASP A 159 -10.55 11.83 -0.02
N GLU A 160 -9.92 12.40 -1.00
CA GLU A 160 -10.68 12.99 -2.15
C GLU A 160 -11.33 11.88 -2.96
N LEU A 161 -10.67 10.76 -3.09
CA LEU A 161 -11.24 9.64 -3.88
C LEU A 161 -12.53 9.14 -3.22
N LEU A 162 -12.52 8.97 -1.93
CA LEU A 162 -13.74 8.47 -1.23
C LEU A 162 -14.90 9.46 -1.40
N VAL A 163 -14.62 10.73 -1.24
CA VAL A 163 -15.70 11.75 -1.40
C VAL A 163 -16.17 11.77 -2.85
N SER A 164 -15.26 11.73 -3.78
CA SER A 164 -15.66 11.73 -5.21
C SER A 164 -16.58 10.55 -5.46
N GLY A 165 -16.27 9.42 -4.89
CA GLY A 165 -17.11 8.22 -5.08
C GLY A 165 -16.51 7.05 -4.31
N LYS A 166 -16.95 6.83 -3.10
CA LYS A 166 -16.39 5.69 -2.31
C LYS A 166 -16.86 4.37 -2.92
N LYS A 167 -16.84 4.28 -4.23
CA LYS A 167 -17.26 3.04 -4.95
C LYS A 167 -18.74 2.78 -4.68
N LEU A 168 -19.60 3.64 -5.17
CA LEU A 168 -21.07 3.45 -4.98
C LEU A 168 -21.75 3.20 -6.33
N GLU A 169 -22.33 2.05 -6.50
CA GLU A 169 -23.03 1.73 -7.78
C GLU A 169 -23.77 0.40 -7.64
N HIS A 170 -25.07 0.45 -7.55
CA HIS A 170 -25.87 -0.79 -7.40
C HIS A 170 -25.80 -1.63 -8.68
N HIS A 171 -25.92 -1.00 -9.81
CA HIS A 171 -25.88 -1.75 -11.11
C HIS A 171 -24.53 -1.55 -11.77
N HIS A 172 -23.75 -2.59 -11.89
CA HIS A 172 -22.41 -2.49 -12.53
C HIS A 172 -22.46 -3.14 -13.91
N HIS A 173 -23.50 -3.89 -14.18
CA HIS A 173 -23.62 -4.54 -15.50
C HIS A 173 -23.80 -3.48 -16.58
N HIS A 174 -24.60 -2.48 -16.31
CA HIS A 174 -24.84 -1.39 -17.31
C HIS A 174 -25.03 -1.99 -18.70
N HIS A 175 -26.23 -2.37 -19.03
CA HIS A 175 -26.51 -2.96 -20.36
C HIS A 175 -26.50 -1.87 -21.43
N MET A 1 -8.67 18.24 8.52
CA MET A 1 -9.35 18.11 9.85
C MET A 1 -10.68 17.38 9.66
N ARG A 2 -11.48 17.32 10.69
CA ARG A 2 -12.79 16.63 10.58
C ARG A 2 -12.59 15.22 10.03
N THR A 3 -11.36 14.78 9.93
CA THR A 3 -11.10 13.40 9.41
C THR A 3 -11.20 12.39 10.56
N ASP A 4 -11.92 11.33 10.34
CA ASP A 4 -12.07 10.29 11.41
C ASP A 4 -11.00 9.21 11.22
N LEU A 5 -10.15 9.38 10.26
CA LEU A 5 -9.09 8.36 10.00
C LEU A 5 -8.06 8.39 11.13
N ALA A 6 -7.63 7.25 11.60
CA ALA A 6 -6.61 7.21 12.69
C ALA A 6 -5.23 6.95 12.09
N LEU A 7 -4.21 7.59 12.60
CA LEU A 7 -2.83 7.39 12.06
C LEU A 7 -1.83 7.24 13.22
N ASP A 8 -1.08 6.18 13.20
CA ASP A 8 -0.06 5.96 14.28
C ASP A 8 1.17 5.32 13.63
N PHE A 9 2.28 6.02 13.64
CA PHE A 9 3.53 5.48 13.02
C PHE A 9 4.45 4.91 14.10
N SER A 10 4.79 3.65 14.02
CA SER A 10 5.70 3.03 15.03
C SER A 10 6.75 2.20 14.29
N VAL A 11 7.98 2.21 14.76
CA VAL A 11 9.06 1.43 14.07
C VAL A 11 9.74 0.52 15.10
N ASN A 12 9.89 -0.74 14.77
CA ASN A 12 10.55 -1.71 15.70
C ASN A 12 11.96 -2.01 15.19
N LYS A 13 12.93 -1.24 15.61
CA LYS A 13 14.33 -1.50 15.15
C LYS A 13 14.80 -2.85 15.69
N GLU A 14 14.43 -3.18 16.90
CA GLU A 14 14.87 -4.47 17.49
C GLU A 14 14.68 -5.60 16.47
N ASN A 15 13.49 -5.77 15.96
CA ASN A 15 13.25 -6.84 14.95
C ASN A 15 13.47 -6.25 13.56
N LYS A 16 13.91 -5.02 13.50
CA LYS A 16 14.14 -4.37 12.18
C LYS A 16 12.87 -4.43 11.33
N THR A 17 11.75 -4.04 11.89
CA THR A 17 10.46 -4.06 11.12
C THR A 17 9.70 -2.77 11.38
N ILE A 18 8.70 -2.49 10.57
CA ILE A 18 7.89 -1.24 10.75
C ILE A 18 6.43 -1.62 11.01
N THR A 19 5.85 -1.08 12.05
CA THR A 19 4.43 -1.38 12.38
C THR A 19 3.58 -0.14 12.10
N ILE A 20 2.66 -0.25 11.18
CA ILE A 20 1.78 0.92 10.84
C ILE A 20 0.35 0.58 11.17
N LYS A 21 -0.33 1.45 11.88
CA LYS A 21 -1.75 1.18 12.26
C LYS A 21 -2.62 2.33 11.73
N ARG A 22 -3.64 2.00 10.96
CA ARG A 22 -4.54 3.04 10.40
C ARG A 22 -5.98 2.56 10.50
N GLU A 23 -6.91 3.47 10.64
CA GLU A 23 -8.36 3.10 10.73
C GLU A 23 -9.13 3.83 9.64
N PHE A 24 -10.01 3.12 8.95
CA PHE A 24 -10.80 3.75 7.85
C PHE A 24 -12.30 3.49 8.09
N ALA A 25 -13.12 4.39 7.63
CA ALA A 25 -14.60 4.23 7.81
C ALA A 25 -15.19 3.56 6.57
N ALA A 26 -14.89 2.30 6.38
CA ALA A 26 -15.44 1.58 5.19
C ALA A 26 -15.45 0.08 5.47
N VAL A 27 -16.29 -0.65 4.78
CA VAL A 27 -16.37 -2.13 5.01
C VAL A 27 -15.18 -2.82 4.33
N ARG A 28 -14.90 -4.03 4.72
CA ARG A 28 -13.76 -4.78 4.12
C ARG A 28 -13.99 -4.93 2.61
N ALA A 29 -15.22 -5.06 2.20
CA ALA A 29 -15.52 -5.23 0.75
C ALA A 29 -14.94 -4.06 -0.05
N ILE A 30 -15.20 -2.86 0.37
CA ILE A 30 -14.67 -1.67 -0.37
C ILE A 30 -13.14 -1.66 -0.31
N VAL A 31 -12.59 -1.93 0.85
CA VAL A 31 -11.11 -1.91 0.98
C VAL A 31 -10.49 -2.98 0.06
N TRP A 32 -11.05 -4.15 0.05
CA TRP A 32 -10.50 -5.23 -0.82
C TRP A 32 -10.58 -4.82 -2.29
N GLU A 33 -11.68 -4.22 -2.70
CA GLU A 33 -11.81 -3.81 -4.12
C GLU A 33 -10.80 -2.72 -4.45
N ALA A 34 -10.60 -1.80 -3.55
CA ALA A 34 -9.63 -0.70 -3.82
C ALA A 34 -8.19 -1.19 -3.62
N PHE A 35 -8.02 -2.34 -3.03
CA PHE A 35 -6.64 -2.88 -2.79
C PHE A 35 -6.30 -3.96 -3.82
N THR A 36 -7.28 -4.47 -4.53
CA THR A 36 -7.01 -5.53 -5.54
C THR A 36 -6.91 -4.91 -6.94
N ARG A 37 -7.29 -3.67 -7.09
CA ARG A 37 -7.22 -3.00 -8.43
C ARG A 37 -6.06 -2.01 -8.46
N ALA A 38 -5.16 -2.18 -9.39
CA ALA A 38 -4.00 -1.26 -9.50
C ALA A 38 -4.49 0.15 -9.88
N GLU A 39 -5.51 0.22 -10.70
CA GLU A 39 -6.02 1.56 -11.12
C GLU A 39 -6.42 2.40 -9.90
N ILE A 40 -7.25 1.85 -9.05
CA ILE A 40 -7.67 2.61 -7.84
C ILE A 40 -6.46 2.89 -6.95
N LEU A 41 -5.61 1.91 -6.77
CA LEU A 41 -4.42 2.11 -5.89
C LEU A 41 -3.57 3.25 -6.44
N ASP A 42 -3.34 3.28 -7.72
CA ASP A 42 -2.51 4.38 -8.29
C ASP A 42 -3.38 5.62 -8.49
N GLN A 43 -4.67 5.49 -8.35
CA GLN A 43 -5.56 6.66 -8.55
C GLN A 43 -5.30 7.70 -7.45
N TRP A 44 -5.14 7.26 -6.22
CA TRP A 44 -4.88 8.23 -5.10
C TRP A 44 -3.38 8.21 -4.75
N TRP A 45 -2.71 7.13 -5.03
CA TRP A 45 -1.24 7.07 -4.72
C TRP A 45 -0.44 7.51 -5.95
N ALA A 46 0.18 8.65 -5.86
CA ALA A 46 0.99 9.16 -7.01
C ALA A 46 1.46 10.58 -6.69
N PRO A 47 2.25 10.73 -5.66
CA PRO A 47 2.76 12.07 -5.21
C PRO A 47 3.78 12.67 -6.19
N LYS A 48 3.90 13.98 -6.18
CA LYS A 48 4.86 14.69 -7.07
C LYS A 48 4.59 14.33 -8.54
N PRO A 49 4.95 15.21 -9.47
CA PRO A 49 4.75 14.95 -10.93
C PRO A 49 5.18 13.54 -11.33
N TRP A 50 5.81 12.83 -10.44
CA TRP A 50 6.28 11.44 -10.73
C TRP A 50 5.24 10.70 -11.57
N LYS A 51 5.68 9.89 -12.49
CA LYS A 51 4.73 9.13 -13.36
C LYS A 51 4.84 7.64 -13.04
N ALA A 52 3.75 7.03 -12.70
CA ALA A 52 3.77 5.57 -12.36
C ALA A 52 3.19 4.77 -13.52
N LYS A 53 3.69 3.57 -13.73
CA LYS A 53 3.16 2.71 -14.83
C LYS A 53 3.12 1.26 -14.34
N THR A 54 1.94 0.73 -14.14
CA THR A 54 1.83 -0.69 -13.67
C THR A 54 1.87 -1.61 -14.88
N LYS A 55 2.83 -2.50 -14.94
CA LYS A 55 2.90 -3.41 -16.13
C LYS A 55 1.73 -4.39 -16.09
N SER A 56 1.42 -4.94 -14.94
CA SER A 56 0.31 -5.91 -14.88
C SER A 56 -0.19 -6.05 -13.42
N MET A 57 -1.39 -6.54 -13.25
CA MET A 57 -1.95 -6.72 -11.87
C MET A 57 -2.84 -7.95 -11.87
N ASP A 58 -2.56 -8.91 -11.02
CA ASP A 58 -3.39 -10.15 -10.97
C ASP A 58 -3.40 -10.69 -9.54
N PHE A 59 -4.50 -10.56 -8.85
CA PHE A 59 -4.59 -11.05 -7.45
C PHE A 59 -4.70 -12.58 -7.44
N LYS A 60 -3.62 -13.25 -7.14
CA LYS A 60 -3.66 -14.75 -7.10
C LYS A 60 -2.60 -15.27 -6.14
N GLU A 61 -2.77 -16.46 -5.64
CA GLU A 61 -1.78 -17.03 -4.68
C GLU A 61 -0.37 -16.96 -5.28
N GLY A 62 -0.22 -17.36 -6.52
CA GLY A 62 1.13 -17.32 -7.18
C GLY A 62 1.20 -16.11 -8.10
N GLY A 63 0.23 -15.23 -8.01
CA GLY A 63 0.22 -14.03 -8.89
C GLY A 63 1.35 -13.08 -8.49
N THR A 64 1.64 -12.12 -9.33
CA THR A 64 2.72 -11.13 -9.05
C THR A 64 2.20 -9.73 -9.33
N TRP A 65 2.83 -8.73 -8.77
CA TRP A 65 2.39 -7.32 -9.00
C TRP A 65 3.62 -6.47 -9.33
N LEU A 66 3.74 -6.03 -10.57
CA LEU A 66 4.92 -5.20 -10.97
C LEU A 66 4.47 -3.75 -11.10
N TYR A 67 4.98 -2.89 -10.26
CA TYR A 67 4.59 -1.44 -10.32
C TYR A 67 5.82 -0.60 -10.67
N ALA A 68 5.63 0.41 -11.48
CA ALA A 68 6.78 1.29 -11.88
C ALA A 68 6.56 2.69 -11.32
N MET A 69 7.61 3.35 -10.92
CA MET A 69 7.48 4.74 -10.37
C MET A 69 8.68 5.56 -10.85
N VAL A 70 8.43 6.60 -11.62
CA VAL A 70 9.54 7.43 -12.16
C VAL A 70 9.56 8.79 -11.44
N GLY A 71 10.73 9.20 -10.99
CA GLY A 71 10.84 10.51 -10.28
C GLY A 71 11.94 10.43 -9.22
N PRO A 72 11.89 9.42 -8.39
CA PRO A 72 12.90 9.21 -7.30
C PRO A 72 14.31 8.97 -7.86
N ASN A 73 15.32 9.19 -7.06
CA ASN A 73 16.73 8.98 -7.52
C ASN A 73 16.83 7.70 -8.35
N GLY A 74 17.74 7.66 -9.29
CA GLY A 74 17.88 6.45 -10.14
C GLY A 74 16.97 6.58 -11.37
N GLU A 75 16.59 7.78 -11.70
CA GLU A 75 15.72 8.01 -12.89
C GLU A 75 14.41 7.24 -12.72
N GLU A 76 14.43 5.95 -13.00
CA GLU A 76 13.18 5.12 -12.87
C GLU A 76 13.36 4.10 -11.75
N HIS A 77 12.35 3.94 -10.93
CA HIS A 77 12.43 2.96 -9.80
C HIS A 77 11.34 1.91 -9.98
N TRP A 78 11.73 0.67 -10.18
CA TRP A 78 10.75 -0.43 -10.37
C TRP A 78 10.75 -1.33 -9.14
N SER A 79 9.61 -1.82 -8.76
CA SER A 79 9.51 -2.72 -7.58
C SER A 79 8.58 -3.88 -7.92
N ILE A 80 8.85 -5.05 -7.38
CA ILE A 80 7.97 -6.23 -7.70
C ILE A 80 7.64 -6.97 -6.40
N CYS A 81 6.41 -7.35 -6.24
CA CYS A 81 5.98 -8.10 -5.03
C CYS A 81 5.37 -9.42 -5.46
N GLU A 82 5.91 -10.52 -5.00
CA GLU A 82 5.37 -11.86 -5.39
C GLU A 82 4.54 -12.43 -4.26
N TYR A 83 3.28 -12.65 -4.51
CA TYR A 83 2.39 -13.21 -3.45
C TYR A 83 2.55 -14.72 -3.42
N ALA A 84 2.66 -15.29 -2.26
CA ALA A 84 2.82 -16.77 -2.13
C ALA A 84 1.59 -17.36 -1.44
N ILE A 85 1.12 -16.71 -0.40
CA ILE A 85 -0.09 -17.21 0.34
C ILE A 85 -1.11 -16.09 0.49
N ILE A 86 -2.34 -16.34 0.13
CA ILE A 86 -3.41 -15.30 0.25
C ILE A 86 -4.63 -15.90 0.95
N LYS A 87 -5.14 -15.22 1.95
CA LYS A 87 -6.34 -15.73 2.70
C LYS A 87 -7.48 -14.71 2.54
N PRO A 88 -8.73 -15.15 2.52
CA PRO A 88 -9.91 -14.25 2.38
C PRO A 88 -9.75 -12.95 3.19
N ILE A 89 -8.99 -12.00 2.68
CA ILE A 89 -8.78 -10.69 3.38
C ILE A 89 -8.85 -10.86 4.91
N GLU A 90 -7.73 -11.04 5.55
CA GLU A 90 -7.73 -11.20 7.02
C GLU A 90 -6.28 -11.28 7.52
N ARG A 91 -5.50 -12.19 7.00
CA ARG A 91 -4.08 -12.29 7.43
C ARG A 91 -3.28 -13.12 6.41
N PHE A 92 -2.17 -12.62 5.98
CA PHE A 92 -1.35 -13.39 4.99
C PHE A 92 0.04 -12.73 4.85
N THR A 93 0.99 -13.46 4.32
CA THR A 93 2.37 -12.91 4.16
C THR A 93 2.90 -13.25 2.77
N GLY A 94 3.93 -12.58 2.33
CA GLY A 94 4.49 -12.86 0.97
C GLY A 94 5.98 -12.48 0.96
N LYS A 95 6.52 -12.24 -0.22
CA LYS A 95 7.97 -11.88 -0.32
C LYS A 95 8.14 -10.76 -1.35
N ASP A 96 8.81 -9.69 -0.97
CA ASP A 96 9.01 -8.54 -1.91
C ASP A 96 10.48 -8.41 -2.30
N GLY A 97 10.76 -7.60 -3.29
CA GLY A 97 12.17 -7.42 -3.73
C GLY A 97 12.26 -6.26 -4.72
N PHE A 98 13.40 -5.62 -4.80
CA PHE A 98 13.54 -4.47 -5.73
C PHE A 98 13.70 -4.98 -7.17
N THR A 99 13.21 -4.22 -8.13
CA THR A 99 13.33 -4.63 -9.56
C THR A 99 13.85 -3.45 -10.38
N ASP A 100 14.30 -3.70 -11.58
CA ASP A 100 14.82 -2.60 -12.45
C ASP A 100 14.23 -2.73 -13.86
N ALA A 101 13.06 -2.19 -14.07
CA ALA A 101 12.41 -2.27 -15.40
C ALA A 101 12.59 -3.67 -16.01
N SER A 102 12.82 -4.66 -15.18
CA SER A 102 13.01 -6.06 -15.69
C SER A 102 11.75 -6.88 -15.41
N GLY A 103 11.17 -6.72 -14.24
CA GLY A 103 9.93 -7.48 -13.90
C GLY A 103 10.31 -8.92 -13.53
N LYS A 104 11.50 -9.34 -13.88
CA LYS A 104 11.94 -10.73 -13.53
C LYS A 104 12.75 -10.69 -12.23
N LEU A 105 13.00 -9.52 -11.73
CA LEU A 105 13.78 -9.39 -10.47
C LEU A 105 15.20 -9.92 -10.69
N ASN A 106 16.11 -9.05 -11.03
CA ASN A 106 17.52 -9.49 -11.26
C ASN A 106 18.22 -9.60 -9.91
N THR A 107 17.45 -9.65 -8.85
CA THR A 107 18.05 -9.75 -7.50
C THR A 107 19.14 -8.69 -7.34
N GLU A 108 18.73 -7.45 -7.14
CA GLU A 108 19.73 -6.35 -7.00
C GLU A 108 19.94 -6.02 -5.52
N MET A 109 18.93 -5.49 -4.87
CA MET A 109 19.07 -5.12 -3.43
C MET A 109 18.48 -6.23 -2.53
N PRO A 110 18.74 -6.21 -1.25
CA PRO A 110 18.21 -7.24 -0.30
C PRO A 110 16.68 -7.36 -0.35
N ARG A 111 16.17 -8.56 -0.16
CA ARG A 111 14.69 -8.76 -0.19
C ARG A 111 14.06 -8.16 1.07
N SER A 112 12.77 -7.93 1.04
CA SER A 112 12.07 -7.34 2.23
C SER A 112 10.86 -8.20 2.61
N ASN A 113 10.45 -8.15 3.85
CA ASN A 113 9.28 -8.96 4.30
C ASN A 113 8.04 -8.08 4.35
N TRP A 114 6.93 -8.55 3.82
CA TRP A 114 5.68 -7.73 3.82
C TRP A 114 4.53 -8.60 4.37
N ASP A 115 4.18 -8.41 5.62
CA ASP A 115 3.05 -9.19 6.22
C ASP A 115 1.87 -8.24 6.47
N MET A 116 0.77 -8.49 5.82
CA MET A 116 -0.42 -7.59 5.96
C MET A 116 -1.50 -8.28 6.81
N ARG A 117 -2.15 -7.53 7.67
CA ARG A 117 -3.22 -8.13 8.54
C ARG A 117 -4.46 -7.24 8.45
N PHE A 118 -5.56 -7.81 8.01
CA PHE A 118 -6.83 -7.04 7.87
C PHE A 118 -7.80 -7.43 8.98
N ILE A 119 -8.20 -6.49 9.80
CA ILE A 119 -9.16 -6.78 10.91
C ILE A 119 -10.44 -5.99 10.68
N ASP A 120 -11.56 -6.66 10.59
CA ASP A 120 -12.85 -5.94 10.35
C ASP A 120 -13.51 -5.64 11.70
N LYS A 121 -13.62 -4.38 12.06
CA LYS A 121 -14.26 -4.02 13.37
C LYS A 121 -15.64 -3.40 13.13
N GLY A 122 -16.60 -4.22 12.78
CA GLY A 122 -17.98 -3.70 12.56
C GLY A 122 -18.02 -2.73 11.38
N GLU A 123 -18.66 -1.60 11.56
CA GLU A 123 -18.77 -0.60 10.46
C GLU A 123 -17.43 0.09 10.22
N ILE A 124 -16.44 -0.21 11.02
CA ILE A 124 -15.09 0.42 10.85
C ILE A 124 -14.06 -0.67 10.56
N THR A 125 -13.24 -0.47 9.56
CA THR A 125 -12.21 -1.49 9.18
C THR A 125 -10.83 -0.96 9.53
N GLU A 126 -10.04 -1.76 10.23
CA GLU A 126 -8.66 -1.32 10.62
C GLU A 126 -7.65 -2.17 9.85
N VAL A 127 -6.71 -1.53 9.21
CA VAL A 127 -5.69 -2.28 8.41
C VAL A 127 -4.30 -1.97 8.96
N GLN A 128 -3.49 -2.97 9.14
CA GLN A 128 -2.10 -2.77 9.67
C GLN A 128 -1.11 -3.27 8.63
N TYR A 129 -0.14 -2.46 8.28
CA TYR A 129 0.86 -2.87 7.26
C TYR A 129 2.19 -3.16 7.94
N HIS A 130 2.78 -4.29 7.67
CA HIS A 130 4.08 -4.65 8.28
C HIS A 130 5.16 -4.63 7.20
N ILE A 131 6.04 -3.66 7.26
CA ILE A 131 7.12 -3.53 6.22
C ILE A 131 8.49 -3.57 6.92
N SER A 132 9.39 -4.39 6.41
CA SER A 132 10.75 -4.49 7.02
C SER A 132 11.81 -4.29 5.94
N TYR A 133 12.84 -3.53 6.23
CA TYR A 133 13.93 -3.27 5.23
C TYR A 133 15.28 -3.68 5.82
N ASP A 134 16.09 -4.31 5.02
CA ASP A 134 17.43 -4.76 5.50
C ASP A 134 18.30 -3.53 5.82
N ASP A 135 18.15 -2.47 5.06
CA ASP A 135 18.98 -1.25 5.31
C ASP A 135 18.33 -0.37 6.36
N VAL A 136 18.93 -0.30 7.52
CA VAL A 136 18.37 0.55 8.61
C VAL A 136 18.46 2.03 8.24
N ALA A 137 19.57 2.43 7.70
CA ALA A 137 19.74 3.87 7.32
C ALA A 137 18.67 4.29 6.30
N GLN A 138 18.50 3.52 5.26
CA GLN A 138 17.49 3.88 4.24
C GLN A 138 16.09 3.74 4.84
N LEU A 139 15.92 2.86 5.79
CA LEU A 139 14.58 2.68 6.40
C LEU A 139 14.14 3.99 7.07
N GLU A 140 15.02 4.63 7.78
CA GLU A 140 14.64 5.89 8.47
C GLU A 140 14.41 7.01 7.46
N ALA A 141 15.32 7.20 6.54
CA ALA A 141 15.15 8.29 5.54
C ALA A 141 14.04 7.96 4.54
N THR A 142 14.06 6.77 3.99
CA THR A 142 13.03 6.38 2.99
C THR A 142 11.62 6.38 3.61
N ILE A 143 11.46 5.78 4.75
CA ILE A 143 10.10 5.74 5.37
C ILE A 143 9.65 7.13 5.84
N GLN A 144 10.55 7.89 6.40
CA GLN A 144 10.16 9.24 6.90
C GLN A 144 9.71 10.15 5.76
N MET A 145 10.48 10.26 4.72
CA MET A 145 10.09 11.15 3.58
C MET A 145 8.96 10.52 2.76
N GLY A 146 9.01 9.24 2.54
CA GLY A 146 7.94 8.59 1.71
C GLY A 146 6.57 8.69 2.40
N PHE A 147 6.48 8.29 3.64
CA PHE A 147 5.16 8.35 4.34
C PHE A 147 4.75 9.80 4.61
N LYS A 148 5.66 10.62 5.06
CA LYS A 148 5.28 12.02 5.36
C LYS A 148 4.69 12.69 4.12
N GLU A 149 5.40 12.67 3.03
CA GLU A 149 4.87 13.30 1.79
C GLU A 149 3.79 12.41 1.17
N GLY A 150 3.97 11.12 1.22
CA GLY A 150 2.97 10.20 0.62
C GLY A 150 1.63 10.32 1.37
N ILE A 151 1.66 10.32 2.67
CA ILE A 151 0.40 10.42 3.45
C ILE A 151 -0.27 11.77 3.18
N THR A 152 0.48 12.83 3.16
CA THR A 152 -0.15 14.16 2.92
C THR A 152 -0.90 14.15 1.60
N MET A 153 -0.24 13.80 0.53
CA MET A 153 -0.92 13.76 -0.79
C MET A 153 -1.91 12.60 -0.87
N ALA A 154 -1.54 11.46 -0.35
CA ALA A 154 -2.43 10.26 -0.40
C ALA A 154 -3.69 10.46 0.45
N MET A 155 -3.54 10.92 1.66
CA MET A 155 -4.74 11.11 2.53
C MET A 155 -5.69 12.13 1.91
N GLU A 156 -5.16 13.22 1.39
CA GLU A 156 -6.04 14.25 0.79
C GLU A 156 -6.80 13.65 -0.40
N ASN A 157 -6.10 13.09 -1.35
CA ASN A 157 -6.79 12.51 -2.53
C ASN A 157 -7.63 11.30 -2.10
N LEU A 158 -7.12 10.49 -1.21
CA LEU A 158 -7.89 9.29 -0.77
C LEU A 158 -9.15 9.73 -0.01
N ASP A 159 -9.04 10.72 0.82
CA ASP A 159 -10.24 11.19 1.59
C ASP A 159 -11.34 11.66 0.64
N GLU A 160 -11.01 12.52 -0.29
CA GLU A 160 -12.04 13.01 -1.24
C GLU A 160 -12.44 11.87 -2.19
N LEU A 161 -11.53 11.01 -2.52
CA LEU A 161 -11.88 9.88 -3.44
C LEU A 161 -12.93 9.00 -2.78
N LEU A 162 -12.77 8.70 -1.52
CA LEU A 162 -13.76 7.85 -0.81
C LEU A 162 -15.09 8.57 -0.78
N VAL A 163 -15.07 9.86 -0.55
CA VAL A 163 -16.35 10.62 -0.50
C VAL A 163 -17.03 10.53 -1.87
N SER A 164 -16.29 10.69 -2.93
CA SER A 164 -16.89 10.61 -4.28
C SER A 164 -17.09 9.13 -4.67
N GLY A 165 -16.53 8.23 -3.88
CA GLY A 165 -16.67 6.78 -4.19
C GLY A 165 -17.83 6.19 -3.39
N LYS A 166 -17.68 6.13 -2.08
CA LYS A 166 -18.77 5.56 -1.21
C LYS A 166 -19.35 4.29 -1.85
N LYS A 167 -20.36 4.44 -2.66
CA LYS A 167 -20.99 3.26 -3.34
C LYS A 167 -21.73 2.40 -2.31
N LEU A 168 -21.84 1.12 -2.60
CA LEU A 168 -22.55 0.17 -1.70
C LEU A 168 -23.99 0.61 -1.49
N GLU A 169 -24.88 -0.33 -1.29
CA GLU A 169 -26.31 0.00 -1.07
C GLU A 169 -26.84 0.83 -2.24
N HIS A 170 -27.10 0.20 -3.36
CA HIS A 170 -27.61 0.95 -4.54
C HIS A 170 -28.56 0.06 -5.34
N HIS A 171 -29.55 0.64 -5.97
CA HIS A 171 -30.51 -0.16 -6.77
C HIS A 171 -29.95 -0.37 -8.17
N HIS A 172 -29.89 -1.60 -8.64
CA HIS A 172 -29.35 -1.88 -10.00
C HIS A 172 -30.49 -2.25 -10.95
N HIS A 173 -30.60 -1.54 -12.04
CA HIS A 173 -31.68 -1.84 -13.02
C HIS A 173 -31.45 -3.22 -13.64
N HIS A 174 -30.21 -3.53 -13.93
CA HIS A 174 -29.88 -4.86 -14.54
C HIS A 174 -30.88 -5.18 -15.65
N HIS A 175 -31.96 -5.83 -15.34
CA HIS A 175 -32.96 -6.19 -16.40
C HIS A 175 -33.39 -4.92 -17.14
N MET A 1 -13.94 15.08 15.61
CA MET A 1 -15.35 15.33 15.26
C MET A 1 -15.69 14.65 13.92
N ARG A 2 -16.95 14.45 13.66
CA ARG A 2 -17.37 13.81 12.40
C ARG A 2 -16.54 12.56 12.13
N THR A 3 -15.58 12.67 11.24
CA THR A 3 -14.71 11.49 10.91
C THR A 3 -13.61 11.33 11.95
N ASP A 4 -13.45 10.15 12.45
CA ASP A 4 -12.41 9.87 13.48
C ASP A 4 -11.05 9.68 12.79
N LEU A 5 -10.95 8.74 11.90
CA LEU A 5 -9.68 8.47 11.18
C LEU A 5 -8.51 8.42 12.17
N ALA A 6 -8.08 7.24 12.53
CA ALA A 6 -6.95 7.13 13.52
C ALA A 6 -5.61 7.06 12.80
N LEU A 7 -4.64 7.76 13.33
CA LEU A 7 -3.27 7.77 12.73
C LEU A 7 -2.26 7.26 13.76
N ASP A 8 -1.59 6.19 13.44
CA ASP A 8 -0.57 5.63 14.38
C ASP A 8 0.57 5.00 13.59
N PHE A 9 1.77 5.16 14.08
CA PHE A 9 2.96 4.58 13.40
C PHE A 9 3.96 4.08 14.44
N SER A 10 4.70 3.05 14.12
CA SER A 10 5.70 2.50 15.06
C SER A 10 6.91 1.98 14.28
N VAL A 11 8.06 2.53 14.56
CA VAL A 11 9.31 2.11 13.87
C VAL A 11 10.31 1.59 14.89
N ASN A 12 10.88 0.45 14.63
CA ASN A 12 11.88 -0.15 15.57
C ASN A 12 13.13 -0.55 14.80
N LYS A 13 14.12 0.29 14.87
CA LYS A 13 15.41 0.01 14.16
C LYS A 13 16.08 -1.22 14.78
N GLU A 14 16.01 -1.36 16.07
CA GLU A 14 16.63 -2.54 16.75
C GLU A 14 16.03 -3.83 16.20
N ASN A 15 14.75 -3.84 15.94
CA ASN A 15 14.09 -5.05 15.41
C ASN A 15 14.04 -4.96 13.87
N LYS A 16 14.48 -3.85 13.32
CA LYS A 16 14.49 -3.66 11.84
C LYS A 16 13.12 -4.00 11.25
N THR A 17 12.08 -3.55 11.88
CA THR A 17 10.70 -3.81 11.38
C THR A 17 9.86 -2.54 11.48
N ILE A 18 8.86 -2.42 10.65
CA ILE A 18 7.99 -1.21 10.66
C ILE A 18 6.53 -1.62 10.72
N THR A 19 5.82 -1.08 11.69
CA THR A 19 4.37 -1.41 11.85
C THR A 19 3.56 -0.11 11.84
N ILE A 20 2.57 -0.05 10.98
CA ILE A 20 1.71 1.16 10.88
C ILE A 20 0.26 0.76 11.11
N LYS A 21 -0.42 1.46 11.98
CA LYS A 21 -1.85 1.15 12.29
C LYS A 21 -2.71 2.38 11.98
N ARG A 22 -3.78 2.17 11.26
CA ARG A 22 -4.69 3.32 10.92
C ARG A 22 -6.13 2.83 10.91
N GLU A 23 -7.04 3.74 11.20
CA GLU A 23 -8.50 3.40 11.22
C GLU A 23 -9.23 4.20 10.15
N PHE A 24 -10.11 3.53 9.46
CA PHE A 24 -10.92 4.21 8.39
C PHE A 24 -12.39 3.88 8.58
N ALA A 25 -13.24 4.80 8.24
CA ALA A 25 -14.71 4.58 8.39
C ALA A 25 -15.28 4.05 7.08
N ALA A 26 -14.97 2.82 6.77
CA ALA A 26 -15.49 2.20 5.51
C ALA A 26 -15.44 0.68 5.63
N VAL A 27 -16.26 0.01 4.86
CA VAL A 27 -16.30 -1.47 4.90
C VAL A 27 -15.08 -2.06 4.20
N ARG A 28 -14.73 -3.26 4.57
CA ARG A 28 -13.55 -3.95 3.97
C ARG A 28 -13.82 -4.24 2.49
N ALA A 29 -15.07 -4.25 2.11
CA ALA A 29 -15.42 -4.54 0.69
C ALA A 29 -14.85 -3.44 -0.20
N ILE A 30 -15.11 -2.21 0.14
CA ILE A 30 -14.60 -1.06 -0.66
C ILE A 30 -13.08 -0.99 -0.55
N VAL A 31 -12.56 -1.15 0.64
CA VAL A 31 -11.08 -1.08 0.83
C VAL A 31 -10.41 -2.22 0.07
N TRP A 32 -10.94 -3.41 0.18
CA TRP A 32 -10.35 -4.58 -0.51
C TRP A 32 -10.41 -4.37 -2.03
N GLU A 33 -11.50 -3.87 -2.52
CA GLU A 33 -11.64 -3.65 -4.00
C GLU A 33 -10.66 -2.58 -4.46
N ALA A 34 -10.47 -1.55 -3.68
CA ALA A 34 -9.52 -0.47 -4.07
C ALA A 34 -8.09 -0.92 -3.81
N PHE A 35 -7.93 -1.99 -3.07
CA PHE A 35 -6.56 -2.51 -2.77
C PHE A 35 -6.23 -3.64 -3.75
N THR A 36 -7.20 -4.12 -4.48
CA THR A 36 -6.96 -5.22 -5.45
C THR A 36 -6.75 -4.62 -6.84
N ARG A 37 -6.84 -3.32 -6.94
CA ARG A 37 -6.65 -2.64 -8.27
C ARG A 37 -5.48 -1.68 -8.17
N ALA A 38 -4.40 -1.98 -8.84
CA ALA A 38 -3.19 -1.12 -8.80
C ALA A 38 -3.57 0.28 -9.28
N GLU A 39 -4.57 0.38 -10.12
CA GLU A 39 -5.01 1.71 -10.63
C GLU A 39 -5.50 2.56 -9.47
N ILE A 40 -6.52 2.10 -8.78
CA ILE A 40 -7.07 2.87 -7.64
C ILE A 40 -6.04 2.91 -6.52
N LEU A 41 -5.39 1.81 -6.26
CA LEU A 41 -4.39 1.76 -5.16
C LEU A 41 -3.27 2.76 -5.46
N ASP A 42 -2.83 2.81 -6.68
CA ASP A 42 -1.74 3.76 -7.06
C ASP A 42 -2.23 5.21 -6.90
N GLN A 43 -3.48 5.45 -7.17
CA GLN A 43 -4.02 6.83 -7.07
C GLN A 43 -3.89 7.32 -5.63
N TRP A 44 -3.50 6.46 -4.72
CA TRP A 44 -3.34 6.88 -3.30
C TRP A 44 -2.21 7.90 -3.19
N TRP A 45 -0.98 7.44 -3.14
CA TRP A 45 0.15 8.39 -3.02
C TRP A 45 0.69 8.73 -4.41
N ALA A 46 0.00 9.59 -5.09
CA ALA A 46 0.43 10.03 -6.45
C ALA A 46 -0.69 10.87 -7.07
N PRO A 47 -1.09 11.93 -6.42
CA PRO A 47 -2.17 12.83 -6.93
C PRO A 47 -1.71 13.62 -8.15
N LYS A 48 -0.43 13.66 -8.39
CA LYS A 48 0.09 14.41 -9.58
C LYS A 48 1.62 14.27 -9.68
N PRO A 49 2.34 14.43 -8.59
CA PRO A 49 3.82 14.33 -8.62
C PRO A 49 4.30 12.93 -9.04
N TRP A 50 5.41 12.89 -9.71
CA TRP A 50 5.98 11.60 -10.17
C TRP A 50 4.96 10.84 -11.01
N LYS A 51 5.40 9.76 -11.59
CA LYS A 51 4.47 8.94 -12.45
C LYS A 51 4.70 7.46 -12.17
N ALA A 52 3.63 6.72 -12.02
CA ALA A 52 3.72 5.26 -11.75
C ALA A 52 3.07 4.49 -12.90
N LYS A 53 3.66 3.39 -13.27
CA LYS A 53 3.11 2.56 -14.38
C LYS A 53 3.13 1.08 -14.01
N THR A 54 1.97 0.50 -13.87
CA THR A 54 1.88 -0.95 -13.54
C THR A 54 2.11 -1.76 -14.80
N LYS A 55 3.25 -2.40 -14.90
CA LYS A 55 3.57 -3.21 -16.10
C LYS A 55 2.64 -4.43 -16.15
N SER A 56 2.43 -5.07 -15.04
CA SER A 56 1.53 -6.26 -15.02
C SER A 56 0.91 -6.43 -13.63
N MET A 57 -0.22 -7.06 -13.57
CA MET A 57 -0.91 -7.28 -12.27
C MET A 57 -1.81 -8.51 -12.37
N ASP A 58 -1.59 -9.48 -11.52
CA ASP A 58 -2.42 -10.72 -11.54
C ASP A 58 -2.68 -11.18 -10.10
N PHE A 59 -3.89 -10.99 -9.64
CA PHE A 59 -4.24 -11.40 -8.25
C PHE A 59 -4.49 -12.91 -8.21
N LYS A 60 -3.43 -13.67 -8.24
CA LYS A 60 -3.56 -15.15 -8.18
C LYS A 60 -2.34 -15.74 -7.48
N GLU A 61 -2.51 -16.89 -6.90
CA GLU A 61 -1.37 -17.54 -6.17
C GLU A 61 -0.10 -17.45 -7.03
N GLY A 62 -0.20 -17.85 -8.28
CA GLY A 62 0.99 -17.80 -9.18
C GLY A 62 1.08 -16.42 -9.82
N GLY A 63 0.11 -15.59 -9.57
CA GLY A 63 0.10 -14.21 -10.17
C GLY A 63 1.07 -13.30 -9.44
N THR A 64 1.52 -12.27 -10.10
CA THR A 64 2.48 -11.31 -9.46
C THR A 64 2.11 -9.88 -9.82
N TRP A 65 2.61 -8.94 -9.07
CA TRP A 65 2.33 -7.50 -9.32
C TRP A 65 3.65 -6.76 -9.55
N LEU A 66 3.84 -6.29 -10.76
CA LEU A 66 5.09 -5.56 -11.10
C LEU A 66 4.75 -4.11 -11.46
N TYR A 67 5.38 -3.19 -10.80
CA TYR A 67 5.12 -1.75 -11.08
C TYR A 67 6.42 -0.96 -10.93
N ALA A 68 6.49 0.17 -11.58
CA ALA A 68 7.72 1.02 -11.52
C ALA A 68 7.33 2.46 -11.22
N MET A 69 8.02 3.07 -10.29
CA MET A 69 7.72 4.48 -9.91
C MET A 69 8.76 5.41 -10.53
N VAL A 70 8.34 6.24 -11.45
CA VAL A 70 9.28 7.18 -12.12
C VAL A 70 9.47 8.41 -11.24
N GLY A 71 10.71 8.75 -11.01
CA GLY A 71 11.02 9.94 -10.16
C GLY A 71 10.87 11.22 -10.97
N PRO A 72 11.36 12.31 -10.44
CA PRO A 72 11.29 13.65 -11.11
C PRO A 72 12.01 13.63 -12.47
N ASN A 73 11.51 12.82 -13.38
CA ASN A 73 12.11 12.71 -14.73
C ASN A 73 13.60 12.35 -14.60
N GLY A 74 13.93 11.55 -13.62
CA GLY A 74 15.35 11.15 -13.43
C GLY A 74 15.44 9.75 -12.80
N GLU A 75 15.81 9.70 -11.55
CA GLU A 75 15.96 8.38 -10.85
C GLU A 75 14.67 7.57 -10.95
N GLU A 76 14.81 6.30 -11.21
CA GLU A 76 13.61 5.40 -11.31
C GLU A 76 13.71 4.26 -10.32
N HIS A 77 12.62 3.95 -9.68
CA HIS A 77 12.61 2.84 -8.65
C HIS A 77 11.66 1.74 -9.11
N TRP A 78 12.18 0.55 -9.25
CA TRP A 78 11.34 -0.61 -9.69
C TRP A 78 11.15 -1.57 -8.52
N SER A 79 10.02 -2.22 -8.50
CA SER A 79 9.73 -3.19 -7.40
C SER A 79 8.79 -4.28 -7.92
N ILE A 80 8.86 -5.45 -7.34
CA ILE A 80 7.99 -6.58 -7.77
C ILE A 80 7.46 -7.32 -6.56
N CYS A 81 6.22 -7.74 -6.63
CA CYS A 81 5.59 -8.49 -5.50
C CYS A 81 4.93 -9.76 -6.05
N GLU A 82 5.20 -10.86 -5.40
CA GLU A 82 4.60 -12.16 -5.84
C GLU A 82 3.64 -12.66 -4.77
N TYR A 83 2.47 -13.06 -5.19
CA TYR A 83 1.45 -13.56 -4.22
C TYR A 83 1.72 -15.02 -3.87
N ALA A 84 1.67 -15.32 -2.60
CA ALA A 84 1.91 -16.72 -2.14
C ALA A 84 0.58 -17.43 -1.96
N ILE A 85 -0.15 -17.09 -0.92
CA ILE A 85 -1.47 -17.75 -0.66
C ILE A 85 -2.54 -16.68 -0.44
N ILE A 86 -3.61 -16.78 -1.17
CA ILE A 86 -4.72 -15.80 -1.03
C ILE A 86 -5.77 -16.36 -0.09
N LYS A 87 -6.10 -15.59 0.92
CA LYS A 87 -7.12 -16.01 1.91
C LYS A 87 -8.27 -15.00 1.88
N PRO A 88 -9.45 -15.42 2.28
CA PRO A 88 -10.64 -14.52 2.31
C PRO A 88 -10.35 -13.18 2.99
N ILE A 89 -11.07 -12.16 2.60
CA ILE A 89 -10.86 -10.81 3.19
C ILE A 89 -10.62 -10.92 4.69
N GLU A 90 -9.37 -11.01 5.07
CA GLU A 90 -9.02 -11.15 6.51
C GLU A 90 -7.52 -10.91 6.69
N ARG A 91 -6.72 -11.90 6.40
CA ARG A 91 -5.25 -11.76 6.57
C ARG A 91 -4.51 -12.57 5.52
N PHE A 92 -3.49 -12.00 4.95
CA PHE A 92 -2.70 -12.71 3.91
C PHE A 92 -1.28 -12.15 3.83
N THR A 93 -0.38 -12.93 3.32
CA THR A 93 1.04 -12.50 3.19
C THR A 93 1.59 -12.94 1.83
N GLY A 94 2.75 -12.43 1.48
CA GLY A 94 3.37 -12.77 0.18
C GLY A 94 4.86 -12.45 0.21
N LYS A 95 5.46 -12.37 -0.95
CA LYS A 95 6.93 -12.08 -1.02
C LYS A 95 7.18 -10.94 -2.01
N ASP A 96 8.19 -10.15 -1.73
CA ASP A 96 8.53 -9.01 -2.63
C ASP A 96 10.02 -8.68 -2.54
N GLY A 97 10.49 -7.84 -3.42
CA GLY A 97 11.93 -7.46 -3.42
C GLY A 97 12.19 -6.38 -4.48
N PHE A 98 13.27 -5.66 -4.33
CA PHE A 98 13.61 -4.58 -5.29
C PHE A 98 14.18 -5.16 -6.57
N THR A 99 13.90 -4.52 -7.66
CA THR A 99 14.40 -5.00 -8.99
C THR A 99 15.16 -3.88 -9.70
N ASP A 100 16.16 -4.26 -10.45
CA ASP A 100 16.97 -3.26 -11.19
C ASP A 100 16.47 -3.18 -12.64
N ALA A 101 15.40 -2.44 -12.85
CA ALA A 101 14.82 -2.28 -14.21
C ALA A 101 14.80 -3.63 -14.93
N SER A 102 14.93 -4.70 -14.19
CA SER A 102 14.92 -6.05 -14.80
C SER A 102 13.49 -6.57 -14.82
N GLY A 103 12.59 -5.82 -14.23
CA GLY A 103 11.15 -6.24 -14.21
C GLY A 103 10.96 -7.44 -13.30
N LYS A 104 11.47 -8.57 -13.69
CA LYS A 104 11.33 -9.81 -12.88
C LYS A 104 12.34 -9.81 -11.74
N LEU A 105 11.99 -10.49 -10.67
CA LEU A 105 12.89 -10.53 -9.50
C LEU A 105 14.22 -11.15 -9.87
N ASN A 106 15.29 -10.43 -9.60
CA ASN A 106 16.65 -10.93 -9.90
C ASN A 106 17.37 -11.25 -8.58
N THR A 107 16.64 -11.32 -7.51
CA THR A 107 17.24 -11.63 -6.17
C THR A 107 18.45 -10.72 -5.91
N GLU A 108 19.63 -11.25 -6.02
CA GLU A 108 20.86 -10.45 -5.77
C GLU A 108 20.78 -9.79 -4.40
N MET A 109 20.09 -8.69 -4.31
CA MET A 109 19.97 -7.96 -3.03
C MET A 109 19.14 -8.81 -2.04
N PRO A 110 19.03 -8.37 -0.81
CA PRO A 110 18.25 -9.10 0.23
C PRO A 110 16.76 -9.15 -0.09
N ARG A 111 16.11 -10.19 0.34
CA ARG A 111 14.65 -10.33 0.08
C ARG A 111 13.86 -9.42 1.01
N SER A 112 12.65 -9.13 0.64
CA SER A 112 11.78 -8.23 1.46
C SER A 112 10.46 -8.93 1.75
N ASN A 113 9.84 -8.60 2.85
CA ASN A 113 8.54 -9.23 3.24
C ASN A 113 7.54 -8.15 3.60
N TRP A 114 6.31 -8.35 3.18
CA TRP A 114 5.22 -7.38 3.48
C TRP A 114 3.94 -8.15 3.81
N ASP A 115 3.57 -8.16 5.05
CA ASP A 115 2.35 -8.89 5.49
C ASP A 115 1.21 -7.90 5.70
N MET A 116 0.06 -8.23 5.17
CA MET A 116 -1.13 -7.34 5.30
C MET A 116 -2.13 -7.96 6.29
N ARG A 117 -2.66 -7.15 7.17
CA ARG A 117 -3.64 -7.63 8.17
C ARG A 117 -4.88 -6.74 8.15
N PHE A 118 -6.01 -7.33 7.88
CA PHE A 118 -7.30 -6.56 7.84
C PHE A 118 -8.22 -7.03 8.95
N ILE A 119 -8.75 -6.11 9.72
CA ILE A 119 -9.67 -6.48 10.83
C ILE A 119 -10.99 -5.73 10.65
N ASP A 120 -12.08 -6.45 10.64
CA ASP A 120 -13.42 -5.83 10.49
C ASP A 120 -13.94 -5.41 11.86
N LYS A 121 -14.59 -4.28 11.92
CA LYS A 121 -15.15 -3.79 13.21
C LYS A 121 -16.50 -3.11 12.96
N GLY A 122 -17.41 -3.84 12.40
CA GLY A 122 -18.80 -3.34 12.12
C GLY A 122 -18.81 -1.90 11.62
N GLU A 123 -19.11 -1.72 10.36
CA GLU A 123 -19.18 -0.36 9.76
C GLU A 123 -17.80 0.30 9.82
N ILE A 124 -16.90 -0.26 10.60
CA ILE A 124 -15.54 0.31 10.72
C ILE A 124 -14.49 -0.74 10.36
N THR A 125 -13.54 -0.37 9.54
CA THR A 125 -12.46 -1.31 9.11
C THR A 125 -11.10 -0.70 9.44
N GLU A 126 -10.23 -1.50 10.03
CA GLU A 126 -8.87 -1.02 10.40
C GLU A 126 -7.83 -1.72 9.53
N VAL A 127 -6.95 -0.94 8.95
CA VAL A 127 -5.89 -1.52 8.06
C VAL A 127 -4.53 -1.37 8.73
N GLN A 128 -3.78 -2.45 8.79
CA GLN A 128 -2.42 -2.43 9.42
C GLN A 128 -1.39 -2.95 8.43
N TYR A 129 -0.32 -2.21 8.24
CA TYR A 129 0.75 -2.63 7.30
C TYR A 129 1.97 -3.15 8.07
N HIS A 130 2.48 -4.27 7.66
CA HIS A 130 3.68 -4.88 8.31
C HIS A 130 4.75 -5.11 7.25
N ILE A 131 5.72 -4.23 7.20
CA ILE A 131 6.82 -4.35 6.20
C ILE A 131 8.18 -4.30 6.88
N SER A 132 9.04 -5.23 6.53
CA SER A 132 10.41 -5.26 7.14
C SER A 132 11.45 -5.53 6.05
N TYR A 133 12.61 -4.95 6.19
CA TYR A 133 13.69 -5.14 5.19
C TYR A 133 15.01 -4.63 5.77
N ASP A 134 16.11 -5.13 5.25
CA ASP A 134 17.45 -4.70 5.73
C ASP A 134 17.97 -3.55 4.86
N ASP A 135 17.78 -2.34 5.33
CA ASP A 135 18.26 -1.16 4.57
C ASP A 135 18.07 0.09 5.42
N VAL A 136 19.01 0.34 6.30
CA VAL A 136 18.92 1.52 7.19
C VAL A 136 18.93 2.81 6.36
N ALA A 137 19.80 2.91 5.40
CA ALA A 137 19.88 4.15 4.57
C ALA A 137 18.55 4.43 3.90
N GLN A 138 17.99 3.46 3.23
CA GLN A 138 16.69 3.67 2.54
C GLN A 138 15.57 3.79 3.58
N LEU A 139 15.69 3.07 4.67
CA LEU A 139 14.64 3.12 5.72
C LEU A 139 14.54 4.53 6.31
N GLU A 140 15.66 5.14 6.55
CA GLU A 140 15.66 6.51 7.14
C GLU A 140 15.08 7.51 6.13
N ALA A 141 15.59 7.51 4.93
CA ALA A 141 15.09 8.47 3.91
C ALA A 141 13.64 8.14 3.53
N THR A 142 13.36 6.87 3.36
CA THR A 142 11.98 6.44 2.98
C THR A 142 10.96 6.78 4.07
N ILE A 143 11.28 6.49 5.30
CA ILE A 143 10.33 6.77 6.42
C ILE A 143 10.08 8.26 6.60
N GLN A 144 11.11 9.06 6.55
CA GLN A 144 10.90 10.53 6.77
C GLN A 144 10.03 11.12 5.64
N MET A 145 10.40 10.88 4.42
CA MET A 145 9.61 11.42 3.29
C MET A 145 8.35 10.60 3.07
N GLY A 146 8.44 9.31 3.25
CA GLY A 146 7.26 8.42 3.06
C GLY A 146 6.21 8.72 4.12
N PHE A 147 6.65 8.94 5.32
CA PHE A 147 5.71 9.25 6.43
C PHE A 147 5.00 10.55 6.14
N LYS A 148 5.74 11.55 5.76
CA LYS A 148 5.13 12.87 5.47
C LYS A 148 4.35 12.84 4.16
N GLU A 149 4.98 12.41 3.10
CA GLU A 149 4.27 12.38 1.78
C GLU A 149 3.23 11.28 1.75
N GLY A 150 3.58 10.12 2.24
CA GLY A 150 2.62 8.98 2.22
C GLY A 150 1.35 9.32 2.99
N ILE A 151 1.48 9.69 4.23
CA ILE A 151 0.28 10.01 5.05
C ILE A 151 -0.43 11.24 4.47
N THR A 152 0.31 12.25 4.12
CA THR A 152 -0.32 13.49 3.57
C THR A 152 -1.01 13.19 2.25
N MET A 153 -0.32 12.57 1.34
CA MET A 153 -0.91 12.25 0.01
C MET A 153 -1.95 11.14 0.12
N ALA A 154 -1.66 10.13 0.89
CA ALA A 154 -2.62 8.99 1.05
C ALA A 154 -3.88 9.46 1.75
N MET A 155 -3.73 10.26 2.78
CA MET A 155 -4.92 10.76 3.54
C MET A 155 -5.81 11.59 2.62
N GLU A 156 -5.22 12.44 1.83
CA GLU A 156 -6.03 13.31 0.92
C GLU A 156 -6.59 12.47 -0.24
N ASN A 157 -5.76 11.69 -0.87
CA ASN A 157 -6.22 10.85 -2.02
C ASN A 157 -7.23 9.81 -1.54
N LEU A 158 -6.96 9.21 -0.41
CA LEU A 158 -7.87 8.16 0.13
C LEU A 158 -9.22 8.76 0.48
N ASP A 159 -9.23 9.92 1.08
CA ASP A 159 -10.52 10.56 1.46
C ASP A 159 -11.34 10.84 0.21
N GLU A 160 -10.70 11.36 -0.80
CA GLU A 160 -11.42 11.68 -2.07
C GLU A 160 -11.83 10.39 -2.78
N LEU A 161 -10.98 9.40 -2.77
CA LEU A 161 -11.31 8.11 -3.45
C LEU A 161 -12.52 7.45 -2.79
N LEU A 162 -12.56 7.45 -1.50
CA LEU A 162 -13.70 6.82 -0.78
C LEU A 162 -15.00 7.56 -1.11
N VAL A 163 -14.95 8.86 -1.10
CA VAL A 163 -16.17 9.66 -1.41
C VAL A 163 -16.55 9.47 -2.88
N SER A 164 -15.58 9.52 -3.76
CA SER A 164 -15.86 9.36 -5.21
C SER A 164 -16.33 7.92 -5.50
N GLY A 165 -15.79 6.97 -4.81
CA GLY A 165 -16.18 5.54 -5.04
C GLY A 165 -17.53 5.26 -4.38
N LYS A 166 -17.53 5.05 -3.09
CA LYS A 166 -18.79 4.74 -2.36
C LYS A 166 -19.56 3.66 -3.10
N LYS A 167 -18.86 2.73 -3.68
CA LYS A 167 -19.52 1.63 -4.44
C LYS A 167 -20.28 0.71 -3.48
N LEU A 168 -21.49 0.36 -3.85
CA LEU A 168 -22.33 -0.51 -2.99
C LEU A 168 -21.84 -1.96 -3.10
N GLU A 169 -21.95 -2.70 -2.03
CA GLU A 169 -21.51 -4.11 -2.02
C GLU A 169 -22.31 -4.94 -3.02
N HIS A 170 -21.63 -5.77 -3.77
CA HIS A 170 -22.32 -6.60 -4.79
C HIS A 170 -23.17 -7.67 -4.11
N HIS A 171 -24.35 -7.91 -4.63
CA HIS A 171 -25.25 -8.93 -4.03
C HIS A 171 -25.09 -10.25 -4.80
N HIS A 172 -23.90 -10.79 -4.79
CA HIS A 172 -23.62 -12.07 -5.50
C HIS A 172 -24.42 -13.19 -4.83
N HIS A 173 -24.54 -13.14 -3.52
CA HIS A 173 -25.30 -14.19 -2.78
C HIS A 173 -26.72 -14.28 -3.33
N HIS A 174 -27.35 -13.16 -3.54
CA HIS A 174 -28.74 -13.16 -4.09
C HIS A 174 -28.71 -13.67 -5.52
N HIS A 175 -27.70 -13.28 -6.28
CA HIS A 175 -27.60 -13.73 -7.70
C HIS A 175 -26.23 -14.35 -7.94
N MET A 1 -15.87 18.26 15.46
CA MET A 1 -15.08 18.24 14.19
C MET A 1 -15.38 16.95 13.42
N ARG A 2 -15.19 16.98 12.12
CA ARG A 2 -15.48 15.78 11.29
C ARG A 2 -14.41 14.70 11.51
N THR A 3 -14.77 13.46 11.29
CA THR A 3 -13.79 12.35 11.50
C THR A 3 -12.56 12.56 10.64
N ASP A 4 -11.41 12.68 11.26
CA ASP A 4 -10.14 12.89 10.50
C ASP A 4 -9.37 11.55 10.44
N LEU A 5 -10.07 10.47 10.71
CA LEU A 5 -9.45 9.10 10.66
C LEU A 5 -8.37 8.96 11.74
N ALA A 6 -8.08 7.73 12.12
CA ALA A 6 -7.05 7.51 13.18
C ALA A 6 -5.69 7.29 12.53
N LEU A 7 -4.70 8.04 12.94
CA LEU A 7 -3.33 7.89 12.36
C LEU A 7 -2.35 7.52 13.47
N ASP A 8 -1.67 6.40 13.33
CA ASP A 8 -0.69 5.97 14.35
C ASP A 8 0.58 5.49 13.64
N PHE A 9 1.69 6.14 13.90
CA PHE A 9 2.97 5.74 13.23
C PHE A 9 3.93 5.19 14.28
N SER A 10 4.40 3.97 14.09
CA SER A 10 5.35 3.38 15.07
C SER A 10 6.36 2.51 14.30
N VAL A 11 7.61 2.60 14.65
CA VAL A 11 8.66 1.78 13.96
C VAL A 11 9.39 0.91 14.98
N ASN A 12 9.53 -0.35 14.69
CA ASN A 12 10.23 -1.27 15.63
C ASN A 12 11.70 -1.38 15.24
N LYS A 13 12.53 -0.53 15.79
CA LYS A 13 13.98 -0.56 15.47
C LYS A 13 14.59 -1.87 16.00
N GLU A 14 14.19 -2.29 17.16
CA GLU A 14 14.75 -3.54 17.75
C GLU A 14 14.44 -4.73 16.84
N ASN A 15 13.26 -4.81 16.32
CA ASN A 15 12.89 -5.96 15.44
C ASN A 15 13.17 -5.58 13.99
N LYS A 16 13.66 -4.38 13.76
CA LYS A 16 13.96 -3.93 12.38
C LYS A 16 12.72 -4.08 11.50
N THR A 17 11.58 -3.67 12.00
CA THR A 17 10.31 -3.76 11.20
C THR A 17 9.51 -2.47 11.35
N ILE A 18 8.53 -2.28 10.50
CA ILE A 18 7.69 -1.04 10.57
C ILE A 18 6.25 -1.43 10.89
N THR A 19 5.68 -0.79 11.89
CA THR A 19 4.26 -1.09 12.27
C THR A 19 3.42 0.17 12.09
N ILE A 20 2.36 0.07 11.34
CA ILE A 20 1.47 1.26 11.11
C ILE A 20 0.03 0.85 11.34
N LYS A 21 -0.69 1.61 12.12
CA LYS A 21 -2.13 1.29 12.39
C LYS A 21 -2.99 2.49 12.00
N ARG A 22 -4.04 2.26 11.27
CA ARG A 22 -4.94 3.38 10.86
C ARG A 22 -6.38 2.90 10.89
N GLU A 23 -7.30 3.78 11.21
CA GLU A 23 -8.73 3.40 11.27
C GLU A 23 -9.49 4.14 10.17
N PHE A 24 -10.30 3.43 9.42
CA PHE A 24 -11.08 4.06 8.31
C PHE A 24 -12.56 3.74 8.48
N ALA A 25 -13.41 4.64 8.08
CA ALA A 25 -14.87 4.43 8.23
C ALA A 25 -15.44 3.79 6.96
N ALA A 26 -15.15 2.53 6.73
CA ALA A 26 -15.67 1.86 5.51
C ALA A 26 -15.75 0.34 5.77
N VAL A 27 -16.59 -0.33 5.05
CA VAL A 27 -16.72 -1.80 5.26
C VAL A 27 -15.53 -2.53 4.64
N ARG A 28 -15.28 -3.74 5.07
CA ARG A 28 -14.14 -4.52 4.52
C ARG A 28 -14.32 -4.72 3.01
N ALA A 29 -15.54 -4.82 2.56
CA ALA A 29 -15.79 -5.03 1.11
C ALA A 29 -15.13 -3.90 0.30
N ILE A 30 -15.34 -2.69 0.68
CA ILE A 30 -14.73 -1.54 -0.05
C ILE A 30 -13.21 -1.60 0.08
N VAL A 31 -12.73 -1.85 1.27
CA VAL A 31 -11.26 -1.89 1.49
C VAL A 31 -10.64 -3.00 0.63
N TRP A 32 -11.23 -4.16 0.63
CA TRP A 32 -10.66 -5.29 -0.18
C TRP A 32 -10.67 -4.90 -1.66
N GLU A 33 -11.72 -4.28 -2.12
CA GLU A 33 -11.78 -3.89 -3.56
C GLU A 33 -10.68 -2.88 -3.87
N ALA A 34 -10.22 -2.16 -2.87
CA ALA A 34 -9.15 -1.15 -3.11
C ALA A 34 -7.81 -1.85 -3.34
N PHE A 35 -7.75 -3.15 -3.09
CA PHE A 35 -6.47 -3.90 -3.28
C PHE A 35 -6.56 -4.74 -4.56
N THR A 36 -7.75 -5.14 -4.94
CA THR A 36 -7.90 -5.97 -6.17
C THR A 36 -7.91 -5.06 -7.40
N ARG A 37 -7.72 -3.78 -7.21
CA ARG A 37 -7.72 -2.82 -8.37
C ARG A 37 -6.42 -2.01 -8.34
N ALA A 38 -5.68 -2.07 -9.41
CA ALA A 38 -4.39 -1.31 -9.48
C ALA A 38 -4.66 0.19 -9.52
N GLU A 39 -5.73 0.59 -10.15
CA GLU A 39 -6.06 2.04 -10.24
C GLU A 39 -6.18 2.63 -8.84
N ILE A 40 -6.97 2.03 -7.99
CA ILE A 40 -7.13 2.56 -6.61
C ILE A 40 -5.80 2.50 -5.87
N LEU A 41 -5.07 1.43 -6.03
CA LEU A 41 -3.77 1.31 -5.32
C LEU A 41 -2.88 2.50 -5.70
N ASP A 42 -3.04 3.03 -6.87
CA ASP A 42 -2.20 4.20 -7.28
C ASP A 42 -2.79 5.48 -6.69
N GLN A 43 -4.06 5.50 -6.43
CA GLN A 43 -4.68 6.73 -5.85
C GLN A 43 -4.11 6.98 -4.46
N TRP A 44 -3.94 5.93 -3.69
CA TRP A 44 -3.39 6.08 -2.31
C TRP A 44 -2.38 4.95 -2.05
N TRP A 45 -1.57 5.12 -1.04
CA TRP A 45 -0.53 4.08 -0.71
C TRP A 45 0.42 3.89 -1.89
N ALA A 46 1.56 4.50 -1.84
CA ALA A 46 2.56 4.38 -2.94
C ALA A 46 2.06 5.09 -4.20
N PRO A 47 1.49 6.27 -4.05
CA PRO A 47 0.97 7.07 -5.21
C PRO A 47 2.08 7.55 -6.14
N LYS A 48 1.74 7.84 -7.37
CA LYS A 48 2.74 8.32 -8.34
C LYS A 48 2.05 9.06 -9.49
N PRO A 49 1.47 10.21 -9.20
CA PRO A 49 0.75 11.02 -10.23
C PRO A 49 1.65 11.32 -11.43
N TRP A 50 2.92 11.51 -11.18
CA TRP A 50 3.89 11.81 -12.29
C TRP A 50 3.60 10.91 -13.49
N LYS A 51 4.28 9.80 -13.59
CA LYS A 51 4.03 8.88 -14.74
C LYS A 51 4.27 7.45 -14.28
N ALA A 52 3.33 6.58 -14.52
CA ALA A 52 3.48 5.15 -14.10
C ALA A 52 3.34 4.25 -15.33
N LYS A 53 4.15 3.24 -15.44
CA LYS A 53 4.07 2.32 -16.63
C LYS A 53 3.78 0.89 -16.15
N THR A 54 2.59 0.43 -16.38
CA THR A 54 2.21 -0.95 -15.97
C THR A 54 2.78 -1.96 -16.96
N LYS A 55 3.44 -2.98 -16.47
CA LYS A 55 4.04 -4.01 -17.38
C LYS A 55 3.22 -5.29 -17.26
N SER A 56 2.78 -5.64 -16.09
CA SER A 56 1.98 -6.88 -15.93
C SER A 56 1.31 -6.91 -14.56
N MET A 57 0.14 -7.47 -14.47
CA MET A 57 -0.57 -7.55 -13.16
C MET A 57 -1.54 -8.74 -13.19
N ASP A 58 -1.37 -9.67 -12.29
CA ASP A 58 -2.27 -10.86 -12.26
C ASP A 58 -2.60 -11.22 -10.81
N PHE A 59 -3.85 -11.11 -10.44
CA PHE A 59 -4.24 -11.44 -9.04
C PHE A 59 -4.33 -12.95 -8.89
N LYS A 60 -3.22 -13.61 -8.65
CA LYS A 60 -3.24 -15.09 -8.48
C LYS A 60 -2.11 -15.50 -7.53
N GLU A 61 -2.20 -16.68 -6.97
CA GLU A 61 -1.16 -17.16 -6.01
C GLU A 61 0.24 -16.80 -6.53
N GLY A 62 0.64 -17.37 -7.63
CA GLY A 62 1.99 -17.07 -8.19
C GLY A 62 1.89 -15.82 -9.06
N GLY A 63 1.06 -14.88 -8.68
CA GLY A 63 0.89 -13.64 -9.50
C GLY A 63 1.92 -12.59 -9.06
N THR A 64 2.30 -11.72 -9.96
CA THR A 64 3.28 -10.65 -9.61
C THR A 64 2.81 -9.32 -10.19
N TRP A 65 3.29 -8.23 -9.62
CA TRP A 65 2.89 -6.88 -10.12
C TRP A 65 4.16 -6.09 -10.46
N LEU A 66 4.45 -5.92 -11.72
CA LEU A 66 5.67 -5.16 -12.13
C LEU A 66 5.27 -3.79 -12.64
N TYR A 67 5.85 -2.76 -12.10
CA TYR A 67 5.52 -1.38 -12.56
C TYR A 67 6.76 -0.49 -12.42
N ALA A 68 6.81 0.59 -13.19
CA ALA A 68 7.98 1.51 -13.11
C ALA A 68 7.52 2.89 -12.64
N MET A 69 8.19 3.44 -11.66
CA MET A 69 7.79 4.78 -11.12
C MET A 69 8.71 5.85 -11.71
N VAL A 70 8.18 6.73 -12.51
CA VAL A 70 9.02 7.82 -13.11
C VAL A 70 8.48 9.18 -12.70
N GLY A 71 9.34 10.06 -12.24
CA GLY A 71 8.87 11.40 -11.83
C GLY A 71 9.88 12.05 -10.87
N PRO A 72 10.26 11.36 -9.82
CA PRO A 72 11.23 11.88 -8.82
C PRO A 72 12.53 12.41 -9.44
N ASN A 73 12.68 13.71 -9.47
CA ASN A 73 13.91 14.33 -10.04
C ASN A 73 14.10 13.85 -11.49
N GLY A 74 13.02 13.57 -12.17
CA GLY A 74 13.12 13.12 -13.59
C GLY A 74 13.75 11.72 -13.65
N GLU A 75 14.16 11.20 -12.53
CA GLU A 75 14.78 9.84 -12.52
C GLU A 75 13.70 8.77 -12.59
N GLU A 76 14.09 7.55 -12.89
CA GLU A 76 13.11 6.42 -12.98
C GLU A 76 13.53 5.30 -12.04
N HIS A 77 12.58 4.65 -11.43
CA HIS A 77 12.90 3.52 -10.49
C HIS A 77 11.91 2.38 -10.75
N TRP A 78 12.40 1.17 -10.71
CA TRP A 78 11.51 -0.01 -10.96
C TRP A 78 11.25 -0.77 -9.66
N SER A 79 10.10 -1.38 -9.56
CA SER A 79 9.77 -2.14 -8.32
C SER A 79 8.83 -3.28 -8.69
N ILE A 80 8.79 -4.31 -7.87
CA ILE A 80 7.90 -5.48 -8.16
C ILE A 80 7.37 -6.06 -6.85
N CYS A 81 6.16 -6.58 -6.89
CA CYS A 81 5.56 -7.18 -5.66
C CYS A 81 5.06 -8.59 -6.00
N GLU A 82 5.72 -9.60 -5.50
CA GLU A 82 5.31 -11.00 -5.79
C GLU A 82 4.44 -11.51 -4.64
N TYR A 83 3.24 -11.91 -4.93
CA TYR A 83 2.34 -12.40 -3.86
C TYR A 83 2.63 -13.88 -3.57
N ALA A 84 2.90 -14.19 -2.33
CA ALA A 84 3.19 -15.60 -1.95
C ALA A 84 1.91 -16.27 -1.47
N ILE A 85 1.40 -15.85 -0.34
CA ILE A 85 0.14 -16.46 0.21
C ILE A 85 -0.97 -15.40 0.23
N ILE A 86 -2.11 -15.74 -0.31
CA ILE A 86 -3.25 -14.77 -0.33
C ILE A 86 -4.22 -15.12 0.80
N LYS A 87 -4.76 -16.31 0.74
CA LYS A 87 -5.73 -16.78 1.78
C LYS A 87 -6.92 -15.80 1.85
N PRO A 88 -8.05 -16.25 2.36
CA PRO A 88 -9.27 -15.39 2.48
C PRO A 88 -9.03 -14.09 3.27
N ILE A 89 -9.73 -13.05 2.92
CA ILE A 89 -9.57 -11.72 3.60
C ILE A 89 -9.42 -11.93 5.12
N GLU A 90 -8.22 -11.79 5.61
CA GLU A 90 -7.97 -11.94 7.07
C GLU A 90 -6.51 -11.60 7.37
N ARG A 91 -5.62 -12.52 7.14
CA ARG A 91 -4.19 -12.24 7.41
C ARG A 91 -3.33 -13.08 6.47
N PHE A 92 -2.32 -12.50 5.88
CA PHE A 92 -1.44 -13.27 4.95
C PHE A 92 -0.11 -12.56 4.79
N THR A 93 0.84 -13.18 4.13
CA THR A 93 2.18 -12.54 3.92
C THR A 93 2.57 -12.66 2.45
N GLY A 94 3.57 -11.92 2.04
CA GLY A 94 4.01 -11.97 0.62
C GLY A 94 5.45 -11.51 0.52
N LYS A 95 5.90 -11.18 -0.67
CA LYS A 95 7.31 -10.73 -0.85
C LYS A 95 7.34 -9.52 -1.79
N ASP A 96 8.26 -8.61 -1.57
CA ASP A 96 8.35 -7.42 -2.45
C ASP A 96 9.76 -6.82 -2.36
N GLY A 97 10.11 -5.96 -3.27
CA GLY A 97 11.46 -5.35 -3.22
C GLY A 97 11.64 -4.43 -4.43
N PHE A 98 12.76 -3.75 -4.50
CA PHE A 98 13.01 -2.83 -5.65
C PHE A 98 13.75 -3.58 -6.77
N THR A 99 13.52 -3.18 -8.01
CA THR A 99 14.19 -3.87 -9.16
C THR A 99 14.85 -2.82 -10.05
N ASP A 100 15.61 -3.26 -11.02
CA ASP A 100 16.29 -2.32 -11.96
C ASP A 100 16.04 -2.76 -13.40
N ALA A 101 14.90 -2.41 -13.94
CA ALA A 101 14.57 -2.80 -15.34
C ALA A 101 14.32 -4.32 -15.39
N SER A 102 15.05 -5.07 -14.63
CA SER A 102 14.86 -6.54 -14.65
C SER A 102 13.67 -6.91 -13.76
N GLY A 103 12.56 -7.23 -14.35
CA GLY A 103 11.36 -7.59 -13.56
C GLY A 103 11.74 -8.60 -12.47
N LYS A 104 12.69 -9.46 -12.75
CA LYS A 104 13.12 -10.47 -11.75
C LYS A 104 14.09 -9.84 -10.74
N LEU A 105 14.11 -10.35 -9.54
CA LEU A 105 15.02 -9.77 -8.51
C LEU A 105 16.48 -10.04 -8.88
N ASN A 106 17.28 -8.99 -8.86
CA ASN A 106 18.72 -9.14 -9.19
C ASN A 106 19.46 -7.93 -8.61
N THR A 107 18.73 -6.95 -8.17
CA THR A 107 19.37 -5.74 -7.57
C THR A 107 20.12 -6.15 -6.30
N GLU A 108 19.57 -7.07 -5.56
CA GLU A 108 20.21 -7.54 -4.30
C GLU A 108 20.38 -6.36 -3.35
N MET A 109 19.40 -6.12 -2.54
CA MET A 109 19.46 -4.98 -1.57
C MET A 109 18.15 -4.93 -0.77
N PRO A 110 17.02 -5.03 -1.43
CA PRO A 110 15.70 -4.98 -0.75
C PRO A 110 15.26 -6.35 -0.24
N ARG A 111 14.54 -7.08 -1.04
CA ARG A 111 14.06 -8.43 -0.63
C ARG A 111 13.60 -8.42 0.82
N SER A 112 12.33 -8.24 1.04
CA SER A 112 11.81 -8.21 2.43
C SER A 112 10.36 -8.71 2.44
N ASN A 113 9.84 -9.01 3.60
CA ASN A 113 8.45 -9.53 3.70
C ASN A 113 7.52 -8.43 4.21
N TRP A 114 6.25 -8.55 3.90
CA TRP A 114 5.25 -7.54 4.34
C TRP A 114 3.96 -8.26 4.74
N ASP A 115 3.74 -8.42 6.01
CA ASP A 115 2.51 -9.13 6.49
C ASP A 115 1.34 -8.16 6.59
N MET A 116 0.22 -8.51 6.00
CA MET A 116 -0.97 -7.62 6.05
C MET A 116 -1.99 -8.17 7.04
N ARG A 117 -2.52 -7.32 7.90
CA ARG A 117 -3.53 -7.77 8.90
C ARG A 117 -4.77 -6.90 8.76
N PHE A 118 -5.91 -7.51 8.60
CA PHE A 118 -7.19 -6.73 8.44
C PHE A 118 -8.05 -6.93 9.68
N ILE A 119 -8.29 -5.87 10.41
CA ILE A 119 -9.14 -5.96 11.64
C ILE A 119 -10.48 -5.27 11.37
N ASP A 120 -11.54 -6.02 11.40
CA ASP A 120 -12.89 -5.43 11.13
C ASP A 120 -13.55 -5.08 12.46
N LYS A 121 -13.83 -3.82 12.68
CA LYS A 121 -14.48 -3.38 13.96
C LYS A 121 -15.90 -2.90 13.66
N GLY A 122 -16.79 -3.81 13.34
CA GLY A 122 -18.20 -3.44 13.06
C GLY A 122 -18.31 -2.53 11.83
N GLU A 123 -19.08 -1.48 11.95
CA GLU A 123 -19.27 -0.55 10.80
C GLU A 123 -17.93 0.13 10.48
N ILE A 124 -17.01 0.10 11.41
CA ILE A 124 -15.68 0.75 11.18
C ILE A 124 -14.62 -0.33 10.99
N THR A 125 -13.80 -0.21 9.97
CA THR A 125 -12.75 -1.23 9.70
C THR A 125 -11.37 -0.65 9.97
N GLU A 126 -10.55 -1.38 10.69
CA GLU A 126 -9.16 -0.90 11.00
C GLU A 126 -8.17 -1.80 10.28
N VAL A 127 -7.21 -1.22 9.61
CA VAL A 127 -6.19 -2.01 8.87
C VAL A 127 -4.81 -1.75 9.46
N GLN A 128 -4.04 -2.79 9.66
CA GLN A 128 -2.67 -2.63 10.23
C GLN A 128 -1.66 -3.16 9.21
N TYR A 129 -0.72 -2.35 8.81
CA TYR A 129 0.28 -2.77 7.80
C TYR A 129 1.62 -3.08 8.48
N HIS A 130 2.23 -4.18 8.11
CA HIS A 130 3.55 -4.55 8.71
C HIS A 130 4.55 -4.77 7.56
N ILE A 131 5.49 -3.87 7.42
CA ILE A 131 6.51 -3.99 6.32
C ILE A 131 7.91 -3.99 6.91
N SER A 132 8.75 -4.90 6.48
CA SER A 132 10.14 -4.98 7.02
C SER A 132 11.13 -4.62 5.90
N TYR A 133 12.27 -4.09 6.25
CA TYR A 133 13.29 -3.72 5.22
C TYR A 133 14.70 -3.91 5.79
N ASP A 134 15.64 -4.24 4.95
CA ASP A 134 17.04 -4.46 5.42
C ASP A 134 17.78 -3.13 5.55
N ASP A 135 18.92 -3.16 6.20
CA ASP A 135 19.73 -1.92 6.38
C ASP A 135 18.92 -0.85 7.10
N VAL A 136 19.31 -0.53 8.31
CA VAL A 136 18.58 0.51 9.10
C VAL A 136 18.73 1.87 8.41
N ALA A 137 19.91 2.18 7.97
CA ALA A 137 20.14 3.50 7.30
C ALA A 137 19.17 3.67 6.14
N GLN A 138 19.01 2.65 5.34
CA GLN A 138 18.08 2.76 4.18
C GLN A 138 16.65 2.91 4.69
N LEU A 139 16.32 2.20 5.73
CA LEU A 139 14.93 2.27 6.29
C LEU A 139 14.66 3.68 6.80
N GLU A 140 15.60 4.28 7.47
CA GLU A 140 15.40 5.64 8.03
C GLU A 140 15.19 6.65 6.91
N ALA A 141 15.96 6.55 5.86
CA ALA A 141 15.82 7.52 4.73
C ALA A 141 14.56 7.21 3.92
N THR A 142 14.38 5.97 3.57
CA THR A 142 13.19 5.58 2.75
C THR A 142 11.90 5.81 3.53
N ILE A 143 11.86 5.41 4.78
CA ILE A 143 10.62 5.57 5.58
C ILE A 143 10.32 7.05 5.83
N GLN A 144 11.33 7.85 6.08
CA GLN A 144 11.09 9.30 6.36
C GLN A 144 10.41 9.96 5.15
N MET A 145 10.96 9.79 3.98
CA MET A 145 10.35 10.41 2.77
C MET A 145 9.05 9.70 2.41
N GLY A 146 9.03 8.39 2.51
CA GLY A 146 7.80 7.64 2.16
C GLY A 146 6.72 7.90 3.20
N PHE A 147 7.10 8.01 4.45
CA PHE A 147 6.10 8.27 5.51
C PHE A 147 5.46 9.63 5.30
N LYS A 148 6.25 10.65 5.14
CA LYS A 148 5.69 12.02 4.96
C LYS A 148 4.93 12.11 3.64
N GLU A 149 5.50 11.62 2.58
CA GLU A 149 4.81 11.69 1.26
C GLU A 149 3.67 10.65 1.19
N GLY A 150 3.78 9.60 1.96
CA GLY A 150 2.72 8.55 1.92
C GLY A 150 1.44 9.04 2.60
N ILE A 151 1.52 9.45 3.84
CA ILE A 151 0.30 9.92 4.57
C ILE A 151 -0.23 11.20 3.92
N THR A 152 0.63 12.10 3.53
CA THR A 152 0.15 13.37 2.92
C THR A 152 -0.64 13.07 1.65
N MET A 153 -0.07 12.33 0.74
CA MET A 153 -0.78 12.01 -0.53
C MET A 153 -1.89 10.98 -0.27
N ALA A 154 -1.61 9.98 0.52
CA ALA A 154 -2.64 8.93 0.79
C ALA A 154 -3.82 9.52 1.55
N MET A 155 -3.55 10.31 2.55
CA MET A 155 -4.66 10.91 3.35
C MET A 155 -5.52 11.80 2.44
N GLU A 156 -4.92 12.61 1.63
CA GLU A 156 -5.72 13.51 0.75
C GLU A 156 -6.40 12.70 -0.35
N ASN A 157 -5.67 11.84 -1.00
CA ASN A 157 -6.26 11.02 -2.11
C ASN A 157 -7.30 10.06 -1.52
N LEU A 158 -7.00 9.44 -0.42
CA LEU A 158 -7.94 8.47 0.19
C LEU A 158 -9.22 9.19 0.62
N ASP A 159 -9.09 10.35 1.20
CA ASP A 159 -10.30 11.10 1.66
C ASP A 159 -11.18 11.43 0.44
N GLU A 160 -10.57 11.88 -0.62
CA GLU A 160 -11.36 12.23 -1.84
C GLU A 160 -11.87 10.95 -2.50
N LEU A 161 -11.08 9.91 -2.46
CA LEU A 161 -11.50 8.63 -3.11
C LEU A 161 -12.75 8.09 -2.41
N LEU A 162 -12.76 8.10 -1.10
CA LEU A 162 -13.94 7.57 -0.36
C LEU A 162 -15.16 8.44 -0.64
N VAL A 163 -14.99 9.73 -0.67
CA VAL A 163 -16.16 10.64 -0.94
C VAL A 163 -16.68 10.38 -2.35
N SER A 164 -15.81 10.27 -3.30
CA SER A 164 -16.26 10.02 -4.70
C SER A 164 -16.58 8.54 -4.86
N GLY A 165 -16.20 7.74 -3.90
CA GLY A 165 -16.46 6.28 -3.97
C GLY A 165 -17.79 5.96 -3.28
N LYS A 166 -17.82 6.08 -1.99
CA LYS A 166 -19.07 5.76 -1.24
C LYS A 166 -20.18 6.74 -1.62
N LYS A 167 -21.36 6.22 -1.86
CA LYS A 167 -22.51 7.09 -2.26
C LYS A 167 -23.17 7.73 -1.04
N LEU A 168 -23.74 8.89 -1.22
CA LEU A 168 -24.39 9.61 -0.09
C LEU A 168 -25.75 8.98 0.22
N GLU A 169 -26.06 8.84 1.49
CA GLU A 169 -27.36 8.23 1.90
C GLU A 169 -28.30 9.32 2.46
N HIS A 170 -29.29 8.93 3.22
CA HIS A 170 -30.25 9.91 3.79
C HIS A 170 -29.58 10.78 4.84
N HIS A 171 -29.95 12.03 4.91
CA HIS A 171 -29.35 12.96 5.91
C HIS A 171 -30.30 13.14 7.09
N HIS A 172 -29.75 13.28 8.27
CA HIS A 172 -30.59 13.46 9.49
C HIS A 172 -31.42 14.73 9.36
N HIS A 173 -30.81 15.80 8.90
CA HIS A 173 -31.57 17.08 8.76
C HIS A 173 -32.28 17.11 7.41
N HIS A 174 -33.58 17.30 7.43
CA HIS A 174 -34.35 17.35 6.15
C HIS A 174 -35.58 18.25 6.33
N HIS A 175 -35.93 19.00 5.31
CA HIS A 175 -37.11 19.89 5.42
C HIS A 175 -37.63 20.19 4.01
N MET A 1 -11.44 17.87 16.31
CA MET A 1 -11.76 16.42 16.36
C MET A 1 -10.49 15.62 16.09
N ARG A 2 -9.88 15.85 14.95
CA ARG A 2 -8.63 15.11 14.60
C ARG A 2 -8.79 13.63 14.94
N THR A 3 -10.02 13.19 15.09
CA THR A 3 -10.27 11.76 15.42
C THR A 3 -10.60 11.02 14.11
N ASP A 4 -10.85 11.75 13.06
CA ASP A 4 -11.19 11.11 11.76
C ASP A 4 -9.98 10.34 11.21
N LEU A 5 -10.23 9.20 10.60
CA LEU A 5 -9.13 8.36 10.03
C LEU A 5 -7.97 8.27 11.02
N ALA A 6 -7.89 7.17 11.72
CA ALA A 6 -6.81 7.00 12.72
C ALA A 6 -5.47 6.83 12.01
N LEU A 7 -4.44 7.45 12.53
CA LEU A 7 -3.08 7.33 11.91
C LEU A 7 -2.06 7.05 13.00
N ASP A 8 -1.38 5.93 12.91
CA ASP A 8 -0.35 5.58 13.93
C ASP A 8 0.82 4.88 13.25
N PHE A 9 2.03 5.23 13.62
CA PHE A 9 3.23 4.59 13.00
C PHE A 9 4.24 4.25 14.10
N SER A 10 4.80 3.07 14.05
CA SER A 10 5.80 2.66 15.07
C SER A 10 6.97 1.97 14.37
N VAL A 11 8.18 2.27 14.78
CA VAL A 11 9.38 1.64 14.14
C VAL A 11 10.20 0.92 15.21
N ASN A 12 10.58 -0.30 14.94
CA ASN A 12 11.39 -1.09 15.92
C ASN A 12 12.75 -1.41 15.31
N LYS A 13 13.76 -0.69 15.70
CA LYS A 13 15.13 -0.93 15.16
C LYS A 13 15.62 -2.32 15.58
N GLU A 14 15.31 -2.72 16.79
CA GLU A 14 15.75 -4.05 17.28
C GLU A 14 15.12 -5.14 16.43
N ASN A 15 13.88 -4.97 16.04
CA ASN A 15 13.21 -5.99 15.21
C ASN A 15 13.36 -5.60 13.74
N LYS A 16 14.09 -4.53 13.47
CA LYS A 16 14.30 -4.07 12.07
C LYS A 16 13.00 -4.23 11.27
N THR A 17 11.89 -3.89 11.87
CA THR A 17 10.57 -4.02 11.18
C THR A 17 9.77 -2.73 11.34
N ILE A 18 8.82 -2.51 10.46
CA ILE A 18 7.99 -1.27 10.54
C ILE A 18 6.52 -1.65 10.75
N THR A 19 5.89 -1.05 11.72
CA THR A 19 4.45 -1.35 11.99
C THR A 19 3.64 -0.07 11.83
N ILE A 20 2.67 -0.11 10.95
CA ILE A 20 1.78 1.08 10.73
C ILE A 20 0.34 0.65 10.92
N LYS A 21 -0.39 1.36 11.75
CA LYS A 21 -1.82 1.00 11.99
C LYS A 21 -2.69 2.16 11.54
N ARG A 22 -3.72 1.87 10.78
CA ARG A 22 -4.64 2.95 10.31
C ARG A 22 -6.08 2.46 10.34
N GLU A 23 -7.01 3.35 10.60
CA GLU A 23 -8.44 2.97 10.66
C GLU A 23 -9.24 3.82 9.66
N PHE A 24 -10.07 3.18 8.87
CA PHE A 24 -10.87 3.93 7.85
C PHE A 24 -12.35 3.58 8.02
N ALA A 25 -13.21 4.56 7.88
CA ALA A 25 -14.67 4.32 8.02
C ALA A 25 -15.20 3.68 6.74
N ALA A 26 -14.99 2.40 6.58
CA ALA A 26 -15.47 1.72 5.35
C ALA A 26 -15.56 0.22 5.60
N VAL A 27 -16.36 -0.48 4.84
CA VAL A 27 -16.50 -1.94 5.03
C VAL A 27 -15.32 -2.67 4.36
N ARG A 28 -15.11 -3.90 4.73
CA ARG A 28 -13.99 -4.68 4.15
C ARG A 28 -14.18 -4.85 2.64
N ALA A 29 -15.41 -4.99 2.21
CA ALA A 29 -15.68 -5.17 0.75
C ALA A 29 -15.12 -4.00 -0.07
N ILE A 30 -15.41 -2.79 0.33
CA ILE A 30 -14.89 -1.62 -0.45
C ILE A 30 -13.36 -1.57 -0.37
N VAL A 31 -12.81 -1.80 0.80
CA VAL A 31 -11.34 -1.75 0.94
C VAL A 31 -10.68 -2.87 0.13
N TRP A 32 -11.24 -4.06 0.20
CA TRP A 32 -10.65 -5.20 -0.56
C TRP A 32 -10.69 -4.90 -2.06
N GLU A 33 -11.76 -4.33 -2.52
CA GLU A 33 -11.87 -4.00 -3.98
C GLU A 33 -10.83 -2.95 -4.34
N ALA A 34 -10.57 -2.04 -3.44
CA ALA A 34 -9.57 -0.97 -3.72
C ALA A 34 -8.15 -1.51 -3.55
N PHE A 35 -8.01 -2.69 -3.00
CA PHE A 35 -6.63 -3.28 -2.80
C PHE A 35 -6.37 -4.35 -3.85
N THR A 36 -7.40 -5.01 -4.33
CA THR A 36 -7.20 -6.07 -5.35
C THR A 36 -7.06 -5.45 -6.73
N ARG A 37 -7.10 -4.13 -6.81
CA ARG A 37 -6.95 -3.45 -8.14
C ARG A 37 -5.72 -2.55 -8.12
N ALA A 38 -4.72 -2.90 -8.86
CA ALA A 38 -3.48 -2.09 -8.89
C ALA A 38 -3.83 -0.64 -9.26
N GLU A 39 -4.80 -0.47 -10.11
CA GLU A 39 -5.18 0.91 -10.53
C GLU A 39 -5.58 1.73 -9.30
N ILE A 40 -6.57 1.29 -8.59
CA ILE A 40 -7.02 2.03 -7.37
C ILE A 40 -5.91 1.99 -6.31
N LEU A 41 -5.27 0.86 -6.15
CA LEU A 41 -4.21 0.76 -5.12
C LEU A 41 -3.14 1.84 -5.34
N ASP A 42 -2.70 1.99 -6.56
CA ASP A 42 -1.66 3.02 -6.85
C ASP A 42 -2.26 4.42 -6.69
N GLN A 43 -3.54 4.55 -6.82
CA GLN A 43 -4.17 5.90 -6.69
C GLN A 43 -3.80 6.52 -5.34
N TRP A 44 -3.76 5.73 -4.30
CA TRP A 44 -3.41 6.26 -2.94
C TRP A 44 -2.35 5.37 -2.28
N TRP A 45 -2.57 5.05 -1.03
CA TRP A 45 -1.60 4.19 -0.29
C TRP A 45 -0.25 4.89 -0.20
N ALA A 46 -0.26 6.17 0.07
CA ALA A 46 1.01 6.94 0.20
C ALA A 46 1.79 6.89 -1.10
N PRO A 47 1.26 7.48 -2.15
CA PRO A 47 1.92 7.52 -3.48
C PRO A 47 2.97 8.63 -3.55
N LYS A 48 4.22 8.28 -3.48
CA LYS A 48 5.30 9.30 -3.55
C LYS A 48 5.57 9.67 -5.01
N PRO A 49 5.59 8.70 -5.89
CA PRO A 49 5.86 8.92 -7.34
C PRO A 49 4.81 9.83 -8.00
N TRP A 50 5.23 10.68 -8.89
CA TRP A 50 4.26 11.58 -9.59
C TRP A 50 3.34 10.76 -10.49
N LYS A 51 3.86 9.74 -11.14
CA LYS A 51 2.99 8.91 -12.03
C LYS A 51 3.35 7.43 -11.90
N ALA A 52 2.39 6.62 -11.54
CA ALA A 52 2.64 5.15 -11.40
C ALA A 52 1.89 4.43 -12.53
N LYS A 53 2.45 3.34 -13.03
CA LYS A 53 1.75 2.61 -14.13
C LYS A 53 1.95 1.10 -13.93
N THR A 54 0.90 0.41 -13.56
CA THR A 54 1.01 -1.06 -13.35
C THR A 54 1.21 -1.77 -14.70
N LYS A 55 2.30 -2.47 -14.84
CA LYS A 55 2.57 -3.19 -16.10
C LYS A 55 1.62 -4.40 -16.22
N SER A 56 1.40 -5.10 -15.14
CA SER A 56 0.50 -6.27 -15.19
C SER A 56 -0.07 -6.56 -13.81
N MET A 57 -1.16 -7.29 -13.76
CA MET A 57 -1.79 -7.63 -12.46
C MET A 57 -2.61 -8.92 -12.62
N ASP A 58 -2.34 -9.91 -11.81
CA ASP A 58 -3.10 -11.21 -11.92
C ASP A 58 -3.56 -11.63 -10.52
N PHE A 59 -2.71 -11.48 -9.54
CA PHE A 59 -3.07 -11.87 -8.14
C PHE A 59 -3.79 -13.22 -8.15
N LYS A 60 -3.04 -14.28 -8.32
CA LYS A 60 -3.66 -15.65 -8.33
C LYS A 60 -2.73 -16.61 -7.59
N GLU A 61 -3.25 -17.28 -6.58
CA GLU A 61 -2.41 -18.24 -5.79
C GLU A 61 -1.00 -17.67 -5.58
N GLY A 62 -0.09 -17.98 -6.47
CA GLY A 62 1.32 -17.48 -6.35
C GLY A 62 1.52 -16.39 -7.40
N GLY A 63 0.55 -15.53 -7.59
CA GLY A 63 0.67 -14.47 -8.62
C GLY A 63 1.61 -13.36 -8.14
N THR A 64 1.96 -12.46 -9.02
CA THR A 64 2.88 -11.33 -8.64
C THR A 64 2.33 -10.03 -9.20
N TRP A 65 2.75 -8.91 -8.65
CA TRP A 65 2.27 -7.58 -9.14
C TRP A 65 3.47 -6.75 -9.58
N LEU A 66 3.62 -6.57 -10.87
CA LEU A 66 4.78 -5.76 -11.39
C LEU A 66 4.29 -4.39 -11.82
N TYR A 67 4.93 -3.35 -11.33
CA TYR A 67 4.52 -1.97 -11.72
C TYR A 67 5.77 -1.10 -11.83
N ALA A 68 5.70 -0.05 -12.61
CA ALA A 68 6.89 0.85 -12.78
C ALA A 68 6.53 2.26 -12.31
N MET A 69 7.34 2.81 -11.43
CA MET A 69 7.08 4.18 -10.92
C MET A 69 7.87 5.20 -11.72
N VAL A 70 7.23 6.26 -12.15
CA VAL A 70 7.94 7.31 -12.95
C VAL A 70 7.94 8.63 -12.19
N GLY A 71 9.09 9.23 -12.06
CA GLY A 71 9.18 10.53 -11.32
C GLY A 71 8.69 11.67 -12.22
N PRO A 72 8.83 12.89 -11.76
CA PRO A 72 8.40 14.10 -12.53
C PRO A 72 9.34 14.41 -13.69
N ASN A 73 9.06 13.87 -14.85
CA ASN A 73 9.92 14.13 -16.04
C ASN A 73 11.37 13.78 -15.71
N GLY A 74 11.58 12.77 -14.91
CA GLY A 74 12.97 12.38 -14.53
C GLY A 74 13.14 10.86 -14.60
N GLU A 75 14.03 10.33 -13.80
CA GLU A 75 14.28 8.85 -13.82
C GLU A 75 13.07 8.10 -13.27
N GLU A 76 12.94 6.85 -13.67
CA GLU A 76 11.79 6.02 -13.20
C GLU A 76 12.32 4.82 -12.41
N HIS A 77 11.67 4.49 -11.33
CA HIS A 77 12.11 3.34 -10.49
C HIS A 77 11.13 2.19 -10.68
N TRP A 78 11.62 0.98 -10.79
CA TRP A 78 10.72 -0.20 -10.98
C TRP A 78 10.68 -1.04 -9.71
N SER A 79 9.60 -1.73 -9.48
CA SER A 79 9.49 -2.57 -8.26
C SER A 79 8.56 -3.75 -8.56
N ILE A 80 8.79 -4.87 -7.91
CA ILE A 80 7.94 -6.07 -8.15
C ILE A 80 7.53 -6.69 -6.81
N CYS A 81 6.31 -7.14 -6.72
CA CYS A 81 5.82 -7.77 -5.46
C CYS A 81 5.32 -9.19 -5.76
N GLU A 82 5.81 -10.16 -5.04
CA GLU A 82 5.40 -11.58 -5.28
C GLU A 82 4.58 -12.08 -4.09
N TYR A 83 3.37 -12.48 -4.33
CA TYR A 83 2.50 -12.98 -3.23
C TYR A 83 2.80 -14.46 -2.98
N ALA A 84 2.95 -14.84 -1.75
CA ALA A 84 3.24 -16.26 -1.42
C ALA A 84 1.91 -17.01 -1.23
N ILE A 85 1.22 -16.75 -0.16
CA ILE A 85 -0.08 -17.45 0.09
C ILE A 85 -1.22 -16.45 -0.01
N ILE A 86 -2.23 -16.78 -0.78
CA ILE A 86 -3.39 -15.87 -0.93
C ILE A 86 -4.64 -16.55 -0.37
N LYS A 87 -5.35 -15.85 0.48
CA LYS A 87 -6.59 -16.43 1.07
C LYS A 87 -7.67 -15.34 1.06
N PRO A 88 -8.92 -15.71 1.06
CA PRO A 88 -10.03 -14.71 1.06
C PRO A 88 -9.81 -13.58 2.07
N ILE A 89 -10.53 -12.51 1.91
CA ILE A 89 -10.38 -11.34 2.83
C ILE A 89 -10.14 -11.80 4.27
N GLU A 90 -8.93 -11.61 4.75
CA GLU A 90 -8.58 -12.01 6.13
C GLU A 90 -7.09 -11.75 6.37
N ARG A 91 -6.24 -12.56 5.80
CA ARG A 91 -4.77 -12.39 6.01
C ARG A 91 -4.01 -12.66 4.72
N PHE A 92 -3.01 -11.86 4.42
CA PHE A 92 -2.21 -12.06 3.17
C PHE A 92 -0.71 -12.00 3.52
N THR A 93 0.08 -12.81 2.87
CA THR A 93 1.55 -12.82 3.15
C THR A 93 2.32 -12.88 1.83
N GLY A 94 3.57 -12.51 1.82
CA GLY A 94 4.36 -12.54 0.56
C GLY A 94 5.69 -11.79 0.74
N LYS A 95 6.41 -11.56 -0.32
CA LYS A 95 7.72 -10.84 -0.23
C LYS A 95 7.81 -9.79 -1.33
N ASP A 96 8.48 -8.69 -1.07
CA ASP A 96 8.61 -7.60 -2.09
C ASP A 96 10.07 -7.38 -2.46
N GLY A 97 10.33 -6.62 -3.49
CA GLY A 97 11.73 -6.37 -3.91
C GLY A 97 11.77 -5.28 -4.98
N PHE A 98 12.72 -4.38 -4.90
CA PHE A 98 12.82 -3.27 -5.88
C PHE A 98 13.48 -3.77 -7.17
N THR A 99 13.13 -3.19 -8.30
CA THR A 99 13.74 -3.61 -9.60
C THR A 99 14.22 -2.39 -10.38
N ASP A 100 15.13 -2.59 -11.30
CA ASP A 100 15.66 -1.46 -12.11
C ASP A 100 14.94 -1.43 -13.46
N ALA A 101 13.99 -2.31 -13.66
CA ALA A 101 13.25 -2.32 -14.96
C ALA A 101 12.10 -3.34 -14.87
N SER A 102 11.88 -4.08 -15.93
CA SER A 102 10.80 -5.10 -15.92
C SER A 102 11.26 -6.33 -15.12
N GLY A 103 12.49 -6.32 -14.67
CA GLY A 103 12.97 -7.49 -13.88
C GLY A 103 14.44 -7.29 -13.49
N LYS A 104 15.04 -8.30 -12.93
CA LYS A 104 16.46 -8.22 -12.50
C LYS A 104 16.57 -7.42 -11.20
N LEU A 105 16.93 -8.09 -10.14
CA LEU A 105 17.04 -7.41 -8.81
C LEU A 105 18.22 -6.43 -8.80
N ASN A 106 18.03 -5.28 -8.22
CA ASN A 106 19.11 -4.26 -8.16
C ASN A 106 20.31 -4.79 -7.38
N THR A 107 21.47 -4.28 -7.68
CA THR A 107 22.72 -4.73 -6.98
C THR A 107 22.52 -4.72 -5.47
N GLU A 108 22.95 -3.67 -4.82
CA GLU A 108 22.80 -3.61 -3.35
C GLU A 108 21.34 -3.36 -2.97
N MET A 109 20.57 -4.40 -2.83
CA MET A 109 19.14 -4.23 -2.46
C MET A 109 18.51 -5.62 -2.23
N PRO A 110 18.39 -6.06 -1.00
CA PRO A 110 17.80 -7.39 -0.67
C PRO A 110 16.26 -7.37 -0.63
N ARG A 111 15.64 -8.51 -0.82
CA ARG A 111 14.15 -8.58 -0.81
C ARG A 111 13.57 -8.06 0.50
N SER A 112 12.27 -8.18 0.66
CA SER A 112 11.62 -7.69 1.91
C SER A 112 10.39 -8.55 2.22
N ASN A 113 10.09 -8.72 3.48
CA ASN A 113 8.90 -9.55 3.87
C ASN A 113 7.69 -8.64 4.06
N TRP A 114 6.73 -8.75 3.18
CA TRP A 114 5.50 -7.91 3.29
C TRP A 114 4.38 -8.74 3.91
N ASP A 115 3.69 -8.19 4.88
CA ASP A 115 2.57 -8.94 5.52
C ASP A 115 1.43 -7.98 5.81
N MET A 116 0.32 -8.16 5.14
CA MET A 116 -0.85 -7.27 5.35
C MET A 116 -1.91 -7.99 6.18
N ARG A 117 -2.54 -7.30 7.09
CA ARG A 117 -3.59 -7.93 7.94
C ARG A 117 -4.83 -7.04 7.95
N PHE A 118 -5.99 -7.63 7.93
CA PHE A 118 -7.26 -6.85 7.94
C PHE A 118 -8.03 -7.17 9.23
N ILE A 119 -8.49 -6.15 9.92
CA ILE A 119 -9.27 -6.38 11.18
C ILE A 119 -10.59 -5.62 11.12
N ASP A 120 -11.66 -6.29 11.44
CA ASP A 120 -12.99 -5.64 11.40
C ASP A 120 -13.25 -4.91 12.72
N LYS A 121 -13.32 -3.62 12.68
CA LYS A 121 -13.56 -2.82 13.92
C LYS A 121 -15.03 -2.34 13.93
N GLY A 122 -15.95 -3.26 13.90
CA GLY A 122 -17.38 -2.90 13.93
C GLY A 122 -17.70 -1.84 12.89
N GLU A 123 -18.21 -2.24 11.75
CA GLU A 123 -18.56 -1.28 10.67
C GLU A 123 -17.33 -0.50 10.21
N ILE A 124 -16.31 -0.39 11.03
CA ILE A 124 -15.08 0.36 10.66
C ILE A 124 -13.94 -0.64 10.45
N THR A 125 -13.24 -0.53 9.34
CA THR A 125 -12.13 -1.49 9.07
C THR A 125 -10.81 -0.93 9.59
N GLU A 126 -9.83 -1.77 9.77
CA GLU A 126 -8.49 -1.32 10.25
C GLU A 126 -7.41 -2.12 9.53
N VAL A 127 -6.62 -1.49 8.72
CA VAL A 127 -5.54 -2.21 7.98
C VAL A 127 -4.22 -2.04 8.71
N GLN A 128 -3.50 -3.12 8.90
CA GLN A 128 -2.17 -3.05 9.60
C GLN A 128 -1.09 -3.54 8.65
N TYR A 129 -0.08 -2.74 8.43
CA TYR A 129 1.01 -3.13 7.51
C TYR A 129 2.26 -3.52 8.29
N HIS A 130 2.88 -4.61 7.94
CA HIS A 130 4.11 -5.07 8.63
C HIS A 130 5.17 -5.40 7.59
N ILE A 131 6.19 -4.57 7.48
CA ILE A 131 7.26 -4.82 6.46
C ILE A 131 8.62 -4.80 7.14
N SER A 132 9.44 -5.78 6.87
CA SER A 132 10.81 -5.85 7.49
C SER A 132 11.85 -6.07 6.40
N TYR A 133 12.93 -5.32 6.46
CA TYR A 133 14.00 -5.48 5.43
C TYR A 133 15.29 -4.83 5.92
N ASP A 134 16.39 -5.16 5.30
CA ASP A 134 17.71 -4.57 5.72
C ASP A 134 17.80 -3.10 5.34
N ASP A 135 19.01 -2.59 5.18
CA ASP A 135 19.21 -1.16 4.81
C ASP A 135 18.58 -0.26 5.87
N VAL A 136 19.19 -0.18 7.02
CA VAL A 136 18.66 0.68 8.12
C VAL A 136 18.74 2.16 7.72
N ALA A 137 19.84 2.56 7.14
CA ALA A 137 20.00 3.99 6.74
C ALA A 137 18.83 4.44 5.87
N GLN A 138 18.52 3.69 4.85
CA GLN A 138 17.39 4.08 3.96
C GLN A 138 16.07 3.98 4.72
N LEU A 139 15.98 3.07 5.64
CA LEU A 139 14.72 2.92 6.42
C LEU A 139 14.46 4.20 7.22
N GLU A 140 15.47 4.74 7.83
CA GLU A 140 15.30 5.97 8.65
C GLU A 140 14.89 7.16 7.77
N ALA A 141 15.56 7.34 6.66
CA ALA A 141 15.22 8.49 5.77
C ALA A 141 13.91 8.20 5.01
N THR A 142 13.75 6.99 4.55
CA THR A 142 12.52 6.64 3.78
C THR A 142 11.27 6.73 4.66
N ILE A 143 11.33 6.23 5.86
CA ILE A 143 10.12 6.28 6.74
C ILE A 143 9.84 7.72 7.16
N GLN A 144 10.84 8.47 7.49
CA GLN A 144 10.62 9.88 7.92
C GLN A 144 10.07 10.69 6.75
N MET A 145 10.75 10.66 5.64
CA MET A 145 10.29 11.43 4.46
C MET A 145 8.99 10.81 3.91
N GLY A 146 8.92 9.51 3.90
CA GLY A 146 7.70 8.83 3.38
C GLY A 146 6.51 9.14 4.29
N PHE A 147 6.75 9.27 5.56
CA PHE A 147 5.64 9.57 6.51
C PHE A 147 5.07 10.97 6.20
N LYS A 148 5.93 11.94 6.04
CA LYS A 148 5.46 13.32 5.75
C LYS A 148 4.77 13.37 4.38
N GLU A 149 5.38 12.80 3.38
CA GLU A 149 4.79 12.80 2.03
C GLU A 149 3.63 11.79 1.97
N GLY A 150 3.76 10.72 2.70
CA GLY A 150 2.70 9.66 2.69
C GLY A 150 1.41 10.18 3.32
N ILE A 151 1.49 10.78 4.48
CA ILE A 151 0.25 11.29 5.13
C ILE A 151 -0.35 12.43 4.31
N THR A 152 0.47 13.33 3.82
CA THR A 152 -0.07 14.45 3.01
C THR A 152 -0.67 13.92 1.71
N MET A 153 0.04 13.08 1.02
CA MET A 153 -0.47 12.53 -0.28
C MET A 153 -1.59 11.52 -0.03
N ALA A 154 -1.40 10.63 0.91
CA ALA A 154 -2.45 9.59 1.18
C ALA A 154 -3.75 10.23 1.65
N MET A 155 -3.68 11.13 2.59
CA MET A 155 -4.93 11.77 3.10
C MET A 155 -5.61 12.57 1.99
N GLU A 156 -4.85 13.31 1.23
CA GLU A 156 -5.46 14.13 0.14
C GLU A 156 -5.95 13.23 -1.00
N ASN A 157 -5.14 12.29 -1.42
CA ASN A 157 -5.56 11.40 -2.55
C ASN A 157 -6.73 10.50 -2.10
N LEU A 158 -6.67 9.98 -0.91
CA LEU A 158 -7.76 9.08 -0.44
C LEU A 158 -9.06 9.89 -0.31
N ASP A 159 -8.99 11.08 0.20
CA ASP A 159 -10.21 11.90 0.36
C ASP A 159 -10.85 12.15 -1.00
N GLU A 160 -10.06 12.48 -1.98
CA GLU A 160 -10.61 12.73 -3.34
C GLU A 160 -11.12 11.43 -3.93
N LEU A 161 -10.44 10.35 -3.69
CA LEU A 161 -10.88 9.05 -4.26
C LEU A 161 -12.25 8.67 -3.70
N LEU A 162 -12.44 8.79 -2.42
CA LEU A 162 -13.76 8.41 -1.82
C LEU A 162 -14.84 9.38 -2.31
N VAL A 163 -14.52 10.63 -2.38
CA VAL A 163 -15.52 11.64 -2.85
C VAL A 163 -15.83 11.38 -4.33
N SER A 164 -14.82 11.11 -5.12
CA SER A 164 -15.06 10.85 -6.57
C SER A 164 -15.96 9.60 -6.73
N GLY A 165 -15.72 8.59 -5.94
CA GLY A 165 -16.55 7.37 -6.04
C GLY A 165 -16.46 6.57 -4.74
N LYS A 166 -17.17 6.99 -3.72
CA LYS A 166 -17.12 6.27 -2.43
C LYS A 166 -17.65 4.84 -2.63
N LYS A 167 -18.74 4.71 -3.34
CA LYS A 167 -19.31 3.36 -3.58
C LYS A 167 -20.49 3.48 -4.54
N LEU A 168 -21.49 4.22 -4.14
CA LEU A 168 -22.71 4.40 -4.99
C LEU A 168 -23.05 3.11 -5.74
N GLU A 169 -22.78 3.07 -7.02
CA GLU A 169 -23.09 1.85 -7.83
C GLU A 169 -24.58 1.51 -7.70
N HIS A 170 -24.97 0.92 -6.59
CA HIS A 170 -26.40 0.53 -6.38
C HIS A 170 -26.97 -0.04 -7.68
N HIS A 171 -26.19 -0.86 -8.34
CA HIS A 171 -26.66 -1.47 -9.62
C HIS A 171 -27.68 -2.56 -9.32
N HIS A 172 -28.51 -2.89 -10.29
CA HIS A 172 -29.53 -3.96 -10.06
C HIS A 172 -29.83 -4.66 -11.39
N HIS A 173 -30.44 -5.81 -11.33
CA HIS A 173 -30.76 -6.57 -12.58
C HIS A 173 -32.09 -7.30 -12.40
N HIS A 174 -32.83 -7.46 -13.47
CA HIS A 174 -34.14 -8.17 -13.40
C HIS A 174 -35.04 -7.49 -12.37
N HIS A 175 -34.85 -7.82 -11.12
CA HIS A 175 -35.70 -7.21 -10.04
C HIS A 175 -35.07 -5.89 -9.57
N MET A 1 -15.91 17.30 17.13
CA MET A 1 -14.46 17.58 17.04
C MET A 1 -13.70 16.24 17.00
N ARG A 2 -14.34 15.21 16.52
CA ARG A 2 -13.69 13.87 16.45
C ARG A 2 -12.66 13.83 15.32
N THR A 3 -11.57 13.17 15.56
CA THR A 3 -10.50 13.07 14.53
C THR A 3 -10.96 12.22 13.34
N ASP A 4 -10.65 12.66 12.16
CA ASP A 4 -11.06 11.92 10.94
C ASP A 4 -10.06 10.79 10.67
N LEU A 5 -10.54 9.58 10.72
CA LEU A 5 -9.65 8.40 10.46
C LEU A 5 -8.52 8.37 11.48
N ALA A 6 -8.14 7.19 11.92
CA ALA A 6 -7.05 7.09 12.94
C ALA A 6 -5.71 6.83 12.25
N LEU A 7 -4.76 7.68 12.51
CA LEU A 7 -3.40 7.54 11.90
C LEU A 7 -2.37 7.34 13.02
N ASP A 8 -1.59 6.29 12.92
CA ASP A 8 -0.56 6.02 13.98
C ASP A 8 0.67 5.41 13.33
N PHE A 9 1.80 6.05 13.48
CA PHE A 9 3.07 5.54 12.87
C PHE A 9 3.99 4.99 13.97
N SER A 10 4.42 3.77 13.81
CA SER A 10 5.32 3.15 14.84
C SER A 10 6.40 2.35 14.13
N VAL A 11 7.62 2.49 14.55
CA VAL A 11 8.76 1.75 13.93
C VAL A 11 9.50 0.96 15.00
N ASN A 12 9.75 -0.30 14.73
CA ASN A 12 10.46 -1.16 15.72
C ASN A 12 11.96 -1.22 15.34
N LYS A 13 12.73 -0.31 15.86
CA LYS A 13 14.19 -0.29 15.57
C LYS A 13 14.85 -1.53 16.18
N GLU A 14 14.42 -1.91 17.34
CA GLU A 14 15.01 -3.10 18.02
C GLU A 14 14.81 -4.35 17.14
N ASN A 15 13.64 -4.50 16.59
CA ASN A 15 13.37 -5.70 15.73
C ASN A 15 13.65 -5.33 14.27
N LYS A 16 14.04 -4.11 14.02
CA LYS A 16 14.34 -3.67 12.63
C LYS A 16 13.13 -3.93 11.73
N THR A 17 11.97 -3.58 12.20
CA THR A 17 10.72 -3.76 11.39
C THR A 17 9.83 -2.53 11.51
N ILE A 18 8.91 -2.37 10.60
CA ILE A 18 8.01 -1.17 10.63
C ILE A 18 6.57 -1.61 10.87
N THR A 19 5.93 -1.01 11.84
CA THR A 19 4.51 -1.36 12.15
C THR A 19 3.62 -0.14 11.90
N ILE A 20 2.72 -0.25 10.97
CA ILE A 20 1.81 0.89 10.64
C ILE A 20 0.38 0.50 10.99
N LYS A 21 -0.30 1.35 11.70
CA LYS A 21 -1.71 1.06 12.11
C LYS A 21 -2.61 2.20 11.64
N ARG A 22 -3.65 1.86 10.91
CA ARG A 22 -4.58 2.91 10.40
C ARG A 22 -6.02 2.37 10.48
N GLU A 23 -6.96 3.24 10.73
CA GLU A 23 -8.39 2.81 10.83
C GLU A 23 -9.24 3.62 9.85
N PHE A 24 -10.10 2.93 9.14
CA PHE A 24 -10.99 3.61 8.15
C PHE A 24 -12.44 3.19 8.41
N ALA A 25 -13.35 4.10 8.25
CA ALA A 25 -14.80 3.78 8.47
C ALA A 25 -15.38 3.14 7.22
N ALA A 26 -15.05 1.90 6.98
CA ALA A 26 -15.58 1.18 5.78
C ALA A 26 -15.53 -0.33 6.02
N VAL A 27 -16.35 -1.06 5.34
CA VAL A 27 -16.36 -2.54 5.52
C VAL A 27 -15.19 -3.18 4.79
N ARG A 28 -14.89 -4.40 5.14
CA ARG A 28 -13.76 -5.13 4.49
C ARG A 28 -14.02 -5.27 2.99
N ALA A 29 -15.27 -5.39 2.62
CA ALA A 29 -15.62 -5.54 1.18
C ALA A 29 -15.13 -4.33 0.37
N ILE A 30 -15.39 -3.14 0.85
CA ILE A 30 -14.95 -1.92 0.11
C ILE A 30 -13.42 -1.86 0.06
N VAL A 31 -12.78 -2.14 1.16
CA VAL A 31 -11.28 -2.11 1.19
C VAL A 31 -10.74 -3.18 0.25
N TRP A 32 -11.30 -4.37 0.31
CA TRP A 32 -10.83 -5.47 -0.57
C TRP A 32 -11.02 -5.08 -2.03
N GLU A 33 -12.13 -4.45 -2.34
CA GLU A 33 -12.40 -4.04 -3.74
C GLU A 33 -11.37 -3.00 -4.19
N ALA A 34 -11.01 -2.10 -3.31
CA ALA A 34 -10.00 -1.07 -3.68
C ALA A 34 -8.61 -1.70 -3.68
N PHE A 35 -8.50 -2.88 -3.15
CA PHE A 35 -7.18 -3.59 -3.10
C PHE A 35 -7.17 -4.68 -4.18
N THR A 36 -8.28 -4.90 -4.83
CA THR A 36 -8.33 -5.96 -5.88
C THR A 36 -8.16 -5.34 -7.27
N ARG A 37 -8.36 -4.05 -7.38
CA ARG A 37 -8.21 -3.36 -8.71
C ARG A 37 -6.90 -2.55 -8.75
N ALA A 38 -6.13 -2.76 -9.76
CA ALA A 38 -4.84 -2.02 -9.92
C ALA A 38 -5.10 -0.53 -10.16
N GLU A 39 -6.14 -0.23 -10.88
CA GLU A 39 -6.46 1.20 -11.17
C GLU A 39 -6.65 1.98 -9.85
N ILE A 40 -7.45 1.45 -8.98
CA ILE A 40 -7.69 2.14 -7.67
C ILE A 40 -6.40 2.18 -6.86
N LEU A 41 -5.67 1.10 -6.85
CA LEU A 41 -4.40 1.07 -6.07
C LEU A 41 -3.43 2.12 -6.61
N ASP A 42 -3.39 2.27 -7.89
CA ASP A 42 -2.46 3.29 -8.49
C ASP A 42 -2.89 4.69 -8.04
N GLN A 43 -4.16 4.89 -7.89
CA GLN A 43 -4.65 6.25 -7.46
C GLN A 43 -4.11 6.58 -6.07
N TRP A 44 -4.08 5.62 -5.17
CA TRP A 44 -3.55 5.89 -3.79
C TRP A 44 -2.79 4.68 -3.27
N TRP A 45 -3.04 4.32 -2.04
CA TRP A 45 -2.36 3.15 -1.41
C TRP A 45 -0.85 3.35 -1.44
N ALA A 46 -0.25 3.24 -2.60
CA ALA A 46 1.23 3.42 -2.70
C ALA A 46 1.54 4.90 -3.01
N PRO A 47 2.70 5.37 -2.61
CA PRO A 47 3.10 6.79 -2.84
C PRO A 47 3.37 7.09 -4.33
N LYS A 48 3.18 8.31 -4.71
CA LYS A 48 3.40 8.71 -6.13
C LYS A 48 3.65 10.22 -6.20
N PRO A 49 4.66 10.71 -5.52
CA PRO A 49 5.01 12.16 -5.51
C PRO A 49 5.46 12.64 -6.90
N TRP A 50 5.19 11.86 -7.91
CA TRP A 50 5.61 12.25 -9.30
C TRP A 50 4.69 11.57 -10.31
N LYS A 51 5.10 10.44 -10.83
CA LYS A 51 4.25 9.73 -11.83
C LYS A 51 4.43 8.22 -11.68
N ALA A 52 3.37 7.55 -11.33
CA ALA A 52 3.43 6.06 -11.15
C ALA A 52 2.80 5.35 -12.35
N LYS A 53 3.39 4.27 -12.76
CA LYS A 53 2.84 3.50 -13.92
C LYS A 53 2.94 2.00 -13.64
N THR A 54 1.81 1.36 -13.54
CA THR A 54 1.82 -0.12 -13.26
C THR A 54 2.08 -0.89 -14.55
N LYS A 55 3.15 -1.63 -14.58
CA LYS A 55 3.49 -2.43 -15.79
C LYS A 55 2.45 -3.54 -15.98
N SER A 56 2.10 -4.20 -14.91
CA SER A 56 1.08 -5.30 -15.02
C SER A 56 0.68 -5.79 -13.62
N MET A 57 -0.43 -6.45 -13.53
CA MET A 57 -0.90 -6.96 -12.21
C MET A 57 -1.78 -8.20 -12.43
N ASP A 58 -1.27 -9.35 -12.11
CA ASP A 58 -2.05 -10.60 -12.30
C ASP A 58 -2.92 -10.87 -11.07
N PHE A 59 -3.93 -11.68 -11.21
CA PHE A 59 -4.83 -11.98 -10.05
C PHE A 59 -5.10 -13.49 -9.99
N LYS A 60 -4.25 -14.22 -9.33
CA LYS A 60 -4.45 -15.69 -9.21
C LYS A 60 -3.39 -16.28 -8.27
N GLU A 61 -3.63 -16.17 -7.00
CA GLU A 61 -2.65 -16.72 -5.99
C GLU A 61 -1.22 -16.35 -6.36
N GLY A 62 -0.61 -17.13 -7.19
CA GLY A 62 0.80 -16.85 -7.61
C GLY A 62 0.85 -15.54 -8.39
N GLY A 63 -0.23 -14.80 -8.40
CA GLY A 63 -0.26 -13.52 -9.15
C GLY A 63 0.84 -12.59 -8.64
N THR A 64 1.25 -11.67 -9.47
CA THR A 64 2.34 -10.72 -9.05
C THR A 64 1.97 -9.30 -9.48
N TRP A 65 2.54 -8.34 -8.83
CA TRP A 65 2.25 -6.90 -9.15
C TRP A 65 3.56 -6.19 -9.47
N LEU A 66 3.76 -5.84 -10.71
CA LEU A 66 5.02 -5.14 -11.12
C LEU A 66 4.69 -3.70 -11.46
N TYR A 67 5.38 -2.78 -10.85
CA TYR A 67 5.13 -1.32 -11.12
C TYR A 67 6.43 -0.54 -10.93
N ALA A 68 6.52 0.60 -11.56
CA ALA A 68 7.75 1.44 -11.43
C ALA A 68 7.34 2.89 -11.13
N MET A 69 8.00 3.50 -10.19
CA MET A 69 7.68 4.92 -9.83
C MET A 69 8.67 5.85 -10.52
N VAL A 70 8.19 6.59 -11.48
CA VAL A 70 9.07 7.54 -12.22
C VAL A 70 9.24 8.84 -11.43
N GLY A 71 10.46 9.27 -11.28
CA GLY A 71 10.70 10.53 -10.51
C GLY A 71 12.20 10.62 -10.14
N PRO A 72 12.52 11.33 -9.09
CA PRO A 72 13.93 11.51 -8.64
C PRO A 72 14.46 10.30 -7.86
N ASN A 73 15.53 10.48 -7.14
CA ASN A 73 16.13 9.36 -6.34
C ASN A 73 16.87 8.42 -7.30
N GLY A 74 16.46 8.39 -8.53
CA GLY A 74 17.12 7.49 -9.52
C GLY A 74 16.15 7.21 -10.67
N GLU A 75 16.06 8.11 -11.60
CA GLU A 75 15.14 7.94 -12.78
C GLU A 75 13.82 7.31 -12.33
N GLU A 76 13.75 6.02 -12.30
CA GLU A 76 12.48 5.34 -11.88
C GLU A 76 12.80 4.19 -10.93
N HIS A 77 12.09 4.11 -9.84
CA HIS A 77 12.32 3.03 -8.85
C HIS A 77 11.51 1.78 -9.25
N TRP A 78 12.15 0.66 -9.28
CA TRP A 78 11.44 -0.61 -9.66
C TRP A 78 11.04 -1.37 -8.40
N SER A 79 9.84 -1.86 -8.39
CA SER A 79 9.35 -2.63 -7.20
C SER A 79 8.43 -3.76 -7.67
N ILE A 80 8.50 -4.88 -7.01
CA ILE A 80 7.63 -6.04 -7.39
C ILE A 80 7.14 -6.75 -6.14
N CYS A 81 5.89 -7.16 -6.16
CA CYS A 81 5.31 -7.87 -4.98
C CYS A 81 4.73 -9.20 -5.47
N GLU A 82 5.15 -10.27 -4.85
CA GLU A 82 4.65 -11.63 -5.25
C GLU A 82 3.77 -12.20 -4.15
N TYR A 83 2.57 -12.55 -4.50
CA TYR A 83 1.62 -13.11 -3.50
C TYR A 83 1.89 -14.60 -3.33
N ALA A 84 1.99 -15.04 -2.10
CA ALA A 84 2.23 -16.50 -1.83
C ALA A 84 0.88 -17.18 -1.59
N ILE A 85 0.23 -16.84 -0.52
CA ILE A 85 -1.11 -17.46 -0.21
C ILE A 85 -2.19 -16.38 -0.24
N ILE A 86 -3.26 -16.65 -0.95
CA ILE A 86 -4.38 -15.64 -1.04
C ILE A 86 -5.56 -16.13 -0.23
N LYS A 87 -6.09 -15.28 0.59
CA LYS A 87 -7.26 -15.65 1.44
C LYS A 87 -8.47 -14.79 1.04
N PRO A 88 -9.66 -15.30 1.20
CA PRO A 88 -10.90 -14.55 0.85
C PRO A 88 -10.81 -13.07 1.25
N ILE A 89 -10.94 -12.78 2.52
CA ILE A 89 -10.88 -11.36 2.99
C ILE A 89 -10.24 -11.34 4.38
N GLU A 90 -9.69 -12.45 4.81
CA GLU A 90 -9.04 -12.51 6.16
C GLU A 90 -7.70 -11.77 6.12
N ARG A 91 -6.62 -12.51 6.16
CA ARG A 91 -5.26 -11.90 6.14
C ARG A 91 -4.31 -12.77 5.32
N PHE A 92 -3.28 -12.19 4.78
CA PHE A 92 -2.31 -12.97 3.97
C PHE A 92 -0.94 -12.30 3.98
N THR A 93 0.04 -12.98 3.43
CA THR A 93 1.43 -12.43 3.38
C THR A 93 2.04 -12.72 2.02
N GLY A 94 3.06 -11.97 1.66
CA GLY A 94 3.70 -12.18 0.32
C GLY A 94 5.18 -11.80 0.40
N LYS A 95 5.76 -11.45 -0.71
CA LYS A 95 7.20 -11.06 -0.74
C LYS A 95 7.39 -9.81 -1.59
N ASP A 96 8.36 -9.00 -1.24
CA ASP A 96 8.63 -7.75 -2.00
C ASP A 96 10.13 -7.62 -2.25
N GLY A 97 10.50 -7.02 -3.33
CA GLY A 97 11.95 -6.86 -3.64
C GLY A 97 12.13 -5.90 -4.82
N PHE A 98 13.33 -5.72 -5.25
CA PHE A 98 13.62 -4.79 -6.39
C PHE A 98 13.95 -5.60 -7.65
N THR A 99 13.78 -4.99 -8.79
CA THR A 99 14.06 -5.68 -10.08
C THR A 99 14.93 -4.78 -10.96
N ASP A 100 15.67 -5.37 -11.84
CA ASP A 100 16.56 -4.59 -12.75
C ASP A 100 15.83 -4.34 -14.07
N ALA A 101 14.58 -3.97 -13.98
CA ALA A 101 13.77 -3.69 -15.21
C ALA A 101 13.40 -5.01 -15.89
N SER A 102 14.11 -6.05 -15.59
CA SER A 102 13.81 -7.39 -16.22
C SER A 102 12.72 -8.10 -15.42
N GLY A 103 12.32 -7.54 -14.32
CA GLY A 103 11.25 -8.18 -13.48
C GLY A 103 11.86 -9.33 -12.67
N LYS A 104 13.13 -9.56 -12.83
CA LYS A 104 13.79 -10.67 -12.09
C LYS A 104 14.11 -10.23 -10.67
N LEU A 105 14.04 -11.15 -9.74
CA LEU A 105 14.33 -10.81 -8.33
C LEU A 105 15.81 -11.05 -8.01
N ASN A 106 16.54 -10.00 -7.76
CA ASN A 106 17.99 -10.13 -7.44
C ASN A 106 18.20 -10.06 -5.93
N THR A 107 19.09 -10.85 -5.42
CA THR A 107 19.38 -10.87 -3.95
C THR A 107 20.63 -10.01 -3.67
N GLU A 108 21.06 -9.27 -4.65
CA GLU A 108 22.28 -8.41 -4.47
C GLU A 108 22.03 -7.41 -3.33
N MET A 109 20.86 -6.80 -3.31
CA MET A 109 20.55 -5.80 -2.24
C MET A 109 19.60 -6.44 -1.22
N PRO A 110 19.46 -5.83 -0.07
CA PRO A 110 18.56 -6.35 0.99
C PRO A 110 17.14 -6.60 0.47
N ARG A 111 16.54 -7.67 0.92
CA ARG A 111 15.16 -8.01 0.47
C ARG A 111 14.15 -7.23 1.31
N SER A 112 12.94 -7.15 0.85
CA SER A 112 11.89 -6.40 1.60
C SER A 112 10.66 -7.28 1.80
N ASN A 113 10.17 -7.34 3.00
CA ASN A 113 8.98 -8.18 3.31
C ASN A 113 7.77 -7.27 3.53
N TRP A 114 6.61 -7.72 3.15
CA TRP A 114 5.38 -6.89 3.32
C TRP A 114 4.20 -7.81 3.63
N ASP A 115 3.82 -7.88 4.89
CA ASP A 115 2.67 -8.75 5.30
C ASP A 115 1.46 -7.87 5.58
N MET A 116 0.32 -8.24 5.07
CA MET A 116 -0.93 -7.42 5.28
C MET A 116 -1.90 -8.17 6.19
N ARG A 117 -2.43 -7.48 7.16
CA ARG A 117 -3.40 -8.11 8.11
C ARG A 117 -4.64 -7.20 8.20
N PHE A 118 -5.79 -7.77 8.02
CA PHE A 118 -7.06 -6.96 8.08
C PHE A 118 -7.86 -7.36 9.32
N ILE A 119 -8.07 -6.42 10.20
CA ILE A 119 -8.84 -6.69 11.45
C ILE A 119 -10.19 -5.98 11.39
N ASP A 120 -11.25 -6.73 11.50
CA ASP A 120 -12.61 -6.14 11.45
C ASP A 120 -13.03 -5.63 12.83
N LYS A 121 -13.69 -4.49 12.86
CA LYS A 121 -14.13 -3.91 14.17
C LYS A 121 -15.51 -3.25 13.98
N GLY A 122 -16.48 -4.04 13.63
CA GLY A 122 -17.89 -3.54 13.44
C GLY A 122 -17.94 -2.16 12.78
N GLU A 123 -18.28 -2.13 11.52
CA GLU A 123 -18.40 -0.83 10.77
C GLU A 123 -17.02 -0.20 10.61
N ILE A 124 -16.06 -0.63 11.38
CA ILE A 124 -14.68 -0.04 11.29
C ILE A 124 -13.67 -1.14 10.93
N THR A 125 -12.84 -0.87 9.97
CA THR A 125 -11.80 -1.86 9.54
C THR A 125 -10.42 -1.27 9.79
N GLU A 126 -9.57 -2.03 10.42
CA GLU A 126 -8.18 -1.54 10.72
C GLU A 126 -7.17 -2.35 9.91
N VAL A 127 -6.43 -1.67 9.08
CA VAL A 127 -5.41 -2.37 8.24
C VAL A 127 -4.03 -2.16 8.84
N GLN A 128 -3.26 -3.21 8.92
CA GLN A 128 -1.88 -3.12 9.52
C GLN A 128 -0.85 -3.54 8.47
N TYR A 129 0.09 -2.69 8.19
CA TYR A 129 1.14 -3.02 7.18
C TYR A 129 2.47 -3.26 7.89
N HIS A 130 3.09 -4.38 7.62
CA HIS A 130 4.40 -4.70 8.25
C HIS A 130 5.49 -4.67 7.18
N ILE A 131 6.24 -3.60 7.15
CA ILE A 131 7.32 -3.47 6.14
C ILE A 131 8.69 -3.59 6.79
N SER A 132 9.56 -4.34 6.18
CA SER A 132 10.93 -4.53 6.74
C SER A 132 11.94 -4.40 5.60
N TYR A 133 13.04 -3.74 5.86
CA TYR A 133 14.10 -3.55 4.82
C TYR A 133 15.43 -4.11 5.35
N ASP A 134 15.45 -4.48 6.60
CA ASP A 134 16.69 -5.04 7.22
C ASP A 134 17.85 -4.04 7.08
N ASP A 135 17.53 -2.78 6.95
CA ASP A 135 18.59 -1.74 6.81
C ASP A 135 18.12 -0.46 7.50
N VAL A 136 18.71 -0.14 8.61
CA VAL A 136 18.30 1.09 9.36
C VAL A 136 18.61 2.34 8.51
N ALA A 137 19.75 2.39 7.90
CA ALA A 137 20.12 3.58 7.08
C ALA A 137 19.05 3.85 6.01
N GLN A 138 18.71 2.85 5.24
CA GLN A 138 17.70 3.05 4.17
C GLN A 138 16.31 3.16 4.80
N LEU A 139 16.09 2.51 5.91
CA LEU A 139 14.75 2.59 6.56
C LEU A 139 14.47 4.04 6.99
N GLU A 140 15.46 4.68 7.54
CA GLU A 140 15.27 6.10 8.00
C GLU A 140 15.10 7.02 6.79
N ALA A 141 15.94 6.90 5.81
CA ALA A 141 15.84 7.79 4.60
C ALA A 141 14.53 7.55 3.86
N THR A 142 14.23 6.31 3.57
CA THR A 142 12.97 6.00 2.82
C THR A 142 11.74 6.37 3.65
N ILE A 143 11.74 6.06 4.90
CA ILE A 143 10.56 6.38 5.76
C ILE A 143 10.40 7.89 5.90
N GLN A 144 11.47 8.60 6.08
CA GLN A 144 11.37 10.08 6.24
C GLN A 144 10.67 10.69 5.01
N MET A 145 11.14 10.35 3.85
CA MET A 145 10.52 10.90 2.60
C MET A 145 9.19 10.18 2.32
N GLY A 146 9.17 8.89 2.49
CA GLY A 146 7.93 8.10 2.22
C GLY A 146 6.85 8.51 3.23
N PHE A 147 7.23 8.79 4.44
CA PHE A 147 6.22 9.18 5.46
C PHE A 147 5.58 10.53 5.07
N LYS A 148 6.39 11.48 4.72
CA LYS A 148 5.85 12.83 4.34
C LYS A 148 5.03 12.73 3.05
N GLU A 149 5.61 12.12 2.05
CA GLU A 149 4.89 12.00 0.73
C GLU A 149 3.82 10.91 0.80
N GLY A 150 4.05 9.89 1.55
CA GLY A 150 3.07 8.77 1.63
C GLY A 150 1.80 9.19 2.38
N ILE A 151 1.95 9.67 3.58
CA ILE A 151 0.76 10.08 4.38
C ILE A 151 0.07 11.29 3.74
N THR A 152 0.81 12.27 3.33
CA THR A 152 0.19 13.48 2.74
C THR A 152 -0.57 13.11 1.46
N MET A 153 0.02 12.29 0.64
CA MET A 153 -0.65 11.89 -0.63
C MET A 153 -1.79 10.91 -0.34
N ALA A 154 -1.57 9.97 0.53
CA ALA A 154 -2.64 8.98 0.85
C ALA A 154 -3.85 9.66 1.48
N MET A 155 -3.63 10.50 2.46
CA MET A 155 -4.77 11.19 3.12
C MET A 155 -5.51 12.08 2.12
N GLU A 156 -4.77 12.80 1.31
CA GLU A 156 -5.41 13.71 0.32
C GLU A 156 -6.04 12.90 -0.82
N ASN A 157 -5.30 11.98 -1.39
CA ASN A 157 -5.84 11.16 -2.52
C ASN A 157 -6.99 10.27 -2.03
N LEU A 158 -6.84 9.69 -0.88
CA LEU A 158 -7.89 8.78 -0.35
C LEU A 158 -9.18 9.58 -0.06
N ASP A 159 -9.04 10.73 0.51
CA ASP A 159 -10.24 11.57 0.85
C ASP A 159 -10.95 11.99 -0.44
N GLU A 160 -10.21 12.44 -1.40
CA GLU A 160 -10.81 12.88 -2.70
C GLU A 160 -11.40 11.67 -3.42
N LEU A 161 -10.71 10.55 -3.37
CA LEU A 161 -11.21 9.33 -4.07
C LEU A 161 -12.53 8.88 -3.45
N LEU A 162 -12.62 8.86 -2.16
CA LEU A 162 -13.87 8.40 -1.49
C LEU A 162 -15.01 9.36 -1.79
N VAL A 163 -14.75 10.63 -1.74
CA VAL A 163 -15.82 11.64 -2.02
C VAL A 163 -16.25 11.53 -3.48
N SER A 164 -15.31 11.43 -4.38
CA SER A 164 -15.66 11.33 -5.83
C SER A 164 -16.40 10.02 -6.10
N GLY A 165 -16.06 8.98 -5.39
CA GLY A 165 -16.74 7.67 -5.61
C GLY A 165 -17.99 7.59 -4.75
N LYS A 166 -17.83 7.38 -3.47
CA LYS A 166 -19.02 7.26 -2.56
C LYS A 166 -19.46 8.64 -2.09
N LYS A 167 -20.74 8.86 -2.06
CA LYS A 167 -21.28 10.17 -1.62
C LYS A 167 -21.10 10.31 -0.11
N LEU A 168 -22.00 9.73 0.65
CA LEU A 168 -21.91 9.81 2.14
C LEU A 168 -21.49 11.22 2.55
N GLU A 169 -22.31 12.18 2.26
CA GLU A 169 -21.98 13.60 2.61
C GLU A 169 -22.80 14.00 3.85
N HIS A 170 -23.88 13.32 4.10
CA HIS A 170 -24.74 13.65 5.28
C HIS A 170 -24.75 12.47 6.26
N HIS A 171 -23.59 11.99 6.61
CA HIS A 171 -23.48 10.84 7.57
C HIS A 171 -24.21 9.62 7.02
N HIS A 172 -23.67 8.45 7.27
CA HIS A 172 -24.31 7.21 6.79
C HIS A 172 -25.59 6.94 7.56
N HIS A 173 -25.48 6.70 8.83
CA HIS A 173 -26.67 6.43 9.68
C HIS A 173 -26.23 6.38 11.15
N HIS A 174 -25.72 7.46 11.65
CA HIS A 174 -25.24 7.51 13.07
C HIS A 174 -26.42 7.37 14.03
N HIS A 175 -27.49 8.05 13.76
CA HIS A 175 -28.68 7.98 14.67
C HIS A 175 -29.52 6.74 14.33
N MET A 1 -5.57 18.87 12.67
CA MET A 1 -6.35 19.25 11.45
C MET A 1 -7.18 18.06 10.98
N ARG A 2 -8.47 18.11 11.18
CA ARG A 2 -9.35 17.00 10.75
C ARG A 2 -8.83 15.68 11.32
N THR A 3 -8.39 14.79 10.45
CA THR A 3 -7.87 13.46 10.90
C THR A 3 -8.75 12.92 12.04
N ASP A 4 -10.00 12.68 11.75
CA ASP A 4 -10.92 12.15 12.79
C ASP A 4 -10.75 10.63 12.87
N LEU A 5 -9.94 10.07 12.01
CA LEU A 5 -9.73 8.60 12.03
C LEU A 5 -8.53 8.25 12.91
N ALA A 6 -8.08 7.01 12.86
CA ALA A 6 -6.92 6.61 13.71
C ALA A 6 -5.63 6.69 12.90
N LEU A 7 -4.58 7.21 13.49
CA LEU A 7 -3.28 7.30 12.78
C LEU A 7 -2.15 7.09 13.78
N ASP A 8 -1.41 6.02 13.65
CA ASP A 8 -0.28 5.77 14.59
C ASP A 8 0.75 4.88 13.90
N PHE A 9 2.01 5.07 14.21
CA PHE A 9 3.06 4.23 13.56
C PHE A 9 4.16 3.94 14.57
N SER A 10 4.80 2.81 14.46
CA SER A 10 5.90 2.45 15.41
C SER A 10 7.05 1.83 14.63
N VAL A 11 8.26 2.11 15.04
CA VAL A 11 9.46 1.56 14.33
C VAL A 11 10.27 0.70 15.30
N ASN A 12 10.64 -0.48 14.88
CA ASN A 12 11.42 -1.40 15.76
C ASN A 12 12.83 -1.56 15.20
N LYS A 13 13.75 -0.77 15.69
CA LYS A 13 15.16 -0.86 15.22
C LYS A 13 15.75 -2.21 15.62
N GLU A 14 15.41 -2.69 16.78
CA GLU A 14 15.96 -4.00 17.24
C GLU A 14 15.77 -5.05 16.15
N ASN A 15 14.58 -5.18 15.63
CA ASN A 15 14.33 -6.18 14.55
C ASN A 15 14.36 -5.48 13.20
N LYS A 16 14.61 -4.19 13.21
CA LYS A 16 14.67 -3.42 11.93
C LYS A 16 13.39 -3.63 11.13
N THR A 17 12.27 -3.28 11.70
CA THR A 17 10.96 -3.45 10.98
C THR A 17 10.13 -2.18 11.16
N ILE A 18 9.19 -1.96 10.27
CA ILE A 18 8.30 -0.76 10.37
C ILE A 18 6.87 -1.21 10.53
N THR A 19 6.19 -0.71 11.54
CA THR A 19 4.77 -1.10 11.78
C THR A 19 3.88 0.14 11.66
N ILE A 20 2.89 0.07 10.82
CA ILE A 20 1.96 1.23 10.63
C ILE A 20 0.55 0.79 10.96
N LYS A 21 -0.14 1.54 11.79
CA LYS A 21 -1.53 1.17 12.17
C LYS A 21 -2.47 2.31 11.81
N ARG A 22 -3.48 2.02 11.04
CA ARG A 22 -4.45 3.09 10.66
C ARG A 22 -5.86 2.51 10.63
N GLU A 23 -6.85 3.32 10.89
CA GLU A 23 -8.26 2.83 10.88
C GLU A 23 -9.09 3.78 10.02
N PHE A 24 -9.94 3.25 9.18
CA PHE A 24 -10.79 4.10 8.30
C PHE A 24 -12.25 3.69 8.41
N ALA A 25 -13.14 4.64 8.31
CA ALA A 25 -14.59 4.33 8.41
C ALA A 25 -15.11 3.86 7.05
N ALA A 26 -14.88 2.63 6.71
CA ALA A 26 -15.37 2.12 5.40
C ALA A 26 -15.65 0.62 5.49
N VAL A 27 -16.52 0.13 4.66
CA VAL A 27 -16.87 -1.31 4.68
C VAL A 27 -15.83 -2.14 3.94
N ARG A 28 -15.83 -3.42 4.19
CA ARG A 28 -14.86 -4.33 3.52
C ARG A 28 -15.08 -4.30 2.00
N ALA A 29 -16.29 -4.10 1.57
CA ALA A 29 -16.58 -4.07 0.11
C ALA A 29 -15.78 -2.96 -0.57
N ILE A 30 -15.86 -1.76 -0.06
CA ILE A 30 -15.12 -0.63 -0.67
C ILE A 30 -13.61 -0.83 -0.53
N VAL A 31 -13.16 -1.26 0.62
CA VAL A 31 -11.70 -1.48 0.83
C VAL A 31 -11.22 -2.61 -0.08
N TRP A 32 -11.96 -3.68 -0.15
CA TRP A 32 -11.56 -4.82 -1.00
C TRP A 32 -11.50 -4.39 -2.47
N GLU A 33 -12.44 -3.60 -2.90
CA GLU A 33 -12.44 -3.14 -4.32
C GLU A 33 -11.22 -2.25 -4.58
N ALA A 34 -10.88 -1.40 -3.65
CA ALA A 34 -9.71 -0.51 -3.84
C ALA A 34 -8.43 -1.33 -3.89
N PHE A 35 -8.33 -2.36 -3.08
CA PHE A 35 -7.10 -3.19 -3.08
C PHE A 35 -7.11 -4.12 -4.29
N THR A 36 -8.26 -4.36 -4.86
CA THR A 36 -8.33 -5.25 -6.03
C THR A 36 -7.55 -4.66 -7.20
N ARG A 37 -7.72 -3.38 -7.44
CA ARG A 37 -6.99 -2.73 -8.58
C ARG A 37 -5.73 -2.06 -8.07
N ALA A 38 -4.62 -2.36 -8.69
CA ALA A 38 -3.33 -1.74 -8.29
C ALA A 38 -3.39 -0.24 -8.57
N GLU A 39 -4.04 0.15 -9.63
CA GLU A 39 -4.13 1.59 -9.98
C GLU A 39 -4.65 2.36 -8.77
N ILE A 40 -5.72 1.91 -8.18
CA ILE A 40 -6.29 2.61 -7.00
C ILE A 40 -5.28 2.58 -5.85
N LEU A 41 -4.64 1.46 -5.63
CA LEU A 41 -3.67 1.38 -4.51
C LEU A 41 -2.59 2.43 -4.71
N ASP A 42 -1.98 2.47 -5.86
CA ASP A 42 -0.93 3.48 -6.09
C ASP A 42 -1.55 4.87 -6.18
N GLN A 43 -2.86 4.94 -6.22
CA GLN A 43 -3.53 6.27 -6.30
C GLN A 43 -3.55 6.91 -4.91
N TRP A 44 -3.20 6.17 -3.89
CA TRP A 44 -3.19 6.76 -2.50
C TRP A 44 -2.19 6.00 -1.64
N TRP A 45 -2.06 4.72 -1.85
CA TRP A 45 -1.10 3.92 -1.03
C TRP A 45 0.30 4.48 -1.22
N ALA A 46 0.65 4.84 -2.43
CA ALA A 46 2.02 5.38 -2.68
C ALA A 46 1.98 6.92 -2.61
N PRO A 47 3.11 7.52 -2.34
CA PRO A 47 3.23 9.01 -2.25
C PRO A 47 3.10 9.66 -3.62
N LYS A 48 2.44 9.00 -4.54
CA LYS A 48 2.27 9.56 -5.91
C LYS A 48 3.59 10.14 -6.41
N PRO A 49 4.62 9.33 -6.52
CA PRO A 49 5.96 9.79 -6.99
C PRO A 49 5.97 10.09 -8.49
N TRP A 50 6.17 11.32 -8.86
CA TRP A 50 6.22 11.71 -10.30
C TRP A 50 5.12 10.98 -11.08
N LYS A 51 5.43 9.82 -11.61
CA LYS A 51 4.41 9.04 -12.39
C LYS A 51 4.38 7.60 -11.89
N ALA A 52 3.21 7.02 -11.81
CA ALA A 52 3.07 5.62 -11.33
C ALA A 52 2.38 4.80 -12.42
N LYS A 53 2.96 3.68 -12.81
CA LYS A 53 2.32 2.83 -13.86
C LYS A 53 2.50 1.36 -13.49
N THR A 54 1.42 0.68 -13.19
CA THR A 54 1.51 -0.76 -12.82
C THR A 54 1.57 -1.62 -14.08
N LYS A 55 2.56 -2.45 -14.20
CA LYS A 55 2.66 -3.30 -15.41
C LYS A 55 1.51 -4.31 -15.42
N SER A 56 1.27 -4.98 -14.32
CA SER A 56 0.16 -5.96 -14.29
C SER A 56 -0.25 -6.23 -12.84
N MET A 57 -1.48 -6.63 -12.64
CA MET A 57 -1.98 -6.92 -11.27
C MET A 57 -2.59 -8.32 -11.25
N ASP A 58 -2.03 -9.20 -10.47
CA ASP A 58 -2.56 -10.59 -10.40
C ASP A 58 -3.48 -10.75 -9.19
N PHE A 59 -4.06 -11.91 -9.05
CA PHE A 59 -4.95 -12.17 -7.89
C PHE A 59 -5.02 -13.67 -7.66
N LYS A 60 -3.88 -14.33 -7.65
CA LYS A 60 -3.86 -15.81 -7.43
C LYS A 60 -2.61 -16.19 -6.62
N GLU A 61 -2.62 -17.37 -6.05
CA GLU A 61 -1.45 -17.83 -5.25
C GLU A 61 -0.14 -17.49 -5.96
N GLY A 62 0.12 -18.12 -7.08
CA GLY A 62 1.39 -17.84 -7.82
C GLY A 62 1.30 -16.45 -8.44
N GLY A 63 0.32 -15.68 -8.08
CA GLY A 63 0.17 -14.32 -8.67
C GLY A 63 1.27 -13.38 -8.17
N THR A 64 1.62 -12.39 -8.96
CA THR A 64 2.67 -11.43 -8.55
C THR A 64 2.24 -10.01 -8.93
N TRP A 65 2.80 -9.01 -8.29
CA TRP A 65 2.43 -7.59 -8.62
C TRP A 65 3.67 -6.85 -9.07
N LEU A 66 3.68 -6.39 -10.29
CA LEU A 66 4.87 -5.64 -10.83
C LEU A 66 4.53 -4.17 -10.92
N TYR A 67 5.32 -3.32 -10.31
CA TYR A 67 5.06 -1.85 -10.35
C TYR A 67 6.31 -1.14 -10.85
N ALA A 68 6.12 -0.12 -11.64
CA ALA A 68 7.28 0.65 -12.18
C ALA A 68 7.08 2.13 -11.87
N MET A 69 8.01 2.73 -11.17
CA MET A 69 7.88 4.17 -10.83
C MET A 69 8.80 4.97 -11.74
N VAL A 70 8.26 5.86 -12.52
CA VAL A 70 9.11 6.68 -13.45
C VAL A 70 9.31 8.06 -12.86
N GLY A 71 10.54 8.48 -12.78
CA GLY A 71 10.84 9.83 -12.23
C GLY A 71 10.73 10.89 -13.34
N PRO A 72 11.35 12.01 -13.16
CA PRO A 72 11.34 13.13 -14.17
C PRO A 72 11.91 12.70 -15.53
N ASN A 73 11.33 11.70 -16.14
CA ASN A 73 11.80 11.21 -17.45
C ASN A 73 13.28 10.82 -17.36
N GLY A 74 13.70 10.28 -16.24
CA GLY A 74 15.13 9.87 -16.08
C GLY A 74 15.22 8.74 -15.07
N GLU A 75 15.30 9.06 -13.81
CA GLU A 75 15.41 7.99 -12.77
C GLU A 75 14.22 7.03 -12.84
N GLU A 76 14.47 5.76 -12.71
CA GLU A 76 13.37 4.75 -12.75
C GLU A 76 13.61 3.67 -11.70
N HIS A 77 12.60 3.31 -10.97
CA HIS A 77 12.74 2.25 -9.91
C HIS A 77 11.74 1.13 -10.19
N TRP A 78 12.22 -0.08 -10.33
CA TRP A 78 11.31 -1.24 -10.60
C TRP A 78 11.29 -2.18 -9.39
N SER A 79 10.15 -2.73 -9.09
CA SER A 79 10.06 -3.66 -7.92
C SER A 79 8.92 -4.65 -8.16
N ILE A 80 9.00 -5.83 -7.59
CA ILE A 80 7.91 -6.83 -7.82
C ILE A 80 7.57 -7.52 -6.50
N CYS A 81 6.31 -7.76 -6.25
CA CYS A 81 5.88 -8.45 -5.00
C CYS A 81 5.25 -9.79 -5.36
N GLU A 82 5.52 -10.80 -4.58
CA GLU A 82 4.96 -12.16 -4.87
C GLU A 82 4.06 -12.60 -3.71
N TYR A 83 2.86 -13.03 -4.02
CA TYR A 83 1.93 -13.45 -2.95
C TYR A 83 2.26 -14.88 -2.52
N ALA A 84 2.29 -15.14 -1.25
CA ALA A 84 2.60 -16.51 -0.74
C ALA A 84 1.34 -17.16 -0.16
N ILE A 85 0.58 -16.42 0.61
CA ILE A 85 -0.67 -16.97 1.23
C ILE A 85 -1.88 -16.14 0.80
N ILE A 86 -2.90 -16.77 0.27
CA ILE A 86 -4.13 -16.04 -0.17
C ILE A 86 -5.30 -16.44 0.71
N LYS A 87 -5.99 -15.47 1.26
CA LYS A 87 -7.16 -15.77 2.14
C LYS A 87 -8.27 -14.76 1.81
N PRO A 88 -9.52 -15.15 1.99
CA PRO A 88 -10.68 -14.26 1.70
C PRO A 88 -10.81 -13.13 2.74
N ILE A 89 -10.58 -11.90 2.31
CA ILE A 89 -10.69 -10.72 3.25
C ILE A 89 -10.34 -11.13 4.68
N GLU A 90 -9.08 -11.41 4.91
CA GLU A 90 -8.65 -11.84 6.27
C GLU A 90 -7.19 -11.45 6.48
N ARG A 91 -6.28 -12.15 5.85
CA ARG A 91 -4.83 -11.83 6.02
C ARG A 91 -4.08 -12.13 4.71
N PHE A 92 -3.08 -11.35 4.40
CA PHE A 92 -2.30 -11.59 3.14
C PHE A 92 -0.80 -11.49 3.44
N THR A 93 -0.01 -12.27 2.73
CA THR A 93 1.47 -12.25 2.94
C THR A 93 2.17 -12.13 1.58
N GLY A 94 3.44 -11.84 1.57
CA GLY A 94 4.16 -11.73 0.27
C GLY A 94 5.55 -11.14 0.49
N LYS A 95 6.38 -11.13 -0.53
CA LYS A 95 7.76 -10.57 -0.38
C LYS A 95 8.11 -9.70 -1.59
N ASP A 96 8.90 -8.68 -1.38
CA ASP A 96 9.30 -7.77 -2.49
C ASP A 96 10.74 -8.04 -2.88
N GLY A 97 11.10 -7.75 -4.12
CA GLY A 97 12.49 -8.01 -4.58
C GLY A 97 12.89 -6.98 -5.65
N PHE A 98 14.18 -6.80 -5.83
CA PHE A 98 14.68 -5.81 -6.83
C PHE A 98 14.45 -6.32 -8.25
N THR A 99 14.15 -5.42 -9.16
CA THR A 99 13.93 -5.81 -10.58
C THR A 99 14.47 -4.72 -11.49
N ASP A 100 14.67 -5.02 -12.75
CA ASP A 100 15.20 -3.99 -13.70
C ASP A 100 14.45 -4.06 -15.02
N ALA A 101 13.29 -3.44 -15.07
CA ALA A 101 12.47 -3.44 -16.32
C ALA A 101 12.38 -4.86 -16.89
N SER A 102 12.81 -5.85 -16.14
CA SER A 102 12.75 -7.27 -16.63
C SER A 102 11.82 -8.06 -15.71
N GLY A 103 11.74 -7.69 -14.46
CA GLY A 103 10.86 -8.43 -13.51
C GLY A 103 11.68 -9.52 -12.82
N LYS A 104 12.84 -9.82 -13.34
CA LYS A 104 13.69 -10.88 -12.73
C LYS A 104 14.52 -10.32 -11.58
N LEU A 105 14.80 -11.13 -10.61
CA LEU A 105 15.60 -10.67 -9.44
C LEU A 105 17.09 -10.74 -9.76
N ASN A 106 17.80 -9.68 -9.51
CA ASN A 106 19.27 -9.67 -9.79
C ASN A 106 19.94 -10.83 -9.09
N THR A 107 21.22 -11.00 -9.29
CA THR A 107 21.96 -12.13 -8.64
C THR A 107 21.81 -12.04 -7.11
N GLU A 108 20.99 -12.89 -6.56
CA GLU A 108 20.79 -12.91 -5.07
C GLU A 108 20.74 -11.47 -4.52
N MET A 109 19.58 -10.88 -4.50
CA MET A 109 19.45 -9.49 -3.98
C MET A 109 17.99 -9.14 -3.73
N PRO A 110 17.37 -9.78 -2.76
CA PRO A 110 15.93 -9.52 -2.42
C PRO A 110 15.76 -8.20 -1.65
N ARG A 111 14.56 -7.69 -1.65
CA ARG A 111 14.30 -6.41 -0.92
C ARG A 111 13.97 -6.73 0.53
N SER A 112 12.75 -7.14 0.78
CA SER A 112 12.36 -7.46 2.18
C SER A 112 10.97 -8.08 2.20
N ASN A 113 10.53 -8.53 3.34
CA ASN A 113 9.18 -9.14 3.45
C ASN A 113 8.14 -8.08 3.85
N TRP A 114 6.98 -8.13 3.25
CA TRP A 114 5.90 -7.15 3.58
C TRP A 114 4.61 -7.91 3.92
N ASP A 115 4.24 -7.93 5.18
CA ASP A 115 3.00 -8.66 5.59
C ASP A 115 1.84 -7.68 5.73
N MET A 116 0.77 -7.90 4.98
CA MET A 116 -0.42 -7.00 5.07
C MET A 116 -1.52 -7.68 5.86
N ARG A 117 -2.01 -7.07 6.91
CA ARG A 117 -3.09 -7.68 7.73
C ARG A 117 -4.40 -6.94 7.49
N PHE A 118 -5.48 -7.66 7.28
CA PHE A 118 -6.80 -7.02 7.05
C PHE A 118 -7.77 -7.49 8.14
N ILE A 119 -8.24 -6.58 8.95
CA ILE A 119 -9.18 -6.96 10.05
C ILE A 119 -10.47 -6.15 9.91
N ASP A 120 -11.60 -6.81 9.89
CA ASP A 120 -12.91 -6.09 9.76
C ASP A 120 -13.53 -5.93 11.14
N LYS A 121 -13.60 -4.71 11.64
CA LYS A 121 -14.20 -4.48 12.99
C LYS A 121 -15.60 -3.90 12.84
N GLY A 122 -16.54 -4.72 12.45
CA GLY A 122 -17.95 -4.25 12.29
C GLY A 122 -18.07 -3.27 11.12
N GLU A 123 -18.61 -2.10 11.39
CA GLU A 123 -18.80 -1.09 10.31
C GLU A 123 -17.49 -0.35 10.04
N ILE A 124 -16.53 -0.46 10.90
CA ILE A 124 -15.22 0.25 10.69
C ILE A 124 -14.15 -0.78 10.40
N THR A 125 -13.36 -0.55 9.38
CA THR A 125 -12.29 -1.52 9.01
C THR A 125 -10.94 -0.99 9.46
N GLU A 126 -10.08 -1.87 9.92
CA GLU A 126 -8.72 -1.45 10.37
C GLU A 126 -7.68 -2.18 9.52
N VAL A 127 -6.73 -1.46 9.01
CA VAL A 127 -5.67 -2.08 8.15
C VAL A 127 -4.29 -1.79 8.74
N GLN A 128 -3.45 -2.79 8.82
CA GLN A 128 -2.09 -2.60 9.38
C GLN A 128 -1.06 -3.05 8.35
N TYR A 129 -0.09 -2.21 8.06
CA TYR A 129 0.96 -2.57 7.06
C TYR A 129 2.26 -2.86 7.78
N HIS A 130 2.92 -3.92 7.42
CA HIS A 130 4.23 -4.27 8.08
C HIS A 130 5.27 -4.49 7.00
N ILE A 131 6.21 -3.58 6.89
CA ILE A 131 7.29 -3.72 5.85
C ILE A 131 8.64 -3.66 6.55
N SER A 132 9.53 -4.55 6.19
CA SER A 132 10.88 -4.56 6.84
C SER A 132 11.93 -4.05 5.86
N TYR A 133 12.96 -3.43 6.37
CA TYR A 133 14.06 -2.91 5.51
C TYR A 133 15.39 -3.40 6.04
N ASP A 134 16.25 -3.88 5.18
CA ASP A 134 17.57 -4.38 5.63
C ASP A 134 18.53 -3.20 5.82
N ASP A 135 18.27 -2.10 5.15
CA ASP A 135 19.16 -0.91 5.27
C ASP A 135 18.52 0.14 6.18
N VAL A 136 19.17 0.43 7.27
CA VAL A 136 18.64 1.44 8.24
C VAL A 136 18.58 2.81 7.58
N ALA A 137 19.60 3.17 6.85
CA ALA A 137 19.63 4.50 6.19
C ALA A 137 18.38 4.66 5.32
N GLN A 138 18.06 3.68 4.54
CA GLN A 138 16.86 3.78 3.66
C GLN A 138 15.60 3.80 4.53
N LEU A 139 15.61 3.07 5.62
CA LEU A 139 14.44 3.04 6.52
C LEU A 139 14.16 4.44 7.07
N GLU A 140 15.19 5.14 7.46
CA GLU A 140 15.01 6.52 8.02
C GLU A 140 14.62 7.49 6.90
N ALA A 141 15.12 7.27 5.71
CA ALA A 141 14.80 8.19 4.58
C ALA A 141 13.42 7.87 4.00
N THR A 142 13.13 6.62 3.77
CA THR A 142 11.81 6.23 3.19
C THR A 142 10.69 6.54 4.19
N ILE A 143 10.91 6.25 5.44
CA ILE A 143 9.85 6.49 6.46
C ILE A 143 9.63 8.00 6.64
N GLN A 144 10.69 8.77 6.68
CA GLN A 144 10.54 10.24 6.86
C GLN A 144 9.83 10.86 5.65
N MET A 145 10.32 10.61 4.47
CA MET A 145 9.67 11.19 3.25
C MET A 145 8.34 10.49 2.98
N GLY A 146 8.30 9.20 3.14
CA GLY A 146 7.06 8.43 2.87
C GLY A 146 5.99 8.76 3.91
N PHE A 147 6.36 8.87 5.15
CA PHE A 147 5.34 9.20 6.19
C PHE A 147 4.75 10.58 5.90
N LYS A 148 5.58 11.53 5.61
CA LYS A 148 5.09 12.91 5.34
C LYS A 148 4.31 12.95 4.03
N GLU A 149 4.87 12.44 2.97
CA GLU A 149 4.18 12.48 1.65
C GLU A 149 3.10 11.40 1.58
N GLY A 150 3.44 10.19 1.94
CA GLY A 150 2.46 9.07 1.87
C GLY A 150 1.20 9.39 2.68
N ILE A 151 1.34 9.68 3.94
CA ILE A 151 0.13 9.98 4.77
C ILE A 151 -0.54 11.26 4.30
N THR A 152 0.22 12.29 4.03
CA THR A 152 -0.40 13.57 3.58
C THR A 152 -1.13 13.36 2.24
N MET A 153 -0.47 12.77 1.28
CA MET A 153 -1.13 12.53 -0.04
C MET A 153 -2.22 11.48 0.10
N ALA A 154 -1.97 10.45 0.86
CA ALA A 154 -2.97 9.36 1.03
C ALA A 154 -4.23 9.90 1.71
N MET A 155 -4.07 10.71 2.73
CA MET A 155 -5.26 11.27 3.43
C MET A 155 -6.08 12.13 2.48
N GLU A 156 -5.44 12.99 1.73
CA GLU A 156 -6.17 13.87 0.78
C GLU A 156 -6.70 13.05 -0.41
N ASN A 157 -5.87 12.25 -1.01
CA ASN A 157 -6.31 11.46 -2.18
C ASN A 157 -7.38 10.45 -1.74
N LEU A 158 -7.19 9.82 -0.62
CA LEU A 158 -8.17 8.81 -0.16
C LEU A 158 -9.52 9.49 0.12
N ASP A 159 -9.50 10.63 0.75
CA ASP A 159 -10.78 11.33 1.06
C ASP A 159 -11.51 11.64 -0.24
N GLU A 160 -10.79 12.12 -1.22
CA GLU A 160 -11.43 12.44 -2.53
C GLU A 160 -11.89 11.15 -3.20
N LEU A 161 -11.11 10.11 -3.13
CA LEU A 161 -11.50 8.84 -3.78
C LEU A 161 -12.78 8.29 -3.14
N LEU A 162 -12.89 8.33 -1.84
CA LEU A 162 -14.11 7.81 -1.17
C LEU A 162 -15.31 8.66 -1.56
N VAL A 163 -15.13 9.95 -1.59
CA VAL A 163 -16.26 10.85 -1.97
C VAL A 163 -16.65 10.60 -3.44
N SER A 164 -15.69 10.48 -4.29
CA SER A 164 -15.98 10.24 -5.73
C SER A 164 -16.65 8.87 -5.91
N GLY A 165 -16.24 7.89 -5.13
CA GLY A 165 -16.84 6.54 -5.26
C GLY A 165 -18.09 6.45 -4.37
N LYS A 166 -17.90 6.33 -3.08
CA LYS A 166 -19.05 6.22 -2.13
C LYS A 166 -20.19 5.42 -2.77
N LYS A 167 -19.84 4.53 -3.64
CA LYS A 167 -20.86 3.69 -4.33
C LYS A 167 -22.08 4.53 -4.73
N LEU A 168 -23.16 3.88 -5.04
CA LEU A 168 -24.39 4.62 -5.46
C LEU A 168 -25.06 5.27 -4.25
N GLU A 169 -25.63 6.42 -4.44
CA GLU A 169 -26.28 7.14 -3.31
C GLU A 169 -27.42 6.31 -2.71
N HIS A 170 -27.55 6.36 -1.41
CA HIS A 170 -28.64 5.60 -0.72
C HIS A 170 -28.60 4.13 -1.10
N HIS A 171 -28.22 3.29 -0.17
CA HIS A 171 -28.14 1.82 -0.44
C HIS A 171 -28.30 1.07 0.87
N HIS A 172 -27.70 1.54 1.92
CA HIS A 172 -27.81 0.85 3.25
C HIS A 172 -28.86 1.54 4.10
N HIS A 173 -29.91 0.84 4.45
CA HIS A 173 -30.99 1.44 5.30
C HIS A 173 -31.34 0.48 6.44
N HIS A 174 -30.98 0.84 7.65
CA HIS A 174 -31.28 -0.02 8.83
C HIS A 174 -30.97 -1.48 8.52
N HIS A 175 -31.34 -2.36 9.42
CA HIS A 175 -31.07 -3.81 9.21
C HIS A 175 -31.79 -4.61 10.30
N MET A 1 -15.28 14.42 12.15
CA MET A 1 -13.83 14.33 11.84
C MET A 1 -13.07 13.94 13.12
N ARG A 2 -13.51 14.45 14.25
CA ARG A 2 -12.84 14.11 15.53
C ARG A 2 -13.02 12.63 15.83
N THR A 3 -14.19 12.10 15.55
CA THR A 3 -14.45 10.66 15.83
C THR A 3 -13.90 9.78 14.69
N ASP A 4 -13.78 8.51 14.95
CA ASP A 4 -13.27 7.57 13.92
C ASP A 4 -11.98 8.09 13.28
N LEU A 5 -11.49 7.40 12.29
CA LEU A 5 -10.24 7.79 11.61
C LEU A 5 -9.10 7.82 12.62
N ALA A 6 -8.24 6.84 12.58
CA ALA A 6 -7.09 6.78 13.54
C ALA A 6 -5.80 6.57 12.74
N LEU A 7 -4.82 7.41 12.99
CA LEU A 7 -3.51 7.29 12.27
C LEU A 7 -2.42 6.99 13.29
N ASP A 8 -1.76 5.88 13.15
CA ASP A 8 -0.67 5.52 14.10
C ASP A 8 0.35 4.64 13.39
N PHE A 9 1.60 5.02 13.45
CA PHE A 9 2.66 4.21 12.78
C PHE A 9 3.88 4.12 13.70
N SER A 10 4.62 3.04 13.63
CA SER A 10 5.82 2.90 14.50
C SER A 10 6.97 2.32 13.68
N VAL A 11 8.18 2.74 13.98
CA VAL A 11 9.37 2.24 13.23
C VAL A 11 10.31 1.53 14.21
N ASN A 12 10.75 0.34 13.85
CA ASN A 12 11.67 -0.43 14.73
C ASN A 12 13.04 -0.55 14.05
N LYS A 13 13.99 0.24 14.49
CA LYS A 13 15.36 0.19 13.90
C LYS A 13 15.99 -1.18 14.21
N GLU A 14 15.75 -1.68 15.38
CA GLU A 14 16.32 -3.00 15.78
C GLU A 14 15.83 -4.08 14.82
N ASN A 15 14.59 -4.02 14.43
CA ASN A 15 14.03 -5.05 13.51
C ASN A 15 14.07 -4.50 12.08
N LYS A 16 14.71 -3.36 11.90
CA LYS A 16 14.80 -2.74 10.53
C LYS A 16 13.51 -2.98 9.75
N THR A 17 12.38 -2.87 10.42
CA THR A 17 11.07 -3.11 9.76
C THR A 17 10.14 -1.92 10.00
N ILE A 18 9.11 -1.80 9.19
CA ILE A 18 8.15 -0.67 9.34
C ILE A 18 6.77 -1.24 9.68
N THR A 19 6.16 -0.71 10.72
CA THR A 19 4.80 -1.17 11.13
C THR A 19 3.84 0.00 11.07
N ILE A 20 2.76 -0.15 10.35
CA ILE A 20 1.75 0.94 10.22
C ILE A 20 0.41 0.46 10.75
N LYS A 21 -0.20 1.24 11.61
CA LYS A 21 -1.53 0.85 12.18
C LYS A 21 -2.49 2.02 12.06
N ARG A 22 -3.44 1.93 11.16
CA ARG A 22 -4.42 3.03 10.98
C ARG A 22 -5.77 2.45 10.57
N GLU A 23 -6.81 3.24 10.68
CA GLU A 23 -8.17 2.74 10.32
C GLU A 23 -8.96 3.84 9.60
N PHE A 24 -9.85 3.47 8.72
CA PHE A 24 -10.66 4.48 7.96
C PHE A 24 -12.16 4.15 8.03
N ALA A 25 -12.98 5.16 7.95
CA ALA A 25 -14.45 4.94 8.00
C ALA A 25 -14.93 4.35 6.67
N ALA A 26 -14.63 3.09 6.44
CA ALA A 26 -15.08 2.44 5.17
C ALA A 26 -15.19 0.93 5.39
N VAL A 27 -15.96 0.27 4.57
CA VAL A 27 -16.12 -1.21 4.73
C VAL A 27 -14.94 -1.94 4.10
N ARG A 28 -14.74 -3.18 4.48
CA ARG A 28 -13.61 -3.98 3.91
C ARG A 28 -13.79 -4.11 2.40
N ALA A 29 -15.00 -4.17 1.93
CA ALA A 29 -15.23 -4.32 0.47
C ALA A 29 -14.53 -3.20 -0.30
N ILE A 30 -14.75 -1.97 0.11
CA ILE A 30 -14.11 -0.83 -0.59
C ILE A 30 -12.58 -0.90 -0.42
N VAL A 31 -12.13 -1.18 0.77
CA VAL A 31 -10.66 -1.23 1.01
C VAL A 31 -10.03 -2.37 0.19
N TRP A 32 -10.62 -3.52 0.21
CA TRP A 32 -10.05 -4.67 -0.57
C TRP A 32 -10.17 -4.39 -2.07
N GLU A 33 -11.28 -3.86 -2.49
CA GLU A 33 -11.48 -3.58 -3.94
C GLU A 33 -10.47 -2.52 -4.39
N ALA A 34 -10.20 -1.56 -3.55
CA ALA A 34 -9.22 -0.50 -3.91
C ALA A 34 -7.79 -1.03 -3.73
N PHE A 35 -7.67 -2.19 -3.13
CA PHE A 35 -6.30 -2.77 -2.91
C PHE A 35 -6.00 -3.78 -4.01
N THR A 36 -7.02 -4.41 -4.54
CA THR A 36 -6.81 -5.41 -5.63
C THR A 36 -6.95 -4.70 -6.98
N ARG A 37 -7.16 -3.41 -6.96
CA ARG A 37 -7.30 -2.63 -8.23
C ARG A 37 -6.18 -1.61 -8.34
N ALA A 38 -5.20 -1.90 -9.14
CA ALA A 38 -4.05 -0.99 -9.31
C ALA A 38 -4.55 0.41 -9.74
N GLU A 39 -5.63 0.47 -10.46
CA GLU A 39 -6.15 1.79 -10.91
C GLU A 39 -6.62 2.61 -9.70
N ILE A 40 -7.54 2.06 -8.94
CA ILE A 40 -8.04 2.80 -7.75
C ILE A 40 -6.92 2.96 -6.74
N LEU A 41 -6.14 1.92 -6.53
CA LEU A 41 -5.03 2.00 -5.55
C LEU A 41 -4.05 3.10 -6.00
N ASP A 42 -3.77 3.15 -7.27
CA ASP A 42 -2.84 4.19 -7.81
C ASP A 42 -3.43 5.58 -7.56
N GLN A 43 -4.73 5.68 -7.54
CA GLN A 43 -5.38 7.00 -7.32
C GLN A 43 -4.84 7.64 -6.03
N TRP A 44 -4.63 6.85 -5.00
CA TRP A 44 -4.11 7.41 -3.70
C TRP A 44 -2.76 6.76 -3.37
N TRP A 45 -2.18 7.17 -2.27
CA TRP A 45 -0.85 6.60 -1.87
C TRP A 45 0.16 6.83 -2.98
N ALA A 46 -0.18 7.65 -3.94
CA ALA A 46 0.76 7.95 -5.07
C ALA A 46 0.96 9.47 -5.15
N PRO A 47 1.89 9.99 -4.39
CA PRO A 47 2.19 11.46 -4.36
C PRO A 47 2.53 12.02 -5.75
N LYS A 48 2.16 13.25 -5.99
CA LYS A 48 2.43 13.86 -7.33
C LYS A 48 3.94 13.78 -7.65
N PRO A 49 4.79 14.14 -6.74
CA PRO A 49 6.26 14.08 -6.97
C PRO A 49 6.70 12.70 -7.45
N TRP A 50 6.20 11.67 -6.82
CA TRP A 50 6.58 10.29 -7.22
C TRP A 50 5.59 9.76 -8.25
N LYS A 51 6.08 9.06 -9.25
CA LYS A 51 5.18 8.51 -10.31
C LYS A 51 5.21 6.98 -10.24
N ALA A 52 4.08 6.37 -10.00
CA ALA A 52 4.01 4.89 -9.90
C ALA A 52 3.53 4.31 -11.22
N LYS A 53 4.07 3.19 -11.62
CA LYS A 53 3.66 2.55 -12.91
C LYS A 53 3.55 1.04 -12.71
N THR A 54 2.34 0.53 -12.72
CA THR A 54 2.15 -0.93 -12.54
C THR A 54 2.37 -1.66 -13.86
N LYS A 55 3.43 -2.40 -13.95
CA LYS A 55 3.72 -3.13 -15.22
C LYS A 55 2.66 -4.21 -15.44
N SER A 56 2.41 -5.01 -14.43
CA SER A 56 1.39 -6.09 -14.59
C SER A 56 0.82 -6.48 -13.24
N MET A 57 -0.32 -7.10 -13.24
CA MET A 57 -0.95 -7.53 -11.96
C MET A 57 -1.89 -8.70 -12.23
N ASP A 58 -1.73 -9.79 -11.54
CA ASP A 58 -2.62 -10.98 -11.75
C ASP A 58 -3.03 -11.54 -10.38
N PHE A 59 -4.26 -11.28 -10.00
CA PHE A 59 -4.75 -11.75 -8.67
C PHE A 59 -4.95 -13.27 -8.69
N LYS A 60 -4.04 -13.99 -8.09
CA LYS A 60 -4.16 -15.47 -8.05
C LYS A 60 -3.06 -16.06 -7.14
N GLU A 61 -3.18 -17.31 -6.80
CA GLU A 61 -2.17 -17.97 -5.93
C GLU A 61 -0.75 -17.56 -6.37
N GLY A 62 -0.32 -18.08 -7.49
CA GLY A 62 1.05 -17.74 -8.00
C GLY A 62 0.99 -16.36 -8.66
N GLY A 63 0.10 -15.52 -8.21
CA GLY A 63 -0.04 -14.16 -8.81
C GLY A 63 1.15 -13.29 -8.43
N THR A 64 1.50 -12.34 -9.26
CA THR A 64 2.64 -11.43 -8.95
C THR A 64 2.26 -9.99 -9.28
N TRP A 65 2.91 -9.06 -8.64
CA TRP A 65 2.63 -7.61 -8.89
C TRP A 65 3.95 -6.90 -9.21
N LEU A 66 4.12 -6.47 -10.44
CA LEU A 66 5.38 -5.77 -10.84
C LEU A 66 5.09 -4.29 -11.04
N TYR A 67 5.83 -3.44 -10.38
CA TYR A 67 5.63 -1.98 -10.53
C TYR A 67 6.94 -1.25 -10.28
N ALA A 68 7.04 -0.02 -10.74
CA ALA A 68 8.31 0.75 -10.54
C ALA A 68 7.95 2.18 -10.11
N MET A 69 8.65 2.70 -9.14
CA MET A 69 8.38 4.08 -8.66
C MET A 69 9.49 5.00 -9.13
N VAL A 70 9.16 6.17 -9.59
CA VAL A 70 10.18 7.14 -10.09
C VAL A 70 10.25 8.34 -9.16
N GLY A 71 11.44 8.70 -8.76
CA GLY A 71 11.60 9.86 -7.84
C GLY A 71 11.13 11.15 -8.52
N PRO A 72 11.21 12.27 -7.83
CA PRO A 72 10.78 13.58 -8.39
C PRO A 72 11.46 13.88 -9.72
N ASN A 73 12.71 13.52 -9.85
CA ASN A 73 13.44 13.77 -11.13
C ASN A 73 14.44 12.63 -11.39
N GLY A 74 14.05 11.68 -12.19
CA GLY A 74 14.96 10.54 -12.50
C GLY A 74 14.91 9.47 -11.40
N GLU A 75 15.92 8.63 -11.36
CA GLU A 75 15.98 7.54 -10.34
C GLU A 75 14.74 6.66 -10.45
N GLU A 76 14.90 5.47 -10.99
CA GLU A 76 13.74 4.54 -11.14
C GLU A 76 13.93 3.35 -10.22
N HIS A 77 13.01 3.15 -9.31
CA HIS A 77 13.12 2.01 -8.35
C HIS A 77 12.16 0.90 -8.80
N TRP A 78 12.69 -0.26 -9.08
CA TRP A 78 11.83 -1.40 -9.53
C TRP A 78 11.64 -2.38 -8.39
N SER A 79 10.50 -2.98 -8.31
CA SER A 79 10.25 -3.97 -7.21
C SER A 79 9.16 -4.95 -7.65
N ILE A 80 9.13 -6.11 -7.05
CA ILE A 80 8.10 -7.13 -7.42
C ILE A 80 7.60 -7.82 -6.16
N CYS A 81 6.35 -8.21 -6.15
CA CYS A 81 5.77 -8.90 -4.96
C CYS A 81 5.11 -10.20 -5.40
N GLU A 82 5.49 -11.30 -4.81
CA GLU A 82 4.90 -12.62 -5.18
C GLU A 82 4.03 -13.13 -4.03
N TYR A 83 2.80 -13.43 -4.30
CA TYR A 83 1.88 -13.91 -3.22
C TYR A 83 2.04 -15.42 -3.05
N ALA A 84 2.23 -15.85 -1.84
CA ALA A 84 2.39 -17.30 -1.56
C ALA A 84 1.02 -17.92 -1.24
N ILE A 85 0.49 -17.62 -0.09
CA ILE A 85 -0.84 -18.18 0.31
C ILE A 85 -1.86 -17.04 0.37
N ILE A 86 -2.99 -17.24 -0.27
CA ILE A 86 -4.05 -16.18 -0.27
C ILE A 86 -5.33 -16.74 0.33
N LYS A 87 -5.90 -16.05 1.27
CA LYS A 87 -7.16 -16.51 1.93
C LYS A 87 -8.24 -15.45 1.72
N PRO A 88 -9.50 -15.83 1.63
CA PRO A 88 -10.61 -14.88 1.44
C PRO A 88 -10.41 -13.57 2.22
N ILE A 89 -9.81 -12.60 1.59
CA ILE A 89 -9.57 -11.28 2.24
C ILE A 89 -8.98 -11.47 3.65
N GLU A 90 -9.60 -10.85 4.63
CA GLU A 90 -9.11 -10.95 6.04
C GLU A 90 -7.61 -10.65 6.08
N ARG A 91 -6.79 -11.62 5.83
CA ARG A 91 -5.31 -11.39 5.87
C ARG A 91 -4.61 -12.42 4.99
N PHE A 92 -3.44 -12.10 4.53
CA PHE A 92 -2.68 -13.05 3.69
C PHE A 92 -1.19 -12.69 3.73
N THR A 93 -0.34 -13.61 3.36
CA THR A 93 1.13 -13.34 3.39
C THR A 93 1.76 -13.78 2.06
N GLY A 94 2.98 -13.37 1.82
CA GLY A 94 3.65 -13.75 0.56
C GLY A 94 5.13 -13.37 0.63
N LYS A 95 5.78 -13.25 -0.50
CA LYS A 95 7.24 -12.89 -0.52
C LYS A 95 7.47 -11.67 -1.43
N ASP A 96 8.48 -10.90 -1.14
CA ASP A 96 8.78 -9.70 -1.96
C ASP A 96 10.28 -9.58 -2.17
N GLY A 97 10.71 -8.72 -3.07
CA GLY A 97 12.16 -8.57 -3.32
C GLY A 97 12.42 -7.45 -4.32
N PHE A 98 13.58 -6.84 -4.26
CA PHE A 98 13.92 -5.74 -5.19
C PHE A 98 14.31 -6.31 -6.55
N THR A 99 14.12 -5.55 -7.61
CA THR A 99 14.48 -6.05 -8.97
C THR A 99 15.31 -4.99 -9.70
N ASP A 100 16.15 -5.43 -10.60
CA ASP A 100 17.00 -4.48 -11.37
C ASP A 100 16.40 -4.24 -12.76
N ALA A 101 15.91 -3.05 -12.98
CA ALA A 101 15.29 -2.68 -14.29
C ALA A 101 14.46 -3.84 -14.86
N SER A 102 13.18 -3.81 -14.60
CA SER A 102 12.28 -4.89 -15.12
C SER A 102 12.82 -6.26 -14.71
N GLY A 103 13.68 -6.28 -13.73
CA GLY A 103 14.27 -7.57 -13.26
C GLY A 103 13.19 -8.44 -12.63
N LYS A 104 13.50 -9.71 -12.45
CA LYS A 104 12.53 -10.65 -11.82
C LYS A 104 12.93 -10.86 -10.36
N LEU A 105 14.21 -10.97 -10.10
CA LEU A 105 14.66 -11.15 -8.69
C LEU A 105 16.13 -10.72 -8.58
N ASN A 106 16.40 -9.71 -7.80
CA ASN A 106 17.80 -9.24 -7.63
C ASN A 106 18.56 -10.12 -6.64
N THR A 107 19.69 -10.62 -7.05
CA THR A 107 20.51 -11.48 -6.13
C THR A 107 21.38 -10.58 -5.24
N GLU A 108 21.49 -9.33 -5.57
CA GLU A 108 22.32 -8.40 -4.76
C GLU A 108 21.76 -8.30 -3.33
N MET A 109 20.47 -8.16 -3.19
CA MET A 109 19.86 -8.05 -1.82
C MET A 109 19.01 -9.29 -1.53
N PRO A 110 18.94 -9.71 -0.29
CA PRO A 110 18.13 -10.90 0.12
C PRO A 110 16.62 -10.66 0.01
N ARG A 111 15.85 -11.72 -0.06
CA ARG A 111 14.38 -11.58 -0.16
C ARG A 111 13.85 -10.63 0.91
N SER A 112 12.63 -10.19 0.77
CA SER A 112 12.03 -9.24 1.77
C SER A 112 10.70 -9.80 2.27
N ASN A 113 10.32 -9.42 3.45
CA ASN A 113 9.05 -9.92 4.05
C ASN A 113 7.94 -8.88 3.88
N TRP A 114 6.76 -9.33 3.54
CA TRP A 114 5.61 -8.41 3.35
C TRP A 114 4.34 -9.11 3.81
N ASP A 115 3.88 -8.81 5.01
CA ASP A 115 2.63 -9.45 5.52
C ASP A 115 1.50 -8.42 5.55
N MET A 116 0.44 -8.71 4.85
CA MET A 116 -0.71 -7.76 4.81
C MET A 116 -1.81 -8.26 5.75
N ARG A 117 -2.39 -7.38 6.52
CA ARG A 117 -3.47 -7.79 7.46
C ARG A 117 -4.63 -6.81 7.36
N PHE A 118 -5.80 -7.29 7.01
CA PHE A 118 -6.99 -6.40 6.90
C PHE A 118 -8.05 -6.89 7.89
N ILE A 119 -8.33 -6.11 8.90
CA ILE A 119 -9.34 -6.52 9.93
C ILE A 119 -10.59 -5.64 9.81
N ASP A 120 -11.73 -6.27 9.73
CA ASP A 120 -13.01 -5.50 9.62
C ASP A 120 -13.64 -5.36 11.02
N LYS A 121 -13.71 -4.15 11.54
CA LYS A 121 -14.30 -3.93 12.90
C LYS A 121 -15.63 -3.20 12.77
N GLY A 122 -16.66 -3.91 12.39
CA GLY A 122 -18.01 -3.30 12.27
C GLY A 122 -18.06 -2.25 11.15
N GLU A 123 -18.58 -1.10 11.45
CA GLU A 123 -18.69 -0.02 10.44
C GLU A 123 -17.33 0.63 10.24
N ILE A 124 -16.34 0.20 10.97
CA ILE A 124 -14.97 0.79 10.85
C ILE A 124 -13.98 -0.30 10.42
N THR A 125 -13.17 -0.01 9.44
CA THR A 125 -12.18 -1.02 8.95
C THR A 125 -10.77 -0.62 9.40
N GLU A 126 -9.99 -1.58 9.84
CA GLU A 126 -8.60 -1.30 10.30
C GLU A 126 -7.60 -1.90 9.31
N VAL A 127 -6.61 -1.13 8.93
CA VAL A 127 -5.59 -1.63 7.96
C VAL A 127 -4.21 -1.62 8.63
N GLN A 128 -3.49 -2.70 8.49
CA GLN A 128 -2.13 -2.79 9.10
C GLN A 128 -1.15 -3.31 8.04
N TYR A 129 -0.10 -2.56 7.78
CA TYR A 129 0.90 -2.99 6.74
C TYR A 129 2.23 -3.33 7.40
N HIS A 130 2.81 -4.45 7.04
CA HIS A 130 4.11 -4.85 7.63
C HIS A 130 5.12 -5.02 6.48
N ILE A 131 6.02 -4.09 6.34
CA ILE A 131 7.03 -4.17 5.23
C ILE A 131 8.44 -4.09 5.81
N SER A 132 9.32 -4.95 5.37
CA SER A 132 10.72 -4.95 5.89
C SER A 132 11.67 -4.53 4.77
N TYR A 133 12.76 -3.88 5.11
CA TYR A 133 13.76 -3.44 4.09
C TYR A 133 15.16 -3.93 4.49
N ASP A 134 16.02 -4.06 3.52
CA ASP A 134 17.40 -4.54 3.82
C ASP A 134 18.31 -3.35 4.15
N ASP A 135 17.97 -2.17 3.68
CA ASP A 135 18.82 -0.96 3.95
C ASP A 135 18.20 -0.11 5.06
N VAL A 136 18.84 -0.06 6.20
CA VAL A 136 18.32 0.76 7.34
C VAL A 136 18.41 2.25 6.97
N ALA A 137 19.51 2.66 6.41
CA ALA A 137 19.69 4.10 6.05
C ALA A 137 18.60 4.56 5.09
N GLN A 138 18.40 3.85 4.01
CA GLN A 138 17.35 4.25 3.03
C GLN A 138 15.97 4.09 3.66
N LEU A 139 15.83 3.14 4.54
CA LEU A 139 14.52 2.91 5.19
C LEU A 139 14.11 4.15 6.00
N GLU A 140 15.03 4.74 6.71
CA GLU A 140 14.70 5.94 7.53
C GLU A 140 14.39 7.14 6.63
N ALA A 141 15.15 7.31 5.59
CA ALA A 141 14.92 8.47 4.67
C ALA A 141 13.62 8.29 3.87
N THR A 142 13.33 7.07 3.46
CA THR A 142 12.10 6.83 2.65
C THR A 142 10.85 7.11 3.47
N ILE A 143 10.79 6.63 4.68
CA ILE A 143 9.58 6.86 5.52
C ILE A 143 9.46 8.34 5.87
N GLN A 144 10.55 8.97 6.19
CA GLN A 144 10.49 10.41 6.58
C GLN A 144 9.84 11.25 5.47
N MET A 145 10.33 11.15 4.26
CA MET A 145 9.74 11.96 3.16
C MET A 145 8.47 11.28 2.63
N GLY A 146 8.50 9.99 2.47
CA GLY A 146 7.32 9.26 1.93
C GLY A 146 6.15 9.34 2.90
N PHE A 147 6.39 9.05 4.14
CA PHE A 147 5.27 9.07 5.14
C PHE A 147 4.74 10.50 5.30
N LYS A 148 5.61 11.47 5.40
CA LYS A 148 5.13 12.88 5.59
C LYS A 148 4.13 13.24 4.48
N GLU A 149 4.57 13.25 3.26
CA GLU A 149 3.65 13.60 2.14
C GLU A 149 2.64 12.47 1.93
N GLY A 150 3.01 11.27 2.29
CA GLY A 150 2.11 10.12 2.10
C GLY A 150 0.81 10.28 2.89
N ILE A 151 0.91 10.49 4.17
CA ILE A 151 -0.33 10.66 5.00
C ILE A 151 -1.06 11.95 4.61
N THR A 152 -0.34 13.02 4.39
CA THR A 152 -1.02 14.30 4.04
C THR A 152 -1.79 14.15 2.73
N MET A 153 -1.13 13.66 1.71
CA MET A 153 -1.82 13.47 0.40
C MET A 153 -2.80 12.31 0.48
N ALA A 154 -2.42 11.24 1.13
CA ALA A 154 -3.32 10.06 1.24
C ALA A 154 -4.57 10.42 2.05
N MET A 155 -4.40 11.15 3.12
CA MET A 155 -5.57 11.52 3.96
C MET A 155 -6.55 12.36 3.14
N GLU A 156 -6.07 13.33 2.42
CA GLU A 156 -6.98 14.19 1.61
C GLU A 156 -7.51 13.42 0.39
N ASN A 157 -6.64 12.77 -0.32
CA ASN A 157 -7.08 12.01 -1.53
C ASN A 157 -7.99 10.84 -1.12
N LEU A 158 -7.64 10.15 -0.08
CA LEU A 158 -8.46 8.99 0.36
C LEU A 158 -9.84 9.48 0.80
N ASP A 159 -9.88 10.55 1.53
CA ASP A 159 -11.19 11.08 2.01
C ASP A 159 -12.07 11.43 0.81
N GLU A 160 -11.53 12.15 -0.12
CA GLU A 160 -12.31 12.54 -1.33
C GLU A 160 -12.55 11.31 -2.19
N LEU A 161 -11.60 10.41 -2.25
CA LEU A 161 -11.78 9.19 -3.09
C LEU A 161 -12.94 8.36 -2.55
N LEU A 162 -13.01 8.18 -1.27
CA LEU A 162 -14.12 7.36 -0.69
C LEU A 162 -15.46 8.05 -0.95
N VAL A 163 -15.51 9.34 -0.79
CA VAL A 163 -16.79 10.07 -1.03
C VAL A 163 -17.16 9.95 -2.51
N SER A 164 -16.21 10.16 -3.38
CA SER A 164 -16.49 10.06 -4.84
C SER A 164 -16.77 8.61 -5.21
N GLY A 165 -16.05 7.68 -4.62
CA GLY A 165 -16.24 6.25 -4.93
C GLY A 165 -17.61 5.79 -4.41
N LYS A 166 -17.96 6.16 -3.21
CA LYS A 166 -19.28 5.77 -2.60
C LYS A 166 -19.74 4.40 -3.15
N LYS A 167 -18.80 3.52 -3.34
CA LYS A 167 -19.12 2.16 -3.86
C LYS A 167 -19.78 2.28 -5.24
N LEU A 168 -19.21 1.62 -6.22
CA LEU A 168 -19.79 1.68 -7.60
C LEU A 168 -19.53 0.35 -8.32
N GLU A 169 -20.57 -0.37 -8.63
CA GLU A 169 -20.43 -1.68 -9.32
C GLU A 169 -19.24 -2.45 -8.77
N HIS A 170 -19.40 -3.03 -7.61
CA HIS A 170 -18.29 -3.81 -6.99
C HIS A 170 -18.25 -5.20 -7.63
N HIS A 171 -19.25 -5.55 -8.39
CA HIS A 171 -19.28 -6.89 -9.03
C HIS A 171 -18.21 -6.99 -10.12
N HIS A 172 -17.74 -8.18 -10.38
CA HIS A 172 -16.69 -8.38 -11.41
C HIS A 172 -17.29 -8.22 -12.81
N HIS A 173 -16.51 -7.77 -13.75
CA HIS A 173 -17.02 -7.56 -15.14
C HIS A 173 -17.29 -8.90 -15.81
N HIS A 174 -18.32 -8.98 -16.59
CA HIS A 174 -18.67 -10.26 -17.29
C HIS A 174 -18.08 -10.25 -18.69
N HIS A 175 -17.27 -11.23 -19.00
CA HIS A 175 -16.64 -11.32 -20.35
C HIS A 175 -17.67 -11.76 -21.38
N MET A 1 -11.11 19.05 12.32
CA MET A 1 -11.60 18.81 13.72
C MET A 1 -12.50 17.57 13.71
N ARG A 2 -13.30 17.40 12.69
CA ARG A 2 -14.20 16.22 12.63
C ARG A 2 -13.42 15.04 12.05
N THR A 3 -12.19 14.87 12.46
CA THR A 3 -11.37 13.74 11.93
C THR A 3 -11.94 12.40 12.40
N ASP A 4 -12.10 11.47 11.50
CA ASP A 4 -12.64 10.12 11.85
C ASP A 4 -11.61 9.06 11.47
N LEU A 5 -10.76 9.35 10.52
CA LEU A 5 -9.74 8.35 10.09
C LEU A 5 -8.57 8.36 11.08
N ALA A 6 -8.16 7.19 11.53
CA ALA A 6 -7.04 7.12 12.51
C ALA A 6 -5.74 6.75 11.80
N LEU A 7 -4.69 7.49 12.04
CA LEU A 7 -3.37 7.18 11.39
C LEU A 7 -2.34 6.91 12.48
N ASP A 8 -1.57 5.86 12.32
CA ASP A 8 -0.53 5.55 13.33
C ASP A 8 0.62 4.81 12.66
N PHE A 9 1.80 5.38 12.68
CA PHE A 9 2.98 4.72 12.05
C PHE A 9 4.14 4.67 13.05
N SER A 10 4.79 3.53 13.15
CA SER A 10 5.92 3.40 14.12
C SER A 10 7.10 2.73 13.42
N VAL A 11 8.30 3.12 13.77
CA VAL A 11 9.51 2.50 13.14
C VAL A 11 10.41 1.94 14.23
N ASN A 12 10.86 0.72 14.08
CA ASN A 12 11.75 0.10 15.11
C ASN A 12 13.09 -0.25 14.46
N LYS A 13 14.08 0.58 14.67
CA LYS A 13 15.43 0.31 14.08
C LYS A 13 15.99 -0.98 14.66
N GLU A 14 15.78 -1.20 15.94
CA GLU A 14 16.30 -2.44 16.58
C GLU A 14 15.67 -3.67 15.91
N ASN A 15 14.42 -3.57 15.55
CA ASN A 15 13.74 -4.72 14.89
C ASN A 15 13.76 -4.48 13.38
N LYS A 16 14.47 -3.47 12.95
CA LYS A 16 14.55 -3.16 11.48
C LYS A 16 13.22 -3.45 10.80
N THR A 17 12.13 -3.16 11.47
CA THR A 17 10.78 -3.43 10.89
C THR A 17 9.92 -2.17 11.02
N ILE A 18 8.86 -2.10 10.25
CA ILE A 18 7.95 -0.91 10.31
C ILE A 18 6.53 -1.40 10.57
N THR A 19 5.87 -0.80 11.54
CA THR A 19 4.47 -1.20 11.85
C THR A 19 3.54 -0.04 11.54
N ILE A 20 2.61 -0.22 10.63
CA ILE A 20 1.66 0.88 10.27
C ILE A 20 0.25 0.46 10.64
N LYS A 21 -0.44 1.29 11.39
CA LYS A 21 -1.84 0.98 11.79
C LYS A 21 -2.76 2.06 11.24
N ARG A 22 -3.84 1.68 10.62
CA ARG A 22 -4.79 2.70 10.09
C ARG A 22 -6.21 2.19 10.25
N GLU A 23 -7.12 3.09 10.57
CA GLU A 23 -8.55 2.70 10.75
C GLU A 23 -9.40 3.45 9.73
N PHE A 24 -10.22 2.73 8.99
CA PHE A 24 -11.10 3.39 7.97
C PHE A 24 -12.54 2.94 8.18
N ALA A 25 -13.47 3.82 7.91
CA ALA A 25 -14.91 3.48 8.10
C ALA A 25 -15.48 2.95 6.77
N ALA A 26 -15.13 1.75 6.40
CA ALA A 26 -15.64 1.17 5.12
C ALA A 26 -15.71 -0.35 5.23
N VAL A 27 -16.50 -0.97 4.40
CA VAL A 27 -16.63 -2.45 4.46
C VAL A 27 -15.43 -3.12 3.79
N ARG A 28 -15.35 -4.43 3.88
CA ARG A 28 -14.22 -5.18 3.27
C ARG A 28 -14.27 -5.04 1.75
N ALA A 29 -15.45 -5.04 1.18
CA ALA A 29 -15.57 -4.92 -0.30
C ALA A 29 -14.91 -3.64 -0.79
N ILE A 30 -15.19 -2.53 -0.17
CA ILE A 30 -14.59 -1.24 -0.62
C ILE A 30 -13.07 -1.28 -0.41
N VAL A 31 -12.63 -1.76 0.72
CA VAL A 31 -11.17 -1.82 0.99
C VAL A 31 -10.50 -2.81 0.02
N TRP A 32 -11.07 -3.97 -0.12
CA TRP A 32 -10.48 -4.99 -1.04
C TRP A 32 -10.49 -4.46 -2.47
N GLU A 33 -11.54 -3.80 -2.86
CA GLU A 33 -11.65 -3.27 -4.24
C GLU A 33 -10.54 -2.24 -4.48
N ALA A 34 -10.17 -1.51 -3.48
CA ALA A 34 -9.11 -0.48 -3.65
C ALA A 34 -7.72 -1.11 -3.60
N PHE A 35 -7.62 -2.34 -3.16
CA PHE A 35 -6.30 -3.03 -3.08
C PHE A 35 -6.14 -4.00 -4.25
N THR A 36 -7.19 -4.24 -4.98
CA THR A 36 -7.13 -5.18 -6.14
C THR A 36 -7.18 -4.38 -7.44
N ARG A 37 -7.47 -3.10 -7.36
CA ARG A 37 -7.55 -2.27 -8.60
C ARG A 37 -6.31 -1.40 -8.75
N ALA A 38 -5.66 -1.50 -9.87
CA ALA A 38 -4.44 -0.69 -10.12
C ALA A 38 -4.83 0.79 -10.25
N GLU A 39 -5.98 1.05 -10.82
CA GLU A 39 -6.42 2.47 -10.99
C GLU A 39 -6.56 3.13 -9.62
N ILE A 40 -7.30 2.54 -8.74
CA ILE A 40 -7.50 3.13 -7.38
C ILE A 40 -6.15 3.17 -6.64
N LEU A 41 -5.38 2.12 -6.76
CA LEU A 41 -4.07 2.08 -6.05
C LEU A 41 -3.19 3.26 -6.52
N ASP A 42 -3.16 3.51 -7.79
CA ASP A 42 -2.33 4.64 -8.30
C ASP A 42 -3.11 5.95 -8.11
N GLN A 43 -4.40 5.87 -7.90
CA GLN A 43 -5.21 7.10 -7.73
C GLN A 43 -4.75 7.83 -6.47
N TRP A 44 -4.49 7.10 -5.40
CA TRP A 44 -4.03 7.73 -4.13
C TRP A 44 -2.76 7.03 -3.65
N TRP A 45 -1.63 7.51 -4.09
CA TRP A 45 -0.33 6.91 -3.67
C TRP A 45 0.80 7.80 -4.22
N ALA A 46 0.64 8.29 -5.42
CA ALA A 46 1.67 9.17 -6.01
C ALA A 46 1.09 9.88 -7.25
N PRO A 47 0.17 10.79 -7.05
CA PRO A 47 -0.48 11.57 -8.16
C PRO A 47 0.54 12.51 -8.83
N LYS A 48 0.80 13.62 -8.22
CA LYS A 48 1.78 14.60 -8.79
C LYS A 48 3.20 14.13 -8.46
N PRO A 49 3.55 14.06 -7.19
CA PRO A 49 4.91 13.63 -6.76
C PRO A 49 5.25 12.20 -7.23
N TRP A 50 6.49 11.99 -7.62
CA TRP A 50 6.93 10.65 -8.09
C TRP A 50 5.93 10.10 -9.12
N LYS A 51 6.22 8.94 -9.66
CA LYS A 51 5.30 8.34 -10.67
C LYS A 51 5.33 6.82 -10.55
N ALA A 52 4.18 6.22 -10.37
CA ALA A 52 4.10 4.74 -10.26
C ALA A 52 3.57 4.17 -11.57
N LYS A 53 4.14 3.09 -12.04
CA LYS A 53 3.66 2.48 -13.32
C LYS A 53 3.58 0.96 -13.19
N THR A 54 2.39 0.44 -13.13
CA THR A 54 2.21 -1.02 -13.01
C THR A 54 2.40 -1.68 -14.38
N LYS A 55 3.29 -2.64 -14.47
CA LYS A 55 3.53 -3.32 -15.77
C LYS A 55 2.68 -4.58 -15.87
N SER A 56 2.11 -5.00 -14.77
CA SER A 56 1.25 -6.23 -14.83
C SER A 56 0.50 -6.41 -13.51
N MET A 57 -0.60 -7.10 -13.56
CA MET A 57 -1.39 -7.36 -12.32
C MET A 57 -2.29 -8.57 -12.56
N ASP A 58 -2.20 -9.57 -11.72
CA ASP A 58 -3.06 -10.79 -11.89
C ASP A 58 -3.59 -11.23 -10.54
N PHE A 59 -4.87 -11.15 -10.34
CA PHE A 59 -5.47 -11.56 -9.04
C PHE A 59 -5.53 -13.09 -8.98
N LYS A 60 -4.40 -13.74 -8.80
CA LYS A 60 -4.39 -15.23 -8.74
C LYS A 60 -3.32 -15.71 -7.76
N GLU A 61 -3.44 -16.92 -7.28
CA GLU A 61 -2.46 -17.48 -6.31
C GLU A 61 -1.04 -17.11 -6.72
N GLY A 62 -0.57 -17.62 -7.83
CA GLY A 62 0.81 -17.30 -8.28
C GLY A 62 0.82 -15.92 -8.94
N GLY A 63 -0.17 -15.12 -8.63
CA GLY A 63 -0.24 -13.76 -9.25
C GLY A 63 0.87 -12.86 -8.71
N THR A 64 1.29 -11.90 -9.48
CA THR A 64 2.37 -10.97 -9.04
C THR A 64 2.01 -9.54 -9.41
N TRP A 65 2.61 -8.58 -8.76
CA TRP A 65 2.34 -7.15 -9.07
C TRP A 65 3.66 -6.44 -9.32
N LEU A 66 3.91 -6.05 -10.55
CA LEU A 66 5.19 -5.36 -10.89
C LEU A 66 4.92 -3.87 -11.08
N TYR A 67 5.66 -3.04 -10.39
CA TYR A 67 5.47 -1.57 -10.54
C TYR A 67 6.82 -0.87 -10.39
N ALA A 68 6.95 0.31 -10.95
CA ALA A 68 8.25 1.04 -10.86
C ALA A 68 8.01 2.47 -10.39
N MET A 69 8.80 2.93 -9.44
CA MET A 69 8.64 4.31 -8.91
C MET A 69 9.72 5.19 -9.53
N VAL A 70 9.33 6.34 -10.04
CA VAL A 70 10.33 7.27 -10.66
C VAL A 70 10.27 8.61 -9.93
N GLY A 71 11.39 9.07 -9.45
CA GLY A 71 11.41 10.38 -8.71
C GLY A 71 11.97 11.49 -9.62
N PRO A 72 11.38 12.67 -9.63
CA PRO A 72 11.86 13.81 -10.47
C PRO A 72 13.17 14.41 -9.97
N ASN A 73 13.47 14.24 -8.70
CA ASN A 73 14.72 14.81 -8.11
C ASN A 73 15.71 13.68 -7.87
N GLY A 74 15.48 12.53 -8.45
CA GLY A 74 16.41 11.39 -8.25
C GLY A 74 16.20 10.33 -9.33
N GLU A 75 16.81 9.18 -9.17
CA GLU A 75 16.68 8.10 -10.19
C GLU A 75 15.30 7.44 -10.09
N GLU A 76 15.26 6.13 -10.16
CA GLU A 76 13.96 5.41 -10.07
C GLU A 76 14.16 4.12 -9.27
N HIS A 77 13.12 3.65 -8.64
CA HIS A 77 13.22 2.39 -7.85
C HIS A 77 12.22 1.37 -8.38
N TRP A 78 12.68 0.18 -8.65
CA TRP A 78 11.78 -0.90 -9.19
C TRP A 78 11.50 -1.93 -8.09
N SER A 79 10.35 -2.50 -8.10
CA SER A 79 10.02 -3.52 -7.05
C SER A 79 8.93 -4.46 -7.56
N ILE A 80 8.83 -5.62 -6.96
CA ILE A 80 7.78 -6.59 -7.39
C ILE A 80 7.21 -7.29 -6.16
N CYS A 81 5.93 -7.57 -6.17
CA CYS A 81 5.29 -8.25 -5.00
C CYS A 81 4.70 -9.59 -5.48
N GLU A 82 5.05 -10.67 -4.81
CA GLU A 82 4.52 -12.01 -5.19
C GLU A 82 3.58 -12.53 -4.10
N TYR A 83 2.38 -12.86 -4.48
CA TYR A 83 1.40 -13.36 -3.47
C TYR A 83 1.61 -14.86 -3.23
N ALA A 84 1.64 -15.27 -2.00
CA ALA A 84 1.84 -16.71 -1.68
C ALA A 84 0.48 -17.38 -1.53
N ILE A 85 -0.22 -17.10 -0.46
CA ILE A 85 -1.56 -17.71 -0.23
C ILE A 85 -2.60 -16.59 -0.12
N ILE A 86 -3.69 -16.71 -0.84
CA ILE A 86 -4.76 -15.68 -0.77
C ILE A 86 -6.06 -16.31 -0.28
N LYS A 87 -6.67 -15.72 0.72
CA LYS A 87 -7.94 -16.26 1.26
C LYS A 87 -8.91 -15.09 1.50
N PRO A 88 -10.20 -15.30 1.32
CA PRO A 88 -11.22 -14.24 1.51
C PRO A 88 -10.86 -13.28 2.64
N ILE A 89 -10.54 -12.05 2.28
CA ILE A 89 -10.16 -10.97 3.28
C ILE A 89 -10.13 -11.51 4.72
N GLU A 90 -8.96 -11.65 5.27
CA GLU A 90 -8.84 -12.17 6.65
C GLU A 90 -7.39 -12.04 7.12
N ARG A 91 -6.57 -13.02 6.85
CA ARG A 91 -5.15 -12.95 7.27
C ARG A 91 -4.29 -13.73 6.27
N PHE A 92 -3.28 -13.10 5.73
CA PHE A 92 -2.40 -13.82 4.76
C PHE A 92 -1.13 -13.00 4.53
N THR A 93 -0.12 -13.61 3.96
CA THR A 93 1.16 -12.86 3.71
C THR A 93 1.74 -13.31 2.37
N GLY A 94 2.74 -12.61 1.90
CA GLY A 94 3.37 -12.97 0.61
C GLY A 94 4.86 -12.62 0.65
N LYS A 95 5.51 -12.55 -0.48
CA LYS A 95 6.97 -12.22 -0.50
C LYS A 95 7.25 -11.18 -1.58
N ASP A 96 8.23 -10.34 -1.37
CA ASP A 96 8.55 -9.31 -2.38
C ASP A 96 10.05 -8.99 -2.32
N GLY A 97 10.54 -8.27 -3.30
CA GLY A 97 11.99 -7.93 -3.30
C GLY A 97 12.27 -6.91 -4.41
N PHE A 98 13.49 -6.48 -4.54
CA PHE A 98 13.84 -5.48 -5.58
C PHE A 98 14.15 -6.17 -6.91
N THR A 99 13.99 -5.48 -8.01
CA THR A 99 14.27 -6.08 -9.34
C THR A 99 15.18 -5.16 -10.15
N ASP A 100 15.84 -5.70 -11.14
CA ASP A 100 16.76 -4.87 -11.97
C ASP A 100 16.01 -4.41 -13.23
N ALA A 101 14.83 -3.86 -13.06
CA ALA A 101 14.03 -3.38 -14.22
C ALA A 101 13.56 -4.57 -15.06
N SER A 102 14.05 -5.74 -14.77
CA SER A 102 13.64 -6.93 -15.55
C SER A 102 12.38 -7.55 -14.91
N GLY A 103 11.97 -7.02 -13.79
CA GLY A 103 10.76 -7.56 -13.12
C GLY A 103 11.10 -8.87 -12.40
N LYS A 104 12.16 -9.51 -12.82
CA LYS A 104 12.54 -10.81 -12.19
C LYS A 104 13.45 -10.56 -10.97
N LEU A 105 13.35 -11.40 -9.98
CA LEU A 105 14.20 -11.22 -8.77
C LEU A 105 15.67 -11.41 -9.12
N ASN A 106 16.39 -10.34 -9.29
CA ASN A 106 17.84 -10.42 -9.62
C ASN A 106 18.60 -9.50 -8.67
N THR A 107 17.96 -9.08 -7.61
CA THR A 107 18.64 -8.18 -6.64
C THR A 107 19.81 -8.90 -5.98
N GLU A 108 20.96 -8.28 -5.99
CA GLU A 108 22.16 -8.92 -5.37
C GLU A 108 22.09 -8.73 -3.86
N MET A 109 21.12 -7.99 -3.37
CA MET A 109 20.99 -7.75 -1.91
C MET A 109 19.87 -8.64 -1.34
N PRO A 110 19.64 -8.56 -0.04
CA PRO A 110 18.57 -9.37 0.63
C PRO A 110 17.16 -9.03 0.12
N ARG A 111 16.28 -9.99 0.13
CA ARG A 111 14.89 -9.76 -0.36
C ARG A 111 14.10 -8.98 0.68
N SER A 112 12.79 -9.01 0.58
CA SER A 112 11.93 -8.28 1.55
C SER A 112 10.68 -9.11 1.83
N ASN A 113 10.15 -9.03 3.03
CA ASN A 113 8.92 -9.81 3.37
C ASN A 113 7.95 -8.92 4.13
N TRP A 114 6.69 -8.96 3.76
CA TRP A 114 5.67 -8.13 4.45
C TRP A 114 4.44 -9.00 4.75
N ASP A 115 3.84 -8.82 5.89
CA ASP A 115 2.62 -9.62 6.25
C ASP A 115 1.40 -8.69 6.23
N MET A 116 0.35 -9.12 5.59
CA MET A 116 -0.89 -8.28 5.52
C MET A 116 -1.93 -8.86 6.48
N ARG A 117 -2.48 -8.03 7.34
CA ARG A 117 -3.49 -8.53 8.32
C ARG A 117 -4.72 -7.62 8.26
N PHE A 118 -5.89 -8.21 8.23
CA PHE A 118 -7.15 -7.40 8.18
C PHE A 118 -7.94 -7.61 9.47
N ILE A 119 -8.20 -6.56 10.20
CA ILE A 119 -8.98 -6.70 11.48
C ILE A 119 -10.32 -5.98 11.31
N ASP A 120 -11.39 -6.72 11.41
CA ASP A 120 -12.74 -6.10 11.25
C ASP A 120 -13.27 -5.64 12.60
N LYS A 121 -14.08 -4.61 12.60
CA LYS A 121 -14.64 -4.10 13.88
C LYS A 121 -16.08 -3.59 13.64
N GLY A 122 -16.94 -4.47 13.18
CA GLY A 122 -18.37 -4.12 12.92
C GLY A 122 -18.48 -2.80 12.15
N GLU A 123 -18.86 -2.88 10.89
CA GLU A 123 -19.01 -1.65 10.05
C GLU A 123 -17.68 -0.90 9.95
N ILE A 124 -16.77 -1.14 10.87
CA ILE A 124 -15.45 -0.45 10.84
C ILE A 124 -14.37 -1.47 10.53
N THR A 125 -13.51 -1.17 9.59
CA THR A 125 -12.42 -2.12 9.22
C THR A 125 -11.07 -1.48 9.49
N GLU A 126 -10.20 -2.18 10.16
CA GLU A 126 -8.84 -1.63 10.48
C GLU A 126 -7.80 -2.45 9.73
N VAL A 127 -7.04 -1.82 8.88
CA VAL A 127 -6.00 -2.56 8.10
C VAL A 127 -4.63 -2.35 8.75
N GLN A 128 -3.87 -3.41 8.89
CA GLN A 128 -2.52 -3.30 9.51
C GLN A 128 -1.47 -3.81 8.51
N TYR A 129 -0.49 -2.98 8.20
CA TYR A 129 0.57 -3.39 7.22
C TYR A 129 1.88 -3.63 7.98
N HIS A 130 2.52 -4.74 7.72
CA HIS A 130 3.81 -5.05 8.40
C HIS A 130 4.90 -5.19 7.33
N ILE A 131 5.89 -4.33 7.34
CA ILE A 131 6.98 -4.40 6.32
C ILE A 131 8.34 -4.52 7.02
N SER A 132 9.16 -5.46 6.61
CA SER A 132 10.50 -5.62 7.24
C SER A 132 11.51 -6.02 6.16
N TYR A 133 12.59 -5.29 6.04
CA TYR A 133 13.60 -5.63 5.00
C TYR A 133 14.94 -4.99 5.36
N ASP A 134 16.02 -5.48 4.80
CA ASP A 134 17.36 -4.91 5.10
C ASP A 134 17.60 -3.63 4.31
N ASP A 135 17.72 -2.52 4.99
CA ASP A 135 17.98 -1.21 4.30
C ASP A 135 17.68 -0.09 5.31
N VAL A 136 18.41 -0.03 6.38
CA VAL A 136 18.18 1.03 7.40
C VAL A 136 18.41 2.41 6.78
N ALA A 137 19.50 2.57 6.07
CA ALA A 137 19.81 3.89 5.46
C ALA A 137 18.68 4.34 4.52
N GLN A 138 18.32 3.53 3.58
CA GLN A 138 17.24 3.91 2.64
C GLN A 138 15.89 3.91 3.36
N LEU A 139 15.71 3.01 4.27
CA LEU A 139 14.41 2.93 5.00
C LEU A 139 14.17 4.22 5.79
N GLU A 140 15.16 4.72 6.47
CA GLU A 140 14.97 5.97 7.27
C GLU A 140 14.72 7.17 6.35
N ALA A 141 15.51 7.32 5.33
CA ALA A 141 15.33 8.49 4.41
C ALA A 141 14.08 8.33 3.55
N THR A 142 13.91 7.19 2.93
CA THR A 142 12.74 6.98 2.05
C THR A 142 11.43 7.03 2.86
N ILE A 143 11.39 6.40 4.00
CA ILE A 143 10.14 6.39 4.80
C ILE A 143 9.85 7.78 5.37
N GLN A 144 10.87 8.46 5.84
CA GLN A 144 10.64 9.81 6.44
C GLN A 144 10.07 10.76 5.39
N MET A 145 10.71 10.85 4.26
CA MET A 145 10.22 11.76 3.19
C MET A 145 9.02 11.11 2.49
N GLY A 146 9.02 9.81 2.38
CA GLY A 146 7.89 9.11 1.70
C GLY A 146 6.60 9.34 2.46
N PHE A 147 6.62 9.12 3.75
CA PHE A 147 5.38 9.32 4.56
C PHE A 147 5.05 10.81 4.60
N LYS A 148 6.04 11.65 4.70
CA LYS A 148 5.77 13.11 4.79
C LYS A 148 4.83 13.53 3.65
N GLU A 149 5.28 13.40 2.42
CA GLU A 149 4.43 13.79 1.26
C GLU A 149 3.33 12.75 1.04
N GLY A 150 3.64 11.50 1.24
CA GLY A 150 2.63 10.44 1.00
C GLY A 150 1.44 10.58 1.96
N ILE A 151 1.68 10.69 3.22
CA ILE A 151 0.56 10.81 4.20
C ILE A 151 -0.21 12.11 3.96
N THR A 152 0.47 13.20 3.73
CA THR A 152 -0.26 14.48 3.52
C THR A 152 -1.13 14.39 2.27
N MET A 153 -0.59 13.94 1.17
CA MET A 153 -1.39 13.84 -0.08
C MET A 153 -2.34 12.63 -0.04
N ALA A 154 -1.87 11.51 0.43
CA ALA A 154 -2.73 10.30 0.49
C ALA A 154 -3.89 10.54 1.44
N MET A 155 -3.64 11.12 2.57
CA MET A 155 -4.73 11.37 3.55
C MET A 155 -5.77 12.32 2.94
N GLU A 156 -5.32 13.36 2.32
CA GLU A 156 -6.27 14.34 1.72
C GLU A 156 -6.93 13.73 0.48
N ASN A 157 -6.16 13.11 -0.37
CA ASN A 157 -6.72 12.52 -1.62
C ASN A 157 -7.62 11.33 -1.27
N LEU A 158 -7.20 10.51 -0.34
CA LEU A 158 -8.02 9.31 0.03
C LEU A 158 -9.35 9.77 0.64
N ASP A 159 -9.32 10.76 1.48
CA ASP A 159 -10.58 11.23 2.14
C ASP A 159 -11.56 11.74 1.07
N GLU A 160 -11.08 12.54 0.16
CA GLU A 160 -11.98 13.07 -0.91
C GLU A 160 -12.36 11.93 -1.86
N LEU A 161 -11.45 11.03 -2.10
CA LEU A 161 -11.76 9.90 -3.02
C LEU A 161 -12.89 9.05 -2.45
N LEU A 162 -12.86 8.79 -1.17
CA LEU A 162 -13.93 7.96 -0.54
C LEU A 162 -15.27 8.70 -0.64
N VAL A 163 -15.25 9.99 -0.40
CA VAL A 163 -16.51 10.78 -0.45
C VAL A 163 -17.08 10.76 -1.87
N SER A 164 -16.26 10.96 -2.86
CA SER A 164 -16.77 10.97 -4.26
C SER A 164 -16.84 9.53 -4.78
N GLY A 165 -16.21 8.62 -4.10
CA GLY A 165 -16.21 7.21 -4.55
C GLY A 165 -17.49 6.52 -4.07
N LYS A 166 -17.51 6.09 -2.83
CA LYS A 166 -18.70 5.40 -2.27
C LYS A 166 -19.28 4.43 -3.30
N LYS A 167 -18.64 3.30 -3.48
CA LYS A 167 -19.13 2.28 -4.46
C LYS A 167 -19.50 2.94 -5.79
N LEU A 168 -20.67 2.66 -6.30
CA LEU A 168 -21.10 3.26 -7.60
C LEU A 168 -21.87 4.55 -7.34
N GLU A 169 -22.09 4.87 -6.10
CA GLU A 169 -22.84 6.12 -5.76
C GLU A 169 -24.15 6.16 -6.54
N HIS A 170 -25.10 5.36 -6.14
CA HIS A 170 -26.42 5.32 -6.86
C HIS A 170 -27.26 6.53 -6.44
N HIS A 171 -27.90 7.17 -7.38
CA HIS A 171 -28.76 8.36 -7.06
C HIS A 171 -30.10 8.23 -7.76
N HIS A 172 -31.17 8.56 -7.08
CA HIS A 172 -32.52 8.46 -7.71
C HIS A 172 -33.39 9.64 -7.23
N HIS A 173 -34.11 10.24 -8.14
CA HIS A 173 -34.96 11.40 -7.76
C HIS A 173 -36.28 10.90 -7.18
N HIS A 174 -36.62 11.34 -5.99
CA HIS A 174 -37.90 10.89 -5.36
C HIS A 174 -39.05 11.81 -5.79
N HIS A 175 -40.13 11.22 -6.26
CA HIS A 175 -41.28 12.05 -6.69
C HIS A 175 -42.49 11.12 -6.91
N MET A 1 -10.94 9.64 23.16
CA MET A 1 -11.40 10.60 22.13
C MET A 1 -11.88 9.84 20.90
N ARG A 2 -13.12 9.98 20.54
CA ARG A 2 -13.65 9.26 19.35
C ARG A 2 -13.04 9.86 18.08
N THR A 3 -12.59 9.03 17.18
CA THR A 3 -11.99 9.56 15.92
C THR A 3 -12.02 8.46 14.84
N ASP A 4 -12.82 8.64 13.82
CA ASP A 4 -12.90 7.61 12.76
C ASP A 4 -11.57 7.51 12.00
N LEU A 5 -10.92 8.63 11.78
CA LEU A 5 -9.61 8.61 11.06
C LEU A 5 -8.50 8.63 12.10
N ALA A 6 -7.98 7.48 12.42
CA ALA A 6 -6.88 7.41 13.46
C ALA A 6 -5.52 7.37 12.75
N LEU A 7 -4.56 8.08 13.27
CA LEU A 7 -3.19 8.09 12.67
C LEU A 7 -2.16 7.67 13.73
N ASP A 8 -1.49 6.59 13.51
CA ASP A 8 -0.46 6.13 14.50
C ASP A 8 0.63 5.36 13.75
N PHE A 9 1.88 5.64 14.05
CA PHE A 9 3.00 4.93 13.37
C PHE A 9 4.11 4.66 14.38
N SER A 10 4.57 3.44 14.47
CA SER A 10 5.67 3.10 15.43
C SER A 10 6.75 2.31 14.69
N VAL A 11 7.99 2.51 15.04
CA VAL A 11 9.11 1.80 14.35
C VAL A 11 9.90 0.96 15.36
N ASN A 12 10.15 -0.30 15.05
CA ASN A 12 10.93 -1.18 15.97
C ASN A 12 12.32 -1.43 15.37
N LYS A 13 13.27 -0.61 15.70
CA LYS A 13 14.64 -0.79 15.16
C LYS A 13 15.22 -2.11 15.67
N GLU A 14 14.92 -2.46 16.89
CA GLU A 14 15.46 -3.72 17.48
C GLU A 14 15.14 -4.91 16.57
N ASN A 15 13.91 -5.04 16.15
CA ASN A 15 13.54 -6.20 15.27
C ASN A 15 13.68 -5.77 13.81
N LYS A 16 14.01 -4.53 13.59
CA LYS A 16 14.16 -4.03 12.19
C LYS A 16 12.83 -4.16 11.45
N THR A 17 11.74 -3.79 12.09
CA THR A 17 10.41 -3.87 11.42
C THR A 17 9.62 -2.61 11.76
N ILE A 18 8.59 -2.31 10.99
CA ILE A 18 7.78 -1.08 11.25
C ILE A 18 6.31 -1.45 11.35
N THR A 19 5.64 -0.98 12.38
CA THR A 19 4.20 -1.29 12.56
C THR A 19 3.40 0.01 12.37
N ILE A 20 2.47 0.01 11.44
CA ILE A 20 1.65 1.24 11.18
C ILE A 20 0.20 0.93 11.55
N LYS A 21 -0.41 1.77 12.35
CA LYS A 21 -1.83 1.54 12.76
C LYS A 21 -2.69 2.74 12.34
N ARG A 22 -3.67 2.50 11.52
CA ARG A 22 -4.57 3.61 11.06
C ARG A 22 -6.01 3.08 11.01
N GLU A 23 -6.98 3.94 11.14
CA GLU A 23 -8.41 3.49 11.09
C GLU A 23 -9.16 4.32 10.05
N PHE A 24 -10.01 3.67 9.29
CA PHE A 24 -10.79 4.38 8.22
C PHE A 24 -12.28 4.04 8.35
N ALA A 25 -13.13 4.92 7.90
CA ALA A 25 -14.59 4.66 7.99
C ALA A 25 -15.07 3.92 6.73
N ALA A 26 -14.73 2.67 6.58
CA ALA A 26 -15.17 1.91 5.38
C ALA A 26 -15.16 0.41 5.69
N VAL A 27 -15.98 -0.36 5.04
CA VAL A 27 -16.02 -1.82 5.32
C VAL A 27 -14.86 -2.52 4.61
N ARG A 28 -14.60 -3.74 4.98
CA ARG A 28 -13.48 -4.50 4.35
C ARG A 28 -13.76 -4.68 2.84
N ALA A 29 -15.01 -4.66 2.43
CA ALA A 29 -15.35 -4.85 0.98
C ALA A 29 -14.90 -3.63 0.16
N ILE A 30 -15.15 -2.43 0.62
CA ILE A 30 -14.69 -1.22 -0.13
C ILE A 30 -13.19 -1.34 -0.27
N VAL A 31 -12.63 -1.61 0.84
CA VAL A 31 -11.18 -1.77 1.01
C VAL A 31 -10.68 -2.91 0.13
N TRP A 32 -11.38 -4.00 0.13
CA TRP A 32 -10.95 -5.17 -0.70
C TRP A 32 -10.91 -4.77 -2.17
N GLU A 33 -11.88 -4.03 -2.63
CA GLU A 33 -11.88 -3.63 -4.06
C GLU A 33 -10.63 -2.80 -4.36
N ALA A 34 -10.22 -1.98 -3.43
CA ALA A 34 -9.02 -1.13 -3.65
C ALA A 34 -7.77 -2.01 -3.78
N PHE A 35 -7.68 -3.08 -3.03
CA PHE A 35 -6.47 -3.96 -3.10
C PHE A 35 -6.72 -5.12 -4.06
N THR A 36 -7.89 -5.21 -4.62
CA THR A 36 -8.22 -6.32 -5.56
C THR A 36 -8.16 -5.80 -7.01
N ARG A 37 -8.11 -4.51 -7.18
CA ARG A 37 -8.05 -3.91 -8.56
C ARG A 37 -6.88 -2.93 -8.64
N ALA A 38 -5.98 -3.16 -9.55
CA ALA A 38 -4.80 -2.27 -9.70
C ALA A 38 -5.26 -0.85 -10.04
N GLU A 39 -6.30 -0.73 -10.82
CA GLU A 39 -6.79 0.64 -11.18
C GLU A 39 -7.14 1.39 -9.90
N ILE A 40 -7.95 0.81 -9.08
CA ILE A 40 -8.35 1.48 -7.81
C ILE A 40 -7.13 1.54 -6.87
N LEU A 41 -6.38 0.48 -6.80
CA LEU A 41 -5.20 0.47 -5.87
C LEU A 41 -4.21 1.57 -6.28
N ASP A 42 -3.85 1.63 -7.53
CA ASP A 42 -2.88 2.67 -7.98
C ASP A 42 -3.57 4.03 -8.08
N GLN A 43 -4.87 4.06 -7.96
CA GLN A 43 -5.59 5.35 -8.06
C GLN A 43 -5.06 6.33 -7.01
N TRP A 44 -4.82 5.86 -5.80
CA TRP A 44 -4.29 6.77 -4.73
C TRP A 44 -2.79 6.57 -4.57
N TRP A 45 -2.28 5.43 -4.97
CA TRP A 45 -0.82 5.18 -4.85
C TRP A 45 -0.09 5.85 -6.03
N ALA A 46 -0.81 6.61 -6.81
CA ALA A 46 -0.20 7.31 -7.98
C ALA A 46 -0.49 8.81 -7.88
N PRO A 47 -0.02 9.45 -6.83
CA PRO A 47 -0.24 10.92 -6.63
C PRO A 47 0.51 11.77 -7.65
N LYS A 48 0.14 13.00 -7.79
CA LYS A 48 0.80 13.92 -8.76
C LYS A 48 0.72 13.32 -10.18
N PRO A 49 0.70 14.14 -11.20
CA PRO A 49 0.62 13.66 -12.61
C PRO A 49 1.81 12.76 -12.97
N TRP A 50 2.92 13.35 -13.29
CA TRP A 50 4.13 12.55 -13.66
C TRP A 50 3.74 11.39 -14.57
N LYS A 51 4.61 10.42 -14.73
CA LYS A 51 4.30 9.26 -15.62
C LYS A 51 4.51 7.95 -14.86
N ALA A 52 3.62 7.00 -15.05
CA ALA A 52 3.73 5.68 -14.36
C ALA A 52 3.74 4.58 -15.42
N LYS A 53 4.46 3.50 -15.18
CA LYS A 53 4.51 2.39 -16.19
C LYS A 53 4.34 1.05 -15.49
N THR A 54 3.19 0.45 -15.64
CA THR A 54 2.95 -0.87 -14.99
C THR A 54 3.47 -1.98 -15.92
N LYS A 55 4.59 -2.58 -15.59
CA LYS A 55 5.14 -3.65 -16.47
C LYS A 55 4.22 -4.87 -16.43
N SER A 56 3.79 -5.27 -15.27
CA SER A 56 2.90 -6.47 -15.18
C SER A 56 2.11 -6.43 -13.86
N MET A 57 0.89 -6.90 -13.90
CA MET A 57 0.06 -6.92 -12.67
C MET A 57 -0.97 -8.04 -12.81
N ASP A 58 -0.88 -9.06 -12.01
CA ASP A 58 -1.86 -10.19 -12.11
C ASP A 58 -2.33 -10.60 -10.71
N PHE A 59 -3.55 -10.32 -10.41
CA PHE A 59 -4.10 -10.67 -9.07
C PHE A 59 -4.35 -12.19 -9.01
N LYS A 60 -3.30 -12.98 -8.97
CA LYS A 60 -3.48 -14.47 -8.92
C LYS A 60 -2.44 -15.10 -7.98
N GLU A 61 -2.71 -16.29 -7.51
CA GLU A 61 -1.76 -16.97 -6.59
C GLU A 61 -0.35 -17.00 -7.20
N GLY A 62 0.63 -16.53 -6.47
CA GLY A 62 2.01 -16.52 -7.02
C GLY A 62 2.15 -15.35 -7.99
N GLY A 63 1.14 -14.51 -8.04
CA GLY A 63 1.19 -13.35 -8.96
C GLY A 63 2.16 -12.31 -8.43
N THR A 64 2.58 -11.39 -9.27
CA THR A 64 3.52 -10.32 -8.84
C THR A 64 3.03 -8.98 -9.38
N TRP A 65 3.47 -7.90 -8.78
CA TRP A 65 3.05 -6.54 -9.25
C TRP A 65 4.30 -5.69 -9.42
N LEU A 66 4.71 -5.47 -10.65
CA LEU A 66 5.93 -4.65 -10.92
C LEU A 66 5.56 -3.39 -11.67
N TYR A 67 5.94 -2.25 -11.17
CA TYR A 67 5.62 -0.97 -11.86
C TYR A 67 6.76 0.02 -11.67
N ALA A 68 6.86 0.99 -12.54
CA ALA A 68 7.96 2.00 -12.44
C ALA A 68 7.36 3.41 -12.49
N MET A 69 7.67 4.23 -11.53
CA MET A 69 7.13 5.63 -11.52
C MET A 69 8.24 6.59 -11.93
N VAL A 70 7.98 7.44 -12.89
CA VAL A 70 9.02 8.42 -13.34
C VAL A 70 8.67 9.80 -12.81
N GLY A 71 9.50 10.35 -11.97
CA GLY A 71 9.23 11.71 -11.39
C GLY A 71 9.42 11.68 -9.87
N PRO A 72 8.44 11.17 -9.16
CA PRO A 72 8.47 11.08 -7.68
C PRO A 72 9.54 10.12 -7.14
N ASN A 73 10.07 10.40 -5.98
CA ASN A 73 11.11 9.51 -5.37
C ASN A 73 12.29 9.35 -6.33
N GLY A 74 12.72 10.42 -6.97
CA GLY A 74 13.89 10.32 -7.90
C GLY A 74 13.42 10.29 -9.36
N GLU A 75 14.36 10.22 -10.27
CA GLU A 75 14.00 10.20 -11.71
C GLU A 75 13.20 8.94 -12.03
N GLU A 76 13.61 7.81 -11.51
CA GLU A 76 12.88 6.54 -11.76
C GLU A 76 12.80 5.73 -10.47
N HIS A 77 11.64 5.17 -10.20
CA HIS A 77 11.47 4.35 -8.96
C HIS A 77 10.79 3.03 -9.35
N TRP A 78 11.49 1.94 -9.19
CA TRP A 78 10.91 0.60 -9.54
C TRP A 78 10.61 -0.17 -8.27
N SER A 79 9.55 -0.92 -8.25
CA SER A 79 9.20 -1.71 -7.04
C SER A 79 8.49 -2.98 -7.46
N ILE A 80 8.68 -4.06 -6.74
CA ILE A 80 8.01 -5.35 -7.10
C ILE A 80 7.39 -5.96 -5.85
N CYS A 81 6.17 -6.43 -5.95
CA CYS A 81 5.49 -7.07 -4.79
C CYS A 81 4.99 -8.45 -5.21
N GLU A 82 5.26 -9.45 -4.40
CA GLU A 82 4.81 -10.84 -4.75
C GLU A 82 3.80 -11.33 -3.71
N TYR A 83 2.60 -11.61 -4.12
CA TYR A 83 1.57 -12.08 -3.15
C TYR A 83 1.76 -13.57 -2.88
N ALA A 84 1.63 -13.98 -1.64
CA ALA A 84 1.81 -15.41 -1.31
C ALA A 84 0.54 -16.19 -1.62
N ILE A 85 -0.46 -16.08 -0.79
CA ILE A 85 -1.75 -16.82 -1.01
C ILE A 85 -2.92 -15.84 -0.97
N ILE A 86 -3.81 -15.93 -1.93
CA ILE A 86 -4.99 -15.01 -1.98
C ILE A 86 -6.27 -15.84 -1.80
N LYS A 87 -7.14 -15.41 -0.93
CA LYS A 87 -8.41 -16.17 -0.69
C LYS A 87 -9.19 -15.47 0.43
N PRO A 88 -8.57 -15.21 1.56
CA PRO A 88 -9.26 -14.56 2.70
C PRO A 88 -9.43 -13.05 2.50
N ILE A 89 -10.43 -12.47 3.13
CA ILE A 89 -10.68 -11.00 3.00
C ILE A 89 -10.44 -10.32 4.35
N GLU A 90 -9.44 -10.77 5.06
CA GLU A 90 -9.12 -10.18 6.39
C GLU A 90 -7.63 -9.85 6.44
N ARG A 91 -6.79 -10.76 6.03
CA ARG A 91 -5.33 -10.50 6.05
C ARG A 91 -4.63 -11.49 5.12
N PHE A 92 -3.50 -11.10 4.58
CA PHE A 92 -2.74 -12.01 3.68
C PHE A 92 -1.25 -11.67 3.76
N THR A 93 -0.40 -12.63 3.48
CA THR A 93 1.07 -12.38 3.56
C THR A 93 1.65 -12.30 2.14
N GLY A 94 2.86 -11.84 2.00
CA GLY A 94 3.47 -11.74 0.66
C GLY A 94 4.95 -11.36 0.80
N LYS A 95 5.60 -11.08 -0.30
CA LYS A 95 7.05 -10.69 -0.24
C LYS A 95 7.26 -9.44 -1.08
N ASP A 96 8.19 -8.60 -0.68
CA ASP A 96 8.43 -7.33 -1.43
C ASP A 96 9.94 -7.18 -1.68
N GLY A 97 10.31 -6.37 -2.63
CA GLY A 97 11.75 -6.17 -2.93
C GLY A 97 11.91 -5.05 -3.96
N PHE A 98 13.12 -4.82 -4.42
CA PHE A 98 13.35 -3.72 -5.42
C PHE A 98 14.00 -4.32 -6.67
N THR A 99 13.86 -3.66 -7.80
CA THR A 99 14.46 -4.17 -9.07
C THR A 99 15.37 -3.08 -9.67
N ASP A 100 16.28 -3.47 -10.51
CA ASP A 100 17.20 -2.46 -11.13
C ASP A 100 16.62 -1.98 -12.45
N ALA A 101 15.32 -2.16 -12.63
CA ALA A 101 14.62 -1.72 -13.88
C ALA A 101 14.73 -2.81 -14.96
N SER A 102 13.67 -3.04 -15.68
CA SER A 102 13.66 -4.08 -16.76
C SER A 102 14.07 -5.44 -16.18
N GLY A 103 13.15 -6.14 -15.58
CA GLY A 103 13.48 -7.49 -15.01
C GLY A 103 12.79 -7.66 -13.65
N LYS A 104 12.33 -8.85 -13.36
CA LYS A 104 11.64 -9.09 -12.05
C LYS A 104 12.69 -9.46 -11.00
N LEU A 105 12.62 -8.83 -9.85
CA LEU A 105 13.61 -9.10 -8.75
C LEU A 105 15.01 -9.27 -9.33
N ASN A 106 15.75 -8.20 -9.41
CA ASN A 106 17.13 -8.27 -9.96
C ASN A 106 18.07 -8.82 -8.88
N THR A 107 17.50 -9.36 -7.83
CA THR A 107 18.34 -9.92 -6.73
C THR A 107 19.41 -8.90 -6.33
N GLU A 108 19.28 -7.68 -6.75
CA GLU A 108 20.28 -6.64 -6.39
C GLU A 108 20.30 -6.48 -4.87
N MET A 109 19.38 -5.73 -4.32
CA MET A 109 19.33 -5.54 -2.84
C MET A 109 17.85 -5.49 -2.39
N PRO A 110 17.03 -6.38 -2.88
CA PRO A 110 15.58 -6.43 -2.51
C PRO A 110 15.37 -6.87 -1.07
N ARG A 111 15.16 -8.16 -0.87
CA ARG A 111 14.95 -8.69 0.50
C ARG A 111 14.09 -7.74 1.33
N SER A 112 12.79 -7.78 1.17
CA SER A 112 11.90 -6.89 1.95
C SER A 112 10.58 -7.60 2.20
N ASN A 113 10.10 -7.59 3.41
CA ASN A 113 8.81 -8.27 3.74
C ASN A 113 7.70 -7.24 3.87
N TRP A 114 6.54 -7.56 3.38
CA TRP A 114 5.38 -6.61 3.48
C TRP A 114 4.10 -7.41 3.66
N ASP A 115 3.63 -7.51 4.89
CA ASP A 115 2.37 -8.27 5.15
C ASP A 115 1.23 -7.29 5.41
N MET A 116 0.07 -7.53 4.86
CA MET A 116 -1.09 -6.61 5.07
C MET A 116 -2.06 -7.24 6.07
N ARG A 117 -2.38 -6.54 7.12
CA ARG A 117 -3.34 -7.09 8.13
C ARG A 117 -4.41 -6.03 8.43
N PHE A 118 -5.66 -6.40 8.39
CA PHE A 118 -6.75 -5.44 8.66
C PHE A 118 -7.95 -6.18 9.28
N ILE A 119 -8.52 -5.62 10.32
CA ILE A 119 -9.67 -6.28 11.01
C ILE A 119 -10.94 -5.45 10.78
N ASP A 120 -12.01 -6.10 10.40
CA ASP A 120 -13.28 -5.37 10.17
C ASP A 120 -14.01 -5.18 11.49
N LYS A 121 -13.97 -4.00 12.05
CA LYS A 121 -14.65 -3.74 13.35
C LYS A 121 -16.01 -3.08 13.10
N GLY A 122 -16.99 -3.84 12.68
CA GLY A 122 -18.34 -3.26 12.42
C GLY A 122 -18.27 -2.29 11.24
N GLU A 123 -18.86 -1.13 11.39
CA GLU A 123 -18.87 -0.13 10.29
C GLU A 123 -17.51 0.56 10.19
N ILE A 124 -16.61 0.23 11.08
CA ILE A 124 -15.23 0.84 11.06
C ILE A 124 -14.22 -0.27 10.80
N THR A 125 -13.32 -0.04 9.88
CA THR A 125 -12.29 -1.08 9.55
C THR A 125 -10.90 -0.56 9.92
N GLU A 126 -10.13 -1.35 10.59
CA GLU A 126 -8.75 -0.92 11.00
C GLU A 126 -7.73 -1.58 10.07
N VAL A 127 -6.87 -0.80 9.49
CA VAL A 127 -5.84 -1.36 8.55
C VAL A 127 -4.46 -1.22 9.17
N GLN A 128 -3.69 -2.28 9.18
CA GLN A 128 -2.32 -2.24 9.76
C GLN A 128 -1.33 -2.72 8.70
N TYR A 129 -0.30 -1.95 8.44
CA TYR A 129 0.71 -2.35 7.42
C TYR A 129 2.00 -2.76 8.12
N HIS A 130 2.55 -3.88 7.77
CA HIS A 130 3.83 -4.34 8.40
C HIS A 130 4.94 -4.26 7.36
N ILE A 131 5.80 -3.28 7.47
CA ILE A 131 6.92 -3.11 6.48
C ILE A 131 8.25 -3.25 7.20
N SER A 132 9.14 -4.05 6.66
CA SER A 132 10.48 -4.24 7.31
C SER A 132 11.57 -4.19 6.23
N TYR A 133 12.76 -3.84 6.59
CA TYR A 133 13.88 -3.77 5.59
C TYR A 133 15.12 -4.47 6.15
N ASP A 134 15.89 -5.08 5.30
CA ASP A 134 17.11 -5.79 5.78
C ASP A 134 18.26 -4.79 5.95
N ASP A 135 18.04 -3.54 5.59
CA ASP A 135 19.13 -2.52 5.72
C ASP A 135 18.60 -1.27 6.44
N VAL A 136 19.36 -0.79 7.40
CA VAL A 136 18.94 0.41 8.16
C VAL A 136 18.91 1.64 7.24
N ALA A 137 19.91 1.79 6.41
CA ALA A 137 19.97 2.97 5.51
C ALA A 137 18.66 3.12 4.73
N GLN A 138 18.22 2.08 4.08
CA GLN A 138 16.96 2.18 3.29
C GLN A 138 15.78 2.29 4.25
N LEU A 139 15.89 1.71 5.41
CA LEU A 139 14.77 1.78 6.40
C LEU A 139 14.50 3.23 6.78
N GLU A 140 15.53 3.99 7.02
CA GLU A 140 15.35 5.41 7.43
C GLU A 140 14.83 6.25 6.26
N ALA A 141 15.52 6.24 5.15
CA ALA A 141 15.08 7.08 3.99
C ALA A 141 13.72 6.59 3.47
N THR A 142 13.54 5.32 3.31
CA THR A 142 12.25 4.80 2.78
C THR A 142 11.11 5.13 3.75
N ILE A 143 11.26 4.84 5.01
CA ILE A 143 10.16 5.12 5.98
C ILE A 143 9.96 6.64 6.12
N GLN A 144 11.03 7.38 6.23
CA GLN A 144 10.87 8.86 6.40
C GLN A 144 10.23 9.47 5.15
N MET A 145 10.78 9.21 4.00
CA MET A 145 10.19 9.77 2.75
C MET A 145 8.89 9.04 2.39
N GLY A 146 8.86 7.75 2.58
CA GLY A 146 7.62 6.98 2.23
C GLY A 146 6.49 7.34 3.21
N PHE A 147 6.76 7.32 4.48
CA PHE A 147 5.69 7.65 5.47
C PHE A 147 5.23 9.09 5.26
N LYS A 148 6.15 10.01 5.12
CA LYS A 148 5.78 11.44 4.94
C LYS A 148 4.94 11.63 3.67
N GLU A 149 5.50 11.35 2.54
CA GLU A 149 4.75 11.53 1.27
C GLU A 149 3.62 10.50 1.16
N GLY A 150 3.87 9.29 1.55
CA GLY A 150 2.82 8.24 1.46
C GLY A 150 1.62 8.60 2.33
N ILE A 151 1.85 8.95 3.57
CA ILE A 151 0.72 9.29 4.46
C ILE A 151 0.01 10.53 3.94
N THR A 152 0.75 11.53 3.56
CA THR A 152 0.12 12.79 3.05
C THR A 152 -0.66 12.51 1.77
N MET A 153 -0.05 11.85 0.82
CA MET A 153 -0.75 11.57 -0.46
C MET A 153 -1.84 10.50 -0.25
N ALA A 154 -1.51 9.45 0.46
CA ALA A 154 -2.50 8.36 0.68
C ALA A 154 -3.67 8.87 1.53
N MET A 155 -3.39 9.62 2.56
CA MET A 155 -4.49 10.13 3.41
C MET A 155 -5.42 11.04 2.60
N GLU A 156 -4.86 11.93 1.84
CA GLU A 156 -5.69 12.85 1.02
C GLU A 156 -6.36 12.07 -0.12
N ASN A 157 -5.60 11.30 -0.84
CA ASN A 157 -6.19 10.53 -1.98
C ASN A 157 -7.20 9.52 -1.46
N LEU A 158 -6.87 8.79 -0.42
CA LEU A 158 -7.81 7.77 0.11
C LEU A 158 -9.06 8.45 0.65
N ASP A 159 -8.89 9.52 1.38
CA ASP A 159 -10.07 10.22 1.95
C ASP A 159 -10.94 10.77 0.82
N GLU A 160 -10.34 11.35 -0.17
CA GLU A 160 -11.14 11.90 -1.30
C GLU A 160 -11.78 10.75 -2.07
N LEU A 161 -11.07 9.66 -2.24
CA LEU A 161 -11.65 8.51 -3.00
C LEU A 161 -12.85 7.96 -2.24
N LEU A 162 -12.73 7.77 -0.95
CA LEU A 162 -13.87 7.23 -0.16
C LEU A 162 -15.04 8.22 -0.20
N VAL A 163 -14.76 9.49 -0.05
CA VAL A 163 -15.84 10.50 -0.08
C VAL A 163 -16.45 10.53 -1.49
N SER A 164 -15.62 10.51 -2.50
CA SER A 164 -16.14 10.54 -3.89
C SER A 164 -17.03 9.32 -4.14
N GLY A 165 -16.62 8.17 -3.68
CA GLY A 165 -17.44 6.94 -3.91
C GLY A 165 -18.77 7.07 -3.19
N LYS A 166 -18.78 7.59 -1.98
CA LYS A 166 -20.06 7.74 -1.24
C LYS A 166 -20.70 9.10 -1.53
N LYS A 167 -21.98 9.12 -1.81
CA LYS A 167 -22.68 10.40 -2.10
C LYS A 167 -23.57 10.80 -0.92
N LEU A 168 -24.49 9.95 -0.55
CA LEU A 168 -25.40 10.26 0.59
C LEU A 168 -24.93 9.54 1.85
N GLU A 169 -24.68 10.29 2.90
CA GLU A 169 -24.23 9.66 4.18
C GLU A 169 -25.43 9.29 5.03
N HIS A 170 -25.37 8.18 5.72
CA HIS A 170 -26.52 7.76 6.57
C HIS A 170 -26.78 8.81 7.65
N HIS A 171 -25.74 9.30 8.28
CA HIS A 171 -25.93 10.32 9.35
C HIS A 171 -26.95 9.82 10.37
N HIS A 172 -27.32 8.57 10.27
CA HIS A 172 -28.31 7.99 11.24
C HIS A 172 -29.49 8.94 11.43
N HIS A 173 -30.56 8.69 10.74
CA HIS A 173 -31.76 9.56 10.87
C HIS A 173 -32.37 9.41 12.27
N HIS A 174 -32.44 8.21 12.77
CA HIS A 174 -33.03 7.99 14.12
C HIS A 174 -32.06 8.45 15.19
N HIS A 175 -32.55 9.21 16.14
CA HIS A 175 -31.68 9.72 17.25
C HIS A 175 -30.83 8.57 17.80
N MET A 1 -13.66 15.12 20.02
CA MET A 1 -12.38 15.62 20.57
C MET A 1 -11.22 14.94 19.84
N ARG A 2 -11.45 13.73 19.39
CA ARG A 2 -10.38 12.97 18.67
C ARG A 2 -10.30 13.41 17.21
N THR A 3 -9.11 13.38 16.66
CA THR A 3 -8.91 13.79 15.24
C THR A 3 -9.51 12.77 14.29
N ASP A 4 -9.94 13.22 13.14
CA ASP A 4 -10.55 12.32 12.14
C ASP A 4 -9.52 11.32 11.62
N LEU A 5 -9.96 10.11 11.42
CA LEU A 5 -9.07 9.04 10.92
C LEU A 5 -7.92 8.81 11.90
N ALA A 6 -7.57 7.56 12.13
CA ALA A 6 -6.47 7.24 13.08
C ALA A 6 -5.17 7.03 12.33
N LEU A 7 -4.16 7.74 12.73
CA LEU A 7 -2.82 7.62 12.09
C LEU A 7 -1.80 7.17 13.13
N ASP A 8 -1.15 6.07 12.87
CA ASP A 8 -0.12 5.53 13.81
C ASP A 8 1.01 4.87 13.03
N PHE A 9 2.22 5.24 13.35
CA PHE A 9 3.40 4.65 12.67
C PHE A 9 4.51 4.40 13.68
N SER A 10 5.03 3.21 13.68
CA SER A 10 6.13 2.84 14.63
C SER A 10 7.28 2.22 13.85
N VAL A 11 8.48 2.59 14.20
CA VAL A 11 9.68 2.04 13.49
C VAL A 11 10.55 1.25 14.47
N ASN A 12 10.91 0.06 14.09
CA ASN A 12 11.76 -0.81 14.95
C ASN A 12 13.14 -0.95 14.33
N LYS A 13 14.06 -0.15 14.77
CA LYS A 13 15.46 -0.19 14.25
C LYS A 13 16.11 -1.52 14.61
N GLU A 14 15.86 -2.00 15.81
CA GLU A 14 16.46 -3.28 16.26
C GLU A 14 15.93 -4.41 15.40
N ASN A 15 14.67 -4.40 15.12
CA ASN A 15 14.05 -5.49 14.30
C ASN A 15 14.02 -5.02 12.83
N LYS A 16 14.64 -3.90 12.55
CA LYS A 16 14.68 -3.35 11.17
C LYS A 16 13.33 -3.58 10.47
N THR A 17 12.27 -3.47 11.22
CA THR A 17 10.90 -3.69 10.66
C THR A 17 10.00 -2.49 10.99
N ILE A 18 9.24 -2.05 10.03
CA ILE A 18 8.33 -0.89 10.24
C ILE A 18 6.87 -1.36 10.23
N THR A 19 6.13 -0.98 11.24
CA THR A 19 4.70 -1.36 11.33
C THR A 19 3.84 -0.10 11.32
N ILE A 20 2.90 -0.04 10.41
CA ILE A 20 2.01 1.15 10.31
C ILE A 20 0.55 0.73 10.48
N LYS A 21 -0.13 1.41 11.36
CA LYS A 21 -1.57 1.10 11.62
C LYS A 21 -2.43 2.33 11.28
N ARG A 22 -3.52 2.11 10.61
CA ARG A 22 -4.44 3.24 10.23
C ARG A 22 -5.89 2.77 10.28
N GLU A 23 -6.78 3.68 10.59
CA GLU A 23 -8.23 3.34 10.66
C GLU A 23 -9.02 4.31 9.79
N PHE A 24 -9.92 3.77 9.00
CA PHE A 24 -10.76 4.62 8.10
C PHE A 24 -12.23 4.20 8.23
N ALA A 25 -13.11 5.15 8.09
CA ALA A 25 -14.56 4.87 8.20
C ALA A 25 -15.08 4.29 6.87
N ALA A 26 -14.85 3.03 6.67
CA ALA A 26 -15.31 2.36 5.42
C ALA A 26 -15.47 0.86 5.66
N VAL A 27 -16.31 0.23 4.88
CA VAL A 27 -16.57 -1.23 5.04
C VAL A 27 -15.41 -2.04 4.46
N ARG A 28 -15.28 -3.26 4.91
CA ARG A 28 -14.18 -4.16 4.43
C ARG A 28 -14.37 -4.42 2.93
N ALA A 29 -15.59 -4.53 2.50
CA ALA A 29 -15.88 -4.83 1.08
C ALA A 29 -15.22 -3.77 0.18
N ILE A 30 -15.46 -2.52 0.47
CA ILE A 30 -14.88 -1.43 -0.35
C ILE A 30 -13.35 -1.42 -0.23
N VAL A 31 -12.86 -1.57 0.98
CA VAL A 31 -11.39 -1.55 1.21
C VAL A 31 -10.72 -2.72 0.47
N TRP A 32 -11.28 -3.90 0.61
CA TRP A 32 -10.70 -5.10 -0.06
C TRP A 32 -10.89 -4.99 -1.58
N GLU A 33 -12.05 -4.55 -1.99
CA GLU A 33 -12.34 -4.45 -3.45
C GLU A 33 -11.39 -3.45 -4.10
N ALA A 34 -11.09 -2.38 -3.43
CA ALA A 34 -10.18 -1.34 -3.99
C ALA A 34 -8.75 -1.89 -4.09
N PHE A 35 -8.35 -2.70 -3.15
CA PHE A 35 -6.96 -3.24 -3.17
C PHE A 35 -6.88 -4.39 -4.18
N THR A 36 -8.01 -4.88 -4.62
CA THR A 36 -8.01 -6.00 -5.59
C THR A 36 -8.07 -5.45 -7.02
N ARG A 37 -8.04 -4.15 -7.17
CA ARG A 37 -8.09 -3.54 -8.52
C ARG A 37 -7.04 -2.42 -8.63
N ALA A 38 -6.09 -2.60 -9.50
CA ALA A 38 -5.00 -1.60 -9.70
C ALA A 38 -5.61 -0.26 -10.08
N GLU A 39 -6.69 -0.28 -10.81
CA GLU A 39 -7.34 0.99 -11.25
C GLU A 39 -7.77 1.79 -10.01
N ILE A 40 -8.61 1.21 -9.19
CA ILE A 40 -9.09 1.91 -7.97
C ILE A 40 -7.90 2.17 -7.03
N LEU A 41 -7.03 1.21 -6.90
CA LEU A 41 -5.86 1.37 -6.00
C LEU A 41 -4.98 2.52 -6.51
N ASP A 42 -4.84 2.64 -7.79
CA ASP A 42 -3.98 3.71 -8.38
C ASP A 42 -4.56 5.08 -8.02
N GLN A 43 -5.85 5.18 -7.93
CA GLN A 43 -6.49 6.49 -7.60
C GLN A 43 -5.79 7.13 -6.40
N TRP A 44 -5.09 6.35 -5.62
CA TRP A 44 -4.38 6.92 -4.43
C TRP A 44 -3.01 6.26 -4.26
N TRP A 45 -1.96 7.02 -4.43
CA TRP A 45 -0.58 6.49 -4.28
C TRP A 45 0.43 7.65 -4.38
N ALA A 46 0.17 8.58 -5.27
CA ALA A 46 1.08 9.75 -5.45
C ALA A 46 0.66 10.52 -6.72
N PRO A 47 -0.37 11.33 -6.62
CA PRO A 47 -0.88 12.13 -7.77
C PRO A 47 -0.08 13.42 -7.95
N LYS A 48 1.06 13.47 -7.31
CA LYS A 48 1.93 14.68 -7.41
C LYS A 48 3.39 14.29 -7.16
N PRO A 49 3.70 13.81 -5.97
CA PRO A 49 5.09 13.39 -5.61
C PRO A 49 5.61 12.25 -6.50
N TRP A 50 6.87 12.29 -6.84
CA TRP A 50 7.49 11.23 -7.69
C TRP A 50 6.54 10.80 -8.81
N LYS A 51 6.83 9.70 -9.43
CA LYS A 51 5.96 9.20 -10.54
C LYS A 51 6.08 7.68 -10.62
N ALA A 52 5.01 6.99 -10.33
CA ALA A 52 5.02 5.50 -10.37
C ALA A 52 4.34 5.03 -11.66
N LYS A 53 4.83 3.95 -12.21
CA LYS A 53 4.25 3.39 -13.46
C LYS A 53 4.11 1.88 -13.36
N THR A 54 2.91 1.39 -13.53
CA THR A 54 2.65 -0.08 -13.44
C THR A 54 3.06 -0.75 -14.74
N LYS A 55 3.91 -1.73 -14.64
CA LYS A 55 4.37 -2.48 -15.84
C LYS A 55 3.54 -3.76 -15.99
N SER A 56 3.06 -4.28 -14.89
CA SER A 56 2.23 -5.53 -14.94
C SER A 56 1.55 -5.77 -13.59
N MET A 57 0.35 -6.27 -13.64
CA MET A 57 -0.41 -6.56 -12.40
C MET A 57 -1.41 -7.69 -12.64
N ASP A 58 -1.33 -8.71 -11.83
CA ASP A 58 -2.25 -9.88 -11.96
C ASP A 58 -2.54 -10.46 -10.57
N PHE A 59 -3.70 -10.18 -10.06
CA PHE A 59 -4.08 -10.69 -8.71
C PHE A 59 -4.29 -12.20 -8.77
N LYS A 60 -3.33 -12.95 -8.29
CA LYS A 60 -3.43 -14.44 -8.29
C LYS A 60 -2.35 -15.05 -7.40
N GLU A 61 -2.59 -16.25 -6.93
CA GLU A 61 -1.62 -16.93 -6.02
C GLU A 61 -0.24 -16.94 -6.67
N GLY A 62 -0.17 -17.28 -7.93
CA GLY A 62 1.14 -17.32 -8.64
C GLY A 62 1.35 -15.97 -9.31
N GLY A 63 0.41 -15.08 -9.16
CA GLY A 63 0.51 -13.73 -9.78
C GLY A 63 1.40 -12.81 -8.96
N THR A 64 1.85 -11.75 -9.57
CA THR A 64 2.71 -10.77 -8.87
C THR A 64 2.45 -9.36 -9.42
N TRP A 65 2.72 -8.36 -8.63
CA TRP A 65 2.51 -6.94 -9.05
C TRP A 65 3.86 -6.27 -9.25
N LEU A 66 4.06 -5.73 -10.40
CA LEU A 66 5.35 -5.04 -10.72
C LEU A 66 5.10 -3.56 -10.96
N TYR A 67 5.85 -2.73 -10.29
CA TYR A 67 5.71 -1.27 -10.45
C TYR A 67 7.08 -0.61 -10.29
N ALA A 68 7.26 0.53 -10.91
CA ALA A 68 8.57 1.24 -10.81
C ALA A 68 8.37 2.67 -10.34
N MET A 69 9.14 3.06 -9.36
CA MET A 69 9.04 4.45 -8.81
C MET A 69 10.12 5.32 -9.46
N VAL A 70 9.72 6.46 -9.95
CA VAL A 70 10.68 7.39 -10.61
C VAL A 70 10.78 8.69 -9.81
N GLY A 71 11.98 9.09 -9.54
CA GLY A 71 12.23 10.35 -8.77
C GLY A 71 12.89 11.40 -9.65
N PRO A 72 13.61 12.32 -9.05
CA PRO A 72 14.32 13.40 -9.78
C PRO A 72 15.30 12.87 -10.83
N ASN A 73 15.46 13.59 -11.90
CA ASN A 73 16.37 13.16 -13.00
C ASN A 73 17.64 12.54 -12.42
N GLY A 74 17.98 11.37 -12.88
CA GLY A 74 19.21 10.69 -12.38
C GLY A 74 18.88 9.91 -11.11
N GLU A 75 17.65 9.48 -10.96
CA GLU A 75 17.27 8.70 -9.75
C GLU A 75 16.03 7.86 -10.06
N GLU A 76 16.19 6.57 -10.03
CA GLU A 76 15.05 5.64 -10.31
C GLU A 76 15.08 4.46 -9.34
N HIS A 77 13.92 3.99 -8.96
CA HIS A 77 13.84 2.84 -8.02
C HIS A 77 12.77 1.88 -8.51
N TRP A 78 13.11 0.62 -8.59
CA TRP A 78 12.14 -0.43 -9.03
C TRP A 78 11.84 -1.40 -7.90
N SER A 79 10.65 -1.91 -7.87
CA SER A 79 10.25 -2.86 -6.80
C SER A 79 9.19 -3.82 -7.33
N ILE A 80 9.13 -5.00 -6.77
CA ILE A 80 8.13 -6.01 -7.22
C ILE A 80 7.49 -6.69 -6.01
N CYS A 81 6.26 -7.10 -6.16
CA CYS A 81 5.53 -7.78 -5.05
C CYS A 81 4.97 -9.11 -5.56
N GLU A 82 5.33 -10.18 -4.93
CA GLU A 82 4.85 -11.53 -5.35
C GLU A 82 3.79 -12.05 -4.37
N TYR A 83 2.66 -12.43 -4.90
CA TYR A 83 1.56 -12.94 -4.05
C TYR A 83 1.79 -14.42 -3.75
N ALA A 84 1.61 -14.81 -2.52
CA ALA A 84 1.83 -16.22 -2.10
C ALA A 84 0.51 -16.82 -1.63
N ILE A 85 -0.01 -16.34 -0.52
CA ILE A 85 -1.30 -16.88 0.03
C ILE A 85 -2.38 -15.82 -0.11
N ILE A 86 -3.49 -16.20 -0.68
CA ILE A 86 -4.61 -15.24 -0.87
C ILE A 86 -5.84 -15.72 -0.13
N LYS A 87 -6.42 -14.86 0.66
CA LYS A 87 -7.63 -15.21 1.44
C LYS A 87 -8.75 -14.21 1.14
N PRO A 88 -9.98 -14.61 1.30
CA PRO A 88 -11.15 -13.74 1.05
C PRO A 88 -10.94 -12.34 1.63
N ILE A 89 -11.08 -12.22 2.92
CA ILE A 89 -10.89 -10.91 3.59
C ILE A 89 -10.30 -11.15 4.99
N GLU A 90 -9.71 -12.30 5.20
CA GLU A 90 -9.09 -12.63 6.51
C GLU A 90 -7.72 -11.98 6.62
N ARG A 91 -6.71 -12.61 6.07
CA ARG A 91 -5.33 -12.05 6.13
C ARG A 91 -4.62 -12.25 4.79
N PHE A 92 -3.84 -11.28 4.40
CA PHE A 92 -3.09 -11.37 3.11
C PHE A 92 -1.60 -11.48 3.39
N THR A 93 -0.92 -12.26 2.59
CA THR A 93 0.54 -12.45 2.76
C THR A 93 1.22 -12.43 1.40
N GLY A 94 2.50 -12.19 1.40
CA GLY A 94 3.27 -12.14 0.13
C GLY A 94 4.75 -11.88 0.41
N LYS A 95 5.51 -11.70 -0.63
CA LYS A 95 6.98 -11.44 -0.48
C LYS A 95 7.34 -10.16 -1.24
N ASP A 96 8.18 -9.35 -0.64
CA ASP A 96 8.60 -8.07 -1.30
C ASP A 96 10.04 -8.21 -1.77
N GLY A 97 10.25 -8.03 -3.05
CA GLY A 97 11.61 -8.16 -3.65
C GLY A 97 12.08 -6.81 -4.19
N PHE A 98 13.33 -6.51 -4.01
CA PHE A 98 13.90 -5.22 -4.50
C PHE A 98 14.42 -5.38 -5.93
N THR A 99 14.20 -4.37 -6.74
CA THR A 99 14.68 -4.42 -8.16
C THR A 99 15.27 -3.07 -8.56
N ASP A 100 16.07 -3.06 -9.58
CA ASP A 100 16.71 -1.81 -10.07
C ASP A 100 16.79 -1.85 -11.60
N ALA A 101 15.70 -1.49 -12.23
CA ALA A 101 15.62 -1.49 -13.73
C ALA A 101 16.17 -2.81 -14.26
N SER A 102 16.38 -3.76 -13.39
CA SER A 102 16.90 -5.09 -13.81
C SER A 102 15.74 -6.05 -14.04
N GLY A 103 14.53 -5.58 -13.83
CA GLY A 103 13.33 -6.43 -14.05
C GLY A 103 12.95 -7.18 -12.78
N LYS A 104 12.21 -8.26 -12.93
CA LYS A 104 11.77 -9.05 -11.75
C LYS A 104 12.97 -9.55 -10.96
N LEU A 105 12.94 -9.33 -9.67
CA LEU A 105 14.06 -9.76 -8.78
C LEU A 105 15.40 -9.59 -9.49
N ASN A 106 15.85 -10.63 -10.15
CA ASN A 106 17.15 -10.60 -10.87
C ASN A 106 18.29 -10.28 -9.90
N THR A 107 18.36 -9.06 -9.46
CA THR A 107 19.44 -8.63 -8.52
C THR A 107 19.21 -9.22 -7.14
N GLU A 108 20.17 -9.95 -6.66
CA GLU A 108 20.07 -10.59 -5.31
C GLU A 108 19.43 -9.64 -4.32
N MET A 109 20.23 -8.91 -3.59
CA MET A 109 19.71 -7.95 -2.60
C MET A 109 18.77 -8.66 -1.62
N PRO A 110 19.04 -8.59 -0.33
CA PRO A 110 18.18 -9.23 0.70
C PRO A 110 16.69 -8.97 0.46
N ARG A 111 15.90 -10.00 0.52
CA ARG A 111 14.42 -9.86 0.27
C ARG A 111 13.73 -9.40 1.55
N SER A 112 12.50 -8.96 1.41
CA SER A 112 11.72 -8.48 2.60
C SER A 112 10.30 -9.04 2.57
N ASN A 113 9.76 -9.28 3.75
CA ASN A 113 8.38 -9.84 3.86
C ASN A 113 7.38 -8.73 4.12
N TRP A 114 6.20 -8.85 3.55
CA TRP A 114 5.14 -7.81 3.74
C TRP A 114 3.78 -8.47 3.92
N ASP A 115 3.34 -8.56 5.15
CA ASP A 115 2.01 -9.18 5.46
C ASP A 115 1.07 -8.12 6.01
N MET A 116 -0.12 -8.04 5.46
CA MET A 116 -1.12 -7.03 5.91
C MET A 116 -2.31 -7.73 6.55
N ARG A 117 -2.71 -7.27 7.70
CA ARG A 117 -3.87 -7.86 8.43
C ARG A 117 -5.07 -6.92 8.34
N PHE A 118 -6.21 -7.47 8.04
CA PHE A 118 -7.45 -6.64 7.90
C PHE A 118 -8.40 -6.95 9.04
N ILE A 119 -8.68 -5.95 9.84
CA ILE A 119 -9.62 -6.13 11.01
C ILE A 119 -10.91 -5.36 10.73
N ASP A 120 -12.02 -6.04 10.80
CA ASP A 120 -13.34 -5.39 10.56
C ASP A 120 -13.92 -4.91 11.88
N LYS A 121 -13.65 -3.67 12.21
CA LYS A 121 -14.15 -3.10 13.49
C LYS A 121 -15.53 -2.48 13.26
N GLY A 122 -16.54 -3.28 13.36
CA GLY A 122 -17.93 -2.77 13.19
C GLY A 122 -18.08 -2.00 11.88
N GLU A 123 -18.63 -0.83 11.96
CA GLU A 123 -18.86 0.01 10.74
C GLU A 123 -17.54 0.66 10.33
N ILE A 124 -16.51 0.47 11.12
CA ILE A 124 -15.18 1.07 10.80
C ILE A 124 -14.16 -0.03 10.51
N THR A 125 -13.44 0.11 9.43
CA THR A 125 -12.43 -0.92 9.03
C THR A 125 -11.03 -0.42 9.34
N GLU A 126 -10.21 -1.27 9.90
CA GLU A 126 -8.81 -0.91 10.24
C GLU A 126 -7.85 -1.83 9.49
N VAL A 127 -6.77 -1.26 9.01
CA VAL A 127 -5.76 -2.07 8.26
C VAL A 127 -4.39 -1.91 8.90
N GLN A 128 -3.70 -3.02 9.09
CA GLN A 128 -2.35 -2.99 9.71
C GLN A 128 -1.31 -3.44 8.69
N TYR A 129 -0.29 -2.64 8.50
CA TYR A 129 0.78 -2.98 7.51
C TYR A 129 2.06 -3.39 8.23
N HIS A 130 2.56 -4.54 7.89
CA HIS A 130 3.83 -5.04 8.50
C HIS A 130 4.84 -5.31 7.39
N ILE A 131 5.79 -4.41 7.23
CA ILE A 131 6.82 -4.56 6.16
C ILE A 131 8.22 -4.58 6.77
N SER A 132 8.99 -5.56 6.41
CA SER A 132 10.39 -5.69 6.93
C SER A 132 11.37 -4.93 6.05
N TYR A 133 12.55 -4.72 6.54
CA TYR A 133 13.59 -3.97 5.77
C TYR A 133 14.99 -4.41 6.20
N ASP A 134 15.97 -4.18 5.37
CA ASP A 134 17.38 -4.58 5.68
C ASP A 134 18.30 -3.37 5.51
N ASP A 135 17.91 -2.42 4.68
CA ASP A 135 18.77 -1.21 4.45
C ASP A 135 18.34 -0.09 5.40
N VAL A 136 19.11 0.12 6.44
CA VAL A 136 18.79 1.18 7.43
C VAL A 136 18.92 2.55 6.78
N ALA A 137 19.97 2.76 6.03
CA ALA A 137 20.20 4.09 5.39
C ALA A 137 19.03 4.44 4.48
N GLN A 138 18.67 3.55 3.59
CA GLN A 138 17.55 3.82 2.65
C GLN A 138 16.23 3.82 3.41
N LEU A 139 16.13 3.03 4.43
CA LEU A 139 14.88 2.96 5.22
C LEU A 139 14.59 4.31 5.86
N GLU A 140 15.60 4.93 6.42
CA GLU A 140 15.40 6.24 7.09
C GLU A 140 15.06 7.33 6.07
N ALA A 141 15.74 7.34 4.96
CA ALA A 141 15.48 8.38 3.92
C ALA A 141 14.17 8.09 3.19
N THR A 142 13.98 6.87 2.78
CA THR A 142 12.75 6.50 2.04
C THR A 142 11.51 6.64 2.93
N ILE A 143 11.59 6.17 4.14
CA ILE A 143 10.41 6.24 5.05
C ILE A 143 10.10 7.70 5.41
N GLN A 144 11.11 8.49 5.65
CA GLN A 144 10.89 9.91 6.05
C GLN A 144 10.11 10.64 4.97
N MET A 145 10.56 10.59 3.76
CA MET A 145 9.86 11.30 2.66
C MET A 145 8.66 10.48 2.20
N GLY A 146 8.80 9.18 2.15
CA GLY A 146 7.69 8.31 1.70
C GLY A 146 6.54 8.39 2.69
N PHE A 147 6.84 8.33 3.95
CA PHE A 147 5.78 8.39 4.99
C PHE A 147 5.11 9.75 4.96
N LYS A 148 5.89 10.80 4.90
CA LYS A 148 5.30 12.17 4.89
C LYS A 148 4.38 12.32 3.68
N GLU A 149 4.86 11.99 2.53
CA GLU A 149 4.03 12.10 1.30
C GLU A 149 2.97 11.00 1.28
N GLY A 150 3.27 9.88 1.89
CA GLY A 150 2.32 8.73 1.89
C GLY A 150 1.04 9.12 2.62
N ILE A 151 1.15 9.58 3.83
CA ILE A 151 -0.03 9.94 4.65
C ILE A 151 -0.74 11.15 4.03
N THR A 152 -0.01 12.14 3.59
CA THR A 152 -0.65 13.35 3.00
C THR A 152 -1.41 12.98 1.73
N MET A 153 -0.76 12.32 0.80
CA MET A 153 -1.45 11.95 -0.47
C MET A 153 -2.47 10.85 -0.23
N ALA A 154 -2.12 9.85 0.55
CA ALA A 154 -3.06 8.72 0.80
C ALA A 154 -4.29 9.22 1.58
N MET A 155 -4.06 9.98 2.61
CA MET A 155 -5.21 10.49 3.44
C MET A 155 -6.11 11.37 2.59
N GLU A 156 -5.53 12.24 1.80
CA GLU A 156 -6.33 13.16 0.95
C GLU A 156 -6.95 12.38 -0.20
N ASN A 157 -6.16 11.60 -0.90
CA ASN A 157 -6.69 10.82 -2.05
C ASN A 157 -7.70 9.78 -1.58
N LEU A 158 -7.38 9.10 -0.51
CA LEU A 158 -8.30 8.06 0.03
C LEU A 158 -9.60 8.72 0.50
N ASP A 159 -9.48 9.83 1.17
CA ASP A 159 -10.69 10.53 1.70
C ASP A 159 -11.59 10.91 0.52
N GLU A 160 -11.02 11.50 -0.49
CA GLU A 160 -11.81 11.92 -1.68
C GLU A 160 -12.27 10.68 -2.43
N LEU A 161 -11.45 9.66 -2.48
CA LEU A 161 -11.81 8.42 -3.21
C LEU A 161 -13.02 7.76 -2.53
N LEU A 162 -13.01 7.70 -1.23
CA LEU A 162 -14.13 7.06 -0.49
C LEU A 162 -15.39 7.88 -0.72
N VAL A 163 -15.26 9.18 -0.69
CA VAL A 163 -16.44 10.08 -0.89
C VAL A 163 -16.97 9.88 -2.32
N SER A 164 -16.08 9.86 -3.28
CA SER A 164 -16.51 9.67 -4.70
C SER A 164 -17.04 8.26 -4.90
N GLY A 165 -16.45 7.31 -4.20
CA GLY A 165 -16.89 5.89 -4.33
C GLY A 165 -18.07 5.65 -3.40
N LYS A 166 -18.41 6.64 -2.62
CA LYS A 166 -19.54 6.52 -1.67
C LYS A 166 -20.82 6.17 -2.43
N LYS A 167 -21.62 7.14 -2.72
CA LYS A 167 -22.89 6.88 -3.46
C LYS A 167 -23.20 8.08 -4.37
N LEU A 168 -23.86 9.07 -3.83
CA LEU A 168 -24.24 10.28 -4.64
C LEU A 168 -23.03 11.15 -4.93
N GLU A 169 -22.98 11.73 -6.09
CA GLU A 169 -21.84 12.60 -6.47
C GLU A 169 -21.92 13.93 -5.76
N HIS A 170 -20.89 14.28 -5.04
CA HIS A 170 -20.84 15.57 -4.30
C HIS A 170 -19.81 16.49 -4.94
N HIS A 171 -19.50 16.26 -6.20
CA HIS A 171 -18.50 17.11 -6.90
C HIS A 171 -19.03 18.52 -7.11
N HIS A 172 -18.24 19.50 -6.76
CA HIS A 172 -18.67 20.91 -6.89
C HIS A 172 -18.61 21.36 -8.35
N HIS A 173 -19.56 22.17 -8.73
CA HIS A 173 -19.60 22.67 -10.13
C HIS A 173 -20.28 24.05 -10.19
N HIS A 174 -20.13 24.73 -11.30
CA HIS A 174 -20.74 26.08 -11.45
C HIS A 174 -20.99 26.37 -12.93
N HIS A 175 -21.98 27.19 -13.22
CA HIS A 175 -22.33 27.53 -14.62
C HIS A 175 -21.35 28.57 -15.17
#